data_9KXZ
#
_entry.id   9KXZ
#
_cell.length_a   1.00
_cell.length_b   1.00
_cell.length_c   1.00
_cell.angle_alpha   90.00
_cell.angle_beta   90.00
_cell.angle_gamma   90.00
#
_symmetry.space_group_name_H-M   'P 1'
#
loop_
_entity.id
_entity.type
_entity.pdbx_description
1 polymer 'Sodium-dependent neutral amino acid transporter B(0)AT1'
2 polymer 'Angiotensin-converting enzyme 2'
3 branched 2-acetamido-2-deoxy-beta-D-glucopyranose-(1-4)-2-acetamido-2-deoxy-beta-D-glucopyranose
4 non-polymer 2-acetamido-2-deoxy-beta-D-glucopyranose
5 non-polymer (~{E})-~{N}-[2-(dimethylamino)-2-oxidanylidene-ethyl]-3-[4-(trifluoromethyl)phenyl]prop-2-enamide
#
loop_
_entity_poly.entity_id
_entity_poly.type
_entity_poly.pdbx_seq_one_letter_code
_entity_poly.pdbx_strand_id
1 'polypeptide(L)'
;MADYKDDDDKSGPDEVDASGRVRLVLPNPGLDARIPSLAELETIEQEEASSRPKWDNKAQYMLTCLGFCVGLGNVWRFPY
LCQSHGGGAFMIPFLILLVLEGIPLLYLEFAIGQRLRRGSLGVWSSIHPALKGLGLASMLTSFMVGLYYNTIISWIMWYL
FNSFQEPLPWSDCPLNENQTGYVDECARSSPVDYFWYRETLNISTSISDSGSIQWWMLLCLACAWSVLYMCTIRGIETTG
KAVYITSTLPYVVLTIFLIRGLTLKGATNGIVFLFTPNVTELAQPDTWLDAGAQVFFSFSLAFGGLISFSSYNSVHNNCE
KDSVIVSIINGFTSVYVAIVVYSVIGFRATQRYDDCFSTNILTLINGFDLPEGNVTQENFVDMQQRCNASDPAAYAQLVF
QTCDINAFLSEAVEGTGLAFIVFTEAITKMPLSPLWSVLFFIMLFCLGLSSMFGNMEGVVVPLQDLRVIPPKWPKEVLTG
LICLGTFLIGFIFTLNSGQYWLSLLDSYAGSIPLLIIAFCEMFSVVYVYGVDRFNKDIEFMIGHKPNIFWQVTWRVVSPL
LMLIIFLFFFVVEVSQELTYSIWDPGYEEFPKSQKISYPNWVYVVVVIVAGVPSLTIPGYAIYKLIRNHCQKPGDHQGLV
STLSTASMNGDLKY
;
A,C
2 'polypeptide(L)'
;MRSSSSWLLLSLVAVTAAQSTIEEQAKTFLDKFNHEAEDLFYQSSLASWNYNTNITEENVQNMNNAGDKWSAFLKEQSTL
AQMYPLQEIQNLTVKLQLQALQQNGSSVLSEDKSKRLNTILNTMSTIYSTGKVCNPDNPQECLLLEPGLNEIMANSLDYN
ERLWAWESWRSEVGKQLRPLYEEYVVLKNEMARANHYEDYGDYWRGDYEVNGVDGYDYSRGQLIEDVEHTFEEIKPLYEH
LHAYVRAKLMNAYPSYISPIGCLPAHLLGDMWGRFWTNLYSLTVPFGQKPNIDVTDAMVDQAWDAQRIFKEAEKFFVSVG
LPNMTQGFWENSMLTDPGNVQKAVCHPTAWDLGKGDFRILMCTKVTMDDFLTAHHEMGHIQYDMAYAAQPFLLRNGANEG
FHEAVGEIMSLSAATPKHLKSIGLLSPDFQEDNETEINFLLKQALTIVGTLPFTYMLEKWRWMVFKGEIPKDQWMKKWWE
MKREIVGVVEPVPHDETYCDPASLFHVSNDYSFIRYYTRTLYQFQFQEALCQAAKHEGPLHKCDISNSTEAGQKLFNMLR
LGKSEPWTLALENVVGAKNMNVRPLLNYFEPLFTWLKDQNKNSFVGWSTDWSPYADQSIKVRISLKSALGDKAYEWNDNE
MYLFRSSVAYAMRQYFLKVKNQMILFGEEDVRVANLKPRISFNFFVTAPKNVSDIIPRTEVEKAIRMSRSRINDAFRLND
NSLEFLGIQPTLGPPNQPPVSIWLIVFGVVMGVIVVGIVILIFTGIRDRKKKNKARSGENPYASIDISKGENNPGFQNTD
DVQTSF
;
B,D
#
loop_
_chem_comp.id
_chem_comp.type
_chem_comp.name
_chem_comp.formula
A1L6V non-polymer (~{E})-~{N}-[2-(dimethylamino)-2-oxidanylidene-ethyl]-3-[4-(trifluoromethyl)phenyl]prop-2-enamide 'C14 H15 F3 N2 O2'
NAG D-saccharide, beta linking 2-acetamido-2-deoxy-beta-D-glucopyranose 'C8 H15 N O6'
#
# COMPACT_ATOMS: atom_id res chain seq x y z
N VAL A 25 -59.17 54.22 41.52
CA VAL A 25 -58.85 55.44 42.37
C VAL A 25 -59.02 56.71 41.50
N LEU A 26 -58.56 56.70 40.24
CA LEU A 26 -58.79 57.84 39.30
C LEU A 26 -60.28 57.96 38.99
N PRO A 27 -60.77 59.20 38.69
CA PRO A 27 -62.22 59.47 38.64
C PRO A 27 -62.84 58.90 37.35
N ASN A 28 -63.14 57.59 37.38
CA ASN A 28 -63.74 56.84 36.25
C ASN A 28 -65.25 56.98 36.35
N PRO A 29 -65.98 57.54 35.34
CA PRO A 29 -67.45 57.60 35.36
C PRO A 29 -68.12 56.46 34.58
N GLY A 30 -69.14 55.84 35.18
CA GLY A 30 -69.99 54.78 34.57
C GLY A 30 -69.15 53.71 33.89
N LEU A 31 -68.24 53.10 34.66
CA LEU A 31 -67.43 51.94 34.16
C LEU A 31 -68.39 50.81 33.77
N ASP A 32 -69.40 50.49 34.58
CA ASP A 32 -70.42 49.45 34.23
C ASP A 32 -71.38 50.01 33.17
N ALA A 33 -72.01 49.09 32.42
CA ALA A 33 -72.67 49.28 31.10
C ALA A 33 -71.64 49.55 29.97
N ARG A 34 -70.35 49.39 30.24
CA ARG A 34 -69.25 49.25 29.25
C ARG A 34 -68.58 47.88 29.38
N ILE A 35 -68.63 47.25 30.56
CA ILE A 35 -67.98 45.93 30.83
C ILE A 35 -69.05 44.89 31.08
N PRO A 36 -68.71 43.58 31.09
CA PRO A 36 -69.67 42.51 31.38
C PRO A 36 -70.08 42.47 32.86
N SER A 37 -70.91 41.51 33.25
CA SER A 37 -71.34 41.32 34.66
C SER A 37 -71.08 39.88 35.11
N LEU A 38 -70.72 39.69 36.37
CA LEU A 38 -70.43 38.35 36.96
C LEU A 38 -71.67 37.46 36.84
N ALA A 39 -72.83 38.00 37.24
CA ALA A 39 -74.13 37.30 37.12
C ALA A 39 -74.46 37.06 35.63
N GLU A 40 -73.67 37.63 34.73
CA GLU A 40 -73.83 37.42 33.27
C GLU A 40 -72.66 36.61 32.73
N LEU A 41 -71.52 36.60 33.42
CA LEU A 41 -70.33 35.84 32.98
C LEU A 41 -70.67 34.38 32.73
N GLU A 42 -71.48 33.80 33.59
CA GLU A 42 -72.01 32.42 33.40
C GLU A 42 -72.79 32.39 32.09
N THR A 43 -73.64 33.37 31.88
CA THR A 43 -74.45 33.51 30.64
C THR A 43 -73.48 33.74 29.47
N ILE A 44 -72.42 34.53 29.69
CA ILE A 44 -71.37 34.73 28.65
C ILE A 44 -70.89 33.36 28.17
N GLU A 45 -71.06 32.32 28.99
CA GLU A 45 -70.72 30.92 28.60
C GLU A 45 -71.98 30.18 28.19
N GLN A 46 -72.89 29.96 29.13
CA GLN A 46 -74.14 29.17 28.89
C GLN A 46 -74.96 29.86 27.79
N GLU A 47 -75.27 31.13 27.94
CA GLU A 47 -76.11 31.90 26.99
C GLU A 47 -75.29 32.08 25.71
N GLU A 48 -74.04 32.55 25.84
CA GLU A 48 -73.15 32.78 24.67
C GLU A 48 -72.29 31.53 24.45
N ALA A 49 -72.94 30.39 24.14
CA ALA A 49 -72.25 29.10 23.86
C ALA A 49 -71.24 29.30 22.72
N SER A 50 -71.58 30.10 21.72
CA SER A 50 -70.66 30.46 20.60
C SER A 50 -69.81 31.67 20.98
N SER A 51 -70.06 32.86 20.38
CA SER A 51 -69.32 34.10 20.70
C SER A 51 -67.79 33.82 20.69
N ARG A 52 -67.10 34.05 21.80
CA ARG A 52 -65.63 33.79 21.87
C ARG A 52 -65.35 32.32 21.56
N PRO A 53 -64.28 31.98 20.82
CA PRO A 53 -63.93 30.59 20.52
C PRO A 53 -63.31 29.93 21.76
N LYS A 54 -64.15 29.54 22.72
CA LYS A 54 -63.70 28.89 23.99
C LYS A 54 -62.85 27.66 23.66
N TRP A 55 -61.81 27.39 24.42
CA TRP A 55 -60.87 26.25 24.17
C TRP A 55 -61.62 24.93 24.32
N ASP A 56 -61.44 24.00 23.39
CA ASP A 56 -62.02 22.63 23.50
C ASP A 56 -61.48 21.91 24.74
N ASN A 57 -60.22 22.12 25.09
CA ASN A 57 -59.55 21.43 26.23
C ASN A 57 -58.71 22.46 27.00
N LYS A 58 -58.66 22.34 28.33
CA LYS A 58 -57.80 23.23 29.16
C LYS A 58 -56.33 22.99 28.80
N ALA A 59 -55.96 21.73 28.56
CA ALA A 59 -54.60 21.38 28.07
C ALA A 59 -54.32 22.12 26.77
N GLN A 60 -55.28 22.12 25.85
CA GLN A 60 -55.16 22.83 24.55
C GLN A 60 -54.77 24.29 24.85
N TYR A 61 -55.33 24.85 25.91
CA TYR A 61 -54.98 26.19 26.42
C TYR A 61 -53.59 26.24 27.03
N MET A 62 -53.27 25.25 27.88
CA MET A 62 -51.96 25.22 28.60
C MET A 62 -50.83 25.08 27.60
N LEU A 63 -50.98 24.20 26.61
CA LEU A 63 -49.97 24.02 25.54
C LEU A 63 -49.78 25.34 24.79
N THR A 64 -50.85 26.07 24.48
CA THR A 64 -50.72 27.38 23.79
C THR A 64 -49.88 28.33 24.65
N CYS A 65 -50.21 28.47 25.93
CA CYS A 65 -49.48 29.39 26.84
C CYS A 65 -48.03 28.93 26.95
N LEU A 66 -47.86 27.63 27.18
CA LEU A 66 -46.52 27.00 27.32
C LEU A 66 -45.77 27.31 26.04
N GLY A 67 -46.33 26.98 24.89
CA GLY A 67 -45.76 27.34 23.58
C GLY A 67 -45.41 28.83 23.51
N PHE A 68 -46.37 29.68 23.78
CA PHE A 68 -46.22 31.13 23.55
C PHE A 68 -45.17 31.72 24.49
N CYS A 69 -45.28 31.42 25.78
CA CYS A 69 -44.35 31.96 26.81
C CYS A 69 -42.98 31.29 26.73
N VAL A 70 -42.91 30.01 26.32
CA VAL A 70 -41.62 29.23 26.33
C VAL A 70 -41.20 28.90 24.88
N GLY A 71 -41.50 29.78 23.92
CA GLY A 71 -41.10 29.61 22.51
C GLY A 71 -39.86 30.40 22.24
N LEU A 72 -39.64 30.79 20.98
CA LEU A 72 -38.61 31.79 20.65
C LEU A 72 -38.85 33.02 21.52
N GLY A 73 -37.81 33.59 22.07
CA GLY A 73 -38.00 34.77 22.92
C GLY A 73 -37.62 34.38 24.31
N ASN A 74 -38.02 33.19 24.74
CA ASN A 74 -37.50 32.59 25.98
C ASN A 74 -36.33 31.65 25.68
N VAL A 75 -36.29 31.02 24.52
CA VAL A 75 -35.30 29.95 24.17
C VAL A 75 -34.30 30.48 23.14
N TRP A 76 -34.52 31.65 22.54
CA TRP A 76 -33.66 32.18 21.46
C TRP A 76 -32.82 33.35 22.03
N ARG A 77 -33.46 34.34 22.62
CA ARG A 77 -32.75 35.59 23.05
C ARG A 77 -31.96 35.25 24.32
N PHE A 78 -32.57 34.55 25.27
CA PHE A 78 -31.98 34.26 26.60
C PHE A 78 -30.52 33.79 26.47
N PRO A 79 -30.20 32.64 25.81
CA PRO A 79 -28.80 32.20 25.75
C PRO A 79 -27.87 33.27 25.17
N TYR A 80 -28.34 34.01 24.16
CA TYR A 80 -27.51 35.09 23.59
C TYR A 80 -27.22 36.13 24.68
N LEU A 81 -28.24 36.46 25.48
CA LEU A 81 -28.05 37.41 26.60
C LEU A 81 -27.07 36.80 27.61
N CYS A 82 -27.18 35.49 27.84
CA CYS A 82 -26.29 34.79 28.80
C CYS A 82 -24.86 34.74 28.24
N GLN A 83 -24.72 34.45 26.94
CA GLN A 83 -23.37 34.42 26.31
C GLN A 83 -22.77 35.82 26.43
N SER A 84 -23.59 36.86 26.25
CA SER A 84 -23.10 38.25 26.45
C SER A 84 -23.17 38.58 27.94
N HIS A 85 -22.79 39.79 28.33
CA HIS A 85 -22.74 40.13 29.79
C HIS A 85 -21.89 39.04 30.48
N GLY A 86 -22.37 38.32 31.50
CA GLY A 86 -21.71 37.14 32.08
C GLY A 86 -22.66 35.96 32.10
N GLY A 87 -22.09 34.76 32.15
CA GLY A 87 -22.83 33.48 32.00
C GLY A 87 -23.92 33.37 33.06
N GLY A 88 -23.49 33.19 34.30
CA GLY A 88 -24.37 33.12 35.49
C GLY A 88 -24.71 34.51 36.01
N ALA A 89 -23.92 35.51 35.62
CA ALA A 89 -24.06 36.89 36.10
C ALA A 89 -25.41 37.47 35.70
N PHE A 90 -25.79 37.21 34.44
CA PHE A 90 -27.05 37.72 33.85
C PHE A 90 -28.25 36.87 34.31
N MET A 91 -28.03 35.65 34.79
CA MET A 91 -29.15 34.74 35.16
C MET A 91 -29.80 35.21 36.46
N ILE A 92 -29.03 35.73 37.42
CA ILE A 92 -29.55 36.15 38.77
C ILE A 92 -30.59 37.25 38.61
N PRO A 93 -30.29 38.46 38.06
CA PRO A 93 -31.28 39.52 37.86
C PRO A 93 -32.54 39.09 37.11
N PHE A 94 -32.37 38.22 36.11
CA PHE A 94 -33.50 37.73 35.28
C PHE A 94 -34.47 36.98 36.18
N LEU A 95 -33.99 36.06 37.02
CA LEU A 95 -34.88 35.27 37.90
C LEU A 95 -35.41 36.16 39.03
N ILE A 96 -34.72 37.24 39.41
CA ILE A 96 -35.26 38.19 40.43
C ILE A 96 -36.49 38.90 39.83
N LEU A 97 -36.34 39.46 38.63
CA LEU A 97 -37.42 40.25 37.98
C LEU A 97 -38.50 39.32 37.39
N LEU A 98 -38.17 38.04 37.16
CA LEU A 98 -39.15 37.07 36.59
C LEU A 98 -40.35 36.93 37.53
N VAL A 99 -40.12 36.99 38.85
CA VAL A 99 -41.17 36.87 39.90
C VAL A 99 -41.55 38.26 40.42
N LEU A 100 -40.56 39.11 40.70
CA LEU A 100 -40.84 40.45 41.27
C LEU A 100 -41.51 41.39 40.26
N GLU A 101 -41.52 41.05 38.97
CA GLU A 101 -42.08 41.91 37.89
C GLU A 101 -42.89 41.13 36.86
N GLY A 102 -42.50 39.90 36.48
CA GLY A 102 -43.16 39.11 35.43
C GLY A 102 -44.37 38.31 35.89
N ILE A 103 -44.26 37.60 37.01
CA ILE A 103 -45.40 36.79 37.56
C ILE A 103 -46.61 37.72 37.82
N PRO A 104 -46.46 38.89 38.48
CA PRO A 104 -47.58 39.82 38.72
C PRO A 104 -48.29 40.18 37.41
N LEU A 105 -47.53 40.68 36.44
CA LEU A 105 -48.11 41.17 35.15
C LEU A 105 -48.70 40.00 34.37
N LEU A 106 -48.17 38.79 34.51
CA LEU A 106 -48.73 37.61 33.83
C LEU A 106 -50.05 37.23 34.48
N TYR A 107 -50.15 37.30 35.81
CA TYR A 107 -51.41 37.02 36.52
C TYR A 107 -52.43 38.10 36.17
N LEU A 108 -51.98 39.36 36.09
CA LEU A 108 -52.88 40.50 35.79
C LEU A 108 -53.42 40.44 34.36
N GLU A 109 -52.66 39.86 33.41
CA GLU A 109 -53.08 39.72 32.00
C GLU A 109 -54.09 38.58 31.87
N PHE A 110 -53.86 37.49 32.59
CA PHE A 110 -54.73 36.29 32.56
C PHE A 110 -56.08 36.60 33.21
N ALA A 111 -56.08 37.14 34.42
CA ALA A 111 -57.31 37.45 35.17
C ALA A 111 -58.15 38.48 34.39
N ILE A 112 -57.55 39.55 33.87
CA ILE A 112 -58.39 40.62 33.26
C ILE A 112 -59.00 40.12 31.94
N GLY A 113 -58.28 39.28 31.18
CA GLY A 113 -58.83 38.61 29.99
C GLY A 113 -59.98 37.69 30.36
N GLN A 114 -59.81 36.90 31.43
CA GLN A 114 -60.87 35.96 31.88
C GLN A 114 -62.09 36.71 32.41
N ARG A 115 -61.95 37.93 32.94
CA ARG A 115 -63.07 38.66 33.59
C ARG A 115 -63.88 39.42 32.54
N LEU A 116 -63.21 40.26 31.75
CA LEU A 116 -63.89 41.16 30.78
C LEU A 116 -64.29 40.41 29.50
N ARG A 117 -63.83 39.17 29.27
CA ARG A 117 -64.30 38.29 28.16
C ARG A 117 -64.09 38.96 26.78
N ARG A 118 -63.01 39.71 26.62
CA ARG A 118 -62.62 40.43 25.38
C ARG A 118 -61.14 40.17 25.10
N GLY A 119 -60.65 40.56 23.91
CA GLY A 119 -59.22 40.64 23.57
C GLY A 119 -58.56 41.91 24.11
N SER A 120 -57.28 42.09 23.81
CA SER A 120 -56.48 43.24 24.30
C SER A 120 -57.21 44.56 24.01
N LEU A 121 -57.50 44.83 22.75
CA LEU A 121 -58.09 46.13 22.29
C LEU A 121 -59.43 46.35 22.99
N GLY A 122 -60.25 45.30 23.14
CA GLY A 122 -61.51 45.32 23.90
C GLY A 122 -61.29 45.58 25.37
N VAL A 123 -60.30 44.93 26.01
CA VAL A 123 -60.08 45.04 27.48
C VAL A 123 -59.79 46.50 27.83
N TRP A 124 -58.77 47.10 27.22
CA TRP A 124 -58.32 48.49 27.59
C TRP A 124 -59.44 49.49 27.30
N SER A 125 -60.10 49.36 26.15
CA SER A 125 -61.23 50.27 25.77
C SER A 125 -62.35 50.15 26.81
N SER A 126 -62.64 48.92 27.25
CA SER A 126 -63.69 48.67 28.28
C SER A 126 -63.31 49.37 29.58
N ILE A 127 -62.05 49.23 30.01
CA ILE A 127 -61.54 49.86 31.26
C ILE A 127 -61.73 51.38 31.13
N HIS A 128 -61.30 51.95 30.00
CA HIS A 128 -61.46 53.40 29.73
C HIS A 128 -61.37 53.66 28.25
N PRO A 129 -62.35 54.40 27.65
CA PRO A 129 -62.33 54.69 26.21
C PRO A 129 -60.97 55.23 25.75
N ALA A 130 -60.48 56.27 26.40
CA ALA A 130 -59.18 56.91 26.05
C ALA A 130 -58.01 55.93 26.18
N LEU A 131 -58.18 54.71 26.71
CA LEU A 131 -57.08 53.72 26.77
C LEU A 131 -57.06 52.83 25.53
N LYS A 132 -57.76 53.17 24.45
CA LYS A 132 -57.75 52.35 23.21
C LYS A 132 -56.39 52.44 22.50
N GLY A 133 -55.54 53.44 22.77
CA GLY A 133 -54.19 53.55 22.19
C GLY A 133 -53.27 52.45 22.72
N LEU A 134 -53.59 51.94 23.89
CA LEU A 134 -52.90 50.80 24.57
C LEU A 134 -53.11 49.48 23.84
N GLY A 135 -54.18 49.33 23.09
CA GLY A 135 -54.49 48.09 22.34
C GLY A 135 -54.00 48.16 20.92
N LEU A 136 -53.64 49.34 20.45
CA LEU A 136 -53.10 49.60 19.11
C LEU A 136 -51.57 49.59 19.17
N ALA A 137 -51.01 49.90 20.34
CA ALA A 137 -49.56 49.82 20.58
C ALA A 137 -49.23 48.33 20.72
N SER A 138 -50.10 47.60 21.41
CA SER A 138 -49.95 46.14 21.58
C SER A 138 -50.04 45.47 20.20
N MET A 139 -51.00 45.87 19.36
CA MET A 139 -51.17 45.30 17.98
C MET A 139 -49.91 45.59 17.13
N LEU A 140 -49.43 46.82 17.12
CA LEU A 140 -48.21 47.23 16.35
C LEU A 140 -46.99 46.44 16.83
N THR A 141 -46.83 46.35 18.15
CA THR A 141 -45.67 45.64 18.78
C THR A 141 -45.73 44.17 18.35
N SER A 142 -46.91 43.56 18.44
CA SER A 142 -47.11 42.14 18.07
C SER A 142 -46.76 41.93 16.59
N PHE A 143 -47.19 42.87 15.74
CA PHE A 143 -46.92 42.86 14.28
C PHE A 143 -45.40 42.84 14.04
N MET A 144 -44.69 43.79 14.66
CA MET A 144 -43.23 43.97 14.49
C MET A 144 -42.48 42.75 15.01
N VAL A 145 -42.89 42.19 16.14
CA VAL A 145 -42.16 41.02 16.73
C VAL A 145 -42.39 39.78 15.86
N GLY A 146 -43.59 39.65 15.26
CA GLY A 146 -43.86 38.56 14.31
C GLY A 146 -43.00 38.70 13.07
N LEU A 147 -42.87 39.93 12.57
CA LEU A 147 -42.05 40.25 11.36
C LEU A 147 -40.60 39.84 11.61
N TYR A 148 -40.13 40.07 12.82
CA TYR A 148 -38.76 39.74 13.29
C TYR A 148 -38.63 38.22 13.38
N TYR A 149 -39.49 37.59 14.16
CA TYR A 149 -39.48 36.12 14.37
C TYR A 149 -39.55 35.40 13.04
N ASN A 150 -40.54 35.72 12.20
CA ASN A 150 -40.76 35.06 10.88
C ASN A 150 -39.43 34.89 10.15
N THR A 151 -38.66 35.97 10.04
CA THR A 151 -37.32 35.97 9.39
C THR A 151 -36.44 34.88 10.03
N ILE A 152 -36.31 34.89 11.35
CA ILE A 152 -35.55 33.85 12.10
C ILE A 152 -36.07 32.47 11.68
N ILE A 153 -37.41 32.29 11.59
CA ILE A 153 -38.02 31.00 11.14
C ILE A 153 -37.52 30.70 9.73
N SER A 154 -37.48 31.71 8.86
CA SER A 154 -37.10 31.54 7.44
C SER A 154 -35.65 31.04 7.38
N TRP A 155 -34.76 31.65 8.15
CA TRP A 155 -33.34 31.22 8.22
C TRP A 155 -33.26 29.81 8.80
N ILE A 156 -34.02 29.54 9.84
CA ILE A 156 -34.06 28.18 10.45
C ILE A 156 -34.41 27.19 9.34
N MET A 157 -35.44 27.49 8.56
CA MET A 157 -35.94 26.45 7.63
C MET A 157 -35.08 26.46 6.35
N TRP A 158 -34.33 27.53 6.04
CA TRP A 158 -33.23 27.45 5.02
C TRP A 158 -32.27 26.36 5.48
N TYR A 159 -31.74 26.53 6.68
CA TYR A 159 -30.82 25.55 7.31
C TYR A 159 -31.47 24.18 7.41
N LEU A 160 -32.75 24.10 7.76
CA LEU A 160 -33.43 22.77 7.85
C LEU A 160 -33.52 22.15 6.45
N PHE A 161 -33.73 22.93 5.40
CA PHE A 161 -33.80 22.36 4.03
C PHE A 161 -32.46 21.81 3.56
N ASN A 162 -31.35 22.39 4.00
CA ASN A 162 -30.00 21.96 3.53
C ASN A 162 -29.50 20.79 4.38
N SER A 163 -30.19 20.33 5.41
CA SER A 163 -29.57 19.36 6.34
C SER A 163 -30.02 17.94 6.00
N PHE A 164 -30.22 17.58 4.73
CA PHE A 164 -30.57 16.20 4.30
C PHE A 164 -29.47 15.61 3.38
N GLN A 165 -28.21 15.98 3.59
CA GLN A 165 -27.06 15.55 2.78
C GLN A 165 -25.99 15.01 3.72
N GLU A 166 -25.60 13.73 3.62
CA GLU A 166 -24.63 13.08 4.55
C GLU A 166 -23.55 14.10 4.97
N PRO A 167 -22.75 14.66 4.01
CA PRO A 167 -21.78 15.70 4.36
C PRO A 167 -22.54 17.04 4.35
N LEU A 168 -22.87 17.59 5.52
CA LEU A 168 -23.70 18.83 5.58
C LEU A 168 -23.02 19.95 4.79
N PRO A 169 -23.75 20.73 3.97
CA PRO A 169 -23.17 21.82 3.17
C PRO A 169 -22.27 22.86 3.83
N TRP A 170 -22.33 23.01 5.15
CA TRP A 170 -21.43 23.94 5.88
C TRP A 170 -20.28 23.17 6.52
N SER A 171 -19.93 21.97 6.07
CA SER A 171 -18.75 21.26 6.62
C SER A 171 -17.53 21.37 5.67
N ASP A 172 -17.57 22.21 4.63
CA ASP A 172 -16.46 22.37 3.64
C ASP A 172 -16.67 23.63 2.79
N CYS A 173 -15.71 23.97 1.94
CA CYS A 173 -15.72 25.21 1.13
C CYS A 173 -15.77 24.86 -0.35
N PRO A 174 -16.18 25.80 -1.24
CA PRO A 174 -16.12 25.54 -2.68
C PRO A 174 -14.66 25.70 -3.13
N LEU A 175 -14.25 24.97 -4.16
CA LEU A 175 -12.83 25.02 -4.61
C LEU A 175 -12.44 26.45 -4.94
N ASN A 176 -11.14 26.76 -4.92
CA ASN A 176 -10.65 28.15 -5.18
C ASN A 176 -10.96 28.52 -6.63
N GLU A 177 -10.62 29.76 -7.02
CA GLU A 177 -10.83 30.20 -8.43
C GLU A 177 -10.14 29.20 -9.36
N ASN A 178 -8.97 28.71 -8.98
CA ASN A 178 -8.24 27.70 -9.79
C ASN A 178 -8.64 26.30 -9.30
N GLN A 179 -9.47 26.24 -8.26
CA GLN A 179 -9.94 24.93 -7.71
C GLN A 179 -8.78 24.26 -6.97
N THR A 180 -7.60 24.90 -6.95
CA THR A 180 -6.43 24.34 -6.23
C THR A 180 -6.72 24.37 -4.72
N GLY A 181 -7.34 25.46 -4.23
CA GLY A 181 -7.67 25.57 -2.80
C GLY A 181 -9.14 25.88 -2.58
N TYR A 182 -9.44 26.98 -1.89
CA TYR A 182 -10.85 27.37 -1.60
C TYR A 182 -10.99 28.89 -1.60
N VAL A 183 -12.24 29.38 -1.49
CA VAL A 183 -12.50 30.85 -1.46
C VAL A 183 -11.63 31.46 -0.36
N ASP A 184 -11.05 32.63 -0.61
CA ASP A 184 -10.19 33.34 0.39
C ASP A 184 -10.99 33.53 1.68
N GLU A 185 -12.22 34.04 1.60
CA GLU A 185 -13.10 34.22 2.78
C GLU A 185 -13.14 32.87 3.52
N CYS A 186 -13.70 31.84 2.89
CA CYS A 186 -13.79 30.49 3.50
C CYS A 186 -12.43 30.08 4.07
N ALA A 187 -11.34 30.36 3.35
CA ALA A 187 -9.97 30.00 3.78
C ALA A 187 -9.59 30.81 5.03
N ARG A 188 -9.80 32.11 4.98
CA ARG A 188 -9.36 33.03 6.05
C ARG A 188 -10.34 32.89 7.23
N SER A 189 -11.64 32.72 6.94
CA SER A 189 -12.72 32.52 7.94
C SER A 189 -12.99 31.01 8.10
N SER A 190 -14.15 30.63 8.62
CA SER A 190 -14.57 29.23 8.81
C SER A 190 -15.53 28.78 7.71
N PRO A 191 -15.54 27.48 7.33
CA PRO A 191 -16.57 26.90 6.46
C PRO A 191 -17.97 27.29 6.92
N VAL A 192 -18.28 27.10 8.21
CA VAL A 192 -19.59 27.56 8.76
C VAL A 192 -19.72 29.08 8.58
N ASP A 193 -18.65 29.85 8.71
CA ASP A 193 -18.76 31.32 8.50
C ASP A 193 -19.09 31.60 7.04
N TYR A 194 -18.56 30.81 6.13
CA TYR A 194 -18.75 31.08 4.69
C TYR A 194 -20.15 30.64 4.26
N PHE A 195 -20.70 29.62 4.91
CA PHE A 195 -22.05 29.14 4.54
C PHE A 195 -23.09 30.11 5.08
N TRP A 196 -22.85 30.70 6.25
CA TRP A 196 -23.78 31.70 6.83
C TRP A 196 -23.69 32.98 6.02
N TYR A 197 -22.52 33.58 5.99
CA TYR A 197 -22.38 34.98 5.52
C TYR A 197 -22.46 35.06 3.98
N ARG A 198 -21.95 34.06 3.27
CA ARG A 198 -21.89 34.14 1.79
C ARG A 198 -22.97 33.27 1.16
N GLU A 199 -23.01 31.99 1.50
CA GLU A 199 -23.98 31.07 0.81
C GLU A 199 -25.43 31.30 1.27
N THR A 200 -25.69 31.87 2.45
CA THR A 200 -27.08 32.06 2.96
C THR A 200 -27.45 33.53 2.88
N LEU A 201 -26.64 34.40 3.44
CA LEU A 201 -26.98 35.84 3.44
C LEU A 201 -26.50 36.50 2.16
N ASN A 202 -25.36 36.09 1.59
CA ASN A 202 -24.71 36.91 0.54
C ASN A 202 -24.67 38.36 1.06
N ILE A 203 -24.18 38.50 2.29
CA ILE A 203 -24.20 39.76 3.06
C ILE A 203 -23.32 40.83 2.40
N SER A 204 -23.73 42.09 2.43
CA SER A 204 -22.97 43.23 1.84
C SER A 204 -22.01 43.81 2.90
N THR A 205 -21.39 44.92 2.57
CA THR A 205 -20.30 45.55 3.34
C THR A 205 -20.89 46.39 4.47
N SER A 206 -22.06 46.99 4.27
CA SER A 206 -22.64 48.05 5.13
C SER A 206 -24.16 48.00 5.08
N ILE A 207 -24.83 48.57 6.07
CA ILE A 207 -26.32 48.76 6.03
C ILE A 207 -26.64 49.68 4.85
N SER A 208 -25.77 50.65 4.58
CA SER A 208 -25.92 51.65 3.48
C SER A 208 -25.93 50.91 2.14
N ASP A 209 -25.00 49.98 1.93
CA ASP A 209 -24.97 49.15 0.69
C ASP A 209 -26.14 48.17 0.74
N SER A 210 -27.12 48.33 -0.16
CA SER A 210 -28.31 47.45 -0.17
C SER A 210 -28.29 46.60 -1.45
N GLY A 211 -27.64 45.44 -1.40
CA GLY A 211 -27.55 44.57 -2.59
C GLY A 211 -28.91 44.06 -3.01
N SER A 212 -29.03 43.58 -4.25
CA SER A 212 -30.33 43.07 -4.76
C SER A 212 -30.84 41.96 -3.85
N ILE A 213 -32.16 41.72 -3.88
CA ILE A 213 -32.77 40.66 -3.01
C ILE A 213 -32.11 39.32 -3.34
N GLN A 214 -32.23 38.34 -2.44
CA GLN A 214 -31.63 37.00 -2.64
C GLN A 214 -32.79 36.02 -2.78
N TRP A 215 -33.05 35.56 -4.01
CA TRP A 215 -34.29 34.82 -4.37
C TRP A 215 -34.55 33.62 -3.44
N TRP A 216 -33.51 32.95 -2.95
CA TRP A 216 -33.66 31.72 -2.12
C TRP A 216 -34.10 32.09 -0.70
N MET A 217 -33.62 33.21 -0.16
CA MET A 217 -34.13 33.77 1.12
C MET A 217 -35.61 34.13 0.99
N LEU A 218 -36.00 34.79 -0.10
CA LEU A 218 -37.43 35.14 -0.40
C LEU A 218 -38.25 33.85 -0.43
N LEU A 219 -37.70 32.80 -1.04
CA LEU A 219 -38.42 31.53 -1.25
C LEU A 219 -38.67 30.87 0.11
N CYS A 220 -37.67 30.84 1.00
CA CYS A 220 -37.83 30.27 2.37
C CYS A 220 -38.76 31.13 3.21
N LEU A 221 -38.73 32.45 3.03
CA LEU A 221 -39.64 33.38 3.76
C LEU A 221 -41.09 33.08 3.35
N ALA A 222 -41.32 32.84 2.06
CA ALA A 222 -42.64 32.46 1.51
C ALA A 222 -43.08 31.16 2.16
N CYS A 223 -42.19 30.18 2.25
CA CYS A 223 -42.50 28.90 2.91
C CYS A 223 -42.92 29.15 4.37
N ALA A 224 -42.20 30.00 5.09
CA ALA A 224 -42.49 30.33 6.51
C ALA A 224 -43.91 30.89 6.65
N TRP A 225 -44.23 31.95 5.89
CA TRP A 225 -45.54 32.67 5.94
C TRP A 225 -46.66 31.71 5.53
N SER A 226 -46.43 30.92 4.50
CA SER A 226 -47.35 29.89 3.96
C SER A 226 -47.71 28.88 5.07
N VAL A 227 -46.72 28.33 5.78
CA VAL A 227 -46.97 27.31 6.85
C VAL A 227 -47.76 27.99 7.97
N LEU A 228 -47.40 29.22 8.31
CA LEU A 228 -48.06 29.93 9.41
C LEU A 228 -49.53 30.20 9.07
N TYR A 229 -49.81 30.62 7.84
CA TYR A 229 -51.20 30.87 7.38
C TYR A 229 -52.01 29.58 7.44
N MET A 230 -51.40 28.49 6.99
CA MET A 230 -52.02 27.14 7.03
C MET A 230 -52.38 26.79 8.49
N CYS A 231 -51.48 27.04 9.45
CA CYS A 231 -51.69 26.71 10.88
C CYS A 231 -52.62 27.71 11.58
N THR A 232 -52.84 28.91 11.04
CA THR A 232 -53.66 29.99 11.70
C THR A 232 -54.78 30.41 10.77
N ILE A 233 -55.21 29.53 9.85
CA ILE A 233 -56.23 29.80 8.78
C ILE A 233 -57.52 30.38 9.38
N ARG A 234 -57.99 29.77 10.46
CA ARG A 234 -59.32 29.87 11.07
C ARG A 234 -59.09 30.01 12.59
N GLY A 235 -58.54 31.15 13.01
CA GLY A 235 -58.21 31.48 14.42
C GLY A 235 -57.66 30.33 15.26
N ILE A 236 -58.31 30.08 16.39
CA ILE A 236 -57.85 29.16 17.46
C ILE A 236 -58.46 27.77 17.22
N GLU A 237 -59.43 27.64 16.31
CA GLU A 237 -59.99 26.32 15.92
C GLU A 237 -59.09 25.64 14.89
N THR A 238 -57.92 26.19 14.60
CA THR A 238 -56.86 25.56 13.78
C THR A 238 -55.48 25.56 14.45
N THR A 239 -55.20 26.44 15.41
CA THR A 239 -53.89 26.54 16.11
C THR A 239 -53.87 25.55 17.29
N GLY A 240 -54.98 25.37 17.99
CA GLY A 240 -55.12 24.40 19.08
C GLY A 240 -54.83 22.98 18.64
N LYS A 241 -55.24 22.61 17.44
CA LYS A 241 -54.88 21.29 16.86
C LYS A 241 -53.37 21.27 16.55
N ALA A 242 -52.77 22.40 16.17
CA ALA A 242 -51.34 22.50 15.78
C ALA A 242 -50.44 22.35 17.02
N VAL A 243 -50.81 22.96 18.13
CA VAL A 243 -49.96 23.01 19.36
C VAL A 243 -49.80 21.61 19.98
N TYR A 244 -50.59 20.60 19.58
CA TYR A 244 -50.35 19.19 20.00
C TYR A 244 -48.99 18.68 19.50
N ILE A 245 -48.53 19.04 18.30
CA ILE A 245 -47.15 18.66 17.83
C ILE A 245 -46.18 19.81 18.03
N THR A 246 -46.65 21.03 18.24
CA THR A 246 -45.79 22.23 18.13
C THR A 246 -45.31 22.67 19.52
N SER A 247 -45.98 22.29 20.59
CA SER A 247 -45.54 22.61 21.98
C SER A 247 -45.07 21.36 22.69
N THR A 248 -44.90 20.22 22.04
CA THR A 248 -44.42 19.00 22.74
C THR A 248 -43.06 18.63 22.16
N LEU A 249 -43.04 18.36 20.86
CA LEU A 249 -41.81 18.02 20.08
C LEU A 249 -40.62 18.88 20.49
N PRO A 250 -40.72 20.24 20.52
CA PRO A 250 -39.61 21.08 20.95
C PRO A 250 -39.03 20.77 22.33
N TYR A 251 -39.82 20.25 23.25
CA TYR A 251 -39.31 19.92 24.60
C TYR A 251 -38.86 18.47 24.65
N VAL A 252 -39.27 17.60 23.72
CA VAL A 252 -38.78 16.20 23.74
C VAL A 252 -37.50 16.09 22.90
N VAL A 253 -37.07 17.17 22.24
CA VAL A 253 -35.83 17.20 21.41
C VAL A 253 -34.74 17.97 22.13
N LEU A 254 -35.07 19.12 22.73
CA LEU A 254 -34.10 19.93 23.51
C LEU A 254 -33.52 19.08 24.64
N THR A 255 -34.36 18.28 25.30
CA THR A 255 -33.92 17.33 26.34
C THR A 255 -32.88 16.36 25.77
N ILE A 256 -33.12 15.86 24.57
CA ILE A 256 -32.16 14.96 23.86
C ILE A 256 -30.86 15.76 23.68
N PHE A 257 -30.98 17.02 23.27
CA PHE A 257 -29.81 17.89 23.04
C PHE A 257 -29.06 18.09 24.35
N LEU A 258 -29.77 18.25 25.45
CA LEU A 258 -29.13 18.34 26.78
C LEU A 258 -28.27 17.10 27.01
N ILE A 259 -28.86 15.94 26.78
CA ILE A 259 -28.15 14.63 26.97
C ILE A 259 -26.93 14.63 26.04
N ARG A 260 -27.15 14.90 24.74
CA ARG A 260 -26.05 14.94 23.74
C ARG A 260 -25.00 15.95 24.19
N GLY A 261 -25.44 17.16 24.55
CA GLY A 261 -24.55 18.26 24.96
C GLY A 261 -23.70 17.84 26.15
N LEU A 262 -24.34 17.28 27.17
CA LEU A 262 -23.62 16.82 28.39
C LEU A 262 -22.72 15.65 28.03
N THR A 263 -23.19 14.72 27.21
CA THR A 263 -22.38 13.55 26.75
C THR A 263 -21.45 14.01 25.62
N LEU A 264 -20.58 14.99 25.90
CA LEU A 264 -19.61 15.52 24.91
C LEU A 264 -18.26 15.74 25.59
N LYS A 265 -17.25 16.11 24.80
CA LYS A 265 -15.88 16.40 25.29
C LYS A 265 -15.80 17.88 25.69
N GLY A 266 -15.22 18.17 26.86
CA GLY A 266 -15.05 19.54 27.36
C GLY A 266 -16.34 20.28 27.68
N ALA A 267 -17.49 19.60 27.67
CA ALA A 267 -18.83 20.19 27.86
C ALA A 267 -18.93 20.69 29.31
N THR A 268 -18.53 19.85 30.26
CA THR A 268 -18.49 20.17 31.71
C THR A 268 -17.57 21.36 32.03
N ASN A 269 -16.72 21.78 31.09
CA ASN A 269 -15.89 22.99 31.29
C ASN A 269 -16.79 24.22 31.17
N GLY A 270 -17.52 24.34 30.06
CA GLY A 270 -18.40 25.51 29.83
C GLY A 270 -19.48 25.64 30.88
N ILE A 271 -20.06 24.52 31.30
CA ILE A 271 -21.15 24.54 32.33
C ILE A 271 -20.60 25.19 33.60
N VAL A 272 -19.38 24.83 33.99
CA VAL A 272 -18.75 25.43 35.21
C VAL A 272 -18.64 26.94 35.00
N PHE A 273 -18.26 27.37 33.80
CA PHE A 273 -18.13 28.82 33.50
C PHE A 273 -19.50 29.50 33.72
N LEU A 274 -20.59 28.82 33.34
CA LEU A 274 -21.96 29.40 33.49
C LEU A 274 -22.33 29.47 34.97
N PHE A 275 -21.49 28.92 35.86
CA PHE A 275 -21.81 28.88 37.31
C PHE A 275 -20.61 29.31 38.17
N THR A 276 -19.60 29.95 37.58
CA THR A 276 -18.57 30.74 38.31
C THR A 276 -18.65 32.14 37.71
N PRO A 277 -19.77 32.90 37.92
CA PRO A 277 -19.91 34.22 37.33
C PRO A 277 -19.05 35.26 38.06
N ASN A 278 -18.61 36.29 37.34
CA ASN A 278 -17.94 37.47 37.95
C ASN A 278 -19.05 38.35 38.53
N VAL A 279 -18.93 38.72 39.80
CA VAL A 279 -19.97 39.51 40.50
C VAL A 279 -19.93 40.96 39.98
N THR A 280 -18.79 41.41 39.43
CA THR A 280 -18.66 42.79 38.91
C THR A 280 -19.56 42.97 37.67
N GLU A 281 -20.03 41.92 36.99
CA GLU A 281 -21.03 42.10 35.90
C GLU A 281 -22.43 42.31 36.51
N LEU A 282 -22.70 41.75 37.70
CA LEU A 282 -24.03 41.96 38.38
C LEU A 282 -24.13 43.40 38.91
N ALA A 283 -23.02 44.14 39.05
CA ALA A 283 -23.01 45.55 39.54
C ALA A 283 -22.87 46.53 38.35
N GLN A 284 -23.37 46.18 37.17
CA GLN A 284 -23.32 47.03 35.95
C GLN A 284 -24.74 47.43 35.65
N PRO A 285 -25.07 48.73 35.43
CA PRO A 285 -26.44 49.13 35.12
C PRO A 285 -27.00 48.33 33.92
N ASP A 286 -26.20 48.16 32.86
CA ASP A 286 -26.63 47.55 31.58
C ASP A 286 -27.15 46.12 31.79
N THR A 287 -26.62 45.34 32.73
CA THR A 287 -27.11 43.96 32.95
C THR A 287 -28.59 43.97 33.34
N TRP A 288 -29.01 44.82 34.26
CA TRP A 288 -30.40 44.86 34.78
C TRP A 288 -31.31 45.28 33.63
N LEU A 289 -30.94 46.33 32.92
CA LEU A 289 -31.78 46.90 31.83
C LEU A 289 -32.08 45.81 30.81
N ASP A 290 -31.10 44.94 30.51
CA ASP A 290 -31.30 43.85 29.52
C ASP A 290 -32.19 42.75 30.13
N ALA A 291 -32.10 42.48 31.43
CA ALA A 291 -32.88 41.41 32.09
C ALA A 291 -34.38 41.77 32.08
N GLY A 292 -34.75 43.02 32.41
CA GLY A 292 -36.16 43.48 32.49
C GLY A 292 -36.87 43.41 31.16
N ALA A 293 -36.27 44.01 30.14
CA ALA A 293 -36.73 43.91 28.74
C ALA A 293 -36.90 42.45 28.36
N GLN A 294 -35.93 41.63 28.77
CA GLN A 294 -35.96 40.18 28.50
C GLN A 294 -37.11 39.51 29.23
N VAL A 295 -37.48 39.95 30.43
CA VAL A 295 -38.66 39.35 31.14
C VAL A 295 -39.87 39.47 30.21
N PHE A 296 -40.15 40.67 29.72
CA PHE A 296 -41.33 40.95 28.84
C PHE A 296 -41.21 40.32 27.45
N PHE A 297 -40.10 39.73 27.04
CA PHE A 297 -40.03 38.90 25.82
C PHE A 297 -40.13 37.42 26.16
N SER A 298 -39.62 37.00 27.31
CA SER A 298 -39.66 35.58 27.73
C SER A 298 -41.13 35.18 27.79
N PHE A 299 -41.90 35.85 28.63
CA PHE A 299 -43.37 35.79 28.70
C PHE A 299 -43.84 36.79 27.67
N SER A 300 -44.69 36.43 26.75
CA SER A 300 -45.06 37.39 25.68
C SER A 300 -46.03 38.45 26.24
N LEU A 301 -45.55 39.24 27.20
CA LEU A 301 -46.31 40.26 27.96
C LEU A 301 -46.27 41.53 27.14
N ALA A 302 -47.42 42.20 27.01
CA ALA A 302 -47.67 43.44 26.23
C ALA A 302 -47.76 43.17 24.71
N PHE A 303 -47.73 41.94 24.23
CA PHE A 303 -48.17 41.61 22.84
C PHE A 303 -49.67 41.56 22.79
N GLY A 304 -50.33 41.25 23.91
CA GLY A 304 -51.79 41.22 24.02
C GLY A 304 -52.41 39.87 23.66
N GLY A 305 -51.66 38.95 23.01
CA GLY A 305 -52.08 37.56 22.75
C GLY A 305 -52.64 36.91 24.00
N LEU A 306 -51.92 36.96 25.13
CA LEU A 306 -52.28 36.22 26.38
C LEU A 306 -53.68 36.64 26.84
N ILE A 307 -53.99 37.94 26.86
CA ILE A 307 -55.32 38.48 27.27
C ILE A 307 -56.42 37.78 26.45
N SER A 308 -56.26 37.73 25.14
CA SER A 308 -57.22 37.05 24.21
C SER A 308 -57.33 35.57 24.55
N PHE A 309 -56.21 34.87 24.70
CA PHE A 309 -56.21 33.40 24.96
C PHE A 309 -56.86 33.09 26.31
N SER A 310 -56.64 33.90 27.33
CA SER A 310 -57.28 33.72 28.66
C SER A 310 -58.79 34.06 28.60
N SER A 311 -59.21 34.91 27.66
CA SER A 311 -60.65 35.27 27.50
C SER A 311 -61.49 34.12 26.91
N TYR A 312 -60.93 33.03 26.43
CA TYR A 312 -61.68 31.86 25.89
C TYR A 312 -61.76 30.74 26.93
N ASN A 313 -61.38 31.01 28.17
CA ASN A 313 -61.47 29.98 29.24
C ASN A 313 -62.85 30.03 29.87
N SER A 314 -63.17 29.03 30.68
CA SER A 314 -64.28 29.07 31.66
C SER A 314 -64.11 30.29 32.58
N VAL A 315 -65.22 30.90 32.94
CA VAL A 315 -65.23 32.09 33.86
C VAL A 315 -64.72 31.63 35.24
N HIS A 316 -64.88 30.36 35.61
CA HIS A 316 -64.45 29.80 36.92
C HIS A 316 -63.14 29.01 36.77
N ASN A 317 -62.22 29.44 35.90
CA ASN A 317 -60.89 28.79 35.76
C ASN A 317 -59.89 29.43 36.72
N ASN A 318 -59.08 28.61 37.40
CA ASN A 318 -58.08 29.13 38.36
C ASN A 318 -56.86 29.67 37.58
N CYS A 319 -56.87 30.98 37.30
CA CYS A 319 -55.81 31.66 36.49
C CYS A 319 -54.57 31.95 37.36
N GLU A 320 -54.70 31.95 38.69
CA GLU A 320 -53.53 32.13 39.61
C GLU A 320 -52.62 30.91 39.48
N LYS A 321 -53.22 29.71 39.50
CA LYS A 321 -52.50 28.41 39.33
C LYS A 321 -51.81 28.43 37.96
N ASP A 322 -52.52 28.89 36.92
CA ASP A 322 -52.00 28.89 35.53
C ASP A 322 -50.80 29.83 35.43
N SER A 323 -50.89 31.02 36.01
CA SER A 323 -49.79 32.01 35.92
C SER A 323 -48.55 31.45 36.62
N VAL A 324 -48.73 30.89 37.81
CA VAL A 324 -47.60 30.35 38.61
C VAL A 324 -46.99 29.16 37.86
N ILE A 325 -47.79 28.24 37.33
CA ILE A 325 -47.28 27.04 36.59
C ILE A 325 -46.49 27.53 35.37
N VAL A 326 -47.06 28.45 34.59
CA VAL A 326 -46.42 28.98 33.35
C VAL A 326 -45.08 29.61 33.73
N SER A 327 -45.07 30.42 34.78
CA SER A 327 -43.86 31.15 35.22
C SER A 327 -42.77 30.19 35.68
N ILE A 328 -43.11 29.21 36.51
CA ILE A 328 -42.14 28.20 37.01
C ILE A 328 -41.54 27.54 35.77
N ILE A 329 -42.39 26.98 34.91
CA ILE A 329 -41.93 26.27 33.67
C ILE A 329 -41.06 27.25 32.88
N ASN A 330 -41.51 28.48 32.71
CA ASN A 330 -40.75 29.48 31.90
C ASN A 330 -39.41 29.81 32.55
N GLY A 331 -39.36 29.91 33.88
CA GLY A 331 -38.12 30.20 34.61
C GLY A 331 -37.15 29.05 34.50
N PHE A 332 -37.63 27.84 34.80
CA PHE A 332 -36.84 26.59 34.82
C PHE A 332 -36.33 26.27 33.41
N THR A 333 -37.08 26.59 32.35
CA THR A 333 -36.64 26.29 30.96
C THR A 333 -35.50 27.22 30.57
N SER A 334 -35.52 28.48 30.97
CA SER A 334 -34.40 29.43 30.71
C SER A 334 -33.04 28.85 31.14
N VAL A 335 -32.97 28.21 32.31
CA VAL A 335 -31.70 27.69 32.88
C VAL A 335 -31.34 26.39 32.15
N TYR A 336 -32.31 25.52 31.91
CA TYR A 336 -32.20 24.26 31.10
C TYR A 336 -31.65 24.52 29.70
N VAL A 337 -31.86 25.70 29.14
CA VAL A 337 -31.46 26.07 27.76
C VAL A 337 -30.05 26.68 27.81
N ALA A 338 -29.69 27.38 28.88
CA ALA A 338 -28.33 27.92 29.03
C ALA A 338 -27.36 26.79 29.41
N ILE A 339 -27.85 25.68 29.98
CA ILE A 339 -27.03 24.47 30.29
C ILE A 339 -26.81 23.68 29.00
N VAL A 340 -27.65 23.83 27.98
CA VAL A 340 -27.49 23.10 26.68
C VAL A 340 -26.61 23.93 25.73
N VAL A 341 -26.71 25.25 25.83
CA VAL A 341 -25.94 26.23 25.00
C VAL A 341 -24.50 26.33 25.51
N TYR A 342 -24.27 26.06 26.79
CA TYR A 342 -22.91 26.19 27.36
C TYR A 342 -22.17 24.86 27.15
N SER A 343 -22.85 23.74 27.42
CA SER A 343 -22.23 22.43 27.11
C SER A 343 -21.58 22.50 25.73
N VAL A 344 -22.28 23.04 24.73
CA VAL A 344 -21.77 23.15 23.33
C VAL A 344 -20.66 24.22 23.27
N ILE A 345 -20.80 25.34 23.98
CA ILE A 345 -19.79 26.45 23.97
C ILE A 345 -18.46 25.94 24.53
N GLY A 346 -18.52 25.11 25.57
CA GLY A 346 -17.33 24.52 26.18
C GLY A 346 -16.74 23.44 25.32
N PHE A 347 -17.60 22.62 24.71
CA PHE A 347 -17.12 21.58 23.76
C PHE A 347 -16.29 22.23 22.65
N ARG A 348 -16.86 23.23 22.00
CA ARG A 348 -16.16 23.97 20.91
C ARG A 348 -14.88 24.62 21.46
N ALA A 349 -15.01 25.35 22.57
CA ALA A 349 -13.86 26.08 23.18
C ALA A 349 -12.75 25.06 23.51
N THR A 350 -13.13 23.93 24.12
CA THR A 350 -12.15 22.86 24.46
C THR A 350 -11.45 22.38 23.18
N GLN A 351 -12.22 22.13 22.12
CA GLN A 351 -11.66 21.66 20.83
C GLN A 351 -10.66 22.69 20.32
N ARG A 352 -11.07 23.96 20.24
CA ARG A 352 -10.13 25.03 19.81
C ARG A 352 -8.86 24.95 20.66
N TYR A 353 -9.03 24.96 21.99
CA TYR A 353 -7.87 24.93 22.92
C TYR A 353 -6.95 23.76 22.56
N ASP A 354 -7.52 22.58 22.37
CA ASP A 354 -6.75 21.36 22.02
C ASP A 354 -6.07 21.56 20.66
N ASP A 355 -6.80 22.08 19.68
CA ASP A 355 -6.23 22.34 18.33
C ASP A 355 -5.05 23.31 18.47
N CYS A 356 -5.23 24.38 19.25
CA CYS A 356 -4.16 25.37 19.49
C CYS A 356 -2.90 24.65 19.98
N PHE A 357 -3.05 23.80 21.00
CA PHE A 357 -1.89 23.11 21.60
C PHE A 357 -1.26 22.19 20.54
N SER A 358 -2.08 21.29 19.95
CA SER A 358 -1.59 20.36 18.90
C SER A 358 -0.67 21.14 17.93
N THR A 359 -1.17 22.24 17.39
CA THR A 359 -0.43 23.07 16.40
C THR A 359 0.90 23.48 17.04
N ASN A 360 0.82 24.17 18.18
CA ASN A 360 2.04 24.57 18.94
C ASN A 360 3.02 23.38 18.98
N ILE A 361 2.59 22.25 19.55
CA ILE A 361 3.44 21.02 19.67
C ILE A 361 4.07 20.74 18.30
N LEU A 362 3.23 20.59 17.28
CA LEU A 362 3.71 20.32 15.90
C LEU A 362 4.83 21.30 15.53
N THR A 363 4.56 22.59 15.64
CA THR A 363 5.51 23.66 15.20
C THR A 363 6.89 23.34 15.80
N LEU A 364 6.97 23.16 17.13
CA LEU A 364 8.27 22.86 17.79
C LEU A 364 8.72 21.45 17.42
N ILE A 365 7.78 20.52 17.28
CA ILE A 365 8.08 19.13 16.83
C ILE A 365 8.82 19.21 15.47
N ASN A 366 8.40 20.11 14.60
CA ASN A 366 8.98 20.23 13.26
C ASN A 366 10.31 20.99 13.35
N GLY A 367 10.38 22.03 14.18
CA GLY A 367 11.58 22.87 14.33
C GLY A 367 12.80 22.09 14.77
N PHE A 368 12.64 21.21 15.75
CA PHE A 368 13.75 20.40 16.30
C PHE A 368 13.65 18.99 15.75
N ASP A 369 12.64 18.69 14.91
CA ASP A 369 12.50 17.34 14.31
C ASP A 369 12.52 16.28 15.42
N LEU A 370 11.78 16.53 16.49
CA LEU A 370 11.76 15.59 17.66
C LEU A 370 10.86 14.41 17.28
N PRO A 371 11.02 13.21 17.88
CA PRO A 371 10.09 12.10 17.63
C PRO A 371 8.64 12.50 17.93
N GLU A 372 7.72 12.18 17.01
CA GLU A 372 6.27 12.40 17.14
C GLU A 372 5.78 11.76 18.45
N GLY A 373 4.99 12.49 19.22
CA GLY A 373 4.40 12.01 20.49
C GLY A 373 5.23 12.32 21.72
N ASN A 374 6.47 12.77 21.58
CA ASN A 374 7.33 13.11 22.75
C ASN A 374 6.74 14.30 23.52
N VAL A 375 6.23 15.32 22.83
CA VAL A 375 5.67 16.53 23.49
C VAL A 375 4.18 16.31 23.76
N THR A 376 3.74 16.50 25.01
CA THR A 376 2.30 16.39 25.41
C THR A 376 1.84 17.73 25.94
N GLN A 377 0.60 17.80 26.44
CA GLN A 377 0.10 19.01 27.14
C GLN A 377 1.00 19.31 28.34
N GLU A 378 1.45 18.26 29.04
CA GLU A 378 2.35 18.42 30.21
C GLU A 378 3.73 18.88 29.72
N ASN A 379 4.49 17.99 29.08
CA ASN A 379 5.87 18.33 28.61
C ASN A 379 5.75 19.13 27.31
N PHE A 380 5.51 20.44 27.41
CA PHE A 380 5.42 21.31 26.20
C PHE A 380 6.27 22.56 26.44
N VAL A 381 5.89 23.38 27.43
CA VAL A 381 6.66 24.61 27.75
C VAL A 381 8.05 24.20 28.23
N ASP A 382 8.13 23.21 29.13
CA ASP A 382 9.45 22.71 29.59
C ASP A 382 10.19 22.12 28.40
N MET A 383 9.48 21.39 27.54
CA MET A 383 10.11 20.78 26.34
C MET A 383 10.75 21.89 25.50
N GLN A 384 9.99 22.95 25.21
CA GLN A 384 10.51 24.05 24.34
C GLN A 384 11.58 24.82 25.12
N GLN A 385 11.50 24.83 26.45
CA GLN A 385 12.56 25.49 27.27
C GLN A 385 13.88 24.74 27.07
N ARG A 386 13.86 23.41 27.25
CA ARG A 386 15.07 22.59 27.00
C ARG A 386 15.43 22.71 25.52
N CYS A 387 14.40 22.76 24.67
CA CYS A 387 14.62 22.90 23.20
C CYS A 387 15.35 24.22 22.92
N ASN A 388 14.91 25.31 23.55
CA ASN A 388 15.60 26.62 23.39
C ASN A 388 17.03 26.49 23.90
N ALA A 389 17.22 25.78 25.01
CA ALA A 389 18.58 25.57 25.54
C ALA A 389 19.46 25.01 24.42
N SER A 390 18.95 24.01 23.69
CA SER A 390 19.69 23.43 22.54
C SER A 390 19.74 24.45 21.40
N ASP A 391 18.59 24.99 20.99
CA ASP A 391 18.53 25.94 19.85
C ASP A 391 17.95 27.27 20.33
N PRO A 392 18.73 28.14 21.02
CA PRO A 392 18.22 29.40 21.54
C PRO A 392 17.84 30.36 20.40
N ALA A 393 18.70 30.45 19.39
CA ALA A 393 18.45 31.34 18.25
C ALA A 393 17.17 30.91 17.54
N ALA A 394 17.08 29.65 17.14
CA ALA A 394 15.90 29.16 16.37
C ALA A 394 14.61 29.36 17.19
N TYR A 395 14.67 29.16 18.51
CA TYR A 395 13.43 29.23 19.32
C TYR A 395 12.72 30.56 19.04
N ALA A 396 13.48 31.60 18.70
CA ALA A 396 12.88 32.94 18.46
C ALA A 396 12.29 33.00 17.05
N GLN A 397 12.56 32.00 16.23
CA GLN A 397 12.07 31.99 14.82
C GLN A 397 10.87 31.05 14.68
N LEU A 398 10.18 30.78 15.80
CA LEU A 398 9.04 29.82 15.77
C LEU A 398 7.78 30.47 16.34
N VAL A 399 6.78 30.76 15.50
CA VAL A 399 5.49 31.30 16.02
C VAL A 399 4.88 30.27 16.98
N PHE A 400 4.14 30.75 17.98
CA PHE A 400 3.46 29.88 18.97
C PHE A 400 2.17 30.56 19.44
N GLN A 401 1.02 30.17 18.89
CA GLN A 401 -0.31 30.67 19.32
C GLN A 401 -0.48 30.38 20.82
N THR A 402 -1.29 31.16 21.51
CA THR A 402 -1.58 31.01 22.96
C THR A 402 -2.87 30.21 23.14
N CYS A 403 -2.83 29.14 23.92
CA CYS A 403 -4.01 28.28 24.23
C CYS A 403 -4.45 28.56 25.66
N ASP A 404 -5.73 28.85 25.89
CA ASP A 404 -6.22 29.20 27.26
C ASP A 404 -7.46 28.38 27.65
N ILE A 405 -8.36 28.11 26.71
CA ILE A 405 -9.66 27.39 26.92
C ILE A 405 -10.60 28.38 27.61
N ASN A 406 -10.18 29.04 28.70
CA ASN A 406 -11.04 30.01 29.40
C ASN A 406 -11.23 31.21 28.47
N ALA A 407 -10.16 31.66 27.82
CA ALA A 407 -10.25 32.73 26.80
C ALA A 407 -11.19 32.28 25.69
N PHE A 408 -11.06 31.02 25.26
CA PHE A 408 -11.97 30.44 24.23
C PHE A 408 -13.40 30.50 24.78
N LEU A 409 -13.60 30.11 26.04
CA LEU A 409 -14.93 30.15 26.68
C LEU A 409 -15.41 31.59 26.79
N SER A 410 -14.51 32.54 27.05
CA SER A 410 -14.90 33.95 27.28
C SER A 410 -14.93 34.74 25.97
N GLU A 411 -15.04 34.07 24.80
CA GLU A 411 -15.15 34.77 23.50
C GLU A 411 -16.63 34.90 23.12
N ALA A 412 -17.15 36.13 23.07
CA ALA A 412 -18.57 36.40 22.74
C ALA A 412 -18.84 36.04 21.28
N VAL A 413 -20.02 35.47 20.99
CA VAL A 413 -20.42 35.09 19.60
C VAL A 413 -21.22 36.25 18.99
N GLU A 414 -21.23 36.35 17.66
CA GLU A 414 -22.01 37.39 16.94
C GLU A 414 -23.49 36.99 16.97
N GLY A 415 -24.39 37.96 16.73
CA GLY A 415 -25.85 37.73 16.77
C GLY A 415 -26.28 36.64 15.81
N THR A 416 -27.08 35.67 16.28
CA THR A 416 -27.57 34.55 15.44
C THR A 416 -26.41 33.60 15.12
N GLY A 417 -25.15 34.03 15.34
CA GLY A 417 -23.96 33.19 15.17
C GLY A 417 -24.02 31.90 15.99
N LEU A 418 -24.50 31.99 17.23
CA LEU A 418 -24.55 30.82 18.14
C LEU A 418 -25.32 29.67 17.49
N ALA A 419 -26.46 29.96 16.87
CA ALA A 419 -27.34 28.91 16.31
C ALA A 419 -26.83 28.45 14.94
N PHE A 420 -26.43 29.37 14.05
CA PHE A 420 -26.07 29.01 12.65
C PHE A 420 -24.57 28.86 12.47
N ILE A 421 -23.76 29.06 13.52
CA ILE A 421 -22.28 28.88 13.43
C ILE A 421 -21.82 27.91 14.53
N VAL A 422 -22.03 28.29 15.80
CA VAL A 422 -21.53 27.47 16.95
C VAL A 422 -22.18 26.08 16.91
N PHE A 423 -23.49 26.03 16.96
CA PHE A 423 -24.23 24.73 17.03
C PHE A 423 -24.00 23.95 15.73
N THR A 424 -24.08 24.63 14.59
CA THR A 424 -23.90 23.97 13.26
C THR A 424 -22.53 23.30 13.22
N GLU A 425 -21.49 24.00 13.68
CA GLU A 425 -20.10 23.45 13.67
C GLU A 425 -20.03 22.25 14.61
N ALA A 426 -20.58 22.36 15.81
CA ALA A 426 -20.53 21.26 16.80
C ALA A 426 -21.21 20.00 16.23
N ILE A 427 -22.32 20.18 15.52
CA ILE A 427 -23.09 19.05 14.93
C ILE A 427 -22.22 18.38 13.88
N THR A 428 -21.50 19.15 13.07
CA THR A 428 -20.58 18.56 12.04
C THR A 428 -19.62 17.60 12.75
N LYS A 429 -19.18 17.96 13.96
CA LYS A 429 -18.30 17.09 14.77
C LYS A 429 -19.10 15.86 15.23
N MET A 430 -20.38 16.04 15.55
CA MET A 430 -21.24 14.92 16.04
C MET A 430 -21.36 13.86 14.95
N PRO A 431 -21.54 12.56 15.30
CA PRO A 431 -21.79 11.50 14.30
C PRO A 431 -23.20 11.63 13.72
N LEU A 432 -23.51 10.89 12.67
CA LEU A 432 -24.77 11.05 11.90
C LEU A 432 -25.16 12.53 11.89
N SER A 433 -24.20 13.39 11.53
CA SER A 433 -24.39 14.86 11.59
C SER A 433 -25.72 15.25 10.95
N PRO A 434 -26.16 14.72 9.78
CA PRO A 434 -27.49 15.07 9.25
C PRO A 434 -28.67 14.80 10.20
N LEU A 435 -28.65 13.72 10.99
CA LEU A 435 -29.75 13.38 11.94
C LEU A 435 -29.95 14.57 12.90
N TRP A 436 -28.89 14.95 13.62
CA TRP A 436 -28.91 15.98 14.69
C TRP A 436 -29.31 17.32 14.08
N SER A 437 -28.57 17.77 13.07
CA SER A 437 -28.83 19.03 12.33
C SER A 437 -30.34 19.16 12.07
N VAL A 438 -30.91 18.17 11.40
CA VAL A 438 -32.38 18.11 11.05
C VAL A 438 -33.16 18.32 12.35
N LEU A 439 -32.90 17.48 13.36
CA LEU A 439 -33.62 17.56 14.67
C LEU A 439 -33.45 18.96 15.28
N PHE A 440 -32.25 19.53 15.23
CA PHE A 440 -31.95 20.85 15.86
C PHE A 440 -32.81 21.92 15.21
N PHE A 441 -32.93 21.90 13.90
CA PHE A 441 -33.73 22.92 13.17
C PHE A 441 -35.23 22.65 13.32
N ILE A 442 -35.64 21.41 13.51
CA ILE A 442 -37.09 21.06 13.58
C ILE A 442 -37.61 21.52 14.94
N MET A 443 -36.75 21.49 15.96
CA MET A 443 -37.05 22.00 17.31
C MET A 443 -37.19 23.53 17.26
N LEU A 444 -36.29 24.20 16.54
CA LEU A 444 -36.27 25.69 16.50
C LEU A 444 -37.41 26.19 15.62
N PHE A 445 -37.80 25.40 14.63
CA PHE A 445 -38.92 25.72 13.70
C PHE A 445 -40.24 25.62 14.47
N CYS A 446 -40.40 24.53 15.24
CA CYS A 446 -41.63 24.22 16.01
C CYS A 446 -41.80 25.26 17.11
N LEU A 447 -40.77 25.52 17.92
CA LEU A 447 -40.94 26.52 19.01
C LEU A 447 -40.99 27.95 18.40
N GLY A 448 -40.56 28.18 17.16
CA GLY A 448 -40.87 29.44 16.45
C GLY A 448 -42.30 29.54 16.01
N LEU A 449 -42.85 28.46 15.47
CA LEU A 449 -44.21 28.44 14.88
C LEU A 449 -45.22 28.66 16.02
N SER A 450 -44.97 27.98 17.13
CA SER A 450 -45.70 28.11 18.41
C SER A 450 -45.76 29.57 18.86
N SER A 451 -44.59 30.22 18.90
CA SER A 451 -44.45 31.66 19.28
C SER A 451 -45.27 32.52 18.31
N MET A 452 -45.20 32.21 17.02
CA MET A 452 -45.90 32.98 15.96
C MET A 452 -47.42 32.87 16.11
N PHE A 453 -47.93 31.77 16.66
CA PHE A 453 -49.39 31.62 16.87
C PHE A 453 -49.91 32.74 17.76
N GLY A 454 -49.26 32.97 18.89
CA GLY A 454 -49.61 34.11 19.75
C GLY A 454 -49.37 35.44 19.09
N ASN A 455 -48.27 35.58 18.34
CA ASN A 455 -47.91 36.88 17.71
C ASN A 455 -49.01 37.26 16.72
N MET A 456 -49.58 36.26 16.04
CA MET A 456 -50.61 36.48 14.99
C MET A 456 -51.97 36.68 15.63
N GLU A 457 -52.24 35.96 16.72
CA GLU A 457 -53.42 36.18 17.57
C GLU A 457 -53.53 37.64 17.98
N GLY A 458 -52.41 38.25 18.36
CA GLY A 458 -52.39 39.62 18.86
C GLY A 458 -52.43 40.66 17.76
N VAL A 459 -52.53 40.30 16.48
CA VAL A 459 -52.74 41.29 15.39
C VAL A 459 -54.04 41.01 14.63
N VAL A 460 -54.54 39.77 14.57
CA VAL A 460 -55.82 39.44 13.88
C VAL A 460 -56.99 40.04 14.67
N VAL A 461 -57.06 39.71 15.96
CA VAL A 461 -58.19 40.06 16.88
C VAL A 461 -58.35 41.58 16.98
N PRO A 462 -57.31 42.39 17.31
CA PRO A 462 -57.46 43.86 17.34
C PRO A 462 -58.07 44.32 16.00
N LEU A 463 -57.48 43.89 14.88
CA LEU A 463 -58.02 44.14 13.52
C LEU A 463 -59.46 43.65 13.28
N GLN A 464 -59.93 42.60 13.95
CA GLN A 464 -61.38 42.27 13.88
C GLN A 464 -62.16 43.36 14.63
N ASP A 465 -61.73 43.68 15.84
CA ASP A 465 -62.43 44.58 16.79
C ASP A 465 -62.33 46.06 16.40
N LEU A 466 -61.57 46.42 15.37
CA LEU A 466 -61.63 47.76 14.74
C LEU A 466 -62.76 47.78 13.71
N ARG A 467 -63.23 46.60 13.29
CA ARG A 467 -64.33 46.37 12.31
C ARG A 467 -63.90 46.96 10.95
N VAL A 468 -62.60 46.81 10.63
CA VAL A 468 -61.95 47.53 9.50
C VAL A 468 -62.41 46.85 8.19
N ILE A 469 -62.46 45.52 8.13
CA ILE A 469 -62.98 44.86 6.89
C ILE A 469 -64.47 44.53 7.06
N PRO A 470 -65.27 44.63 5.97
CA PRO A 470 -66.71 44.33 5.97
C PRO A 470 -66.97 42.98 6.63
N PRO A 471 -67.83 42.85 7.68
CA PRO A 471 -67.87 41.61 8.45
C PRO A 471 -68.52 40.39 7.73
N LYS A 472 -69.09 40.58 6.53
CA LYS A 472 -69.54 39.50 5.61
C LYS A 472 -68.35 38.60 5.21
N TRP A 473 -67.16 39.17 5.00
CA TRP A 473 -65.95 38.40 4.61
C TRP A 473 -65.60 37.43 5.74
N PRO A 474 -65.18 36.18 5.44
CA PRO A 474 -64.84 35.22 6.49
C PRO A 474 -63.52 35.58 7.21
N LYS A 475 -63.26 34.96 8.36
CA LYS A 475 -61.99 35.15 9.14
C LYS A 475 -60.76 34.84 8.25
N GLU A 476 -60.84 33.87 7.34
CA GLU A 476 -59.67 33.39 6.56
C GLU A 476 -59.19 34.51 5.63
N VAL A 477 -60.10 35.36 5.14
CA VAL A 477 -59.75 36.49 4.21
C VAL A 477 -58.84 37.45 4.96
N LEU A 478 -59.24 37.87 6.16
CA LEU A 478 -58.45 38.85 6.96
C LEU A 478 -57.11 38.24 7.36
N THR A 479 -57.04 36.94 7.69
CA THR A 479 -55.76 36.32 8.16
C THR A 479 -54.75 36.27 7.00
N GLY A 480 -55.19 36.08 5.75
CA GLY A 480 -54.30 36.04 4.56
C GLY A 480 -53.79 37.41 4.17
N LEU A 481 -54.62 38.45 4.33
CA LEU A 481 -54.24 39.84 3.99
C LEU A 481 -53.06 40.25 4.89
N ILE A 482 -53.10 39.96 6.20
CA ILE A 482 -51.95 40.30 7.11
C ILE A 482 -50.77 39.38 6.82
N CYS A 483 -50.97 38.09 6.48
CA CYS A 483 -49.85 37.17 6.12
C CYS A 483 -49.08 37.74 4.91
N LEU A 484 -49.80 38.06 3.81
CA LEU A 484 -49.21 38.70 2.60
C LEU A 484 -48.61 40.08 2.94
N GLY A 485 -49.29 40.87 3.76
CA GLY A 485 -48.84 42.22 4.15
C GLY A 485 -47.47 42.14 4.80
N THR A 486 -47.34 41.29 5.81
CA THR A 486 -46.09 41.15 6.62
C THR A 486 -45.05 40.44 5.74
N PHE A 487 -45.48 39.49 4.91
CA PHE A 487 -44.63 38.87 3.86
C PHE A 487 -43.97 39.93 2.96
N LEU A 488 -44.77 40.87 2.44
CA LEU A 488 -44.27 41.98 1.57
C LEU A 488 -43.33 42.89 2.37
N ILE A 489 -43.65 43.17 3.65
CA ILE A 489 -42.79 44.06 4.49
C ILE A 489 -41.46 43.33 4.72
N GLY A 490 -41.47 42.00 4.80
CA GLY A 490 -40.27 41.19 5.06
C GLY A 490 -39.30 41.09 3.89
N PHE A 491 -39.53 41.75 2.75
CA PHE A 491 -38.54 41.79 1.63
C PHE A 491 -37.28 42.57 2.02
N ILE A 492 -37.37 43.56 2.91
CA ILE A 492 -36.19 44.33 3.43
C ILE A 492 -35.17 43.40 4.09
N PHE A 493 -35.63 42.34 4.76
CA PHE A 493 -34.72 41.36 5.40
C PHE A 493 -34.32 40.29 4.37
N THR A 494 -34.52 40.57 3.08
CA THR A 494 -34.13 39.62 2.01
C THR A 494 -32.98 40.21 1.20
N LEU A 495 -32.76 41.53 1.31
CA LEU A 495 -31.67 42.20 0.55
C LEU A 495 -30.32 41.85 1.20
N ASN A 496 -29.22 42.14 0.49
CA ASN A 496 -27.86 41.83 1.02
C ASN A 496 -27.73 42.42 2.44
N SER A 497 -28.14 43.67 2.63
CA SER A 497 -27.97 44.33 3.95
C SER A 497 -29.02 43.86 4.98
N GLY A 498 -29.91 42.91 4.61
CA GLY A 498 -31.09 42.50 5.41
C GLY A 498 -30.71 42.15 6.84
N GLN A 499 -29.60 41.44 7.02
CA GLN A 499 -29.13 41.00 8.36
C GLN A 499 -28.89 42.24 9.22
N TYR A 500 -28.23 43.26 8.68
CA TYR A 500 -27.99 44.53 9.41
C TYR A 500 -29.32 45.14 9.82
N TRP A 501 -30.26 45.13 8.87
CA TRP A 501 -31.65 45.62 9.02
C TRP A 501 -32.32 44.87 10.16
N LEU A 502 -32.14 43.56 10.18
CA LEU A 502 -32.74 42.72 11.26
C LEU A 502 -32.07 42.97 12.59
N SER A 503 -30.79 43.31 12.60
CA SER A 503 -30.06 43.53 13.87
C SER A 503 -30.44 44.89 14.48
N LEU A 504 -31.15 45.77 13.74
CA LEU A 504 -31.64 47.04 14.32
C LEU A 504 -32.77 46.76 15.32
N LEU A 505 -33.56 45.74 15.08
CA LEU A 505 -34.71 45.36 15.94
C LEU A 505 -34.20 44.63 17.18
N ASP A 506 -32.92 44.22 17.22
CA ASP A 506 -32.24 43.72 18.44
C ASP A 506 -31.68 44.87 19.28
N SER A 507 -31.86 46.13 18.86
CA SER A 507 -31.43 47.31 19.65
C SER A 507 -32.48 47.63 20.71
N TYR A 508 -32.25 48.68 21.49
CA TYR A 508 -33.21 49.12 22.55
C TYR A 508 -34.57 49.49 21.94
N ALA A 509 -34.59 49.92 20.67
CA ALA A 509 -35.83 50.34 19.99
C ALA A 509 -36.96 49.32 20.22
N GLY A 510 -36.64 48.04 19.99
CA GLY A 510 -37.60 46.92 20.16
C GLY A 510 -38.15 46.85 21.58
N SER A 511 -37.31 47.07 22.58
CA SER A 511 -37.71 46.96 24.01
C SER A 511 -38.37 48.27 24.49
N ILE A 512 -38.20 49.37 23.76
CA ILE A 512 -38.75 50.69 24.21
C ILE A 512 -40.26 50.57 24.48
N PRO A 513 -41.09 50.10 23.50
CA PRO A 513 -42.54 50.04 23.68
C PRO A 513 -42.98 49.01 24.73
N LEU A 514 -42.33 47.86 24.77
CA LEU A 514 -42.71 46.78 25.72
C LEU A 514 -42.71 47.30 27.15
N LEU A 515 -41.64 47.99 27.54
CA LEU A 515 -41.52 48.54 28.92
C LEU A 515 -42.67 49.51 29.18
N ILE A 516 -42.98 50.37 28.22
CA ILE A 516 -44.05 51.38 28.37
C ILE A 516 -45.40 50.67 28.47
N ILE A 517 -45.73 49.83 27.49
CA ILE A 517 -47.06 49.18 27.42
C ILE A 517 -47.28 48.45 28.76
N ALA A 518 -46.33 47.61 29.15
CA ALA A 518 -46.42 46.77 30.36
C ALA A 518 -46.76 47.66 31.56
N PHE A 519 -46.03 48.77 31.72
CA PHE A 519 -46.32 49.75 32.79
C PHE A 519 -47.76 50.26 32.67
N CYS A 520 -48.21 50.63 31.47
CA CYS A 520 -49.56 51.21 31.25
C CYS A 520 -50.62 50.16 31.59
N GLU A 521 -50.39 48.90 31.19
CA GLU A 521 -51.32 47.78 31.46
C GLU A 521 -51.50 47.61 32.98
N MET A 522 -50.42 47.74 33.75
CA MET A 522 -50.43 47.59 35.23
C MET A 522 -51.14 48.79 35.88
N PHE A 523 -50.78 49.99 35.44
CA PHE A 523 -51.31 51.27 35.97
C PHE A 523 -52.83 51.36 35.72
N SER A 524 -53.28 50.91 34.55
CA SER A 524 -54.71 51.03 34.15
C SER A 524 -55.56 50.06 34.96
N VAL A 525 -55.07 48.85 35.21
CA VAL A 525 -55.83 47.78 35.94
C VAL A 525 -55.77 48.05 37.44
N VAL A 526 -54.92 48.96 37.92
CA VAL A 526 -54.75 49.20 39.38
C VAL A 526 -55.27 50.59 39.76
N TYR A 527 -54.85 51.64 39.07
CA TYR A 527 -55.26 53.03 39.42
C TYR A 527 -56.31 53.55 38.43
N VAL A 528 -56.98 52.72 37.61
CA VAL A 528 -58.08 53.22 36.73
C VAL A 528 -59.31 52.32 36.89
N TYR A 529 -59.22 51.05 36.48
CA TYR A 529 -60.26 50.02 36.75
C TYR A 529 -60.47 49.79 38.26
N GLY A 530 -59.45 50.01 39.09
CA GLY A 530 -59.53 49.82 40.55
C GLY A 530 -59.09 48.42 40.95
N VAL A 531 -58.06 48.35 41.79
CA VAL A 531 -57.51 47.07 42.33
C VAL A 531 -58.55 46.42 43.25
N ASP A 532 -59.37 47.22 43.95
CA ASP A 532 -60.44 46.74 44.85
C ASP A 532 -61.48 45.96 44.04
N ARG A 533 -61.99 46.53 42.95
CA ARG A 533 -62.92 45.77 42.08
C ARG A 533 -62.19 44.52 41.58
N PHE A 534 -60.98 44.70 41.04
CA PHE A 534 -60.17 43.55 40.55
C PHE A 534 -60.10 42.44 41.61
N ASN A 535 -59.80 42.81 42.85
CA ASN A 535 -59.72 41.81 43.96
C ASN A 535 -61.06 41.10 44.13
N LYS A 536 -62.18 41.84 44.08
CA LYS A 536 -63.54 41.26 44.18
C LYS A 536 -63.78 40.36 42.97
N ASP A 537 -63.67 40.91 41.76
CA ASP A 537 -63.97 40.14 40.53
C ASP A 537 -63.06 38.91 40.44
N ILE A 538 -61.80 39.01 40.89
CA ILE A 538 -60.93 37.78 40.94
C ILE A 538 -61.55 36.78 41.94
N GLU A 539 -61.91 37.24 43.13
CA GLU A 539 -62.53 36.39 44.18
C GLU A 539 -63.75 35.65 43.64
N PHE A 540 -64.57 36.33 42.83
CA PHE A 540 -65.77 35.75 42.17
C PHE A 540 -65.43 34.56 41.24
N MET A 541 -64.25 34.54 40.63
CA MET A 541 -63.88 33.51 39.61
C MET A 541 -63.17 32.35 40.33
N ILE A 542 -61.97 32.59 40.88
CA ILE A 542 -61.12 31.48 41.40
C ILE A 542 -61.71 31.03 42.74
N GLY A 543 -62.21 31.96 43.57
CA GLY A 543 -62.89 31.66 44.85
C GLY A 543 -62.35 32.52 45.97
N HIS A 544 -61.03 32.63 46.08
CA HIS A 544 -60.33 33.43 47.14
C HIS A 544 -59.92 34.80 46.55
N LYS A 545 -59.72 35.78 47.43
CA LYS A 545 -59.20 37.13 47.02
C LYS A 545 -57.67 37.07 47.08
N PRO A 546 -56.91 37.52 46.04
CA PRO A 546 -55.44 37.35 45.97
C PRO A 546 -54.64 37.70 47.24
N ASN A 547 -53.57 36.95 47.51
CA ASN A 547 -52.65 37.10 48.70
C ASN A 547 -51.95 38.46 48.75
N ILE A 548 -51.36 38.73 49.91
CA ILE A 548 -50.45 39.89 50.19
C ILE A 548 -49.33 40.01 49.15
N PHE A 549 -48.71 38.90 48.72
CA PHE A 549 -47.65 38.91 47.67
C PHE A 549 -48.16 39.62 46.40
N TRP A 550 -49.37 39.29 45.98
CA TRP A 550 -50.00 39.88 44.77
C TRP A 550 -50.35 41.34 45.03
N GLN A 551 -50.74 41.66 46.26
CA GLN A 551 -51.10 43.03 46.67
C GLN A 551 -49.83 43.91 46.67
N VAL A 552 -48.74 43.45 47.28
CA VAL A 552 -47.50 44.27 47.45
C VAL A 552 -46.85 44.54 46.09
N THR A 553 -46.95 43.61 45.13
CA THR A 553 -46.35 43.76 43.78
C THR A 553 -47.22 44.71 42.95
N TRP A 554 -48.48 44.35 42.66
CA TRP A 554 -49.40 45.17 41.81
C TRP A 554 -49.46 46.62 42.28
N ARG A 555 -49.57 46.87 43.59
CA ARG A 555 -49.81 48.23 44.13
C ARG A 555 -48.53 49.09 43.98
N VAL A 556 -47.35 48.63 44.42
CA VAL A 556 -46.10 49.48 44.47
C VAL A 556 -44.92 48.78 43.77
N VAL A 557 -44.54 47.58 44.22
CA VAL A 557 -43.24 46.93 43.85
C VAL A 557 -43.15 46.78 42.33
N SER A 558 -44.16 46.18 41.70
CA SER A 558 -44.16 45.91 40.23
C SER A 558 -44.05 47.26 39.49
N PRO A 559 -45.02 48.20 39.59
CA PRO A 559 -44.92 49.49 38.89
C PRO A 559 -43.59 50.22 39.06
N LEU A 560 -43.04 50.25 40.28
CA LEU A 560 -41.77 50.96 40.60
C LEU A 560 -40.63 50.37 39.77
N LEU A 561 -40.42 49.05 39.84
CA LEU A 561 -39.39 48.33 39.04
C LEU A 561 -39.45 48.77 37.56
N MET A 562 -40.63 48.75 36.97
CA MET A 562 -40.80 49.06 35.52
C MET A 562 -40.37 50.51 35.24
N LEU A 563 -40.80 51.46 36.07
CA LEU A 563 -40.47 52.90 35.86
C LEU A 563 -38.97 53.03 35.62
N ILE A 564 -38.18 52.75 36.64
CA ILE A 564 -36.68 52.83 36.57
C ILE A 564 -36.19 51.97 35.41
N ILE A 565 -36.80 50.78 35.20
CA ILE A 565 -36.34 49.87 34.11
C ILE A 565 -36.23 50.67 32.80
N PHE A 566 -37.31 51.32 32.38
CA PHE A 566 -37.28 52.04 31.07
C PHE A 566 -36.49 53.35 31.19
N LEU A 567 -36.54 53.98 32.36
CA LEU A 567 -35.76 55.22 32.61
C LEU A 567 -34.28 54.92 32.52
N PHE A 568 -33.87 53.81 33.13
CA PHE A 568 -32.47 53.33 33.06
C PHE A 568 -32.14 53.03 31.61
N PHE A 569 -33.08 52.48 30.85
CA PHE A 569 -32.87 52.21 29.40
C PHE A 569 -32.07 53.37 28.74
N PHE A 570 -32.57 54.58 28.85
CA PHE A 570 -32.02 55.76 28.12
C PHE A 570 -30.51 55.92 28.38
N VAL A 571 -30.09 55.82 29.64
CA VAL A 571 -28.64 55.99 29.99
C VAL A 571 -27.83 55.00 29.16
N VAL A 572 -28.11 53.70 29.32
CA VAL A 572 -27.33 52.64 28.59
C VAL A 572 -27.35 52.96 27.09
N GLU A 573 -28.49 53.40 26.55
CA GLU A 573 -28.62 53.65 25.08
C GLU A 573 -27.49 54.59 24.65
N VAL A 574 -27.29 55.68 25.37
CA VAL A 574 -26.22 56.68 25.06
C VAL A 574 -24.87 55.94 25.08
N SER A 575 -24.62 55.15 26.13
CA SER A 575 -23.34 54.40 26.29
C SER A 575 -23.16 53.41 25.13
N GLN A 576 -24.19 52.66 24.78
CA GLN A 576 -24.09 51.61 23.72
C GLN A 576 -23.80 52.28 22.38
N GLU A 577 -24.54 53.34 22.03
CA GLU A 577 -24.39 54.04 20.72
C GLU A 577 -24.89 53.10 19.59
N LEU A 578 -25.37 53.66 18.49
CA LEU A 578 -25.78 52.88 17.30
C LEU A 578 -24.58 52.35 16.53
N THR A 579 -24.17 51.12 16.80
CA THR A 579 -23.04 50.46 16.10
C THR A 579 -23.42 49.04 15.72
N TYR A 580 -22.90 48.52 14.61
CA TYR A 580 -23.31 47.19 14.07
C TYR A 580 -22.09 46.48 13.51
N SER A 581 -21.91 45.20 13.84
CA SER A 581 -20.77 44.38 13.35
C SER A 581 -21.00 44.11 11.86
N ILE A 582 -20.04 44.47 11.02
CA ILE A 582 -20.12 44.29 9.53
C ILE A 582 -19.18 43.16 9.15
N TRP A 583 -19.54 42.38 8.13
CA TRP A 583 -18.73 41.25 7.65
C TRP A 583 -17.98 41.67 6.40
N ASP A 584 -16.84 42.35 6.56
CA ASP A 584 -16.02 42.82 5.42
C ASP A 584 -14.95 41.77 5.10
N PRO A 585 -15.09 40.98 4.00
CA PRO A 585 -14.04 40.05 3.56
C PRO A 585 -12.72 40.80 3.35
N GLY A 586 -12.78 41.94 2.66
CA GLY A 586 -11.60 42.81 2.44
C GLY A 586 -11.41 43.75 3.62
N TYR A 587 -11.18 43.23 4.83
CA TYR A 587 -11.02 44.07 6.05
C TYR A 587 -9.74 43.67 6.78
N GLU A 588 -8.97 44.66 7.24
CA GLU A 588 -7.74 44.41 8.03
C GLU A 588 -8.12 43.46 9.17
N GLU A 589 -7.37 42.39 9.37
CA GLU A 589 -7.71 41.34 10.37
C GLU A 589 -9.13 40.82 10.05
N PHE A 590 -9.39 40.49 8.78
CA PHE A 590 -10.73 40.06 8.30
C PHE A 590 -11.48 39.25 9.37
N PRO A 591 -10.92 38.13 9.90
CA PRO A 591 -11.62 37.33 10.91
C PRO A 591 -11.59 38.03 12.29
N LYS A 592 -12.09 39.26 12.33
CA LYS A 592 -12.20 40.10 13.53
C LYS A 592 -13.47 40.94 13.45
N SER A 593 -14.10 41.21 14.60
CA SER A 593 -15.34 42.04 14.69
C SER A 593 -15.04 43.46 14.17
N GLN A 594 -15.96 44.03 13.40
CA GLN A 594 -15.83 45.42 12.88
C GLN A 594 -17.06 46.22 13.32
N LYS A 595 -17.02 46.77 14.53
CA LYS A 595 -18.16 47.52 15.11
C LYS A 595 -18.06 48.96 14.61
N ILE A 596 -18.82 49.32 13.60
CA ILE A 596 -18.88 50.70 13.04
C ILE A 596 -20.20 51.33 13.47
N SER A 597 -20.25 52.66 13.50
CA SER A 597 -21.47 53.44 13.85
C SER A 597 -22.45 53.43 12.68
N TYR A 598 -23.74 53.37 12.98
CA TYR A 598 -24.81 53.47 11.97
C TYR A 598 -24.80 54.83 11.27
N PRO A 599 -25.14 54.92 9.97
CA PRO A 599 -25.31 56.23 9.32
C PRO A 599 -26.52 56.98 9.89
N ASN A 600 -26.44 58.30 10.03
CA ASN A 600 -27.40 59.14 10.81
C ASN A 600 -28.86 58.85 10.43
N TRP A 601 -29.14 58.68 9.13
CA TRP A 601 -30.53 58.42 8.63
C TRP A 601 -31.19 57.20 9.31
N VAL A 602 -30.43 56.20 9.76
CA VAL A 602 -30.98 54.97 10.38
C VAL A 602 -31.49 55.31 11.78
N TYR A 603 -30.82 56.21 12.50
CA TYR A 603 -31.24 56.60 13.89
C TYR A 603 -32.70 57.05 13.88
N VAL A 604 -33.10 57.80 12.85
CA VAL A 604 -34.50 58.29 12.70
C VAL A 604 -35.44 57.08 12.73
N VAL A 605 -35.12 56.05 11.95
CA VAL A 605 -35.94 54.79 11.86
C VAL A 605 -36.00 54.16 13.27
N VAL A 606 -34.87 54.11 13.95
CA VAL A 606 -34.76 53.49 15.31
C VAL A 606 -35.70 54.24 16.26
N VAL A 607 -35.71 55.57 16.17
CA VAL A 607 -36.54 56.42 17.08
C VAL A 607 -38.02 56.21 16.73
N ILE A 608 -38.37 56.27 15.44
CA ILE A 608 -39.80 56.20 15.00
C ILE A 608 -40.39 54.83 15.36
N VAL A 609 -39.65 53.75 15.04
CA VAL A 609 -40.16 52.35 15.26
C VAL A 609 -40.46 52.17 16.75
N ALA A 610 -39.60 52.69 17.63
CA ALA A 610 -39.76 52.57 19.10
C ALA A 610 -40.84 53.53 19.59
N GLY A 611 -40.80 54.78 19.13
CA GLY A 611 -41.72 55.85 19.59
C GLY A 611 -43.16 55.55 19.20
N VAL A 612 -43.39 55.06 17.98
CA VAL A 612 -44.78 54.88 17.46
C VAL A 612 -45.62 54.14 18.50
N PRO A 613 -45.28 52.89 18.91
CA PRO A 613 -46.12 52.12 19.85
C PRO A 613 -46.19 52.82 21.22
N SER A 614 -45.05 53.27 21.74
CA SER A 614 -45.00 53.94 23.07
C SER A 614 -45.93 55.16 23.07
N LEU A 615 -45.98 55.91 21.95
CA LEU A 615 -46.83 57.13 21.83
C LEU A 615 -48.25 56.74 21.41
N THR A 616 -48.48 55.51 20.94
CA THR A 616 -49.82 55.08 20.45
C THR A 616 -50.86 55.25 21.57
N ILE A 617 -50.54 54.82 22.77
CA ILE A 617 -51.45 54.88 23.95
C ILE A 617 -51.81 56.34 24.21
N PRO A 618 -50.83 57.24 24.49
CA PRO A 618 -51.13 58.64 24.80
C PRO A 618 -51.95 59.34 23.71
N GLY A 619 -51.61 59.04 22.44
CA GLY A 619 -52.30 59.64 21.28
C GLY A 619 -53.80 59.50 21.40
N TYR A 620 -54.29 58.27 21.38
CA TYR A 620 -55.75 57.98 21.42
C TYR A 620 -56.33 58.64 22.68
N ALA A 621 -55.62 58.54 23.81
CA ALA A 621 -56.06 59.16 25.08
C ALA A 621 -56.35 60.65 24.82
N ILE A 622 -55.38 61.35 24.24
CA ILE A 622 -55.48 62.81 23.94
C ILE A 622 -56.69 63.00 23.01
N TYR A 623 -56.76 62.22 21.92
CA TYR A 623 -57.85 62.35 20.90
C TYR A 623 -59.20 62.12 21.59
N LYS A 624 -59.28 61.09 22.43
CA LYS A 624 -60.54 60.74 23.14
C LYS A 624 -60.92 61.90 24.06
N LEU A 625 -59.95 62.45 24.77
CA LEU A 625 -60.22 63.59 25.70
C LEU A 625 -60.74 64.78 24.89
N ILE A 626 -60.01 65.18 23.85
CA ILE A 626 -60.43 66.34 23.00
C ILE A 626 -61.78 66.01 22.35
N ARG A 627 -61.99 64.75 21.95
CA ARG A 627 -63.30 64.29 21.42
C ARG A 627 -64.38 64.54 22.48
N ASN A 628 -64.10 64.13 23.71
CA ASN A 628 -65.02 64.37 24.86
C ASN A 628 -65.15 65.87 25.09
N HIS A 629 -64.06 66.62 24.94
CA HIS A 629 -64.04 68.09 25.14
C HIS A 629 -64.67 68.78 23.93
CA THR B 21 72.14 -5.12 42.01
C THR B 21 71.11 -5.17 40.89
N ILE B 22 69.84 -5.06 41.19
CA ILE B 22 68.74 -5.08 40.17
C ILE B 22 69.11 -4.18 38.98
N GLU B 23 69.44 -2.92 39.24
CA GLU B 23 69.87 -1.98 38.18
C GLU B 23 71.16 -2.51 37.57
N GLU B 24 72.09 -2.98 38.41
CA GLU B 24 73.41 -3.48 37.92
C GLU B 24 73.18 -4.65 36.95
N GLN B 25 72.39 -5.63 37.37
CA GLN B 25 72.10 -6.83 36.53
C GLN B 25 71.34 -6.37 35.28
N ALA B 26 70.41 -5.44 35.44
CA ALA B 26 69.64 -4.89 34.29
C ALA B 26 70.62 -4.23 33.31
N LYS B 27 71.54 -3.41 33.83
CA LYS B 27 72.54 -2.71 32.98
C LYS B 27 73.40 -3.77 32.27
N THR B 28 73.87 -4.76 33.02
CA THR B 28 74.71 -5.85 32.46
C THR B 28 73.94 -6.52 31.32
N PHE B 29 72.67 -6.85 31.58
CA PHE B 29 71.80 -7.51 30.58
C PHE B 29 71.72 -6.65 29.32
N LEU B 30 71.36 -5.37 29.48
CA LEU B 30 71.22 -4.44 28.33
C LEU B 30 72.54 -4.36 27.57
N ASP B 31 73.65 -4.26 28.30
CA ASP B 31 75.00 -4.18 27.67
C ASP B 31 75.18 -5.36 26.71
N LYS B 32 75.04 -6.57 27.22
CA LYS B 32 75.21 -7.82 26.42
C LYS B 32 74.23 -7.77 25.26
N PHE B 33 72.96 -7.50 25.56
CA PHE B 33 71.89 -7.41 24.52
C PHE B 33 72.37 -6.48 23.41
N ASN B 34 72.78 -5.26 23.76
CA ASN B 34 73.17 -4.24 22.75
C ASN B 34 74.27 -4.79 21.86
N HIS B 35 75.31 -5.41 22.43
CA HIS B 35 76.45 -5.95 21.64
C HIS B 35 75.94 -6.88 20.53
N GLU B 36 75.10 -7.84 20.90
CA GLU B 36 74.58 -8.83 19.92
C GLU B 36 73.56 -8.13 19.00
N ALA B 37 72.68 -7.30 19.57
CA ALA B 37 71.62 -6.60 18.79
C ALA B 37 72.22 -5.77 17.65
N GLU B 38 73.24 -4.98 17.97
CA GLU B 38 73.84 -4.07 16.96
C GLU B 38 74.34 -4.93 15.79
N ASP B 39 75.10 -5.98 16.08
CA ASP B 39 75.69 -6.87 15.04
C ASP B 39 74.57 -7.52 14.22
N LEU B 40 73.65 -8.22 14.89
CA LEU B 40 72.54 -8.92 14.19
C LEU B 40 71.70 -7.91 13.40
N PHE B 41 71.44 -6.75 14.00
CA PHE B 41 70.71 -5.65 13.32
C PHE B 41 71.46 -5.30 12.03
N TYR B 42 72.77 -5.13 12.12
CA TYR B 42 73.60 -4.79 10.95
C TYR B 42 73.40 -5.83 9.84
N GLN B 43 73.46 -7.09 10.20
CA GLN B 43 73.31 -8.19 9.22
C GLN B 43 71.95 -8.04 8.52
N SER B 44 70.88 -7.87 9.30
CA SER B 44 69.51 -7.68 8.75
C SER B 44 69.50 -6.47 7.80
N SER B 45 70.04 -5.35 8.26
CA SER B 45 70.06 -4.09 7.48
C SER B 45 70.84 -4.32 6.18
N LEU B 46 72.02 -4.92 6.29
CA LEU B 46 72.88 -5.19 5.11
C LEU B 46 72.11 -6.05 4.11
N ALA B 47 71.46 -7.11 4.60
CA ALA B 47 70.66 -8.04 3.77
C ALA B 47 69.57 -7.24 3.02
N SER B 48 68.83 -6.40 3.76
CA SER B 48 67.74 -5.58 3.16
C SER B 48 68.37 -4.64 2.12
N TRP B 49 69.48 -3.99 2.45
CA TRP B 49 70.21 -3.11 1.51
C TRP B 49 70.51 -3.88 0.21
N ASN B 50 71.03 -5.11 0.36
CA ASN B 50 71.41 -5.94 -0.82
C ASN B 50 70.17 -6.18 -1.68
N TYR B 51 69.08 -6.64 -1.07
CA TYR B 51 67.84 -6.98 -1.82
C TYR B 51 67.29 -5.71 -2.50
N ASN B 52 67.29 -4.59 -1.79
CA ASN B 52 66.81 -3.29 -2.37
C ASN B 52 67.72 -2.94 -3.56
N THR B 53 69.03 -3.12 -3.41
CA THR B 53 70.01 -2.84 -4.48
C THR B 53 69.83 -3.83 -5.64
N ASN B 54 69.44 -5.07 -5.34
CA ASN B 54 69.26 -6.13 -6.37
C ASN B 54 68.02 -6.95 -6.04
N ILE B 55 66.92 -6.71 -6.74
CA ILE B 55 65.61 -7.38 -6.43
C ILE B 55 65.71 -8.82 -6.94
N THR B 56 66.11 -9.77 -6.08
CA THR B 56 66.21 -11.21 -6.48
C THR B 56 65.54 -12.06 -5.41
N GLU B 57 64.93 -13.18 -5.83
CA GLU B 57 64.27 -14.13 -4.89
C GLU B 57 65.30 -14.61 -3.85
N GLU B 58 66.51 -14.91 -4.31
CA GLU B 58 67.61 -15.34 -3.39
C GLU B 58 67.77 -14.24 -2.32
N ASN B 59 67.86 -12.98 -2.77
CA ASN B 59 67.98 -11.82 -1.84
C ASN B 59 66.74 -11.74 -0.95
N VAL B 60 65.56 -12.00 -1.51
CA VAL B 60 64.28 -12.04 -0.73
C VAL B 60 64.52 -12.97 0.48
N GLN B 61 64.97 -14.17 0.21
CA GLN B 61 65.23 -15.18 1.29
C GLN B 61 66.27 -14.61 2.25
N ASN B 62 67.35 -14.03 1.74
CA ASN B 62 68.44 -13.47 2.59
C ASN B 62 67.85 -12.47 3.58
N MET B 63 67.20 -11.43 3.08
CA MET B 63 66.60 -10.37 3.96
C MET B 63 65.58 -11.01 4.91
N ASN B 64 64.73 -11.89 4.39
CA ASN B 64 63.66 -12.54 5.21
C ASN B 64 64.31 -13.27 6.39
N ASN B 65 65.29 -14.13 6.11
CA ASN B 65 65.95 -14.95 7.17
C ASN B 65 66.61 -13.99 8.17
N ALA B 66 67.35 -13.01 7.68
CA ALA B 66 68.08 -12.05 8.54
C ALA B 66 67.07 -11.33 9.45
N GLY B 67 65.98 -10.83 8.86
CA GLY B 67 64.91 -10.14 9.61
C GLY B 67 64.31 -11.04 10.68
N ASP B 68 64.00 -12.28 10.31
CA ASP B 68 63.43 -13.28 11.25
C ASP B 68 64.39 -13.46 12.44
N LYS B 69 65.68 -13.60 12.14
CA LYS B 69 66.71 -13.80 13.19
C LYS B 69 66.67 -12.64 14.18
N TRP B 70 66.75 -11.41 13.68
CA TRP B 70 66.77 -10.21 14.56
C TRP B 70 65.47 -10.14 15.37
N SER B 71 64.33 -10.37 14.73
CA SER B 71 63.00 -10.27 15.40
C SER B 71 62.95 -11.26 16.57
N ALA B 72 63.30 -12.52 16.31
CA ALA B 72 63.29 -13.57 17.36
C ALA B 72 64.25 -13.16 18.50
N PHE B 73 65.45 -12.72 18.14
CA PHE B 73 66.47 -12.28 19.12
C PHE B 73 65.88 -11.20 20.01
N LEU B 74 65.25 -10.19 19.39
CA LEU B 74 64.69 -9.03 20.13
C LEU B 74 63.60 -9.54 21.09
N LYS B 75 62.75 -10.47 20.64
CA LYS B 75 61.65 -11.03 21.47
C LYS B 75 62.23 -11.65 22.75
N GLU B 76 63.26 -12.47 22.61
CA GLU B 76 63.88 -13.18 23.76
C GLU B 76 64.39 -12.11 24.75
N GLN B 77 65.11 -11.11 24.23
CA GLN B 77 65.69 -10.03 25.07
C GLN B 77 64.54 -9.27 25.74
N SER B 78 63.40 -9.13 25.05
CA SER B 78 62.20 -8.44 25.60
C SER B 78 61.80 -9.09 26.93
N THR B 79 61.69 -10.42 26.95
CA THR B 79 61.30 -11.18 28.17
C THR B 79 62.38 -10.97 29.26
N LEU B 80 63.65 -11.02 28.86
CA LEU B 80 64.78 -10.81 29.80
C LEU B 80 64.65 -9.41 30.43
N ALA B 81 64.29 -8.41 29.63
CA ALA B 81 64.09 -7.03 30.13
C ALA B 81 62.95 -7.02 31.16
N GLN B 82 61.88 -7.77 30.91
CA GLN B 82 60.74 -7.89 31.85
C GLN B 82 61.23 -8.36 33.21
N MET B 83 62.28 -9.18 33.24
CA MET B 83 62.90 -9.65 34.51
C MET B 83 63.61 -8.50 35.24
N TYR B 84 63.59 -7.28 34.69
CA TYR B 84 64.23 -6.10 35.32
C TYR B 84 63.23 -4.96 35.37
N PRO B 85 62.27 -4.97 36.34
CA PRO B 85 61.30 -3.87 36.48
C PRO B 85 62.03 -2.52 36.59
N LEU B 86 61.66 -1.57 35.74
CA LEU B 86 62.31 -0.23 35.70
C LEU B 86 62.09 0.51 37.02
N GLN B 87 61.14 0.06 37.85
CA GLN B 87 60.81 0.69 39.15
C GLN B 87 62.07 0.74 40.02
N GLU B 88 62.80 -0.36 40.11
CA GLU B 88 64.05 -0.43 40.92
C GLU B 88 65.16 0.27 40.14
N ILE B 89 65.05 0.34 38.81
CA ILE B 89 66.10 0.97 37.95
C ILE B 89 66.06 2.48 38.17
N GLN B 90 67.21 3.07 38.49
CA GLN B 90 67.30 4.54 38.75
C GLN B 90 67.99 5.23 37.58
N ASN B 91 69.05 4.60 37.04
CA ASN B 91 69.74 5.16 35.85
C ASN B 91 68.73 5.30 34.72
N LEU B 92 68.61 6.50 34.16
CA LEU B 92 67.62 6.78 33.07
C LEU B 92 67.99 5.97 31.83
N THR B 93 69.27 5.98 31.43
CA THR B 93 69.71 5.30 30.18
C THR B 93 69.21 3.85 30.19
N VAL B 94 69.57 3.09 31.23
CA VAL B 94 69.16 1.67 31.36
C VAL B 94 67.64 1.60 31.43
N LYS B 95 67.02 2.47 32.21
CA LYS B 95 65.54 2.49 32.36
C LYS B 95 64.89 2.65 30.98
N LEU B 96 65.33 3.64 30.22
CA LEU B 96 64.76 3.91 28.86
C LEU B 96 64.93 2.67 27.98
N GLN B 97 66.14 2.13 27.93
CA GLN B 97 66.43 0.94 27.08
C GLN B 97 65.56 -0.23 27.57
N LEU B 98 65.53 -0.45 28.88
CA LEU B 98 64.69 -1.53 29.46
C LEU B 98 63.24 -1.36 29.03
N GLN B 99 62.70 -0.17 29.25
CA GLN B 99 61.26 0.12 28.94
C GLN B 99 60.99 -0.18 27.46
N ALA B 100 61.89 0.25 26.58
CA ALA B 100 61.71 0.05 25.11
C ALA B 100 61.68 -1.45 24.80
N LEU B 101 62.67 -2.19 25.32
CA LEU B 101 62.78 -3.64 25.07
C LEU B 101 61.67 -4.39 25.82
N GLN B 102 61.30 -3.90 26.99
CA GLN B 102 60.28 -4.53 27.87
C GLN B 102 58.94 -4.61 27.15
N GLN B 103 58.53 -3.53 26.50
CA GLN B 103 57.19 -3.41 25.82
C GLN B 103 56.76 -4.78 25.27
N ASN B 104 55.68 -5.36 25.79
CA ASN B 104 55.22 -6.69 25.31
C ASN B 104 54.64 -6.55 23.90
N GLY B 105 53.79 -5.53 23.70
CA GLY B 105 53.13 -5.30 22.40
C GLY B 105 51.95 -6.22 22.21
N SER B 106 51.59 -6.49 20.96
CA SER B 106 50.43 -7.37 20.62
C SER B 106 50.60 -8.77 21.22
N SER B 107 51.83 -9.17 21.56
CA SER B 107 52.08 -10.45 22.28
C SER B 107 51.12 -10.65 23.46
N VAL B 108 50.71 -9.56 24.11
CA VAL B 108 49.73 -9.62 25.22
C VAL B 108 48.41 -10.25 24.75
N LEU B 109 48.08 -10.13 23.47
CA LEU B 109 46.84 -10.69 22.91
C LEU B 109 46.91 -12.21 22.86
N SER B 110 45.75 -12.88 22.96
CA SER B 110 45.66 -14.36 22.88
C SER B 110 46.05 -14.80 21.46
N GLU B 111 46.46 -16.06 21.31
CA GLU B 111 46.89 -16.63 19.98
C GLU B 111 45.80 -16.33 18.93
N ASP B 112 44.57 -16.75 19.22
CA ASP B 112 43.43 -16.51 18.29
C ASP B 112 43.30 -15.01 18.01
N LYS B 113 43.34 -14.18 19.06
CA LYS B 113 43.18 -12.71 18.94
C LYS B 113 44.28 -12.19 18.02
N SER B 114 45.53 -12.56 18.30
CA SER B 114 46.70 -12.07 17.52
C SER B 114 46.52 -12.50 16.06
N LYS B 115 46.22 -13.77 15.83
CA LYS B 115 46.08 -14.32 14.46
C LYS B 115 44.97 -13.57 13.73
N ARG B 116 43.80 -13.41 14.37
CA ARG B 116 42.67 -12.69 13.73
C ARG B 116 43.10 -11.27 13.37
N LEU B 117 43.69 -10.55 14.33
CA LEU B 117 44.10 -9.15 14.11
C LEU B 117 45.05 -9.09 12.90
N ASN B 118 46.05 -9.98 12.87
CA ASN B 118 47.03 -10.03 11.75
C ASN B 118 46.29 -10.23 10.43
N THR B 119 45.33 -11.15 10.41
CA THR B 119 44.55 -11.45 9.19
C THR B 119 43.79 -10.18 8.76
N ILE B 120 43.16 -9.48 9.69
CA ILE B 120 42.40 -8.23 9.38
C ILE B 120 43.40 -7.22 8.76
N LEU B 121 44.56 -7.04 9.39
CA LEU B 121 45.56 -6.10 8.89
C LEU B 121 45.96 -6.45 7.46
N ASN B 122 46.20 -7.73 7.18
CA ASN B 122 46.62 -8.17 5.83
C ASN B 122 45.49 -7.96 4.83
N THR B 123 44.28 -8.36 5.19
CA THR B 123 43.09 -8.20 4.32
C THR B 123 42.92 -6.72 3.96
N MET B 124 42.94 -5.86 4.97
CA MET B 124 42.76 -4.39 4.78
C MET B 124 43.85 -3.87 3.84
N SER B 125 45.10 -4.21 4.11
CA SER B 125 46.24 -3.78 3.24
C SER B 125 46.06 -4.28 1.80
N THR B 126 45.66 -5.53 1.65
CA THR B 126 45.45 -6.15 0.31
C THR B 126 44.32 -5.43 -0.43
N ILE B 127 43.21 -5.17 0.25
CA ILE B 127 42.04 -4.48 -0.36
C ILE B 127 42.53 -3.10 -0.87
N TYR B 128 43.29 -2.40 -0.03
CA TYR B 128 43.79 -1.06 -0.39
C TYR B 128 44.71 -1.13 -1.62
N SER B 129 45.61 -2.10 -1.63
CA SER B 129 46.64 -2.25 -2.71
C SER B 129 46.03 -2.85 -3.99
N THR B 130 45.14 -3.83 -3.87
CA THR B 130 44.63 -4.57 -5.05
C THR B 130 43.23 -4.09 -5.39
N GLY B 131 42.62 -3.18 -4.62
CA GLY B 131 41.23 -2.76 -4.95
C GLY B 131 41.19 -2.03 -6.29
N LYS B 132 40.17 -2.28 -7.09
CA LYS B 132 40.04 -1.70 -8.45
C LYS B 132 38.66 -1.08 -8.68
N VAL B 133 38.59 -0.05 -9.51
CA VAL B 133 37.32 0.62 -9.89
C VAL B 133 37.17 0.49 -11.41
N CYS B 134 36.11 -0.14 -11.88
CA CYS B 134 35.84 -0.32 -13.34
C CYS B 134 35.06 0.88 -13.86
N ASN B 135 35.41 1.36 -15.05
CA ASN B 135 34.65 2.45 -15.73
C ASN B 135 33.21 1.98 -15.95
N PRO B 136 32.18 2.72 -15.46
CA PRO B 136 30.78 2.39 -15.73
C PRO B 136 30.49 2.21 -17.22
N ASP B 137 31.14 3.01 -18.06
CA ASP B 137 31.00 2.93 -19.54
C ASP B 137 31.43 1.54 -20.02
N ASN B 138 32.62 1.10 -19.63
CA ASN B 138 33.17 -0.22 -20.05
C ASN B 138 33.60 -0.99 -18.81
N PRO B 139 32.87 -2.06 -18.41
CA PRO B 139 33.21 -2.82 -17.21
C PRO B 139 34.59 -3.48 -17.31
N GLN B 140 35.06 -3.70 -18.53
CA GLN B 140 36.36 -4.38 -18.78
C GLN B 140 37.50 -3.45 -18.34
N GLU B 141 37.34 -2.15 -18.46
CA GLU B 141 38.41 -1.16 -18.11
C GLU B 141 38.26 -0.81 -16.62
N CYS B 142 39.15 -1.33 -15.77
CA CYS B 142 39.11 -1.10 -14.30
C CYS B 142 40.42 -0.43 -13.87
N LEU B 143 40.36 0.62 -13.05
CA LEU B 143 41.55 1.37 -12.58
C LEU B 143 41.86 1.03 -11.12
N LEU B 144 43.14 0.90 -10.81
CA LEU B 144 43.63 0.85 -9.41
C LEU B 144 43.87 2.29 -8.93
N LEU B 145 43.85 2.47 -7.62
CA LEU B 145 44.07 3.78 -7.00
C LEU B 145 45.47 4.27 -7.30
N GLU B 146 46.47 3.43 -7.04
CA GLU B 146 47.91 3.85 -7.09
C GLU B 146 48.16 4.60 -8.38
N PRO B 147 47.92 4.00 -9.58
CA PRO B 147 48.24 4.68 -10.86
C PRO B 147 47.06 5.47 -11.46
N GLY B 148 45.93 4.81 -11.81
CA GLY B 148 44.85 5.43 -12.57
C GLY B 148 44.07 6.44 -11.76
N LEU B 149 43.45 5.99 -10.68
CA LEU B 149 42.60 6.88 -9.84
C LEU B 149 43.42 8.11 -9.38
N ASN B 150 44.65 7.91 -8.92
CA ASN B 150 45.49 9.03 -8.44
C ASN B 150 45.73 10.02 -9.59
N GLU B 151 46.02 9.53 -10.79
CA GLU B 151 46.25 10.41 -11.96
C GLU B 151 45.01 11.30 -12.20
N ILE B 152 43.83 10.70 -12.17
CA ILE B 152 42.57 11.45 -12.40
C ILE B 152 42.43 12.51 -11.31
N MET B 153 42.58 12.10 -10.05
CA MET B 153 42.37 13.01 -8.89
C MET B 153 43.41 14.11 -8.89
N ALA B 154 44.57 13.89 -9.50
CA ALA B 154 45.67 14.89 -9.52
C ALA B 154 45.70 15.71 -10.80
N ASN B 155 45.07 15.26 -11.89
CA ASN B 155 45.18 15.96 -13.20
C ASN B 155 43.79 16.34 -13.72
N SER B 156 42.82 15.42 -13.66
CA SER B 156 41.49 15.65 -14.28
C SER B 156 40.87 16.95 -13.76
N LEU B 157 40.32 17.76 -14.66
CA LEU B 157 39.53 18.97 -14.31
C LEU B 157 38.06 18.77 -14.63
N ASP B 158 37.67 17.56 -15.01
CA ASP B 158 36.25 17.22 -15.26
C ASP B 158 35.60 16.93 -13.89
N TYR B 159 34.70 17.82 -13.47
CA TYR B 159 33.91 17.63 -12.22
C TYR B 159 33.35 16.22 -12.19
N ASN B 160 32.73 15.79 -13.28
CA ASN B 160 32.05 14.47 -13.36
C ASN B 160 33.08 13.36 -13.17
N GLU B 161 34.19 13.44 -13.89
CA GLU B 161 35.24 12.39 -13.83
C GLU B 161 35.80 12.31 -12.39
N ARG B 162 36.14 13.46 -11.81
CA ARG B 162 36.69 13.54 -10.44
C ARG B 162 35.66 12.96 -9.46
N LEU B 163 34.40 13.34 -9.62
CA LEU B 163 33.33 12.83 -8.73
C LEU B 163 33.25 11.30 -8.83
N TRP B 164 33.31 10.76 -10.06
CA TRP B 164 33.26 9.30 -10.27
C TRP B 164 34.38 8.59 -9.48
N ALA B 165 35.63 9.00 -9.73
CA ALA B 165 36.80 8.38 -9.07
C ALA B 165 36.66 8.46 -7.54
N TRP B 166 36.35 9.67 -7.03
CA TRP B 166 36.22 9.90 -5.58
C TRP B 166 35.17 8.94 -5.01
N GLU B 167 33.94 8.99 -5.54
CA GLU B 167 32.84 8.15 -4.97
C GLU B 167 33.15 6.67 -5.20
N SER B 168 33.57 6.31 -6.42
CA SER B 168 33.79 4.87 -6.75
C SER B 168 34.85 4.27 -5.78
N TRP B 169 35.91 5.03 -5.47
CA TRP B 169 36.96 4.54 -4.55
C TRP B 169 36.32 4.20 -3.20
N ARG B 170 35.43 5.06 -2.69
CA ARG B 170 34.81 4.83 -1.35
C ARG B 170 33.72 3.76 -1.45
N SER B 171 32.95 3.74 -2.54
CA SER B 171 31.85 2.76 -2.74
C SER B 171 32.39 1.33 -2.95
N GLU B 172 33.55 1.14 -3.55
CA GLU B 172 34.05 -0.23 -3.87
C GLU B 172 34.98 -0.73 -2.77
N VAL B 173 35.99 0.04 -2.42
CA VAL B 173 37.01 -0.39 -1.43
C VAL B 173 36.53 0.03 -0.03
N GLY B 174 35.95 1.23 0.10
CA GLY B 174 35.60 1.70 1.45
C GLY B 174 34.64 0.76 2.17
N LYS B 175 33.64 0.23 1.49
CA LYS B 175 32.71 -0.74 2.09
C LYS B 175 33.47 -2.01 2.51
N GLN B 176 34.36 -2.50 1.65
CA GLN B 176 35.13 -3.72 1.97
C GLN B 176 35.95 -3.57 3.27
N LEU B 177 36.30 -2.33 3.65
CA LEU B 177 37.12 -2.09 4.85
C LEU B 177 36.22 -1.89 6.07
N ARG B 178 34.97 -1.41 5.91
CA ARG B 178 34.08 -1.08 7.05
C ARG B 178 34.07 -2.18 8.12
N PRO B 179 33.66 -3.44 7.84
CA PRO B 179 33.61 -4.49 8.85
C PRO B 179 35.01 -4.80 9.45
N LEU B 180 36.02 -4.89 8.58
CA LEU B 180 37.40 -5.19 9.03
C LEU B 180 37.84 -4.12 10.02
N TYR B 181 37.65 -2.85 9.68
CA TYR B 181 38.11 -1.72 10.52
C TYR B 181 37.45 -1.82 11.91
N GLU B 182 36.15 -2.13 11.92
CA GLU B 182 35.39 -2.33 13.19
C GLU B 182 36.10 -3.38 14.07
N GLU B 183 36.29 -4.61 13.55
CA GLU B 183 37.02 -5.65 14.33
C GLU B 183 38.40 -5.10 14.73
N TYR B 184 39.16 -4.58 13.77
CA TYR B 184 40.51 -4.00 14.05
C TYR B 184 40.46 -3.15 15.31
N VAL B 185 39.53 -2.20 15.35
CA VAL B 185 39.38 -1.24 16.50
C VAL B 185 39.28 -2.03 17.81
N VAL B 186 38.39 -3.03 17.82
CA VAL B 186 38.12 -3.87 19.04
C VAL B 186 39.42 -4.53 19.51
N LEU B 187 40.03 -5.32 18.63
CA LEU B 187 41.27 -6.07 18.96
C LEU B 187 42.35 -5.09 19.39
N LYS B 188 42.52 -4.00 18.65
CA LYS B 188 43.58 -3.00 18.94
C LYS B 188 43.37 -2.48 20.37
N ASN B 189 42.14 -2.07 20.70
CA ASN B 189 41.85 -1.55 22.07
C ASN B 189 42.22 -2.62 23.10
N GLU B 190 41.68 -3.83 22.97
CA GLU B 190 42.03 -4.93 23.90
C GLU B 190 43.54 -4.97 24.12
N MET B 191 44.33 -5.11 23.05
CA MET B 191 45.80 -5.25 23.18
C MET B 191 46.35 -4.09 24.02
N ALA B 192 46.03 -2.86 23.67
CA ALA B 192 46.57 -1.66 24.37
C ALA B 192 46.10 -1.66 25.82
N ARG B 193 44.82 -1.94 26.07
CA ARG B 193 44.26 -2.04 27.45
C ARG B 193 45.08 -3.08 28.25
N ALA B 194 45.34 -4.23 27.64
CA ALA B 194 46.16 -5.29 28.25
C ALA B 194 47.61 -4.80 28.38
N ASN B 195 48.08 -3.92 27.50
CA ASN B 195 49.41 -3.26 27.65
C ASN B 195 49.31 -2.02 28.57
N HIS B 196 48.31 -1.94 29.46
CA HIS B 196 48.12 -0.84 30.43
C HIS B 196 47.94 0.48 29.68
N TYR B 197 46.87 0.63 28.92
CA TYR B 197 46.55 1.90 28.20
C TYR B 197 45.03 2.09 28.16
N GLU B 198 44.58 3.33 28.15
CA GLU B 198 43.11 3.63 28.15
C GLU B 198 42.52 3.03 26.87
N ASP B 199 43.17 3.26 25.72
CA ASP B 199 42.69 2.81 24.39
C ASP B 199 43.88 2.72 23.44
N TYR B 200 43.63 2.32 22.18
CA TYR B 200 44.71 2.29 21.16
C TYR B 200 45.20 3.72 20.87
N GLY B 201 44.32 4.72 20.99
CA GLY B 201 44.71 6.13 20.85
C GLY B 201 45.74 6.53 21.89
N ASP B 202 45.48 6.15 23.14
CA ASP B 202 46.43 6.42 24.25
C ASP B 202 47.72 5.66 23.96
N TYR B 203 47.63 4.41 23.53
CA TYR B 203 48.81 3.60 23.13
C TYR B 203 49.68 4.43 22.15
N TRP B 204 49.05 5.05 21.13
CA TRP B 204 49.73 5.86 20.10
C TRP B 204 50.26 7.19 20.68
N ARG B 205 49.60 7.77 21.66
CA ARG B 205 50.05 9.06 22.28
C ARG B 205 51.21 8.80 23.27
N GLY B 206 51.56 7.57 23.58
CA GLY B 206 52.74 7.22 24.40
C GLY B 206 54.05 7.66 23.83
N ASP B 207 54.16 7.87 22.52
CA ASP B 207 55.41 8.33 21.88
C ASP B 207 55.90 9.65 22.53
N TYR B 208 55.02 10.64 22.65
CA TYR B 208 55.37 11.98 23.15
C TYR B 208 55.36 12.02 24.68
N GLU B 209 55.24 10.88 25.37
CA GLU B 209 55.02 10.87 26.84
C GLU B 209 56.37 10.85 27.51
N VAL B 210 56.61 11.77 28.45
CA VAL B 210 57.88 11.85 29.23
C VAL B 210 57.56 11.83 30.71
N ASN B 211 58.29 11.05 31.50
CA ASN B 211 58.10 10.89 32.96
C ASN B 211 59.46 10.85 33.67
N GLY B 212 59.45 11.13 34.98
CA GLY B 212 60.64 11.13 35.86
C GLY B 212 61.73 12.10 35.41
N VAL B 213 61.35 13.26 34.87
CA VAL B 213 62.28 14.35 34.46
C VAL B 213 61.77 15.67 35.04
N ASP B 214 62.67 16.53 35.52
CA ASP B 214 62.32 17.80 36.21
C ASP B 214 61.92 18.84 35.14
N GLY B 215 60.62 19.16 35.04
CA GLY B 215 60.09 20.16 34.10
C GLY B 215 60.01 19.68 32.65
N TYR B 216 60.59 18.53 32.29
CA TYR B 216 60.60 17.98 30.91
C TYR B 216 59.55 16.88 30.77
N ASP B 217 58.75 16.64 31.81
CA ASP B 217 57.70 15.58 31.76
C ASP B 217 56.56 16.02 30.86
N TYR B 218 55.92 15.06 30.19
CA TYR B 218 54.83 15.35 29.21
C TYR B 218 53.83 14.21 29.23
N SER B 219 52.55 14.51 29.45
CA SER B 219 51.47 13.49 29.55
C SER B 219 50.99 13.12 28.14
N ARG B 220 50.48 11.90 27.99
CA ARG B 220 49.92 11.43 26.69
C ARG B 220 48.68 12.28 26.36
N GLY B 221 47.84 12.56 27.35
CA GLY B 221 46.69 13.48 27.21
C GLY B 221 47.10 14.89 26.81
N GLN B 222 48.21 15.37 27.37
CA GLN B 222 48.78 16.73 27.06
C GLN B 222 48.85 16.95 25.54
N LEU B 223 49.33 15.94 24.80
CA LEU B 223 49.45 15.99 23.33
C LEU B 223 48.13 16.52 22.73
N ILE B 224 47.01 15.92 23.11
CA ILE B 224 45.66 16.26 22.57
C ILE B 224 45.46 17.78 22.77
N GLU B 225 45.58 18.23 24.00
CA GLU B 225 45.38 19.64 24.41
C GLU B 225 46.30 20.54 23.54
N ASP B 226 47.59 20.23 23.52
CA ASP B 226 48.60 21.00 22.76
C ASP B 226 48.20 21.08 21.28
N VAL B 227 47.89 19.95 20.67
CA VAL B 227 47.54 19.89 19.22
C VAL B 227 46.36 20.83 19.01
N GLU B 228 45.32 20.67 19.81
CA GLU B 228 44.05 21.47 19.67
C GLU B 228 44.40 22.94 19.85
N HIS B 229 45.12 23.28 20.91
CA HIS B 229 45.52 24.69 21.21
C HIS B 229 46.23 25.30 20.01
N THR B 230 47.28 24.64 19.53
CA THR B 230 48.09 25.14 18.39
C THR B 230 47.18 25.29 17.16
N PHE B 231 46.31 24.30 16.92
CA PHE B 231 45.40 24.30 15.76
C PHE B 231 44.55 25.58 15.76
N GLU B 232 44.05 26.00 16.93
CA GLU B 232 43.19 27.22 17.01
C GLU B 232 43.96 28.46 16.53
N GLU B 233 45.28 28.49 16.71
CA GLU B 233 46.11 29.65 16.34
C GLU B 233 46.34 29.66 14.83
N ILE B 234 46.27 28.51 14.15
CA ILE B 234 46.49 28.42 12.67
C ILE B 234 45.18 28.68 11.96
N LYS B 235 44.04 28.33 12.56
CA LYS B 235 42.68 28.50 11.93
C LYS B 235 42.60 29.78 11.08
N PRO B 236 42.83 30.99 11.61
CA PRO B 236 42.79 32.23 10.83
C PRO B 236 43.48 32.16 9.47
N LEU B 237 44.76 31.82 9.46
CA LEU B 237 45.55 31.71 8.20
C LEU B 237 44.87 30.71 7.25
N TYR B 238 44.50 29.53 7.74
CA TYR B 238 43.89 28.48 6.92
C TYR B 238 42.57 29.01 6.32
N GLU B 239 41.77 29.73 7.12
CA GLU B 239 40.48 30.31 6.65
C GLU B 239 40.70 31.18 5.40
N HIS B 240 41.68 32.04 5.45
CA HIS B 240 42.06 32.91 4.31
C HIS B 240 42.49 32.07 3.12
N LEU B 241 43.38 31.09 3.35
CA LEU B 241 43.82 30.15 2.27
C LEU B 241 42.59 29.47 1.68
N HIS B 242 41.71 28.94 2.53
CA HIS B 242 40.47 28.25 2.08
C HIS B 242 39.65 29.21 1.19
N ALA B 243 39.40 30.42 1.68
CA ALA B 243 38.57 31.43 0.96
C ALA B 243 39.21 31.73 -0.40
N TYR B 244 40.51 31.99 -0.42
CA TYR B 244 41.26 32.22 -1.70
C TYR B 244 41.08 31.03 -2.66
N VAL B 245 41.34 29.82 -2.19
CA VAL B 245 41.22 28.59 -3.05
C VAL B 245 39.77 28.48 -3.54
N ARG B 246 38.80 28.63 -2.63
CA ARG B 246 37.36 28.55 -3.02
C ARG B 246 37.10 29.50 -4.20
N ALA B 247 37.51 30.77 -4.07
CA ALA B 247 37.32 31.79 -5.14
C ALA B 247 37.85 31.25 -6.47
N LYS B 248 39.09 30.81 -6.46
CA LYS B 248 39.74 30.29 -7.70
C LYS B 248 39.01 29.04 -8.21
N LEU B 249 38.65 28.12 -7.31
CA LEU B 249 37.98 26.88 -7.70
C LEU B 249 36.60 27.20 -8.29
N MET B 250 35.96 28.28 -7.82
CA MET B 250 34.66 28.74 -8.38
C MET B 250 34.79 29.03 -9.88
N ASN B 251 35.92 29.57 -10.30
CA ASN B 251 36.21 29.86 -11.73
C ASN B 251 36.46 28.53 -12.46
N ALA B 252 37.32 27.67 -11.92
CA ALA B 252 37.63 26.34 -12.50
C ALA B 252 36.38 25.47 -12.59
N TYR B 253 35.49 25.51 -11.60
CA TYR B 253 34.25 24.71 -11.53
C TYR B 253 33.08 25.66 -11.30
N PRO B 254 32.56 26.32 -12.36
CA PRO B 254 31.42 27.25 -12.19
C PRO B 254 30.13 26.47 -11.91
N SER B 255 29.18 27.10 -11.23
CA SER B 255 27.88 26.49 -10.83
C SER B 255 28.11 25.18 -10.04
N TYR B 256 29.17 25.12 -9.25
CA TYR B 256 29.58 23.92 -8.50
C TYR B 256 29.97 24.25 -7.06
N ILE B 257 30.49 25.45 -6.80
CA ILE B 257 31.00 25.86 -5.48
C ILE B 257 30.20 27.09 -5.04
N SER B 258 29.73 27.06 -3.79
CA SER B 258 29.12 28.20 -3.12
C SER B 258 30.24 29.09 -2.55
N PRO B 259 30.20 30.42 -2.79
CA PRO B 259 31.21 31.33 -2.26
C PRO B 259 31.19 31.48 -0.73
N ILE B 260 30.16 30.97 -0.07
CA ILE B 260 30.04 30.97 1.41
C ILE B 260 30.05 29.57 1.99
N GLY B 261 30.09 28.53 1.15
CA GLY B 261 29.99 27.15 1.59
C GLY B 261 31.35 26.47 1.70
N CYS B 262 31.35 25.18 2.03
CA CYS B 262 32.57 24.35 2.11
C CYS B 262 33.03 23.99 0.69
N LEU B 263 34.12 23.25 0.58
CA LEU B 263 34.72 22.87 -0.75
C LEU B 263 34.35 21.41 -1.04
N PRO B 264 33.80 21.11 -2.25
CA PRO B 264 33.55 19.72 -2.63
C PRO B 264 34.83 18.88 -2.48
N ALA B 265 34.74 17.72 -1.82
CA ALA B 265 35.93 16.91 -1.45
C ALA B 265 36.62 16.33 -2.70
N HIS B 266 35.90 16.17 -3.82
CA HIS B 266 36.49 15.55 -5.04
C HIS B 266 37.21 16.58 -5.92
N LEU B 267 37.35 17.81 -5.44
CA LEU B 267 38.04 18.89 -6.23
C LEU B 267 39.29 19.40 -5.52
N LEU B 268 39.85 18.67 -4.56
CA LEU B 268 40.95 19.21 -3.70
C LEU B 268 42.33 18.85 -4.28
N GLY B 269 42.39 18.27 -5.47
CA GLY B 269 43.63 17.98 -6.18
C GLY B 269 44.20 16.58 -5.89
N ASP B 270 43.57 15.79 -5.05
CA ASP B 270 43.97 14.41 -4.74
C ASP B 270 42.74 13.61 -4.29
N MET B 271 42.95 12.32 -4.00
CA MET B 271 41.84 11.42 -3.66
C MET B 271 41.19 11.81 -2.33
N TRP B 272 41.96 12.18 -1.32
CA TRP B 272 41.46 12.48 0.06
C TRP B 272 41.45 13.97 0.38
N GLY B 273 42.11 14.82 -0.38
CA GLY B 273 42.38 16.22 0.00
C GLY B 273 43.49 16.39 1.07
N ARG B 274 44.31 15.37 1.27
CA ARG B 274 45.43 15.51 2.23
C ARG B 274 46.22 16.79 1.90
N PHE B 275 46.78 16.88 0.69
CA PHE B 275 47.51 18.11 0.25
C PHE B 275 46.69 18.86 -0.81
N TRP B 276 46.90 20.16 -0.94
CA TRP B 276 46.24 20.99 -2.00
C TRP B 276 47.26 21.33 -3.09
N THR B 277 48.39 20.62 -3.12
CA THR B 277 49.53 20.93 -4.01
C THR B 277 49.09 20.95 -5.48
N ASN B 278 48.27 20.00 -5.90
CA ASN B 278 47.77 19.91 -7.29
C ASN B 278 46.72 21.00 -7.60
N LEU B 279 46.29 21.83 -6.65
CA LEU B 279 45.43 23.01 -6.94
C LEU B 279 46.24 24.22 -7.37
N TYR B 280 47.57 24.17 -7.38
CA TYR B 280 48.40 25.35 -7.69
C TYR B 280 48.14 25.89 -9.11
N SER B 281 48.10 25.03 -10.11
CA SER B 281 47.72 25.38 -11.52
C SER B 281 46.48 26.29 -11.57
N LEU B 282 45.53 26.12 -10.65
CA LEU B 282 44.26 26.88 -10.64
C LEU B 282 44.35 28.01 -9.62
N THR B 283 45.39 28.10 -8.78
CA THR B 283 45.47 29.14 -7.73
C THR B 283 46.76 29.94 -7.83
N VAL B 284 47.52 29.84 -8.93
CA VAL B 284 48.85 30.54 -9.01
C VAL B 284 48.56 32.03 -8.80
N PRO B 285 49.12 32.70 -7.76
CA PRO B 285 48.84 34.11 -7.48
C PRO B 285 49.16 34.98 -8.71
N PHE B 286 50.33 34.76 -9.33
CA PHE B 286 50.81 35.53 -10.50
C PHE B 286 51.21 34.55 -11.61
N GLY B 287 50.24 34.07 -12.39
CA GLY B 287 50.46 33.19 -13.56
C GLY B 287 51.65 33.64 -14.41
N GLN B 288 51.71 34.93 -14.74
CA GLN B 288 52.82 35.51 -15.55
C GLN B 288 54.17 35.24 -14.88
N LYS B 289 54.25 35.27 -13.55
CA LYS B 289 55.52 35.01 -12.82
C LYS B 289 55.75 33.50 -12.70
N PRO B 290 56.91 32.94 -13.11
CA PRO B 290 57.25 31.53 -12.87
C PRO B 290 57.88 31.35 -11.47
N ASN B 291 58.51 30.19 -11.23
CA ASN B 291 59.30 29.95 -10.00
C ASN B 291 60.67 29.40 -10.38
N ILE B 292 61.63 29.68 -9.49
CA ILE B 292 63.04 29.27 -9.71
C ILE B 292 63.10 27.80 -10.15
N ASP B 293 63.80 27.56 -11.24
CA ASP B 293 63.98 26.17 -11.75
C ASP B 293 65.40 26.02 -12.30
N VAL B 294 66.35 25.73 -11.42
CA VAL B 294 67.80 25.66 -11.76
C VAL B 294 68.19 24.28 -12.28
N THR B 295 67.24 23.37 -12.53
CA THR B 295 67.50 22.07 -13.23
C THR B 295 68.23 22.30 -14.57
N ASP B 296 67.80 23.30 -15.34
CA ASP B 296 68.44 23.66 -16.63
C ASP B 296 69.90 24.04 -16.39
N ALA B 297 70.16 24.93 -15.43
CA ALA B 297 71.54 25.33 -15.07
C ALA B 297 72.35 24.08 -14.68
N MET B 298 71.74 23.17 -13.91
CA MET B 298 72.38 21.90 -13.48
C MET B 298 72.86 21.15 -14.73
N VAL B 299 71.94 20.89 -15.66
CA VAL B 299 72.26 20.10 -16.89
C VAL B 299 73.30 20.90 -17.70
N ASP B 300 73.12 22.21 -17.79
CA ASP B 300 74.01 23.12 -18.57
C ASP B 300 75.42 23.04 -17.96
N GLN B 301 75.54 23.01 -16.64
CA GLN B 301 76.84 22.90 -15.94
C GLN B 301 77.17 21.43 -15.69
N ALA B 302 76.51 20.48 -16.37
CA ALA B 302 76.74 19.03 -16.22
C ALA B 302 76.74 18.62 -14.74
N TRP B 303 75.60 18.79 -14.08
CA TRP B 303 75.42 18.42 -12.65
C TRP B 303 75.01 16.95 -12.56
N ASP B 304 75.96 16.02 -12.44
CA ASP B 304 75.65 14.58 -12.22
C ASP B 304 75.15 14.40 -10.77
N ALA B 305 74.61 13.22 -10.50
CA ALA B 305 74.10 12.86 -9.15
C ALA B 305 75.22 13.07 -8.13
N GLN B 306 76.43 12.57 -8.39
CA GLN B 306 77.58 12.70 -7.46
C GLN B 306 77.87 14.19 -7.18
N ARG B 307 77.92 15.00 -8.24
CA ARG B 307 78.13 16.46 -8.07
C ARG B 307 77.06 17.04 -7.14
N ILE B 308 75.79 16.76 -7.41
CA ILE B 308 74.68 17.36 -6.61
C ILE B 308 74.84 16.90 -5.15
N PHE B 309 75.21 15.63 -4.94
CA PHE B 309 75.40 15.05 -3.58
C PHE B 309 76.53 15.80 -2.87
N LYS B 310 77.63 16.05 -3.58
CA LYS B 310 78.78 16.81 -3.01
C LYS B 310 78.29 18.17 -2.56
N GLU B 311 77.51 18.87 -3.39
CA GLU B 311 76.89 20.17 -3.01
C GLU B 311 76.15 20.02 -1.66
N ALA B 312 75.36 18.95 -1.53
CA ALA B 312 74.66 18.63 -0.25
C ALA B 312 75.73 18.59 0.84
N GLU B 313 76.72 17.71 0.69
CA GLU B 313 77.84 17.53 1.68
C GLU B 313 78.42 18.90 2.03
N LYS B 314 78.78 19.68 1.00
CA LYS B 314 79.35 21.04 1.15
C LYS B 314 78.46 21.85 2.09
N PHE B 315 77.18 21.92 1.80
CA PHE B 315 76.19 22.70 2.61
C PHE B 315 76.32 22.30 4.10
N PHE B 316 76.24 21.01 4.39
CA PHE B 316 76.28 20.50 5.80
C PHE B 316 77.61 20.90 6.45
N VAL B 317 78.71 20.66 5.73
CA VAL B 317 80.08 21.02 6.22
C VAL B 317 80.12 22.53 6.44
N SER B 318 79.48 23.32 5.57
CA SER B 318 79.43 24.80 5.68
C SER B 318 78.80 25.21 7.02
N VAL B 319 77.78 24.49 7.45
CA VAL B 319 77.07 24.79 8.73
C VAL B 319 77.82 24.11 9.88
N GLY B 320 78.89 23.35 9.60
CA GLY B 320 79.77 22.72 10.59
C GLY B 320 79.29 21.33 10.95
N LEU B 321 78.84 20.54 9.96
CA LEU B 321 78.40 19.13 10.21
C LEU B 321 79.46 18.18 9.68
N PRO B 322 79.74 17.05 10.39
CA PRO B 322 80.83 16.14 10.00
C PRO B 322 80.78 15.71 8.52
N ASN B 323 81.95 15.58 7.92
CA ASN B 323 82.13 15.25 6.47
C ASN B 323 81.47 13.90 6.19
N MET B 324 80.85 13.73 5.01
CA MET B 324 80.20 12.44 4.65
C MET B 324 81.25 11.32 4.76
N THR B 325 80.89 10.20 5.40
CA THR B 325 81.77 9.00 5.52
C THR B 325 82.27 8.63 4.12
N GLN B 326 83.57 8.38 3.96
CA GLN B 326 84.13 7.82 2.69
C GLN B 326 83.31 6.59 2.28
N GLY B 327 83.01 5.71 3.24
CA GLY B 327 82.15 4.54 3.07
C GLY B 327 80.85 4.88 2.35
N PHE B 328 80.20 5.99 2.76
CA PHE B 328 78.95 6.48 2.09
C PHE B 328 79.23 6.56 0.58
N TRP B 329 80.23 7.34 0.21
CA TRP B 329 80.61 7.57 -1.21
C TRP B 329 80.89 6.22 -1.88
N GLU B 330 81.59 5.33 -1.17
CA GLU B 330 81.94 3.97 -1.68
C GLU B 330 80.65 3.19 -1.97
N ASN B 331 79.87 2.88 -0.94
CA ASN B 331 78.66 2.03 -1.03
C ASN B 331 77.44 2.94 -0.87
N SER B 332 76.81 3.31 -1.98
CA SER B 332 75.55 4.11 -2.01
C SER B 332 75.01 4.17 -3.43
N MET B 333 73.78 3.69 -3.66
CA MET B 333 73.12 3.82 -4.98
C MET B 333 72.72 5.29 -5.13
N LEU B 334 73.56 6.09 -5.74
CA LEU B 334 73.30 7.54 -5.95
C LEU B 334 72.73 7.78 -7.33
N THR B 335 72.51 6.74 -8.14
CA THR B 335 72.01 6.89 -9.53
C THR B 335 71.33 5.60 -9.98
N ASP B 336 70.39 5.70 -10.91
CA ASP B 336 69.68 4.52 -11.48
C ASP B 336 70.69 3.51 -11.99
N PRO B 337 70.51 2.19 -11.72
CA PRO B 337 71.40 1.16 -12.26
C PRO B 337 71.38 1.22 -13.80
N GLY B 338 70.20 1.37 -14.41
CA GLY B 338 70.09 1.51 -15.88
C GLY B 338 70.31 0.19 -16.59
N ASN B 339 71.29 -0.63 -16.19
CA ASN B 339 71.59 -1.95 -16.75
C ASN B 339 70.52 -2.96 -16.33
N VAL B 340 70.75 -4.25 -16.63
CA VAL B 340 69.84 -5.36 -16.26
C VAL B 340 69.59 -5.30 -14.75
N GLN B 341 70.58 -4.83 -13.96
CA GLN B 341 70.43 -4.70 -12.50
C GLN B 341 69.07 -4.09 -12.16
N LYS B 342 68.28 -4.77 -11.34
CA LYS B 342 66.93 -4.30 -10.93
C LYS B 342 67.01 -3.82 -9.47
N ALA B 343 66.80 -2.53 -9.23
CA ALA B 343 66.88 -1.95 -7.87
C ALA B 343 65.74 -0.97 -7.63
N VAL B 344 65.10 -1.03 -6.45
CA VAL B 344 64.03 -0.09 -6.05
C VAL B 344 64.63 1.33 -6.08
N CYS B 345 63.82 2.35 -6.27
CA CYS B 345 64.31 3.75 -6.36
C CYS B 345 63.34 4.69 -5.62
N HIS B 346 63.44 4.65 -4.28
CA HIS B 346 62.85 5.66 -3.36
C HIS B 346 63.98 6.28 -2.54
N PRO B 347 64.18 7.63 -2.57
CA PRO B 347 65.21 8.29 -1.77
C PRO B 347 65.12 7.83 -0.31
N THR B 348 66.19 7.21 0.19
CA THR B 348 66.21 6.59 1.53
C THR B 348 67.62 6.65 2.12
N ALA B 349 67.74 7.12 3.36
CA ALA B 349 69.01 7.09 4.12
C ALA B 349 69.07 5.77 4.89
N TRP B 350 70.24 5.11 4.96
CA TRP B 350 70.37 3.78 5.60
C TRP B 350 71.39 3.87 6.74
N ASP B 351 70.98 3.55 7.97
CA ASP B 351 71.92 3.33 9.09
C ASP B 351 72.12 1.83 9.26
N LEU B 352 72.82 1.18 8.32
CA LEU B 352 73.04 -0.30 8.38
C LEU B 352 73.66 -0.72 9.73
N GLY B 353 74.38 0.17 10.38
CA GLY B 353 74.95 -0.06 11.72
C GLY B 353 76.45 -0.14 11.65
N LYS B 354 77.12 -0.25 12.80
CA LYS B 354 78.58 -0.48 12.88
C LYS B 354 79.29 0.54 11.98
N GLY B 355 78.89 1.81 12.08
CA GLY B 355 79.34 2.93 11.24
C GLY B 355 79.09 2.74 9.74
N ASP B 356 77.87 2.36 9.36
CA ASP B 356 77.49 2.19 7.93
C ASP B 356 76.30 3.11 7.60
N PHE B 357 76.54 4.13 6.78
CA PHE B 357 75.56 5.18 6.42
C PHE B 357 75.49 5.25 4.89
N ARG B 358 74.42 4.73 4.30
CA ARG B 358 74.28 4.65 2.82
C ARG B 358 73.02 5.41 2.38
N ILE B 359 73.00 5.86 1.13
CA ILE B 359 71.80 6.49 0.51
C ILE B 359 71.46 5.74 -0.78
N LEU B 360 70.21 5.30 -0.92
CA LEU B 360 69.71 4.62 -2.14
C LEU B 360 68.69 5.50 -2.85
N MET B 361 68.97 5.91 -4.09
CA MET B 361 67.98 6.69 -4.89
C MET B 361 68.38 6.79 -6.36
N CYS B 362 67.40 6.65 -7.26
CA CYS B 362 67.57 6.87 -8.73
C CYS B 362 67.68 8.39 -8.95
N THR B 363 68.84 8.97 -8.65
CA THR B 363 69.02 10.44 -8.73
C THR B 363 69.11 10.86 -10.20
N LYS B 364 68.54 12.02 -10.55
CA LYS B 364 68.60 12.63 -11.91
C LYS B 364 69.08 14.08 -11.77
N VAL B 365 69.34 14.73 -12.91
CA VAL B 365 69.83 16.14 -12.95
C VAL B 365 68.56 17.02 -12.86
N THR B 366 68.05 17.23 -11.66
CA THR B 366 66.79 17.99 -11.42
C THR B 366 66.90 18.77 -10.13
N MET B 367 66.33 19.98 -10.10
CA MET B 367 66.29 20.83 -8.88
C MET B 367 65.68 20.02 -7.73
N ASP B 368 64.58 19.31 -8.00
CA ASP B 368 63.90 18.42 -7.02
C ASP B 368 64.92 17.43 -6.45
N ASP B 369 65.61 16.70 -7.32
CA ASP B 369 66.61 15.70 -6.88
C ASP B 369 67.69 16.37 -6.02
N PHE B 370 68.13 17.56 -6.44
CA PHE B 370 69.12 18.36 -5.67
C PHE B 370 68.61 18.53 -4.23
N LEU B 371 67.38 19.02 -4.08
CA LEU B 371 66.78 19.28 -2.75
C LEU B 371 66.55 17.96 -2.00
N THR B 372 66.11 16.93 -2.73
CA THR B 372 65.93 15.57 -2.14
C THR B 372 67.26 15.06 -1.57
N ALA B 373 68.37 15.30 -2.27
CA ALA B 373 69.72 14.92 -1.79
C ALA B 373 69.96 15.56 -0.42
N HIS B 374 69.72 16.87 -0.31
CA HIS B 374 69.86 17.61 0.98
C HIS B 374 69.00 16.93 2.06
N HIS B 375 67.72 16.67 1.73
CA HIS B 375 66.75 16.03 2.66
C HIS B 375 67.29 14.69 3.17
N GLU B 376 67.64 13.80 2.22
CA GLU B 376 68.16 12.45 2.56
C GLU B 376 69.44 12.58 3.40
N MET B 377 70.37 13.43 2.96
CA MET B 377 71.65 13.62 3.67
C MET B 377 71.40 14.18 5.08
N GLY B 378 70.39 15.04 5.24
CA GLY B 378 69.94 15.54 6.54
C GLY B 378 69.69 14.38 7.52
N HIS B 379 68.96 13.36 7.05
CA HIS B 379 68.66 12.15 7.88
C HIS B 379 69.97 11.46 8.23
N ILE B 380 70.84 11.25 7.23
CA ILE B 380 72.17 10.61 7.46
C ILE B 380 72.90 11.37 8.58
N GLN B 381 72.94 12.71 8.48
CA GLN B 381 73.64 13.54 9.50
C GLN B 381 73.05 13.24 10.89
N TYR B 382 71.73 13.20 11.00
CA TYR B 382 71.04 12.87 12.28
C TYR B 382 71.49 11.48 12.76
N ASP B 383 71.43 10.50 11.86
CA ASP B 383 71.86 9.11 12.16
C ASP B 383 73.29 9.16 12.72
N MET B 384 74.21 9.71 11.94
CA MET B 384 75.65 9.78 12.33
C MET B 384 75.76 10.42 13.72
N ALA B 385 75.04 11.51 13.96
CA ALA B 385 75.10 12.26 15.24
C ALA B 385 74.68 11.35 16.41
N TYR B 386 73.59 10.60 16.28
CA TYR B 386 73.10 9.77 17.41
C TYR B 386 73.66 8.35 17.30
N ALA B 387 74.56 8.08 16.35
CA ALA B 387 75.13 6.72 16.14
C ALA B 387 75.94 6.27 17.36
N ALA B 388 76.50 7.20 18.12
CA ALA B 388 77.27 6.94 19.35
C ALA B 388 76.36 6.70 20.57
N GLN B 389 75.02 6.69 20.42
CA GLN B 389 74.09 6.48 21.56
C GLN B 389 73.92 4.99 21.78
N PRO B 390 73.37 4.52 22.94
CA PRO B 390 73.00 3.11 23.15
C PRO B 390 72.15 2.64 21.96
N PHE B 391 72.42 1.44 21.45
CA PHE B 391 71.71 0.86 20.28
C PHE B 391 70.21 1.22 20.30
N LEU B 392 69.52 1.03 21.42
CA LEU B 392 68.06 1.31 21.51
C LEU B 392 67.77 2.81 21.56
N LEU B 393 68.72 3.63 22.02
CA LEU B 393 68.52 5.10 22.11
C LEU B 393 69.07 5.83 20.86
N ARG B 394 69.21 5.13 19.74
CA ARG B 394 69.66 5.72 18.45
C ARG B 394 68.44 5.95 17.57
N ASN B 395 67.74 7.08 17.82
CA ASN B 395 66.58 7.49 16.99
C ASN B 395 66.21 8.95 17.29
N GLY B 396 65.36 9.56 16.46
CA GLY B 396 64.88 10.91 16.72
C GLY B 396 64.11 10.99 18.05
N ALA B 397 64.28 12.09 18.79
CA ALA B 397 63.65 12.30 20.10
C ALA B 397 62.20 11.80 20.09
N ASN B 398 61.38 12.23 19.13
CA ASN B 398 59.99 11.70 18.93
C ASN B 398 59.87 11.28 17.46
N GLU B 399 58.67 10.89 17.05
CA GLU B 399 58.34 10.45 15.67
C GLU B 399 58.28 11.63 14.69
N GLY B 400 58.31 12.90 15.14
CA GLY B 400 58.23 14.10 14.28
C GLY B 400 59.54 14.87 14.27
N PHE B 401 60.61 14.35 14.86
CA PHE B 401 61.92 15.04 14.96
C PHE B 401 62.72 14.74 13.68
N HIS B 402 62.86 13.47 13.31
CA HIS B 402 63.76 13.02 12.21
C HIS B 402 63.34 13.69 10.90
N GLU B 403 62.06 13.58 10.54
CA GLU B 403 61.55 14.12 9.24
C GLU B 403 61.76 15.64 9.19
N ALA B 404 61.45 16.36 10.27
CA ALA B 404 61.66 17.83 10.39
C ALA B 404 63.10 18.19 10.05
N VAL B 405 64.08 17.42 10.55
CA VAL B 405 65.51 17.67 10.25
C VAL B 405 65.69 17.72 8.72
N GLY B 406 65.25 16.67 8.03
CA GLY B 406 65.33 16.60 6.55
C GLY B 406 64.68 17.82 5.88
N GLU B 407 63.51 18.20 6.38
CA GLU B 407 62.69 19.30 5.80
C GLU B 407 63.46 20.64 5.85
N ILE B 408 63.98 21.01 7.01
CA ILE B 408 64.71 22.31 7.14
C ILE B 408 65.92 22.35 6.20
N MET B 409 66.54 21.21 5.92
CA MET B 409 67.66 21.14 4.96
C MET B 409 67.18 21.59 3.60
N SER B 410 66.17 20.92 3.04
CA SER B 410 65.59 21.30 1.73
C SER B 410 65.19 22.79 1.72
N LEU B 411 64.58 23.26 2.82
CA LEU B 411 64.17 24.69 2.98
C LEU B 411 65.36 25.61 2.64
N SER B 412 66.46 25.50 3.39
CA SER B 412 67.63 26.39 3.24
C SER B 412 68.22 26.23 1.83
N ALA B 413 68.27 25.02 1.31
CA ALA B 413 68.88 24.72 -0.01
C ALA B 413 68.01 25.31 -1.13
N ALA B 414 66.69 25.34 -0.97
CA ALA B 414 65.78 25.83 -2.03
C ALA B 414 65.95 27.34 -2.24
N THR B 415 66.34 28.08 -1.20
CA THR B 415 66.38 29.56 -1.25
C THR B 415 67.19 30.00 -2.47
N PRO B 416 66.69 30.92 -3.33
CA PRO B 416 67.43 31.42 -4.49
C PRO B 416 68.85 31.87 -4.13
N LYS B 417 69.00 32.54 -2.99
CA LYS B 417 70.32 32.84 -2.35
C LYS B 417 71.24 31.61 -2.43
N HIS B 418 70.81 30.48 -1.90
CA HIS B 418 71.62 29.22 -1.85
C HIS B 418 72.00 28.85 -3.27
N LEU B 419 71.04 28.82 -4.18
CA LEU B 419 71.24 28.36 -5.58
C LEU B 419 72.24 29.32 -6.24
N LYS B 420 72.02 30.63 -6.04
CA LYS B 420 72.93 31.67 -6.60
C LYS B 420 74.36 31.49 -6.05
N SER B 421 74.54 31.01 -4.83
CA SER B 421 75.90 30.70 -4.29
C SER B 421 76.29 29.25 -4.62
N ILE B 422 75.32 28.37 -4.92
CA ILE B 422 75.63 26.99 -5.39
C ILE B 422 76.08 27.06 -6.85
N GLY B 423 75.97 28.23 -7.50
CA GLY B 423 76.40 28.47 -8.88
C GLY B 423 75.38 27.90 -9.85
N LEU B 424 74.09 27.99 -9.54
CA LEU B 424 72.99 27.53 -10.42
C LEU B 424 72.06 28.67 -10.85
N LEU B 425 71.86 29.69 -10.02
CA LEU B 425 70.92 30.80 -10.31
C LEU B 425 71.68 32.10 -10.44
N SER B 426 71.95 32.58 -11.66
CA SER B 426 72.77 33.81 -11.87
C SER B 426 72.33 34.89 -10.86
N PRO B 427 73.17 35.31 -9.88
CA PRO B 427 72.75 36.24 -8.84
C PRO B 427 72.31 37.61 -9.39
N ASP B 428 72.73 37.96 -10.60
CA ASP B 428 72.23 39.13 -11.37
C ASP B 428 70.69 39.17 -11.44
N PHE B 429 70.00 38.01 -11.42
CA PHE B 429 68.51 37.96 -11.32
C PHE B 429 68.06 38.63 -10.01
N GLN B 430 66.83 39.16 -10.01
CA GLN B 430 66.20 39.80 -8.82
C GLN B 430 64.93 39.03 -8.46
N GLU B 431 64.88 38.47 -7.25
CA GLU B 431 63.72 37.74 -6.71
C GLU B 431 62.52 38.69 -6.63
N ASP B 432 61.42 38.36 -7.31
CA ASP B 432 60.22 39.22 -7.40
C ASP B 432 59.31 38.84 -6.23
N ASN B 433 58.78 39.85 -5.52
CA ASN B 433 57.81 39.57 -4.43
C ASN B 433 56.65 38.74 -5.00
N GLU B 434 56.22 39.03 -6.23
CA GLU B 434 55.15 38.23 -6.90
C GLU B 434 55.57 36.75 -6.93
N THR B 435 56.79 36.47 -7.37
CA THR B 435 57.31 35.07 -7.37
C THR B 435 57.41 34.58 -5.91
N GLU B 436 57.69 35.45 -4.94
CA GLU B 436 57.68 35.09 -3.49
C GLU B 436 56.26 34.70 -3.08
N ILE B 437 55.26 35.51 -3.38
CA ILE B 437 53.85 35.17 -3.09
C ILE B 437 53.53 33.85 -3.78
N ASN B 438 53.95 33.71 -5.03
CA ASN B 438 53.81 32.45 -5.81
C ASN B 438 54.34 31.27 -4.99
N PHE B 439 55.59 31.33 -4.56
CA PHE B 439 56.31 30.28 -3.78
C PHE B 439 55.53 30.04 -2.47
N LEU B 440 55.20 31.10 -1.75
CA LEU B 440 54.55 30.97 -0.42
C LEU B 440 53.21 30.26 -0.58
N LEU B 441 52.42 30.61 -1.58
CA LEU B 441 51.12 29.93 -1.80
C LEU B 441 51.35 28.43 -2.07
N LYS B 442 52.33 28.10 -2.91
CA LYS B 442 52.60 26.68 -3.28
C LYS B 442 52.92 25.89 -2.01
N GLN B 443 53.79 26.44 -1.17
CA GLN B 443 54.13 25.83 0.13
C GLN B 443 52.90 25.69 1.04
N ALA B 444 52.08 26.74 1.11
CA ALA B 444 50.86 26.73 1.92
C ALA B 444 49.94 25.61 1.47
N LEU B 445 49.85 25.37 0.17
CA LEU B 445 49.00 24.30 -0.41
C LEU B 445 49.43 22.95 0.15
N THR B 446 50.73 22.75 0.35
CA THR B 446 51.25 21.47 0.94
C THR B 446 51.28 21.50 2.48
N ILE B 447 51.76 22.58 3.08
CA ILE B 447 51.97 22.66 4.55
C ILE B 447 50.63 22.95 5.26
N VAL B 448 50.05 24.12 5.01
CA VAL B 448 48.86 24.59 5.80
C VAL B 448 47.68 23.70 5.40
N GLY B 449 47.59 23.32 4.10
CA GLY B 449 46.49 22.50 3.56
C GLY B 449 46.35 21.17 4.30
N THR B 450 47.44 20.53 4.70
CA THR B 450 47.39 19.21 5.38
C THR B 450 47.09 19.37 6.87
N LEU B 451 47.30 20.53 7.48
CA LEU B 451 47.16 20.67 8.96
C LEU B 451 45.75 20.34 9.42
N PRO B 452 44.65 20.98 8.95
CA PRO B 452 43.29 20.59 9.34
C PRO B 452 43.01 19.11 9.00
N PHE B 453 43.35 18.66 7.79
CA PHE B 453 43.19 17.25 7.38
C PHE B 453 43.81 16.34 8.48
N THR B 454 45.08 16.52 8.76
CA THR B 454 45.82 15.67 9.73
C THR B 454 45.16 15.75 11.10
N TYR B 455 44.92 16.96 11.58
CA TYR B 455 44.25 17.22 12.89
C TYR B 455 42.94 16.46 12.92
N MET B 456 42.07 16.69 11.98
CA MET B 456 40.71 16.11 12.00
C MET B 456 40.80 14.58 11.97
N LEU B 457 41.63 14.02 11.10
CA LEU B 457 41.78 12.54 11.01
C LEU B 457 42.18 11.94 12.36
N GLU B 458 43.25 12.46 12.96
CA GLU B 458 43.71 11.92 14.28
C GLU B 458 42.62 12.09 15.33
N LYS B 459 41.96 13.24 15.36
CA LYS B 459 40.86 13.53 16.30
C LYS B 459 39.78 12.44 16.17
N TRP B 460 39.34 12.21 14.95
CA TRP B 460 38.31 11.18 14.67
C TRP B 460 38.78 9.83 15.20
N ARG B 461 39.99 9.41 14.84
CA ARG B 461 40.52 8.10 15.26
C ARG B 461 40.59 8.00 16.79
N TRP B 462 41.13 9.02 17.42
CA TRP B 462 41.21 9.09 18.90
C TRP B 462 39.83 8.89 19.53
N MET B 463 38.85 9.68 19.09
CA MET B 463 37.47 9.60 19.64
C MET B 463 36.87 8.20 19.39
N VAL B 464 37.10 7.64 18.19
CA VAL B 464 36.62 6.29 17.80
C VAL B 464 37.28 5.28 18.74
N PHE B 465 38.58 5.33 18.92
CA PHE B 465 39.30 4.34 19.77
C PHE B 465 38.83 4.43 21.21
N LYS B 466 38.60 5.63 21.71
CA LYS B 466 38.13 5.79 23.12
C LYS B 466 36.61 5.57 23.21
N GLY B 467 35.92 5.36 22.11
CA GLY B 467 34.48 5.07 22.10
C GLY B 467 33.62 6.32 22.03
N GLU B 468 34.18 7.53 22.19
CA GLU B 468 33.44 8.82 22.05
C GLU B 468 32.53 8.77 20.82
N ILE B 469 33.03 8.31 19.68
CA ILE B 469 32.21 8.10 18.44
C ILE B 469 31.76 6.63 18.42
N PRO B 470 30.44 6.35 18.58
CA PRO B 470 29.89 5.00 18.40
C PRO B 470 29.91 4.55 16.93
N LYS B 471 29.79 3.24 16.70
CA LYS B 471 29.82 2.66 15.33
C LYS B 471 28.73 3.30 14.45
N ASP B 472 27.53 3.46 14.98
CA ASP B 472 26.40 4.02 14.20
C ASP B 472 26.65 5.49 13.84
N GLN B 473 27.64 6.16 14.43
CA GLN B 473 27.93 7.59 14.17
C GLN B 473 29.32 7.78 13.58
N TRP B 474 30.02 6.72 13.17
CA TRP B 474 31.41 6.81 12.62
C TRP B 474 31.43 7.76 11.39
N MET B 475 30.64 7.43 10.37
CA MET B 475 30.54 8.25 9.15
C MET B 475 29.86 9.56 9.42
N LYS B 476 28.91 9.57 10.34
CA LYS B 476 28.15 10.79 10.71
C LYS B 476 29.13 11.86 11.20
N LYS B 477 29.95 11.51 12.19
CA LYS B 477 30.86 12.50 12.81
C LYS B 477 32.02 12.79 11.85
N TRP B 478 32.53 11.79 11.13
CA TRP B 478 33.58 11.97 10.10
C TRP B 478 33.22 13.19 9.22
N TRP B 479 32.03 13.18 8.64
CA TRP B 479 31.64 14.26 7.70
C TRP B 479 31.27 15.55 8.44
N GLU B 480 30.72 15.44 9.64
CA GLU B 480 30.49 16.65 10.48
C GLU B 480 31.83 17.34 10.75
N MET B 481 32.84 16.59 11.17
CA MET B 481 34.18 17.12 11.49
C MET B 481 34.83 17.71 10.22
N LYS B 482 34.70 17.02 9.10
CA LYS B 482 35.22 17.48 7.81
C LYS B 482 34.62 18.84 7.46
N ARG B 483 33.29 18.94 7.56
CA ARG B 483 32.60 20.20 7.19
C ARG B 483 33.02 21.33 8.15
N GLU B 484 33.28 21.03 9.42
CA GLU B 484 33.54 22.06 10.46
C GLU B 484 35.02 22.40 10.54
N ILE B 485 35.90 21.42 10.72
CA ILE B 485 37.35 21.67 10.91
C ILE B 485 37.98 21.98 9.55
N VAL B 486 37.85 21.09 8.56
CA VAL B 486 38.60 21.22 7.27
C VAL B 486 37.79 22.14 6.34
N GLY B 487 36.51 22.31 6.58
CA GLY B 487 35.70 23.06 5.63
C GLY B 487 35.58 22.37 4.32
N VAL B 488 35.34 21.05 4.35
CA VAL B 488 35.24 20.27 3.08
C VAL B 488 33.91 19.52 3.15
N VAL B 489 33.13 19.53 2.08
CA VAL B 489 31.76 18.90 2.09
C VAL B 489 31.83 17.67 1.16
N GLU B 490 31.11 16.60 1.49
CA GLU B 490 31.02 15.37 0.68
C GLU B 490 30.11 15.71 -0.53
N PRO B 491 30.49 15.38 -1.77
CA PRO B 491 29.60 15.58 -2.92
C PRO B 491 28.39 14.61 -2.88
N VAL B 492 28.49 13.48 -2.20
CA VAL B 492 27.42 12.46 -2.08
C VAL B 492 27.31 12.09 -0.60
N PRO B 493 26.09 12.00 -0.01
CA PRO B 493 25.94 11.56 1.38
C PRO B 493 26.35 10.09 1.57
N HIS B 494 27.19 9.82 2.56
CA HIS B 494 27.78 8.48 2.85
C HIS B 494 27.24 8.02 4.20
N ASP B 495 26.47 6.91 4.22
CA ASP B 495 25.92 6.33 5.47
C ASP B 495 26.96 5.42 6.16
N GLU B 496 26.55 4.72 7.23
CA GLU B 496 27.46 3.86 8.03
C GLU B 496 27.81 2.55 7.30
N THR B 497 27.41 2.31 6.06
CA THR B 497 27.96 1.25 5.20
C THR B 497 29.33 1.66 4.64
N TYR B 498 29.68 2.94 4.67
CA TYR B 498 30.96 3.46 4.17
C TYR B 498 32.03 3.49 5.26
N CYS B 499 33.31 3.55 4.88
CA CYS B 499 34.44 3.77 5.82
C CYS B 499 35.46 4.70 5.17
N ASP B 500 35.04 5.91 4.84
CA ASP B 500 35.87 6.91 4.11
C ASP B 500 37.27 7.03 4.71
N PRO B 501 37.40 7.26 6.04
CA PRO B 501 38.72 7.26 6.68
C PRO B 501 39.56 6.02 6.28
N ALA B 502 38.99 4.80 6.36
CA ALA B 502 39.77 3.58 6.03
C ALA B 502 40.26 3.57 4.57
N SER B 503 39.60 4.28 3.67
CA SER B 503 40.07 4.40 2.27
C SER B 503 41.45 5.07 2.19
N LEU B 504 41.92 5.78 3.21
CA LEU B 504 43.32 6.33 3.22
C LEU B 504 44.31 5.27 3.68
N PHE B 505 45.51 5.24 3.10
CA PHE B 505 46.59 4.24 3.35
C PHE B 505 46.82 4.06 4.87
N HIS B 506 47.22 5.13 5.58
CA HIS B 506 47.65 5.10 7.00
C HIS B 506 46.59 4.40 7.86
N VAL B 507 45.34 4.76 7.63
CA VAL B 507 44.19 4.22 8.39
C VAL B 507 44.08 2.73 8.09
N SER B 508 44.07 2.37 6.81
CA SER B 508 43.90 0.95 6.39
C SER B 508 45.18 0.17 6.71
N ASN B 509 46.32 0.82 6.93
CA ASN B 509 47.62 0.17 7.19
C ASN B 509 48.10 0.43 8.62
N ASP B 510 47.19 0.77 9.54
CA ASP B 510 47.51 0.89 10.99
C ASP B 510 48.78 1.75 11.17
N TYR B 511 48.73 3.02 10.81
CA TYR B 511 49.84 3.98 11.02
C TYR B 511 49.29 5.17 11.76
N SER B 512 50.02 5.67 12.74
CA SER B 512 49.71 6.97 13.39
C SER B 512 49.80 8.10 12.34
N PHE B 513 49.18 9.24 12.62
CA PHE B 513 49.12 10.39 11.68
C PHE B 513 49.55 11.69 12.35
N ILE B 514 49.45 11.80 13.66
CA ILE B 514 49.79 13.05 14.39
C ILE B 514 51.26 13.42 14.16
N ARG B 515 52.13 12.45 13.87
CA ARG B 515 53.55 12.69 13.47
C ARG B 515 53.62 13.88 12.48
N TYR B 516 52.79 13.87 11.42
CA TYR B 516 52.81 14.86 10.33
C TYR B 516 52.55 16.25 10.92
N TYR B 517 51.48 16.38 11.70
CA TYR B 517 51.11 17.64 12.38
C TYR B 517 52.31 18.13 13.18
N THR B 518 52.78 17.32 14.10
CA THR B 518 53.84 17.72 15.06
C THR B 518 55.11 18.07 14.27
N ARG B 519 55.51 17.20 13.34
CA ARG B 519 56.71 17.47 12.50
C ARG B 519 56.62 18.88 11.91
N THR B 520 55.51 19.20 11.25
CA THR B 520 55.35 20.52 10.59
C THR B 520 55.72 21.62 11.59
N LEU B 521 55.10 21.62 12.75
CA LEU B 521 55.42 22.61 13.79
C LEU B 521 56.91 22.61 14.13
N TYR B 522 57.42 21.46 14.52
CA TYR B 522 58.85 21.30 14.89
C TYR B 522 59.74 21.91 13.79
N GLN B 523 59.48 21.53 12.56
CA GLN B 523 60.27 21.99 11.39
C GLN B 523 60.42 23.51 11.41
N PHE B 524 59.32 24.21 11.50
CA PHE B 524 59.34 25.71 11.48
C PHE B 524 60.03 26.25 12.74
N GLN B 525 59.73 25.68 13.90
CA GLN B 525 60.42 26.05 15.15
C GLN B 525 61.93 25.91 14.93
N PHE B 526 62.39 24.74 14.47
CA PHE B 526 63.83 24.49 14.22
C PHE B 526 64.37 25.56 13.27
N GLN B 527 63.76 25.68 12.09
CA GLN B 527 64.22 26.60 11.04
C GLN B 527 64.44 28.00 11.66
N GLU B 528 63.40 28.56 12.29
CA GLU B 528 63.50 29.91 12.91
C GLU B 528 64.70 29.94 13.87
N ALA B 529 64.72 29.07 14.88
CA ALA B 529 65.80 29.05 15.89
C ALA B 529 67.15 29.09 15.17
N LEU B 530 67.35 28.18 14.22
CA LEU B 530 68.63 28.04 13.51
C LEU B 530 68.93 29.33 12.75
N CYS B 531 67.92 29.93 12.13
CA CYS B 531 68.09 31.18 11.34
C CYS B 531 68.43 32.35 12.28
N GLN B 532 67.88 32.34 13.49
CA GLN B 532 68.22 33.35 14.53
C GLN B 532 69.73 33.27 14.77
N ALA B 533 70.26 32.05 14.93
CA ALA B 533 71.71 31.81 15.06
C ALA B 533 72.43 32.24 13.78
N ALA B 534 71.85 31.97 12.62
CA ALA B 534 72.39 32.43 11.32
C ALA B 534 72.28 33.96 11.20
N LYS B 535 71.56 34.64 12.10
CA LYS B 535 71.43 36.12 12.13
C LYS B 535 70.77 36.55 10.81
N HIS B 536 69.56 36.03 10.56
CA HIS B 536 68.72 36.41 9.39
C HIS B 536 68.05 37.75 9.69
N GLU B 537 68.01 38.64 8.71
CA GLU B 537 67.45 40.02 8.84
C GLU B 537 66.16 40.14 8.01
N GLY B 538 65.98 39.34 6.96
CA GLY B 538 64.84 39.45 6.02
C GLY B 538 63.67 38.55 6.44
N PRO B 539 62.63 38.43 5.57
CA PRO B 539 61.56 37.45 5.76
C PRO B 539 62.14 36.04 5.93
N LEU B 540 61.72 35.34 6.99
CA LEU B 540 62.15 33.95 7.29
C LEU B 540 61.98 33.05 6.08
N HIS B 541 60.95 33.25 5.24
CA HIS B 541 60.72 32.43 4.02
C HIS B 541 61.94 32.41 3.11
N LYS B 542 62.88 33.36 3.23
CA LYS B 542 64.08 33.45 2.35
C LYS B 542 65.31 33.47 3.26
N CYS B 543 65.51 32.43 4.05
CA CYS B 543 66.63 32.31 5.02
C CYS B 543 67.49 31.10 4.66
N ASP B 544 68.79 31.32 4.57
CA ASP B 544 69.79 30.27 4.25
C ASP B 544 70.71 30.10 5.46
N ILE B 545 70.57 28.98 6.16
CA ILE B 545 71.38 28.66 7.37
C ILE B 545 72.78 28.19 6.96
N SER B 546 73.07 28.05 5.65
CA SER B 546 74.42 27.66 5.16
C SER B 546 75.48 28.64 5.68
N ASN B 547 76.70 28.16 5.98
CA ASN B 547 77.81 29.05 6.42
C ASN B 547 77.53 29.59 7.83
N SER B 548 76.88 28.80 8.68
CA SER B 548 76.63 29.19 10.10
C SER B 548 76.89 27.98 11.03
N THR B 549 78.05 28.00 11.70
CA THR B 549 78.43 26.99 12.71
C THR B 549 77.47 27.07 13.91
N GLU B 550 77.10 28.28 14.34
CA GLU B 550 76.21 28.51 15.50
C GLU B 550 74.90 27.73 15.30
N ALA B 551 74.28 27.88 14.12
CA ALA B 551 73.05 27.14 13.77
C ALA B 551 73.37 25.63 13.82
N GLY B 552 74.48 25.21 13.20
CA GLY B 552 74.93 23.81 13.22
C GLY B 552 75.10 23.29 14.63
N GLN B 553 75.68 24.10 15.52
CA GLN B 553 75.96 23.70 16.92
C GLN B 553 74.63 23.34 17.61
N LYS B 554 73.70 24.29 17.61
CA LYS B 554 72.35 24.09 18.23
C LYS B 554 71.76 22.80 17.65
N LEU B 555 71.72 22.73 16.31
CA LEU B 555 71.19 21.54 15.59
C LEU B 555 71.86 20.27 16.14
N PHE B 556 73.19 20.28 16.14
CA PHE B 556 74.01 19.11 16.58
C PHE B 556 73.62 18.74 18.02
N ASN B 557 73.51 19.74 18.91
CA ASN B 557 73.17 19.51 20.35
C ASN B 557 71.97 18.54 20.43
N MET B 558 70.90 18.84 19.71
CA MET B 558 69.74 17.93 19.64
C MET B 558 70.13 16.67 18.84
N LEU B 559 70.82 16.86 17.72
CA LEU B 559 71.15 15.73 16.80
C LEU B 559 71.83 14.60 17.58
N ARG B 560 72.88 14.93 18.32
CA ARG B 560 73.67 13.91 19.07
C ARG B 560 72.85 13.31 20.22
N LEU B 561 71.88 14.04 20.76
CA LEU B 561 71.06 13.54 21.90
C LEU B 561 70.43 12.17 21.57
N GLY B 562 69.74 12.05 20.45
CA GLY B 562 68.99 10.82 20.10
C GLY B 562 67.77 10.66 20.97
N LYS B 563 67.50 9.47 21.50
CA LYS B 563 66.38 9.22 22.46
C LYS B 563 66.88 9.29 23.91
N SER B 564 68.18 9.48 24.14
CA SER B 564 68.75 9.55 25.50
C SER B 564 68.00 10.55 26.38
N GLU B 565 67.60 11.69 25.86
CA GLU B 565 66.94 12.77 26.63
C GLU B 565 65.47 12.88 26.21
N PRO B 566 64.59 13.52 27.05
CA PRO B 566 63.22 13.84 26.65
C PRO B 566 63.16 14.74 25.39
N TRP B 567 62.15 14.56 24.55
CA TRP B 567 62.00 15.40 23.33
C TRP B 567 61.81 16.87 23.76
N THR B 568 61.13 17.10 24.88
CA THR B 568 60.97 18.46 25.48
C THR B 568 62.36 19.08 25.72
N LEU B 569 63.31 18.30 26.22
CA LEU B 569 64.69 18.76 26.44
C LEU B 569 65.39 19.00 25.08
N ALA B 570 65.30 18.03 24.17
CA ALA B 570 65.88 18.18 22.81
C ALA B 570 65.34 19.46 22.12
N LEU B 571 64.04 19.75 22.27
CA LEU B 571 63.47 21.03 21.79
C LEU B 571 64.24 22.23 22.35
N GLU B 572 64.34 22.30 23.68
CA GLU B 572 65.14 23.32 24.37
C GLU B 572 66.58 23.36 23.84
N ASN B 573 67.10 22.21 23.42
CA ASN B 573 68.45 22.14 22.79
C ASN B 573 68.53 23.05 21.54
N VAL B 574 67.49 23.10 20.71
CA VAL B 574 67.49 23.92 19.46
C VAL B 574 66.57 25.14 19.67
N VAL B 575 65.27 24.91 19.69
CA VAL B 575 64.24 25.99 19.74
C VAL B 575 64.33 26.61 21.14
N GLY B 576 64.68 25.82 22.17
CA GLY B 576 64.72 26.35 23.55
C GLY B 576 63.42 26.10 24.31
N ALA B 577 62.37 25.62 23.65
CA ALA B 577 61.04 25.36 24.24
C ALA B 577 60.95 23.88 24.62
N LYS B 578 59.82 23.44 25.18
CA LYS B 578 59.54 22.01 25.48
C LYS B 578 58.30 21.51 24.75
N ASN B 579 57.54 22.38 24.11
CA ASN B 579 56.28 22.04 23.41
C ASN B 579 56.31 22.65 22.02
N MET B 580 55.39 22.20 21.15
CA MET B 580 55.33 22.63 19.75
C MET B 580 54.62 24.00 19.72
N ASN B 581 55.27 25.04 19.18
CA ASN B 581 54.63 26.36 18.98
C ASN B 581 54.38 26.57 17.49
N VAL B 582 53.21 27.11 17.12
CA VAL B 582 52.90 27.37 15.70
C VAL B 582 53.31 28.79 15.25
N ARG B 583 53.67 29.66 16.19
CA ARG B 583 54.16 31.03 15.85
C ARG B 583 55.14 31.01 14.67
N PRO B 584 56.27 30.27 14.70
CA PRO B 584 57.20 30.24 13.57
C PRO B 584 56.55 29.86 12.22
N LEU B 585 55.63 28.89 12.21
CA LEU B 585 54.89 28.53 10.98
C LEU B 585 54.16 29.76 10.46
N LEU B 586 53.41 30.44 11.35
CA LEU B 586 52.63 31.67 10.98
C LEU B 586 53.63 32.73 10.47
N ASN B 587 54.72 32.91 11.20
CA ASN B 587 55.79 33.88 10.81
C ASN B 587 56.27 33.62 9.40
N TYR B 588 56.47 32.35 9.06
CA TYR B 588 56.93 31.95 7.70
C TYR B 588 55.92 32.39 6.65
N PHE B 589 54.62 32.19 6.89
CA PHE B 589 53.56 32.49 5.91
C PHE B 589 52.97 33.89 6.15
N GLU B 590 53.56 34.67 7.06
CA GLU B 590 53.06 36.05 7.36
C GLU B 590 52.92 36.92 6.09
N PRO B 591 53.95 37.00 5.22
CA PRO B 591 53.81 37.70 3.94
C PRO B 591 52.58 37.24 3.16
N LEU B 592 52.45 35.94 2.96
CA LEU B 592 51.28 35.36 2.25
C LEU B 592 49.99 35.76 2.98
N PHE B 593 49.98 35.64 4.30
CA PHE B 593 48.77 35.93 5.09
C PHE B 593 48.26 37.34 4.75
N THR B 594 49.16 38.32 4.90
CA THR B 594 48.82 39.74 4.61
C THR B 594 48.20 39.81 3.20
N TRP B 595 48.89 39.24 2.21
CA TRP B 595 48.42 39.20 0.81
C TRP B 595 47.03 38.59 0.74
N LEU B 596 46.85 37.38 1.28
CA LEU B 596 45.55 36.66 1.23
C LEU B 596 44.45 37.57 1.79
N LYS B 597 44.69 38.20 2.95
CA LYS B 597 43.67 39.09 3.56
C LYS B 597 43.14 40.12 2.53
N ASP B 598 44.05 40.74 1.77
CA ASP B 598 43.70 41.69 0.68
C ASP B 598 42.78 41.01 -0.35
N GLN B 599 43.16 39.85 -0.81
CA GLN B 599 42.39 39.10 -1.85
C GLN B 599 41.04 38.67 -1.26
N ASN B 600 40.99 38.41 0.04
CA ASN B 600 39.76 37.91 0.69
C ASN B 600 38.99 39.07 1.32
N LYS B 601 39.32 40.33 1.00
CA LYS B 601 38.57 41.51 1.52
C LYS B 601 37.12 41.44 1.05
N ASN B 602 36.93 41.39 -0.27
CA ASN B 602 35.57 41.28 -0.90
C ASN B 602 34.94 39.91 -0.56
N SER B 603 35.74 38.85 -0.54
CA SER B 603 35.25 37.46 -0.30
C SER B 603 34.80 37.29 1.16
N PHE B 604 33.95 36.29 1.41
CA PHE B 604 33.54 35.86 2.78
C PHE B 604 34.58 34.89 3.34
N VAL B 605 35.35 35.31 4.33
CA VAL B 605 36.37 34.48 5.01
C VAL B 605 35.59 33.61 5.99
N GLY B 606 35.37 32.37 5.59
CA GLY B 606 34.74 31.32 6.42
C GLY B 606 33.82 30.49 5.56
N TRP B 607 33.22 29.48 6.19
CA TRP B 607 32.30 28.57 5.49
C TRP B 607 31.10 28.26 6.37
N SER B 608 30.00 27.91 5.71
CA SER B 608 28.78 27.46 6.38
C SER B 608 28.72 25.94 6.22
N THR B 609 28.54 25.24 7.32
CA THR B 609 28.54 23.77 7.38
C THR B 609 27.13 23.29 7.05
N ASP B 610 26.40 23.96 6.15
CA ASP B 610 25.01 23.59 5.76
C ASP B 610 24.93 23.36 4.26
N TRP B 611 25.58 24.19 3.45
CA TRP B 611 25.59 24.04 1.96
C TRP B 611 26.16 22.67 1.60
N SER B 612 25.48 21.96 0.72
CA SER B 612 25.93 20.68 0.16
C SER B 612 25.76 20.72 -1.35
N PRO B 613 26.65 20.07 -2.14
CA PRO B 613 26.50 20.01 -3.59
C PRO B 613 25.21 19.30 -4.07
N TYR B 614 24.47 18.62 -3.20
CA TYR B 614 23.26 17.85 -3.52
C TYR B 614 22.01 18.43 -2.84
N ALA B 615 22.15 19.34 -1.88
CA ALA B 615 20.98 19.96 -1.20
C ALA B 615 19.97 20.58 -2.17
N ASP B 616 20.43 21.19 -3.26
CA ASP B 616 19.58 21.88 -4.27
C ASP B 616 18.45 20.95 -4.76
N GLN B 617 18.74 19.71 -5.18
CA GLN B 617 17.68 18.83 -5.72
C GLN B 617 17.17 17.87 -4.63
N SER B 618 17.52 18.09 -3.37
CA SER B 618 17.13 17.18 -2.27
C SER B 618 15.66 17.50 -1.88
N ILE B 619 14.81 16.47 -1.81
CA ILE B 619 13.39 16.60 -1.35
C ILE B 619 13.31 16.19 0.11
N LYS B 620 12.90 17.11 1.00
CA LYS B 620 12.63 16.78 2.44
C LYS B 620 11.33 15.96 2.54
N VAL B 621 11.35 14.90 3.34
CA VAL B 621 10.20 13.97 3.49
C VAL B 621 9.97 13.69 4.97
N ARG B 622 8.85 14.16 5.54
CA ARG B 622 8.44 13.86 6.94
C ARG B 622 7.35 12.77 6.96
N ILE B 623 7.43 11.85 7.91
CA ILE B 623 6.57 10.62 7.92
C ILE B 623 5.88 10.63 9.26
N SER B 624 4.54 10.46 9.26
CA SER B 624 3.72 10.47 10.52
C SER B 624 2.92 9.17 10.66
N LEU B 625 3.60 8.08 11.03
CA LEU B 625 2.97 6.74 11.24
C LEU B 625 1.92 6.88 12.34
N LYS B 626 2.33 7.28 13.54
CA LYS B 626 1.41 7.39 14.72
C LYS B 626 0.25 8.35 14.43
N SER B 627 0.48 9.45 13.72
CA SER B 627 -0.59 10.37 13.26
C SER B 627 -1.64 9.62 12.45
N ALA B 628 -1.24 8.71 11.56
CA ALA B 628 -2.18 7.98 10.68
C ALA B 628 -2.45 6.59 11.22
N LEU B 629 -1.70 6.10 12.20
CA LEU B 629 -1.82 4.69 12.66
C LEU B 629 -2.16 4.64 14.15
N GLY B 630 -1.63 5.53 14.97
CA GLY B 630 -1.77 5.49 16.44
C GLY B 630 -1.27 4.16 16.99
N ASP B 631 -2.14 3.27 17.45
CA ASP B 631 -1.76 1.88 17.82
C ASP B 631 -1.36 1.11 16.54
N LYS B 632 -0.76 -0.07 16.69
CA LYS B 632 -0.33 -0.91 15.53
C LYS B 632 0.52 -0.07 14.54
N ALA B 633 1.20 0.97 15.03
CA ALA B 633 2.05 1.86 14.22
C ALA B 633 3.42 1.19 14.20
N TYR B 634 3.78 0.54 13.10
CA TYR B 634 5.08 -0.17 12.92
C TYR B 634 6.24 0.80 13.17
N GLU B 635 7.38 0.31 13.67
CA GLU B 635 8.59 1.15 13.87
C GLU B 635 9.31 1.31 12.54
N TRP B 636 9.55 2.56 12.11
CA TRP B 636 10.35 2.86 10.89
C TRP B 636 11.79 2.42 11.15
N ASN B 637 12.24 1.37 10.45
CA ASN B 637 13.60 0.80 10.55
C ASN B 637 14.30 0.99 9.18
N ASP B 638 15.47 0.37 9.03
CA ASP B 638 16.17 0.43 7.72
C ASP B 638 15.31 -0.27 6.67
N ASN B 639 14.62 -1.35 7.07
CA ASN B 639 13.76 -2.09 6.11
C ASN B 639 12.71 -1.13 5.54
N GLU B 640 12.09 -0.33 6.39
CA GLU B 640 11.10 0.69 5.97
C GLU B 640 11.75 1.70 5.03
N MET B 641 12.95 2.13 5.40
CA MET B 641 13.73 3.02 4.52
C MET B 641 14.06 2.33 3.16
N TYR B 642 14.61 1.13 3.18
CA TYR B 642 14.83 0.31 1.96
C TYR B 642 13.56 0.33 1.10
N LEU B 643 12.43 0.02 1.74
CA LEU B 643 11.13 0.04 1.03
C LEU B 643 10.86 1.40 0.39
N PHE B 644 11.14 2.46 1.14
CA PHE B 644 10.89 3.82 0.66
C PHE B 644 11.72 4.09 -0.59
N ARG B 645 13.04 3.83 -0.53
CA ARG B 645 13.97 4.05 -1.69
C ARG B 645 13.46 3.26 -2.91
N SER B 646 13.06 2.02 -2.66
CA SER B 646 12.47 1.15 -3.71
C SER B 646 11.21 1.80 -4.31
N SER B 647 10.30 2.27 -3.45
CA SER B 647 9.04 2.96 -3.89
C SER B 647 9.37 4.18 -4.75
N VAL B 648 10.35 4.98 -4.31
CA VAL B 648 10.75 6.18 -5.09
C VAL B 648 11.28 5.72 -6.46
N ALA B 649 12.16 4.74 -6.47
CA ALA B 649 12.72 4.19 -7.74
C ALA B 649 11.60 3.77 -8.68
N TYR B 650 10.63 3.04 -8.12
CA TYR B 650 9.41 2.63 -8.88
C TYR B 650 8.75 3.86 -9.52
N ALA B 651 8.49 4.89 -8.71
CA ALA B 651 7.88 6.15 -9.18
C ALA B 651 8.67 6.76 -10.35
N MET B 652 9.98 6.85 -10.16
CA MET B 652 10.88 7.44 -11.18
C MET B 652 10.73 6.65 -12.49
N ARG B 653 10.85 5.33 -12.40
CA ARG B 653 10.69 4.46 -13.58
C ARG B 653 9.37 4.75 -14.31
N GLN B 654 8.27 4.75 -13.55
CA GLN B 654 6.91 4.96 -14.13
C GLN B 654 6.88 6.29 -14.85
N TYR B 655 7.26 7.35 -14.12
CA TYR B 655 7.24 8.73 -14.67
C TYR B 655 8.00 8.77 -16.00
N PHE B 656 9.23 8.26 -16.00
CA PHE B 656 10.11 8.30 -17.20
C PHE B 656 9.48 7.47 -18.33
N LEU B 657 9.11 6.24 -18.03
CA LEU B 657 8.51 5.35 -19.06
C LEU B 657 7.19 5.92 -19.60
N LYS B 658 6.43 6.68 -18.81
CA LYS B 658 5.13 7.25 -19.23
C LYS B 658 5.37 8.60 -19.90
N VAL B 659 5.80 9.61 -19.14
CA VAL B 659 5.97 10.99 -19.65
C VAL B 659 7.07 10.97 -20.72
N LYS B 660 8.20 10.35 -20.46
CA LYS B 660 9.37 10.38 -21.41
C LYS B 660 9.40 9.12 -22.26
N ASN B 661 8.52 8.14 -22.00
CA ASN B 661 8.62 6.84 -22.69
C ASN B 661 10.04 6.25 -22.56
N GLN B 662 10.77 6.61 -21.52
CA GLN B 662 12.19 6.22 -21.35
C GLN B 662 12.24 5.10 -20.29
N MET B 663 12.66 3.90 -20.72
CA MET B 663 12.82 2.78 -19.77
C MET B 663 14.15 2.92 -18.99
N ILE B 664 14.20 3.80 -18.00
CA ILE B 664 15.39 4.07 -17.15
C ILE B 664 15.31 3.16 -15.91
N LEU B 665 16.27 2.28 -15.70
CA LEU B 665 16.21 1.27 -14.60
C LEU B 665 16.69 1.88 -13.30
N PHE B 666 15.83 2.70 -12.67
CA PHE B 666 16.14 3.36 -11.38
C PHE B 666 16.08 2.28 -10.27
N GLY B 667 17.12 2.17 -9.45
CA GLY B 667 17.19 1.28 -8.28
C GLY B 667 17.21 2.05 -6.98
N GLU B 668 16.90 1.38 -5.87
CA GLU B 668 16.91 1.99 -4.51
C GLU B 668 18.27 2.66 -4.23
N GLU B 669 19.35 2.17 -4.80
CA GLU B 669 20.70 2.77 -4.72
C GLU B 669 20.80 4.15 -5.39
N ASP B 670 20.00 4.41 -6.41
CA ASP B 670 19.98 5.75 -7.06
C ASP B 670 19.32 6.78 -6.15
N VAL B 671 18.47 6.30 -5.22
CA VAL B 671 17.76 7.19 -4.26
C VAL B 671 18.75 7.47 -3.12
N ARG B 672 19.33 8.68 -3.14
CA ARG B 672 20.34 9.09 -2.12
C ARG B 672 19.63 9.78 -0.95
N VAL B 673 19.59 9.15 0.21
CA VAL B 673 18.95 9.69 1.43
C VAL B 673 20.01 10.36 2.33
N ALA B 674 19.67 11.45 2.99
CA ALA B 674 20.54 12.18 3.91
C ALA B 674 19.73 12.87 5.02
N ASN B 675 20.39 13.24 6.11
CA ASN B 675 19.80 14.01 7.24
C ASN B 675 18.59 13.26 7.82
N LEU B 676 18.73 11.98 8.08
CA LEU B 676 17.64 11.18 8.69
C LEU B 676 17.42 11.62 10.14
N LYS B 677 16.16 11.76 10.57
CA LYS B 677 15.84 12.30 11.92
C LYS B 677 14.85 11.38 12.61
N PRO B 678 14.78 11.41 13.97
CA PRO B 678 13.78 10.63 14.73
C PRO B 678 12.35 11.07 14.43
N ARG B 679 12.16 12.31 13.92
CA ARG B 679 10.88 12.80 13.35
C ARG B 679 10.49 11.98 12.11
N ILE B 680 11.36 11.06 11.67
CA ILE B 680 11.22 10.30 10.43
C ILE B 680 11.24 11.33 9.30
N SER B 681 11.99 12.44 9.45
CA SER B 681 12.22 13.40 8.37
C SER B 681 13.63 13.13 7.76
N PHE B 682 13.74 13.20 6.43
CA PHE B 682 15.04 13.05 5.74
C PHE B 682 14.99 13.80 4.42
N ASN B 683 16.16 14.19 3.92
CA ASN B 683 16.29 14.84 2.58
C ASN B 683 16.75 13.76 1.63
N PHE B 684 16.14 13.64 0.45
CA PHE B 684 16.59 12.62 -0.55
C PHE B 684 16.70 13.23 -1.93
N PHE B 685 17.60 12.69 -2.77
CA PHE B 685 17.69 13.04 -4.21
C PHE B 685 17.95 11.78 -5.05
N VAL B 686 17.52 11.80 -6.30
CA VAL B 686 17.63 10.65 -7.23
C VAL B 686 18.78 10.95 -8.20
N THR B 687 19.58 9.92 -8.51
CA THR B 687 20.64 10.03 -9.54
C THR B 687 20.32 9.09 -10.70
N ALA B 688 21.02 9.22 -11.81
CA ALA B 688 20.93 8.28 -12.96
C ALA B 688 21.30 6.86 -12.48
N PRO B 689 20.70 5.81 -13.07
CA PRO B 689 20.94 4.41 -12.72
C PRO B 689 22.41 4.05 -12.52
N LYS B 690 23.33 4.54 -13.34
CA LYS B 690 24.79 4.25 -13.07
C LYS B 690 25.66 5.50 -13.21
N ASN B 691 25.11 6.68 -12.86
CA ASN B 691 25.85 7.96 -13.03
C ASN B 691 25.67 8.85 -11.79
N VAL B 692 26.58 8.76 -10.83
CA VAL B 692 26.59 9.61 -9.60
C VAL B 692 26.50 11.09 -10.00
N SER B 693 27.23 11.50 -11.03
CA SER B 693 27.20 12.90 -11.52
C SER B 693 25.79 13.28 -11.98
N ASP B 694 25.12 12.41 -12.73
CA ASP B 694 23.77 12.74 -13.29
C ASP B 694 22.73 12.71 -12.14
N ILE B 695 22.42 13.87 -11.56
CA ILE B 695 21.39 14.00 -10.48
C ILE B 695 20.06 14.38 -11.13
N ILE B 696 19.03 13.54 -10.96
CA ILE B 696 17.71 13.79 -11.60
C ILE B 696 17.17 15.10 -11.01
N PRO B 697 16.85 16.13 -11.84
CA PRO B 697 16.43 17.44 -11.31
C PRO B 697 15.15 17.35 -10.46
N ARG B 698 15.11 18.09 -9.35
CA ARG B 698 14.00 18.04 -8.36
C ARG B 698 12.63 18.13 -9.07
N THR B 699 12.49 19.03 -10.05
CA THR B 699 11.26 19.17 -10.90
C THR B 699 10.73 17.79 -11.35
N GLU B 700 11.56 17.03 -12.06
CA GLU B 700 11.20 15.67 -12.57
C GLU B 700 10.79 14.80 -11.38
N VAL B 701 11.57 14.84 -10.31
CA VAL B 701 11.36 13.94 -9.14
C VAL B 701 9.99 14.31 -8.55
N GLU B 702 9.74 15.62 -8.37
CA GLU B 702 8.43 16.12 -7.84
C GLU B 702 7.27 15.55 -8.69
N LYS B 703 7.38 15.69 -10.01
CA LYS B 703 6.38 15.17 -10.97
C LYS B 703 6.21 13.66 -10.79
N ALA B 704 7.32 12.92 -10.78
CA ALA B 704 7.30 11.46 -10.54
C ALA B 704 6.53 11.18 -9.23
N ILE B 705 6.83 11.89 -8.15
CA ILE B 705 6.16 11.65 -6.84
C ILE B 705 4.67 11.90 -7.05
N ARG B 706 4.33 13.11 -7.49
CA ARG B 706 2.93 13.51 -7.76
C ARG B 706 2.19 12.34 -8.46
N MET B 707 2.80 11.84 -9.54
CA MET B 707 2.19 10.77 -10.33
C MET B 707 1.89 9.55 -9.47
N SER B 708 2.84 9.07 -8.66
CA SER B 708 2.68 7.82 -7.89
C SER B 708 2.43 8.07 -6.38
N ARG B 709 2.04 9.29 -5.99
CA ARG B 709 2.04 9.67 -4.54
C ARG B 709 1.15 8.69 -3.77
N SER B 710 -0.07 8.51 -4.27
CA SER B 710 -1.09 7.57 -3.72
C SER B 710 -0.46 6.19 -3.43
N ARG B 711 0.22 5.66 -4.44
CA ARG B 711 0.90 4.34 -4.42
C ARG B 711 1.88 4.28 -3.23
N ILE B 712 2.72 5.33 -3.12
CA ILE B 712 3.75 5.41 -2.05
C ILE B 712 3.01 5.44 -0.71
N ASN B 713 1.98 6.29 -0.60
CA ASN B 713 1.16 6.40 0.64
C ASN B 713 0.62 5.02 0.99
N ASP B 714 0.05 4.34 -0.02
CA ASP B 714 -0.51 2.97 0.16
C ASP B 714 0.56 2.04 0.74
N ALA B 715 1.74 2.03 0.13
CA ALA B 715 2.87 1.16 0.56
C ALA B 715 3.17 1.33 2.06
N PHE B 716 3.11 2.55 2.60
CA PHE B 716 3.38 2.85 4.03
C PHE B 716 2.08 3.06 4.81
N ARG B 717 0.92 2.61 4.30
CA ARG B 717 -0.40 2.88 4.95
C ARG B 717 -0.45 4.32 5.50
N LEU B 718 -0.04 5.29 4.70
CA LEU B 718 0.04 6.71 5.10
C LEU B 718 -0.87 7.47 4.14
N ASN B 719 -0.83 8.80 4.18
CA ASN B 719 -1.65 9.69 3.34
C ASN B 719 -0.86 10.98 3.12
N ASP B 720 -1.22 11.79 2.14
CA ASP B 720 -0.49 13.04 1.84
C ASP B 720 -0.14 13.74 3.17
N ASN B 721 -1.11 13.88 4.07
CA ASN B 721 -0.88 14.55 5.37
C ASN B 721 0.26 13.88 6.13
N SER B 722 0.18 12.57 6.39
CA SER B 722 1.22 11.85 7.18
C SER B 722 2.52 11.73 6.38
N LEU B 723 2.44 11.30 5.11
CA LEU B 723 3.61 11.23 4.20
C LEU B 723 3.82 12.62 3.60
N GLU B 724 4.40 13.54 4.37
CA GLU B 724 4.60 14.96 3.96
C GLU B 724 5.82 14.98 3.00
N PHE B 725 5.57 15.06 1.69
CA PHE B 725 6.63 15.23 0.65
C PHE B 725 6.87 16.73 0.48
N LEU B 726 7.60 17.38 1.38
CA LEU B 726 7.71 18.88 1.42
C LEU B 726 7.97 19.39 -0.02
N GLY B 727 7.19 20.35 -0.51
CA GLY B 727 7.25 20.81 -1.93
C GLY B 727 6.22 20.15 -2.83
N ILE B 728 5.69 18.97 -2.51
CA ILE B 728 4.58 18.33 -3.27
C ILE B 728 3.31 18.47 -2.41
N GLN B 729 2.18 18.79 -3.02
CA GLN B 729 0.90 19.06 -2.29
C GLN B 729 -0.29 18.55 -3.10
N PRO B 730 -1.38 18.06 -2.46
CA PRO B 730 -2.60 17.69 -3.16
C PRO B 730 -3.42 18.91 -3.60
N THR B 731 -4.34 18.71 -4.55
CA THR B 731 -5.14 19.79 -5.20
C THR B 731 -6.43 19.19 -5.75
N SER B 741 -30.70 19.56 -6.40
CA SER B 741 -30.90 20.37 -5.17
C SER B 741 -31.86 19.65 -4.20
N ILE B 742 -31.33 18.71 -3.44
CA ILE B 742 -31.95 18.10 -2.22
C ILE B 742 -32.72 19.13 -1.38
N TRP B 743 -32.13 20.29 -1.09
CA TRP B 743 -32.84 21.38 -0.36
C TRP B 743 -34.15 21.72 -1.09
N LEU B 744 -34.04 21.95 -2.40
CA LEU B 744 -35.19 22.38 -3.21
C LEU B 744 -36.20 21.25 -3.38
N ILE B 745 -35.77 19.99 -3.45
CA ILE B 745 -36.76 18.86 -3.51
C ILE B 745 -37.56 18.94 -2.20
N VAL B 746 -36.85 19.05 -1.08
CA VAL B 746 -37.50 19.12 0.26
C VAL B 746 -38.38 20.37 0.26
N PHE B 747 -37.87 21.48 -0.26
CA PHE B 747 -38.65 22.75 -0.28
C PHE B 747 -39.99 22.51 -0.97
N GLY B 748 -39.97 21.92 -2.17
CA GLY B 748 -41.16 21.65 -2.98
C GLY B 748 -42.10 20.74 -2.24
N VAL B 749 -41.58 19.66 -1.65
CA VAL B 749 -42.42 18.72 -0.85
C VAL B 749 -43.19 19.57 0.18
N VAL B 750 -42.45 20.36 0.96
CA VAL B 750 -43.06 21.16 2.07
C VAL B 750 -44.14 22.07 1.48
N MET B 751 -43.78 22.85 0.46
CA MET B 751 -44.71 23.81 -0.18
C MET B 751 -45.94 23.06 -0.69
N GLY B 752 -45.70 22.00 -1.48
CA GLY B 752 -46.79 21.14 -2.01
C GLY B 752 -47.69 20.67 -0.89
N VAL B 753 -47.08 20.03 0.11
CA VAL B 753 -47.86 19.44 1.24
C VAL B 753 -48.54 20.60 1.98
N ILE B 754 -47.81 21.69 2.26
CA ILE B 754 -48.39 22.86 2.99
C ILE B 754 -49.56 23.44 2.17
N VAL B 755 -49.36 23.59 0.87
CA VAL B 755 -50.40 24.18 -0.03
C VAL B 755 -51.56 23.20 -0.14
N VAL B 756 -51.28 21.91 -0.29
CA VAL B 756 -52.39 20.90 -0.29
C VAL B 756 -53.05 20.94 1.10
N GLY B 757 -52.25 21.13 2.15
CA GLY B 757 -52.78 21.28 3.52
C GLY B 757 -53.68 22.50 3.62
N ILE B 758 -53.28 23.63 3.02
CA ILE B 758 -54.09 24.89 2.99
C ILE B 758 -55.41 24.56 2.27
N VAL B 759 -55.33 23.78 1.18
CA VAL B 759 -56.54 23.39 0.39
C VAL B 759 -57.47 22.58 1.30
N ILE B 760 -56.91 21.63 2.05
CA ILE B 760 -57.70 20.77 2.98
C ILE B 760 -58.38 21.72 3.99
N LEU B 761 -57.63 22.69 4.52
CA LEU B 761 -58.17 23.66 5.50
C LEU B 761 -59.35 24.45 4.90
N ILE B 762 -59.20 24.93 3.68
CA ILE B 762 -60.27 25.74 3.02
C ILE B 762 -61.49 24.84 2.83
N PHE B 763 -61.27 23.57 2.46
CA PHE B 763 -62.36 22.58 2.29
C PHE B 763 -63.11 22.44 3.63
N THR B 764 -62.34 22.26 4.71
CA THR B 764 -62.93 22.11 6.07
C THR B 764 -63.76 23.35 6.38
N GLY B 765 -63.24 24.54 6.08
CA GLY B 765 -63.96 25.81 6.31
C GLY B 765 -65.28 25.86 5.57
N ILE B 766 -65.25 25.45 4.30
CA ILE B 766 -66.47 25.45 3.43
C ILE B 766 -67.47 24.47 4.06
N ARG B 767 -66.99 23.30 4.50
CA ARG B 767 -67.86 22.28 5.16
C ARG B 767 -68.52 22.90 6.40
N ASP B 768 -67.74 23.61 7.21
CA ASP B 768 -68.24 24.26 8.45
C ASP B 768 -69.32 25.29 8.08
N ARG B 769 -69.09 26.09 7.03
CA ARG B 769 -70.05 27.13 6.60
C ARG B 769 -71.40 26.91 7.29
N VAL C 25 -85.23 -29.65 4.81
CA VAL C 25 -85.82 -30.83 4.05
C VAL C 25 -85.84 -32.06 4.97
N LEU C 26 -84.78 -32.32 5.75
CA LEU C 26 -84.77 -33.42 6.76
C LEU C 26 -85.77 -33.12 7.87
N PRO C 27 -86.35 -34.17 8.52
CA PRO C 27 -87.52 -34.00 9.40
C PRO C 27 -87.08 -33.39 10.75
N ASN C 28 -86.94 -32.06 10.76
CA ASN C 28 -86.53 -31.28 11.96
C ASN C 28 -87.79 -30.94 12.75
N PRO C 29 -87.95 -31.36 14.04
CA PRO C 29 -89.10 -30.97 14.87
C PRO C 29 -88.83 -29.75 15.78
N GLY C 30 -89.77 -28.81 15.81
CA GLY C 30 -89.76 -27.61 16.67
C GLY C 30 -88.41 -26.91 16.66
N LEU C 31 -87.95 -26.53 15.46
CA LEU C 31 -86.71 -25.72 15.29
C LEU C 31 -86.87 -24.40 16.05
N ASP C 32 -88.01 -23.71 15.93
CA ASP C 32 -88.29 -22.46 16.68
C ASP C 32 -88.59 -22.79 18.15
N ALA C 33 -88.37 -21.81 19.03
CA ALA C 33 -88.17 -21.90 20.50
C ALA C 33 -86.84 -22.59 20.86
N ARG C 34 -85.96 -22.77 19.86
CA ARG C 34 -84.61 -23.32 20.10
C ARG C 34 -83.63 -22.31 19.49
N ILE C 35 -84.17 -21.38 18.68
CA ILE C 35 -83.33 -20.32 18.04
C ILE C 35 -84.12 -19.00 18.15
N PRO C 36 -83.50 -17.83 17.88
CA PRO C 36 -84.23 -16.56 17.89
C PRO C 36 -85.30 -16.51 16.80
N SER C 37 -86.27 -15.59 16.90
CA SER C 37 -87.30 -15.44 15.84
C SER C 37 -86.96 -14.21 14.99
N LEU C 38 -87.75 -13.95 13.94
CA LEU C 38 -87.44 -12.81 13.03
C LEU C 38 -88.02 -11.52 13.63
N ALA C 39 -89.18 -11.58 14.27
CA ALA C 39 -89.82 -10.42 14.94
C ALA C 39 -89.09 -10.06 16.24
N GLU C 40 -88.34 -10.99 16.85
CA GLU C 40 -87.58 -10.76 18.11
C GLU C 40 -86.25 -10.06 17.81
N LEU C 41 -85.63 -10.38 16.66
CA LEU C 41 -84.35 -9.78 16.18
C LEU C 41 -84.29 -8.26 16.38
N GLU C 42 -85.44 -7.58 16.28
CA GLU C 42 -85.48 -6.11 16.43
C GLU C 42 -85.12 -5.74 17.87
N THR C 43 -85.08 -6.73 18.77
CA THR C 43 -84.75 -6.48 20.19
C THR C 43 -83.54 -7.32 20.61
N ILE C 44 -82.69 -7.70 19.64
CA ILE C 44 -81.47 -8.49 19.96
C ILE C 44 -80.28 -7.53 20.05
N GLU C 45 -80.48 -6.27 19.64
CA GLU C 45 -79.36 -5.29 19.63
C GLU C 45 -79.56 -4.28 20.76
N GLN C 46 -80.42 -3.29 20.56
CA GLN C 46 -80.63 -2.22 21.59
C GLN C 46 -81.05 -2.88 22.91
N GLU C 47 -81.96 -3.85 22.85
CA GLU C 47 -82.44 -4.55 24.08
C GLU C 47 -81.29 -5.38 24.66
N GLU C 48 -80.49 -6.02 23.80
CA GLU C 48 -79.40 -6.90 24.28
C GLU C 48 -78.04 -6.23 24.00
N ALA C 49 -77.94 -4.92 24.22
CA ALA C 49 -76.68 -4.19 24.00
C ALA C 49 -75.57 -4.78 24.90
N SER C 50 -75.91 -5.13 26.14
CA SER C 50 -74.93 -5.81 27.02
C SER C 50 -75.12 -7.32 26.91
N SER C 51 -74.31 -8.11 27.64
CA SER C 51 -74.43 -9.59 27.63
C SER C 51 -73.82 -10.17 26.35
N ARG C 52 -73.55 -9.32 25.35
CA ARG C 52 -72.92 -9.78 24.09
C ARG C 52 -71.95 -8.71 23.59
N PRO C 53 -70.70 -9.07 23.19
CA PRO C 53 -69.77 -8.09 22.64
C PRO C 53 -70.28 -7.61 21.28
N LYS C 54 -70.06 -6.33 20.96
CA LYS C 54 -70.57 -5.76 19.67
C LYS C 54 -69.46 -4.92 19.02
N TRP C 55 -69.31 -5.04 17.70
CA TRP C 55 -68.26 -4.27 16.97
C TRP C 55 -68.55 -2.77 17.12
N ASP C 56 -67.60 -2.03 17.69
CA ASP C 56 -67.77 -0.56 17.89
C ASP C 56 -67.91 0.10 16.52
N ASN C 57 -67.10 -0.33 15.55
CA ASN C 57 -67.15 0.26 14.19
C ASN C 57 -67.07 -0.87 13.15
N LYS C 58 -67.84 -0.76 12.06
CA LYS C 58 -67.74 -1.77 10.97
C LYS C 58 -66.28 -1.89 10.57
N ALA C 59 -65.57 -0.76 10.52
CA ALA C 59 -64.11 -0.79 10.21
C ALA C 59 -63.41 -1.88 11.05
N GLN C 60 -63.70 -1.87 12.34
CA GLN C 60 -63.06 -2.73 13.36
C GLN C 60 -63.38 -4.19 13.05
N TYR C 61 -64.59 -4.45 12.57
CA TYR C 61 -65.02 -5.79 12.09
C TYR C 61 -64.32 -6.19 10.79
N MET C 62 -64.26 -5.28 9.83
CA MET C 62 -63.67 -5.55 8.50
C MET C 62 -62.17 -5.85 8.66
N LEU C 63 -61.47 -5.05 9.45
CA LEU C 63 -60.03 -5.29 9.75
C LEU C 63 -59.86 -6.69 10.37
N THR C 64 -60.72 -7.09 11.30
CA THR C 64 -60.63 -8.44 11.92
C THR C 64 -60.75 -9.50 10.83
N CYS C 65 -61.77 -9.42 9.99
CA CYS C 65 -62.00 -10.42 8.92
C CYS C 65 -60.81 -10.41 7.97
N LEU C 66 -60.42 -9.20 7.56
CA LEU C 66 -59.29 -9.00 6.62
C LEU C 66 -58.08 -9.65 7.27
N GLY C 67 -57.76 -9.28 8.50
CA GLY C 67 -56.69 -9.92 9.29
C GLY C 67 -56.82 -11.44 9.29
N PHE C 68 -57.98 -11.94 9.68
CA PHE C 68 -58.16 -13.38 9.94
C PHE C 68 -58.07 -14.16 8.63
N CYS C 69 -58.79 -13.72 7.60
CA CYS C 69 -58.82 -14.42 6.28
C CYS C 69 -57.52 -14.19 5.51
N VAL C 70 -56.85 -13.04 5.69
CA VAL C 70 -55.64 -12.69 4.88
C VAL C 70 -54.40 -12.64 5.78
N GLY C 71 -54.35 -13.47 6.82
CA GLY C 71 -53.20 -13.57 7.74
C GLY C 71 -52.33 -14.72 7.33
N LEU C 72 -51.55 -15.27 8.27
CA LEU C 72 -50.88 -16.58 8.05
C LEU C 72 -51.93 -17.58 7.59
N GLY C 73 -51.61 -18.38 6.62
CA GLY C 73 -52.59 -19.36 6.14
C GLY C 73 -52.97 -18.97 4.75
N ASN C 74 -53.17 -17.68 4.51
CA ASN C 74 -53.29 -17.14 3.14
C ASN C 74 -51.95 -16.64 2.63
N VAL C 75 -51.07 -16.16 3.50
CA VAL C 75 -49.79 -15.49 3.12
C VAL C 75 -48.59 -16.38 3.45
N TRP C 76 -48.77 -17.48 4.17
CA TRP C 76 -47.66 -18.36 4.62
C TRP C 76 -47.69 -19.65 3.79
N ARG C 77 -48.81 -20.35 3.76
CA ARG C 77 -48.89 -21.70 3.14
C ARG C 77 -48.90 -21.50 1.62
N PHE C 78 -49.69 -20.55 1.12
CA PHE C 78 -49.91 -20.34 -0.34
C PHE C 78 -48.58 -20.33 -1.11
N PRO C 79 -47.61 -19.40 -0.86
CA PRO C 79 -46.37 -19.41 -1.64
C PRO C 79 -45.66 -20.76 -1.59
N TYR C 80 -45.69 -21.42 -0.44
CA TYR C 80 -45.07 -22.73 -0.24
C TYR C 80 -45.77 -23.76 -1.13
N LEU C 81 -47.09 -23.72 -1.15
CA LEU C 81 -47.90 -24.61 -2.02
C LEU C 81 -47.58 -24.31 -3.48
N CYS C 82 -47.41 -23.03 -3.82
CA CYS C 82 -47.15 -22.61 -5.23
C CYS C 82 -45.69 -22.92 -5.60
N GLN C 83 -44.74 -22.69 -4.69
CA GLN C 83 -43.33 -23.07 -4.97
C GLN C 83 -43.32 -24.57 -5.25
N SER C 84 -44.15 -25.34 -4.53
CA SER C 84 -44.28 -26.79 -4.81
C SER C 84 -45.28 -26.95 -5.97
N HIS C 85 -45.51 -28.18 -6.44
CA HIS C 85 -46.40 -28.37 -7.62
C HIS C 85 -45.81 -27.52 -8.78
N GLY C 86 -46.55 -26.61 -9.41
CA GLY C 86 -46.01 -25.62 -10.37
C GLY C 86 -46.39 -24.23 -9.96
N GLY C 87 -45.64 -23.23 -10.44
CA GLY C 87 -45.73 -21.82 -10.02
C GLY C 87 -47.13 -21.28 -10.29
N GLY C 88 -47.46 -21.12 -11.56
CA GLY C 88 -48.79 -20.68 -12.03
C GLY C 88 -49.75 -21.84 -12.13
N ALA C 89 -49.23 -23.06 -12.17
CA ALA C 89 -50.02 -24.29 -12.34
C ALA C 89 -51.00 -24.48 -11.19
N PHE C 90 -50.50 -24.23 -9.98
CA PHE C 90 -51.28 -24.39 -8.72
C PHE C 90 -52.21 -23.18 -8.52
N MET C 91 -51.95 -22.04 -9.14
CA MET C 91 -52.74 -20.81 -8.89
C MET C 91 -54.13 -20.94 -9.54
N ILE C 92 -54.24 -21.56 -10.71
CA ILE C 92 -55.52 -21.68 -11.49
C ILE C 92 -56.57 -22.43 -10.66
N PRO C 93 -56.37 -23.72 -10.26
CA PRO C 93 -57.34 -24.45 -9.43
C PRO C 93 -57.76 -23.73 -8.13
N PHE C 94 -56.79 -23.06 -7.51
CA PHE C 94 -57.04 -22.34 -6.23
C PHE C 94 -58.07 -21.24 -6.49
N LEU C 95 -57.90 -20.44 -7.54
CA LEU C 95 -58.85 -19.33 -7.84
C LEU C 95 -60.17 -19.91 -8.36
N ILE C 96 -60.18 -21.10 -8.97
CA ILE C 96 -61.46 -21.74 -9.41
C ILE C 96 -62.26 -22.11 -8.14
N LEU C 97 -61.65 -22.80 -7.20
CA LEU C 97 -62.34 -23.28 -5.97
C LEU C 97 -62.55 -22.14 -4.98
N LEU C 98 -61.78 -21.04 -5.09
CA LEU C 98 -61.91 -19.88 -4.17
C LEU C 98 -63.33 -19.29 -4.27
N VAL C 99 -63.92 -19.29 -5.48
CA VAL C 99 -65.28 -18.77 -5.74
C VAL C 99 -66.28 -19.91 -5.83
N LEU C 100 -65.95 -20.99 -6.53
CA LEU C 100 -66.89 -22.13 -6.71
C LEU C 100 -67.12 -22.91 -5.41
N GLU C 101 -66.29 -22.71 -4.40
CA GLU C 101 -66.36 -23.47 -3.11
C GLU C 101 -66.16 -22.58 -1.88
N GLY C 102 -65.29 -21.58 -1.90
CA GLY C 102 -64.96 -20.72 -0.74
C GLY C 102 -65.90 -19.55 -0.51
N ILE C 103 -66.24 -18.80 -1.56
CA ILE C 103 -67.18 -17.64 -1.44
C ILE C 103 -68.53 -18.13 -0.88
N PRO C 104 -69.15 -19.23 -1.39
CA PRO C 104 -70.42 -19.75 -0.86
C PRO C 104 -70.33 -20.00 0.64
N LEU C 105 -69.34 -20.80 1.06
CA LEU C 105 -69.21 -21.21 2.48
C LEU C 105 -68.87 -20.00 3.34
N LEU C 106 -68.17 -19.00 2.81
CA LEU C 106 -67.86 -17.77 3.58
C LEU C 106 -69.13 -16.95 3.76
N TYR C 107 -69.98 -16.88 2.72
CA TYR C 107 -71.27 -16.15 2.84
C TYR C 107 -72.18 -16.90 3.80
N LEU C 108 -72.16 -18.24 3.74
CA LEU C 108 -73.04 -19.08 4.60
C LEU C 108 -72.61 -19.00 6.07
N GLU C 109 -71.32 -18.77 6.36
CA GLU C 109 -70.80 -18.65 7.74
C GLU C 109 -71.15 -17.27 8.30
N PHE C 110 -71.06 -16.24 7.49
CA PHE C 110 -71.36 -14.84 7.88
C PHE C 110 -72.85 -14.67 8.15
N ALA C 111 -73.69 -15.07 7.21
CA ALA C 111 -75.16 -14.92 7.33
C ALA C 111 -75.67 -15.72 8.54
N ILE C 112 -75.23 -16.96 8.73
CA ILE C 112 -75.85 -17.79 9.81
C ILE C 112 -75.43 -17.25 11.18
N GLY C 113 -74.19 -16.75 11.32
CA GLY C 113 -73.73 -16.06 12.54
C GLY C 113 -74.55 -14.81 12.79
N GLN C 114 -74.79 -14.01 11.75
CA GLN C 114 -75.57 -12.75 11.89
C GLN C 114 -77.04 -13.05 12.22
N ARG C 115 -77.59 -14.19 11.83
CA ARG C 115 -79.04 -14.47 12.01
C ARG C 115 -79.29 -15.07 13.39
N LEU C 116 -78.59 -16.14 13.74
CA LEU C 116 -78.83 -16.88 15.01
C LEU C 116 -78.18 -16.17 16.21
N ARG C 117 -77.33 -15.15 16.01
CA ARG C 117 -76.80 -14.28 17.10
C ARG C 117 -76.05 -15.11 18.17
N ARG C 118 -75.34 -16.15 17.72
CA ARG C 118 -74.53 -16.98 18.65
C ARG C 118 -73.24 -17.44 17.96
N GLY C 119 -72.28 -17.94 18.74
CA GLY C 119 -71.00 -18.48 18.22
C GLY C 119 -71.19 -19.82 17.52
N SER C 120 -70.09 -20.42 17.07
CA SER C 120 -70.12 -21.69 16.28
C SER C 120 -70.94 -22.76 17.00
N LEU C 121 -70.48 -23.23 18.15
CA LEU C 121 -71.12 -24.35 18.90
C LEU C 121 -72.62 -24.04 19.08
N GLY C 122 -72.94 -22.84 19.56
CA GLY C 122 -74.35 -22.42 19.79
C GLY C 122 -75.18 -22.54 18.51
N VAL C 123 -74.65 -22.04 17.40
CA VAL C 123 -75.37 -22.05 16.10
C VAL C 123 -75.72 -23.50 15.73
N TRP C 124 -74.74 -24.39 15.76
CA TRP C 124 -74.96 -25.81 15.33
C TRP C 124 -75.97 -26.48 16.26
N SER C 125 -75.82 -26.32 17.57
CA SER C 125 -76.74 -26.94 18.56
C SER C 125 -78.15 -26.38 18.36
N SER C 126 -78.26 -25.09 18.04
CA SER C 126 -79.57 -24.44 17.78
C SER C 126 -80.28 -25.13 16.59
N ILE C 127 -79.54 -25.38 15.52
CA ILE C 127 -80.10 -26.07 14.32
C ILE C 127 -80.49 -27.48 14.75
N HIS C 128 -79.60 -28.19 15.47
CA HIS C 128 -79.88 -29.56 15.97
C HIS C 128 -78.87 -29.94 17.06
N PRO C 129 -79.32 -30.53 18.20
CA PRO C 129 -78.42 -30.92 19.28
C PRO C 129 -77.25 -31.79 18.82
N ALA C 130 -77.52 -32.79 17.99
CA ALA C 130 -76.49 -33.67 17.38
C ALA C 130 -75.41 -32.86 16.63
N LEU C 131 -75.76 -31.71 16.08
CA LEU C 131 -74.78 -30.85 15.37
C LEU C 131 -73.76 -30.26 16.34
N LYS C 132 -73.98 -30.38 17.65
CA LYS C 132 -73.01 -29.92 18.67
C LYS C 132 -71.60 -30.45 18.35
N GLY C 133 -71.49 -31.71 17.91
CA GLY C 133 -70.21 -32.31 17.50
C GLY C 133 -69.48 -31.46 16.48
N LEU C 134 -70.23 -30.84 15.55
CA LEU C 134 -69.64 -29.95 14.52
C LEU C 134 -68.89 -28.81 15.19
N GLY C 135 -69.52 -28.15 16.16
CA GLY C 135 -68.87 -27.07 16.93
C GLY C 135 -67.73 -27.59 17.77
N LEU C 136 -67.89 -28.77 18.36
CA LEU C 136 -66.83 -29.41 19.18
C LEU C 136 -65.57 -29.61 18.34
N ALA C 137 -65.73 -30.15 17.14
CA ALA C 137 -64.59 -30.35 16.20
C ALA C 137 -64.01 -28.99 15.83
N SER C 138 -64.87 -28.04 15.47
CA SER C 138 -64.42 -26.68 15.12
C SER C 138 -63.51 -26.13 16.23
N MET C 139 -63.88 -26.32 17.50
CA MET C 139 -63.06 -25.87 18.67
C MET C 139 -61.70 -26.59 18.67
N LEU C 140 -61.69 -27.92 18.51
CA LEU C 140 -60.45 -28.73 18.51
C LEU C 140 -59.55 -28.31 17.36
N THR C 141 -60.13 -28.14 16.17
CA THR C 141 -59.40 -27.76 14.94
C THR C 141 -58.77 -26.40 15.17
N SER C 142 -59.53 -25.46 15.70
CA SER C 142 -59.04 -24.08 15.98
C SER C 142 -57.87 -24.12 16.98
N PHE C 143 -58.00 -24.96 18.01
CA PHE C 143 -56.96 -25.19 19.04
C PHE C 143 -55.66 -25.64 18.37
N MET C 144 -55.75 -26.70 17.56
CA MET C 144 -54.59 -27.34 16.88
C MET C 144 -53.95 -26.35 15.92
N VAL C 145 -54.73 -25.58 15.18
CA VAL C 145 -54.15 -24.65 14.16
C VAL C 145 -53.48 -23.48 14.89
N GLY C 146 -54.00 -23.05 16.03
CA GLY C 146 -53.35 -22.02 16.87
C GLY C 146 -52.03 -22.53 17.41
N LEU C 147 -52.01 -23.79 17.86
CA LEU C 147 -50.80 -24.46 18.41
C LEU C 147 -49.69 -24.49 17.35
N TYR C 148 -50.09 -24.73 16.10
CA TYR C 148 -49.21 -24.77 14.93
C TYR C 148 -48.71 -23.37 14.63
N TYR C 149 -49.62 -22.44 14.41
CA TYR C 149 -49.29 -21.02 14.10
C TYR C 149 -48.37 -20.44 15.17
N ASN C 150 -48.76 -20.54 16.43
CA ASN C 150 -47.97 -19.97 17.57
C ASN C 150 -46.48 -20.29 17.41
N THR C 151 -46.16 -21.55 17.16
CA THR C 151 -44.76 -22.02 16.93
C THR C 151 -44.12 -21.19 15.80
N ILE C 152 -44.77 -21.10 14.65
CA ILE C 152 -44.31 -20.27 13.50
C ILE C 152 -44.05 -18.84 14.02
N ILE C 153 -44.97 -18.29 14.82
CA ILE C 153 -44.79 -16.92 15.42
C ILE C 153 -43.53 -16.93 16.27
N SER C 154 -43.30 -17.98 17.04
CA SER C 154 -42.16 -18.06 17.98
C SER C 154 -40.86 -18.04 17.16
N TRP C 155 -40.80 -18.81 16.08
CA TRP C 155 -39.62 -18.81 15.18
C TRP C 155 -39.46 -17.45 14.52
N ILE C 156 -40.55 -16.86 14.08
CA ILE C 156 -40.52 -15.50 13.46
C ILE C 156 -39.86 -14.57 14.49
N MET C 157 -40.30 -14.61 15.73
CA MET C 157 -39.85 -13.57 16.68
C MET C 157 -38.46 -13.96 17.23
N TRP C 158 -38.03 -15.22 17.17
CA TRP C 158 -36.60 -15.58 17.38
C TRP C 158 -35.78 -14.80 16.35
N TYR C 159 -36.12 -14.99 15.07
CA TYR C 159 -35.48 -14.28 13.95
C TYR C 159 -35.60 -12.77 14.11
N LEU C 160 -36.77 -12.27 14.53
CA LEU C 160 -36.93 -10.81 14.73
C LEU C 160 -36.03 -10.33 15.86
N PHE C 161 -35.83 -11.11 16.91
CA PHE C 161 -34.94 -10.68 18.03
C PHE C 161 -33.48 -10.61 17.60
N ASN C 162 -33.05 -11.44 16.66
CA ASN C 162 -31.62 -11.49 16.23
C ASN C 162 -31.37 -10.45 15.14
N SER C 163 -32.34 -9.70 14.65
CA SER C 163 -32.09 -8.87 13.44
C SER C 163 -31.83 -7.42 13.85
N PHE C 164 -31.14 -7.16 14.96
CA PHE C 164 -30.76 -5.77 15.38
C PHE C 164 -29.22 -5.60 15.44
N GLN C 165 -28.49 -6.33 14.59
CA GLN C 165 -27.01 -6.34 14.57
C GLN C 165 -26.55 -6.08 13.15
N GLU C 166 -25.81 -4.99 12.88
CA GLU C 166 -25.41 -4.57 11.50
C GLU C 166 -25.12 -5.82 10.66
N PRO C 167 -24.14 -6.70 11.02
CA PRO C 167 -23.91 -7.94 10.30
C PRO C 167 -24.88 -8.98 10.86
N LEU C 168 -25.96 -9.29 10.15
CA LEU C 168 -27.01 -10.21 10.70
C LEU C 168 -26.37 -11.55 11.07
N PRO C 169 -26.70 -12.16 12.22
CA PRO C 169 -26.13 -13.44 12.66
C PRO C 169 -26.12 -14.63 11.69
N TRP C 170 -26.97 -14.63 10.67
CA TRP C 170 -26.98 -15.71 9.65
C TRP C 170 -26.22 -15.26 8.39
N SER C 171 -25.35 -14.27 8.44
CA SER C 171 -24.53 -13.90 7.26
C SER C 171 -23.10 -14.46 7.35
N ASP C 172 -22.78 -15.35 8.31
CA ASP C 172 -21.42 -15.93 8.50
C ASP C 172 -21.47 -17.14 9.44
N CYS C 173 -20.35 -17.83 9.61
CA CYS C 173 -20.27 -19.09 10.40
C CYS C 173 -19.38 -18.91 11.60
N PRO C 174 -19.51 -19.77 12.65
CA PRO C 174 -18.59 -19.74 13.78
C PRO C 174 -17.26 -20.37 13.36
N LEU C 175 -16.14 -19.71 13.67
CA LEU C 175 -14.77 -20.17 13.33
C LEU C 175 -14.58 -21.63 13.75
N ASN C 176 -13.69 -22.35 13.07
CA ASN C 176 -13.48 -23.81 13.34
C ASN C 176 -13.06 -24.04 14.79
N GLU C 177 -12.96 -25.30 15.22
CA GLU C 177 -12.46 -25.60 16.60
C GLU C 177 -11.12 -24.89 16.79
N ASN C 178 -10.26 -24.88 15.76
CA ASN C 178 -8.95 -24.19 15.83
C ASN C 178 -9.14 -22.76 15.28
N GLN C 179 -10.35 -22.22 15.31
CA GLN C 179 -10.67 -20.86 14.79
C GLN C 179 -10.01 -20.63 13.42
N THR C 180 -10.11 -21.64 12.56
CA THR C 180 -9.44 -21.68 11.23
C THR C 180 -10.55 -21.57 10.19
N GLY C 181 -11.20 -22.69 9.84
CA GLY C 181 -12.35 -22.70 8.93
C GLY C 181 -13.64 -22.43 9.67
N TYR C 182 -14.68 -23.19 9.37
CA TYR C 182 -16.00 -23.08 10.04
C TYR C 182 -16.59 -24.47 10.23
N VAL C 183 -17.65 -24.57 11.04
CA VAL C 183 -18.30 -25.88 11.34
C VAL C 183 -18.51 -26.61 10.01
N ASP C 184 -18.13 -27.88 9.93
CA ASP C 184 -18.21 -28.66 8.65
C ASP C 184 -19.62 -28.45 8.05
N GLU C 185 -20.66 -28.51 8.89
CA GLU C 185 -22.04 -28.24 8.47
C GLU C 185 -22.06 -26.89 7.74
N CYS C 186 -21.71 -25.82 8.46
CA CYS C 186 -21.74 -24.45 7.87
C CYS C 186 -20.88 -24.41 6.60
N ALA C 187 -19.74 -25.10 6.60
CA ALA C 187 -18.82 -25.11 5.44
C ALA C 187 -19.47 -25.87 4.28
N ARG C 188 -20.00 -27.06 4.55
CA ARG C 188 -20.56 -27.96 3.50
C ARG C 188 -21.93 -27.41 3.11
N SER C 189 -22.71 -26.88 4.05
CA SER C 189 -24.04 -26.26 3.82
C SER C 189 -23.89 -24.74 3.71
N SER C 190 -24.95 -23.97 3.90
CA SER C 190 -24.96 -22.50 3.85
C SER C 190 -24.95 -21.89 5.26
N PRO C 191 -24.35 -20.69 5.45
CA PRO C 191 -24.46 -19.92 6.68
C PRO C 191 -25.92 -19.84 7.14
N VAL C 192 -26.82 -19.43 6.25
CA VAL C 192 -28.29 -19.43 6.59
C VAL C 192 -28.74 -20.84 6.95
N ASP C 193 -28.22 -21.88 6.30
CA ASP C 193 -28.63 -23.25 6.69
C ASP C 193 -28.14 -23.57 8.09
N TYR C 194 -26.99 -23.07 8.45
CA TYR C 194 -26.40 -23.40 9.77
C TYR C 194 -27.09 -22.61 10.87
N PHE C 195 -27.57 -21.42 10.55
CA PHE C 195 -28.25 -20.59 11.57
C PHE C 195 -29.64 -21.15 11.83
N TRP C 196 -30.31 -21.67 10.79
CA TRP C 196 -31.64 -22.26 10.93
C TRP C 196 -31.51 -23.60 11.67
N TYR C 197 -30.77 -24.52 11.08
CA TYR C 197 -30.82 -25.94 11.53
C TYR C 197 -30.03 -26.14 12.84
N ARG C 198 -28.94 -25.40 13.04
CA ARG C 198 -28.08 -25.65 14.23
C ARG C 198 -28.28 -24.56 15.27
N GLU C 199 -28.13 -23.29 14.89
CA GLU C 199 -28.20 -22.20 15.90
C GLU C 199 -29.64 -21.94 16.38
N THR C 200 -30.69 -22.29 15.61
CA THR C 200 -32.09 -22.00 16.01
C THR C 200 -32.78 -23.29 16.42
N LEU C 201 -32.73 -24.31 15.60
CA LEU C 201 -33.42 -25.57 15.92
C LEU C 201 -32.53 -26.47 16.76
N ASN C 202 -31.21 -26.48 16.55
CA ASN C 202 -30.36 -27.55 17.11
C ASN C 202 -31.05 -28.88 16.80
N ILE C 203 -31.41 -29.04 15.53
CA ILE C 203 -32.25 -30.17 15.04
C ILE C 203 -31.52 -31.50 15.17
N SER C 204 -32.23 -32.57 15.51
CA SER C 204 -31.65 -33.93 15.66
C SER C 204 -31.70 -34.68 14.32
N THR C 205 -31.36 -35.95 14.34
CA THR C 205 -31.15 -36.80 13.15
C THR C 205 -32.50 -37.32 12.64
N SER C 206 -33.47 -37.54 13.54
CA SER C 206 -34.72 -38.31 13.27
C SER C 206 -35.83 -37.80 14.16
N ILE C 207 -37.08 -38.05 13.78
CA ILE C 207 -38.25 -37.78 14.68
C ILE C 207 -38.11 -38.67 15.92
N SER C 208 -37.58 -39.89 15.74
CA SER C 208 -37.38 -40.89 16.81
C SER C 208 -36.41 -40.32 17.85
N ASP C 209 -35.30 -39.72 17.40
CA ASP C 209 -34.31 -39.10 18.31
C ASP C 209 -34.93 -37.84 18.92
N SER C 210 -35.70 -37.99 20.00
CA SER C 210 -36.28 -36.81 20.70
C SER C 210 -35.14 -35.99 21.31
N GLY C 211 -35.29 -34.66 21.35
CA GLY C 211 -34.22 -33.79 21.87
C GLY C 211 -34.58 -33.16 23.20
N SER C 212 -34.04 -31.98 23.48
CA SER C 212 -34.33 -31.28 24.76
C SER C 212 -35.05 -29.95 24.49
N ILE C 213 -35.78 -29.44 25.48
CA ILE C 213 -36.52 -28.15 25.31
C ILE C 213 -35.50 -27.00 25.13
N GLN C 214 -34.86 -26.95 23.95
CA GLN C 214 -33.88 -25.87 23.65
C GLN C 214 -34.40 -24.61 24.33
N TRP C 215 -33.76 -24.22 25.43
CA TRP C 215 -34.28 -23.17 26.35
C TRP C 215 -34.66 -21.86 25.62
N TRP C 216 -33.93 -21.50 24.57
CA TRP C 216 -34.15 -20.20 23.87
C TRP C 216 -35.41 -20.28 22.99
N MET C 217 -35.68 -21.44 22.39
CA MET C 217 -36.97 -21.70 21.67
C MET C 217 -38.14 -21.60 22.66
N LEU C 218 -38.02 -22.23 23.84
CA LEU C 218 -39.04 -22.16 24.92
C LEU C 218 -39.27 -20.70 25.30
N LEU C 219 -38.20 -19.93 25.37
CA LEU C 219 -38.24 -18.53 25.84
C LEU C 219 -39.01 -17.70 24.80
N CYS C 220 -38.73 -17.88 23.51
CA CYS C 220 -39.46 -17.16 22.42
C CYS C 220 -40.91 -17.60 22.35
N LEU C 221 -41.19 -18.89 22.59
CA LEU C 221 -42.57 -19.42 22.61
C LEU C 221 -43.36 -18.74 23.73
N ALA C 222 -42.73 -18.56 24.90
CA ALA C 222 -43.31 -17.86 26.06
C ALA C 222 -43.64 -16.44 25.66
N CYS C 223 -42.71 -15.77 24.99
CA CYS C 223 -42.92 -14.39 24.49
C CYS C 223 -44.15 -14.35 23.57
N ALA C 224 -44.26 -15.31 22.65
CA ALA C 224 -45.39 -15.40 21.68
C ALA C 224 -46.73 -15.48 22.44
N TRP C 225 -46.87 -16.46 23.33
CA TRP C 225 -48.12 -16.75 24.10
C TRP C 225 -48.46 -15.54 24.98
N SER C 226 -47.45 -14.96 25.61
CA SER C 226 -47.54 -13.76 26.47
C SER C 226 -48.15 -12.59 25.68
N VAL C 227 -47.63 -12.29 24.48
CA VAL C 227 -48.11 -11.15 23.64
C VAL C 227 -49.56 -11.45 23.23
N LEU C 228 -49.84 -12.70 22.89
CA LEU C 228 -51.19 -13.06 22.42
C LEU C 228 -52.20 -12.91 23.56
N TYR C 229 -51.85 -13.34 24.78
CA TYR C 229 -52.73 -13.20 25.96
C TYR C 229 -52.99 -11.73 26.24
N MET C 230 -51.94 -10.91 26.16
CA MET C 230 -52.03 -9.44 26.34
C MET C 230 -53.04 -8.87 25.32
N CYS C 231 -52.96 -9.29 24.05
CA CYS C 231 -53.84 -8.77 22.97
C CYS C 231 -55.25 -9.37 23.02
N THR C 232 -55.48 -10.49 23.70
CA THR C 232 -56.79 -11.20 23.73
C THR C 232 -57.26 -11.36 25.17
N ILE C 233 -56.80 -10.49 26.08
CA ILE C 233 -57.05 -10.54 27.57
C ILE C 233 -58.56 -10.64 27.85
N ARG C 234 -59.34 -9.80 27.20
CA ARG C 234 -60.75 -9.44 27.44
C ARG C 234 -61.46 -9.50 26.10
N GLY C 235 -61.63 -10.71 25.54
CA GLY C 235 -62.28 -10.98 24.25
C GLY C 235 -61.99 -9.97 23.13
N ILE C 236 -63.06 -9.42 22.56
CA ILE C 236 -63.02 -8.59 21.33
C ILE C 236 -62.94 -7.12 21.74
N GLU C 237 -63.13 -6.80 23.02
CA GLU C 237 -62.95 -5.40 23.53
C GLU C 237 -61.46 -5.14 23.79
N THR C 238 -60.56 -6.04 23.41
CA THR C 238 -59.10 -5.84 23.42
C THR C 238 -58.43 -6.19 22.09
N THR C 239 -59.02 -7.02 21.23
CA THR C 239 -58.45 -7.44 19.92
C THR C 239 -58.80 -6.40 18.85
N GLY C 240 -60.00 -5.83 18.89
CA GLY C 240 -60.44 -4.75 17.98
C GLY C 240 -59.54 -3.53 18.04
N LYS C 241 -59.06 -3.18 19.22
CA LYS C 241 -58.05 -2.09 19.38
C LYS C 241 -56.71 -2.54 18.77
N ALA C 242 -56.38 -3.84 18.84
CA ALA C 242 -55.09 -4.40 18.35
C ALA C 242 -55.05 -4.40 16.83
N VAL C 243 -56.15 -4.78 16.19
CA VAL C 243 -56.21 -4.95 14.71
C VAL C 243 -56.02 -3.61 13.97
N TYR C 244 -56.09 -2.46 14.65
CA TYR C 244 -55.73 -1.15 14.04
C TYR C 244 -54.25 -1.12 13.63
N ILE C 245 -53.32 -1.72 14.38
CA ILE C 245 -51.88 -1.81 13.95
C ILE C 245 -51.60 -3.18 13.33
N THR C 246 -52.44 -4.18 13.55
CA THR C 246 -52.08 -5.58 13.27
C THR C 246 -52.63 -6.01 11.90
N SER C 247 -53.65 -5.35 11.37
CA SER C 247 -54.19 -5.65 10.02
C SER C 247 -53.86 -4.53 9.05
N THR C 248 -53.01 -3.56 9.38
CA THR C 248 -52.67 -2.49 8.41
C THR C 248 -51.19 -2.59 8.08
N LEU C 249 -50.35 -2.47 9.11
CA LEU C 249 -48.87 -2.59 9.02
C LEU C 249 -48.44 -3.73 8.10
N PRO C 250 -48.96 -4.99 8.26
CA PRO C 250 -48.59 -6.08 7.35
C PRO C 250 -48.83 -5.82 5.86
N TYR C 251 -49.81 -5.01 5.51
CA TYR C 251 -50.09 -4.72 4.09
C TYR C 251 -49.32 -3.47 3.66
N VAL C 252 -48.86 -2.62 4.56
CA VAL C 252 -48.06 -1.42 4.13
C VAL C 252 -46.57 -1.80 4.09
N VAL C 253 -46.19 -3.00 4.52
CA VAL C 253 -44.81 -3.56 4.45
C VAL C 253 -44.71 -4.57 3.31
N LEU C 254 -45.79 -5.18 2.86
CA LEU C 254 -45.75 -6.22 1.81
C LEU C 254 -45.81 -5.53 0.44
N THR C 255 -46.19 -4.27 0.38
CA THR C 255 -46.12 -3.50 -0.89
C THR C 255 -44.73 -2.90 -1.10
N ILE C 256 -43.94 -2.81 -0.05
CA ILE C 256 -42.54 -2.28 -0.11
C ILE C 256 -41.65 -3.44 -0.52
N PHE C 257 -41.87 -4.61 0.06
CA PHE C 257 -41.14 -5.86 -0.32
C PHE C 257 -41.43 -6.17 -1.77
N LEU C 258 -42.66 -5.91 -2.23
CA LEU C 258 -42.99 -6.08 -3.67
C LEU C 258 -42.07 -5.18 -4.49
N ILE C 259 -42.00 -3.90 -4.13
CA ILE C 259 -41.15 -2.91 -4.86
C ILE C 259 -39.70 -3.39 -4.77
N ARG C 260 -39.22 -3.65 -3.56
CA ARG C 260 -37.85 -4.14 -3.32
C ARG C 260 -37.63 -5.42 -4.14
N GLY C 261 -38.53 -6.38 -4.01
CA GLY C 261 -38.43 -7.68 -4.70
C GLY C 261 -38.38 -7.49 -6.20
N LEU C 262 -39.25 -6.64 -6.75
CA LEU C 262 -39.24 -6.30 -8.19
C LEU C 262 -37.91 -5.64 -8.55
N THR C 263 -37.40 -4.77 -7.67
CA THR C 263 -36.09 -4.10 -7.89
C THR C 263 -34.95 -5.04 -7.45
N LEU C 264 -34.90 -6.27 -7.96
CA LEU C 264 -33.82 -7.24 -7.64
C LEU C 264 -33.24 -7.79 -8.93
N LYS C 265 -31.90 -7.92 -8.99
CA LYS C 265 -31.23 -8.49 -10.19
C LYS C 265 -31.79 -9.89 -10.45
N GLY C 266 -32.37 -10.10 -11.63
CA GLY C 266 -32.94 -11.39 -12.02
C GLY C 266 -34.32 -11.66 -11.44
N ALA C 267 -34.98 -10.67 -10.85
CA ALA C 267 -36.32 -10.81 -10.20
C ALA C 267 -37.35 -11.12 -11.28
N THR C 268 -37.33 -10.35 -12.35
CA THR C 268 -38.23 -10.51 -13.54
C THR C 268 -38.06 -11.90 -14.19
N ASN C 269 -36.98 -12.62 -13.89
CA ASN C 269 -36.82 -14.00 -14.42
C ASN C 269 -37.76 -14.93 -13.63
N GLY C 270 -37.63 -14.94 -12.30
CA GLY C 270 -38.49 -15.78 -11.46
C GLY C 270 -39.96 -15.40 -11.59
N ILE C 271 -40.24 -14.10 -11.75
CA ILE C 271 -41.64 -13.63 -11.93
C ILE C 271 -42.23 -14.32 -13.16
N VAL C 272 -41.52 -14.29 -14.29
CA VAL C 272 -41.99 -14.97 -15.53
C VAL C 272 -42.08 -16.46 -15.24
N PHE C 273 -41.07 -17.01 -14.54
CA PHE C 273 -41.07 -18.46 -14.20
C PHE C 273 -42.39 -18.80 -13.49
N LEU C 274 -42.85 -17.90 -12.61
CA LEU C 274 -44.13 -18.12 -11.87
C LEU C 274 -45.29 -18.14 -12.87
N PHE C 275 -45.27 -17.28 -13.88
CA PHE C 275 -46.40 -17.18 -14.83
C PHE C 275 -46.22 -18.19 -15.98
N THR C 276 -45.16 -18.99 -15.94
CA THR C 276 -44.96 -20.05 -16.96
C THR C 276 -45.34 -21.39 -16.34
N PRO C 277 -46.63 -21.80 -16.36
CA PRO C 277 -47.06 -23.03 -15.70
C PRO C 277 -47.26 -24.25 -16.60
N ASN C 278 -46.36 -25.25 -16.52
CA ASN C 278 -46.55 -26.50 -17.29
C ASN C 278 -48.00 -26.94 -17.03
N VAL C 279 -48.73 -27.21 -18.10
CA VAL C 279 -50.18 -27.59 -18.01
C VAL C 279 -50.27 -29.02 -17.47
N THR C 280 -49.22 -29.84 -17.62
CA THR C 280 -49.25 -31.24 -17.13
C THR C 280 -49.29 -31.27 -15.60
N GLU C 281 -48.94 -30.20 -14.87
CA GLU C 281 -49.16 -30.16 -13.39
C GLU C 281 -50.62 -29.88 -13.08
N LEU C 282 -51.35 -29.15 -13.95
CA LEU C 282 -52.81 -28.89 -13.74
C LEU C 282 -53.62 -30.18 -13.97
N ALA C 283 -53.07 -31.20 -14.64
CA ALA C 283 -53.76 -32.49 -14.91
C ALA C 283 -53.28 -33.58 -13.93
N GLN C 284 -52.90 -33.18 -12.71
CA GLN C 284 -52.49 -34.14 -11.66
C GLN C 284 -53.45 -33.96 -10.48
N PRO C 285 -54.04 -35.05 -9.90
CA PRO C 285 -55.05 -34.91 -8.85
C PRO C 285 -54.57 -34.15 -7.59
N ASP C 286 -53.41 -34.53 -7.05
CA ASP C 286 -52.93 -33.92 -5.78
C ASP C 286 -52.89 -32.39 -5.92
N THR C 287 -52.53 -31.88 -7.10
CA THR C 287 -52.41 -30.41 -7.29
C THR C 287 -53.71 -29.73 -6.85
N TRP C 288 -54.85 -30.22 -7.34
CA TRP C 288 -56.17 -29.62 -6.98
C TRP C 288 -56.53 -29.98 -5.53
N LEU C 289 -56.16 -31.19 -5.08
CA LEU C 289 -56.43 -31.59 -3.68
C LEU C 289 -55.76 -30.58 -2.75
N ASP C 290 -54.53 -30.18 -3.06
CA ASP C 290 -53.77 -29.22 -2.22
C ASP C 290 -54.35 -27.81 -2.42
N ALA C 291 -55.22 -27.64 -3.42
CA ALA C 291 -55.87 -26.32 -3.63
C ALA C 291 -57.12 -26.22 -2.74
N GLY C 292 -57.97 -27.26 -2.67
CA GLY C 292 -59.23 -27.27 -1.89
C GLY C 292 -58.99 -27.12 -0.40
N ALA C 293 -58.12 -27.97 0.14
CA ALA C 293 -57.64 -27.89 1.55
C ALA C 293 -57.14 -26.46 1.80
N GLN C 294 -56.39 -25.93 0.84
CA GLN C 294 -55.82 -24.58 0.93
C GLN C 294 -56.91 -23.52 0.94
N VAL C 295 -58.01 -23.71 0.21
CA VAL C 295 -59.13 -22.72 0.24
C VAL C 295 -59.58 -22.55 1.69
N PHE C 296 -59.87 -23.66 2.38
CA PHE C 296 -60.35 -23.66 3.79
C PHE C 296 -59.29 -23.23 4.80
N PHE C 297 -58.03 -23.04 4.43
CA PHE C 297 -57.02 -22.40 5.32
C PHE C 297 -56.87 -20.92 4.95
N SER C 298 -56.99 -20.57 3.68
CA SER C 298 -56.84 -19.17 3.22
C SER C 298 -57.88 -18.34 3.98
N PHE C 299 -59.15 -18.66 3.78
CA PHE C 299 -60.30 -18.17 4.55
C PHE C 299 -60.38 -19.07 5.76
N SER C 300 -60.39 -18.55 6.97
CA SER C 300 -60.36 -19.45 8.14
C SER C 300 -61.74 -20.11 8.33
N LEU C 301 -62.16 -20.92 7.36
CA LEU C 301 -63.48 -21.57 7.26
C LEU C 301 -63.37 -22.87 8.04
N ALA C 302 -64.38 -23.18 8.86
CA ALA C 302 -64.51 -24.36 9.75
C ALA C 302 -63.64 -24.22 11.03
N PHE C 303 -62.96 -23.11 11.28
CA PHE C 303 -62.41 -22.81 12.63
C PHE C 303 -63.52 -22.30 13.51
N GLY C 304 -64.56 -21.69 12.94
CA GLY C 304 -65.74 -21.22 13.69
C GLY C 304 -65.59 -19.79 14.20
N GLY C 305 -64.39 -19.21 14.22
CA GLY C 305 -64.15 -17.79 14.52
C GLY C 305 -65.08 -16.89 13.76
N LEU C 306 -65.18 -17.04 12.44
CA LEU C 306 -65.94 -16.10 11.55
C LEU C 306 -67.40 -16.03 12.00
N ILE C 307 -68.04 -17.18 12.29
CA ILE C 307 -69.46 -17.26 12.76
C ILE C 307 -69.62 -16.33 13.97
N SER C 308 -68.74 -16.45 14.97
CA SER C 308 -68.75 -15.63 16.20
C SER C 308 -68.58 -14.15 15.84
N PHE C 309 -67.59 -13.80 15.03
CA PHE C 309 -67.31 -12.39 14.68
C PHE C 309 -68.48 -11.77 13.90
N SER C 310 -69.14 -12.51 13.02
CA SER C 310 -70.32 -12.01 12.28
C SER C 310 -71.54 -11.89 13.21
N SER C 311 -71.60 -12.66 14.31
CA SER C 311 -72.71 -12.59 15.29
C SER C 311 -72.68 -11.31 16.13
N TYR C 312 -71.64 -10.47 16.10
CA TYR C 312 -71.56 -9.20 16.86
C TYR C 312 -71.87 -8.02 15.95
N ASN C 313 -72.36 -8.26 14.74
CA ASN C 313 -72.74 -7.15 13.82
C ASN C 313 -74.17 -6.72 14.09
N SER C 314 -74.57 -5.60 13.51
CA SER C 314 -75.99 -5.21 13.34
C SER C 314 -76.75 -6.33 12.61
N VAL C 315 -78.00 -6.54 13.01
CA VAL C 315 -78.87 -7.57 12.38
C VAL C 315 -79.12 -7.17 10.92
N HIS C 316 -79.08 -5.88 10.58
CA HIS C 316 -79.33 -5.35 9.22
C HIS C 316 -78.00 -5.00 8.52
N ASN C 317 -76.92 -5.77 8.76
CA ASN C 317 -75.63 -5.56 8.04
C ASN C 317 -75.61 -6.38 6.75
N ASN C 318 -75.13 -5.78 5.65
CA ASN C 318 -75.06 -6.48 4.34
C ASN C 318 -73.85 -7.43 4.35
N CYS C 319 -74.08 -8.70 4.72
CA CYS C 319 -73.02 -9.74 4.83
C CYS C 319 -72.64 -10.32 3.45
N GLU C 320 -73.49 -10.15 2.44
CA GLU C 320 -73.17 -10.58 1.04
C GLU C 320 -72.04 -9.70 0.51
N LYS C 321 -72.15 -8.38 0.72
CA LYS C 321 -71.12 -7.39 0.32
C LYS C 321 -69.82 -7.75 1.05
N ASP C 322 -69.90 -8.06 2.35
CA ASP C 322 -68.71 -8.35 3.18
C ASP C 322 -68.02 -9.61 2.69
N SER C 323 -68.78 -10.66 2.38
CA SER C 323 -68.18 -11.95 1.92
C SER C 323 -67.46 -11.72 0.59
N VAL C 324 -68.10 -11.02 -0.33
CA VAL C 324 -67.53 -10.78 -1.68
C VAL C 324 -66.27 -9.90 -1.52
N ILE C 325 -66.31 -8.83 -0.73
CA ILE C 325 -65.14 -7.93 -0.53
C ILE C 325 -63.99 -8.74 0.07
N VAL C 326 -64.26 -9.51 1.13
CA VAL C 326 -63.22 -10.33 1.82
C VAL C 326 -62.60 -11.30 0.81
N SER C 327 -63.45 -11.96 0.03
CA SER C 327 -62.97 -12.97 -0.95
C SER C 327 -62.11 -12.35 -2.04
N ILE C 328 -62.55 -11.23 -2.62
CA ILE C 328 -61.78 -10.52 -3.67
C ILE C 328 -60.43 -10.20 -3.07
N ILE C 329 -60.42 -9.49 -1.93
CA ILE C 329 -59.15 -9.08 -1.25
C ILE C 329 -58.33 -10.34 -1.00
N ASN C 330 -58.95 -11.40 -0.48
CA ASN C 330 -58.20 -12.64 -0.16
C ASN C 330 -57.64 -13.30 -1.41
N GLY C 331 -58.39 -13.28 -2.52
CA GLY C 331 -57.94 -13.86 -3.80
C GLY C 331 -56.79 -13.07 -4.37
N PHE C 332 -56.96 -11.76 -4.44
CA PHE C 332 -55.98 -10.80 -5.04
C PHE C 332 -54.71 -10.78 -4.21
N THR C 333 -54.78 -10.97 -2.89
CA THR C 333 -53.56 -10.95 -2.03
C THR C 333 -52.75 -12.21 -2.27
N SER C 334 -53.36 -13.36 -2.46
CA SER C 334 -52.64 -14.62 -2.79
C SER C 334 -51.67 -14.44 -3.97
N VAL C 335 -52.09 -13.73 -5.02
CA VAL C 335 -51.28 -13.57 -6.26
C VAL C 335 -50.20 -12.51 -5.99
N TYR C 336 -50.55 -11.42 -5.32
CA TYR C 336 -49.63 -10.34 -4.86
C TYR C 336 -48.48 -10.88 -3.98
N VAL C 337 -48.69 -12.00 -3.30
CA VAL C 337 -47.69 -12.61 -2.36
C VAL C 337 -46.84 -13.60 -3.15
N ALA C 338 -47.38 -14.27 -4.15
CA ALA C 338 -46.59 -15.18 -5.01
C ALA C 338 -45.71 -14.36 -5.98
N ILE C 339 -46.09 -13.11 -6.27
CA ILE C 339 -45.27 -12.17 -7.10
C ILE C 339 -44.13 -11.61 -6.25
N VAL C 340 -44.23 -11.60 -4.93
CA VAL C 340 -43.16 -11.10 -4.03
C VAL C 340 -42.19 -12.24 -3.68
N VAL C 341 -42.73 -13.45 -3.56
CA VAL C 341 -41.96 -14.68 -3.23
C VAL C 341 -41.18 -15.17 -4.45
N TYR C 342 -41.63 -14.86 -5.66
CA TYR C 342 -40.95 -15.34 -6.87
C TYR C 342 -39.87 -14.32 -7.26
N SER C 343 -40.21 -13.02 -7.21
CA SER C 343 -39.17 -11.99 -7.44
C SER C 343 -37.91 -12.39 -6.67
N VAL C 344 -38.05 -12.78 -5.40
CA VAL C 344 -36.88 -13.16 -4.55
C VAL C 344 -36.32 -14.52 -5.01
N ILE C 345 -37.17 -15.47 -5.41
CA ILE C 345 -36.71 -16.83 -5.85
C ILE C 345 -35.87 -16.70 -7.12
N GLY C 346 -36.29 -15.82 -8.03
CA GLY C 346 -35.53 -15.56 -9.26
C GLY C 346 -34.33 -14.70 -9.00
N PHE C 347 -34.36 -13.88 -7.97
CA PHE C 347 -33.18 -13.08 -7.56
C PHE C 347 -32.07 -14.03 -7.11
N ARG C 348 -32.37 -14.87 -6.11
CA ARG C 348 -31.42 -15.87 -5.58
C ARG C 348 -30.96 -16.81 -6.71
N ALA C 349 -31.91 -17.35 -7.46
CA ALA C 349 -31.61 -18.32 -8.55
C ALA C 349 -30.65 -17.67 -9.56
N THR C 350 -30.94 -16.43 -9.96
CA THR C 350 -30.06 -15.69 -10.90
C THR C 350 -28.65 -15.58 -10.31
N GLN C 351 -28.56 -15.21 -9.03
CA GLN C 351 -27.26 -15.08 -8.33
C GLN C 351 -26.51 -16.41 -8.39
N ARG C 352 -27.17 -17.50 -8.00
CA ARG C 352 -26.54 -18.85 -8.07
C ARG C 352 -26.04 -19.06 -9.50
N TYR C 353 -26.91 -18.88 -10.49
CA TYR C 353 -26.53 -19.10 -11.91
C TYR C 353 -25.25 -18.32 -12.23
N ASP C 354 -25.22 -17.05 -11.85
CA ASP C 354 -24.06 -16.17 -12.12
C ASP C 354 -22.82 -16.72 -11.41
N ASP C 355 -22.96 -17.11 -10.14
CA ASP C 355 -21.83 -17.67 -9.36
C ASP C 355 -21.31 -18.92 -10.07
N CYS C 356 -22.20 -19.85 -10.40
CA CYS C 356 -21.84 -21.08 -11.16
C CYS C 356 -20.98 -20.68 -12.36
N PHE C 357 -21.42 -19.69 -13.14
CA PHE C 357 -20.65 -19.33 -14.37
C PHE C 357 -19.30 -18.73 -13.95
N SER C 358 -19.33 -17.69 -13.11
CA SER C 358 -18.08 -17.05 -12.63
C SER C 358 -17.08 -18.16 -12.30
N THR C 359 -17.48 -19.10 -11.45
CA THR C 359 -16.60 -20.21 -10.99
C THR C 359 -16.07 -20.94 -12.23
N ASN C 360 -16.98 -21.45 -13.05
CA ASN C 360 -16.61 -22.12 -14.33
C ASN C 360 -15.52 -21.29 -15.03
N ILE C 361 -15.82 -20.03 -15.35
CA ILE C 361 -14.88 -19.11 -16.06
C ILE C 361 -13.54 -19.16 -15.33
N LEU C 362 -13.54 -18.84 -14.04
CA LEU C 362 -12.30 -18.82 -13.21
C LEU C 362 -11.50 -20.11 -13.41
N THR C 363 -12.16 -21.26 -13.32
CA THR C 363 -11.47 -22.58 -13.40
C THR C 363 -10.68 -22.64 -14.72
N LEU C 364 -11.33 -22.32 -15.85
CA LEU C 364 -10.66 -22.39 -17.17
C LEU C 364 -9.56 -21.32 -17.25
N ILE C 365 -9.82 -20.13 -16.70
CA ILE C 365 -8.82 -19.03 -16.70
C ILE C 365 -7.62 -19.51 -15.88
N ASN C 366 -7.84 -20.18 -14.75
CA ASN C 366 -6.74 -20.76 -13.97
C ASN C 366 -6.17 -21.96 -14.75
N GLY C 367 -4.94 -22.37 -14.47
CA GLY C 367 -4.30 -23.49 -15.20
C GLY C 367 -3.90 -23.06 -16.60
N PHE C 368 -4.85 -22.64 -17.42
CA PHE C 368 -4.56 -22.10 -18.76
C PHE C 368 -3.95 -20.70 -18.62
N ASP C 369 -4.09 -20.07 -17.46
CA ASP C 369 -3.53 -18.73 -17.20
C ASP C 369 -4.12 -17.73 -18.20
N LEU C 370 -5.39 -17.93 -18.60
CA LEU C 370 -6.03 -16.92 -19.49
C LEU C 370 -5.97 -15.55 -18.81
N PRO C 371 -5.82 -14.43 -19.55
CA PRO C 371 -5.83 -13.10 -18.94
C PRO C 371 -7.18 -12.86 -18.26
N GLU C 372 -7.17 -12.32 -17.03
CA GLU C 372 -8.43 -12.09 -16.28
C GLU C 372 -9.37 -11.23 -17.12
N GLY C 373 -10.63 -11.65 -17.27
CA GLY C 373 -11.62 -10.89 -18.06
C GLY C 373 -11.67 -11.37 -19.51
N ASN C 374 -10.74 -12.24 -19.90
CA ASN C 374 -10.68 -12.75 -21.30
C ASN C 374 -11.94 -13.57 -21.59
N VAL C 375 -12.28 -14.51 -20.70
CA VAL C 375 -13.45 -15.40 -20.94
C VAL C 375 -14.66 -14.86 -20.18
N THR C 376 -15.83 -14.83 -20.82
CA THR C 376 -17.06 -14.29 -20.19
C THR C 376 -18.30 -15.01 -20.70
N GLN C 377 -19.47 -14.75 -20.11
CA GLN C 377 -20.72 -15.39 -20.58
C GLN C 377 -20.74 -15.37 -22.11
N GLU C 378 -20.39 -14.24 -22.71
CA GLU C 378 -20.40 -14.09 -24.18
C GLU C 378 -19.51 -15.14 -24.86
N ASN C 379 -18.43 -15.60 -24.24
CA ASN C 379 -17.47 -16.52 -24.90
C ASN C 379 -16.98 -17.61 -23.93
N PHE C 380 -17.88 -18.33 -23.31
CA PHE C 380 -17.49 -19.47 -22.43
C PHE C 380 -17.32 -20.73 -23.25
N VAL C 381 -18.36 -21.14 -23.96
CA VAL C 381 -18.47 -22.50 -24.55
C VAL C 381 -17.46 -22.60 -25.71
N ASP C 382 -17.30 -21.56 -26.50
CA ASP C 382 -16.32 -21.54 -27.62
C ASP C 382 -14.88 -21.59 -27.09
N MET C 383 -14.60 -20.93 -25.96
CA MET C 383 -13.27 -21.00 -25.30
C MET C 383 -13.10 -22.28 -24.49
N GLN C 384 -14.17 -23.05 -24.21
CA GLN C 384 -14.08 -24.38 -23.56
C GLN C 384 -13.43 -25.35 -24.54
N GLN C 385 -13.99 -25.43 -25.73
CA GLN C 385 -13.53 -26.34 -26.82
C GLN C 385 -12.23 -25.82 -27.39
N ARG C 386 -12.14 -24.51 -27.64
CA ARG C 386 -10.91 -23.87 -28.15
C ARG C 386 -9.74 -24.29 -27.28
N CYS C 387 -9.81 -23.94 -26.00
CA CYS C 387 -8.77 -24.30 -24.99
C CYS C 387 -8.63 -25.83 -24.94
N ASN C 388 -9.75 -26.56 -25.09
CA ASN C 388 -9.72 -28.05 -25.20
C ASN C 388 -8.77 -28.46 -26.35
N ALA C 389 -8.95 -27.89 -27.53
CA ALA C 389 -8.10 -28.16 -28.70
C ALA C 389 -6.66 -27.77 -28.38
N SER C 390 -6.45 -26.57 -27.86
CA SER C 390 -5.09 -26.12 -27.46
C SER C 390 -4.41 -27.20 -26.61
N ASP C 391 -5.02 -27.56 -25.48
CA ASP C 391 -4.43 -28.58 -24.57
C ASP C 391 -5.54 -29.44 -23.96
N PRO C 392 -5.92 -30.56 -24.60
CA PRO C 392 -7.03 -31.39 -24.10
C PRO C 392 -6.70 -32.01 -22.73
N ALA C 393 -5.50 -32.58 -22.59
CA ALA C 393 -5.12 -33.22 -21.31
C ALA C 393 -5.42 -32.29 -20.14
N ALA C 394 -4.91 -31.06 -20.19
CA ALA C 394 -5.15 -30.08 -19.10
C ALA C 394 -6.64 -29.78 -19.00
N TYR C 395 -7.29 -29.50 -20.14
CA TYR C 395 -8.74 -29.19 -20.17
C TYR C 395 -9.53 -30.37 -19.59
N ALA C 396 -9.08 -31.60 -19.88
CA ALA C 396 -9.72 -32.83 -19.36
C ALA C 396 -9.71 -32.80 -17.82
N GLN C 397 -8.63 -32.34 -17.23
CA GLN C 397 -8.49 -32.25 -15.76
C GLN C 397 -9.08 -30.91 -15.31
N LEU C 398 -10.37 -30.68 -15.55
CA LEU C 398 -11.05 -29.40 -15.22
C LEU C 398 -12.53 -29.64 -14.94
N VAL C 399 -12.91 -29.78 -13.66
CA VAL C 399 -14.33 -29.83 -13.24
C VAL C 399 -15.05 -28.58 -13.78
N PHE C 400 -16.31 -28.70 -14.13
CA PHE C 400 -17.11 -27.58 -14.67
C PHE C 400 -18.57 -27.72 -14.21
N GLN C 401 -18.98 -26.94 -13.24
CA GLN C 401 -20.37 -26.86 -12.73
C GLN C 401 -21.30 -26.52 -13.90
N THR C 402 -22.54 -27.01 -13.87
CA THR C 402 -23.56 -26.75 -14.93
C THR C 402 -24.46 -25.59 -14.45
N CYS C 403 -24.52 -24.50 -15.20
CA CYS C 403 -25.33 -23.31 -14.86
C CYS C 403 -26.55 -23.29 -15.77
N ASP C 404 -27.76 -23.15 -15.23
CA ASP C 404 -29.01 -23.18 -16.04
C ASP C 404 -29.91 -21.98 -15.75
N ILE C 405 -29.99 -21.52 -14.51
CA ILE C 405 -30.86 -20.39 -14.05
C ILE C 405 -32.30 -20.94 -13.99
N ASN C 406 -32.79 -21.59 -15.06
CA ASN C 406 -34.16 -22.16 -15.04
C ASN C 406 -34.17 -23.30 -14.03
N ALA C 407 -33.12 -24.13 -14.02
CA ALA C 407 -32.96 -25.20 -13.01
C ALA C 407 -32.90 -24.56 -11.62
N PHE C 408 -32.16 -23.45 -11.50
CA PHE C 408 -32.08 -22.70 -10.22
C PHE C 408 -33.49 -22.24 -9.82
N LEU C 409 -34.26 -21.75 -10.80
CA LEU C 409 -35.68 -21.35 -10.54
C LEU C 409 -36.48 -22.59 -10.14
N SER C 410 -36.28 -23.71 -10.83
CA SER C 410 -37.05 -24.95 -10.56
C SER C 410 -36.76 -25.49 -9.15
N GLU C 411 -35.59 -25.19 -8.59
CA GLU C 411 -35.22 -25.66 -7.22
C GLU C 411 -36.36 -25.36 -6.25
N ALA C 412 -36.84 -26.37 -5.52
CA ALA C 412 -37.98 -26.24 -4.59
C ALA C 412 -37.45 -26.05 -3.16
N VAL C 413 -37.97 -25.08 -2.42
CA VAL C 413 -37.50 -24.77 -1.03
C VAL C 413 -38.03 -25.88 -0.10
N GLU C 414 -37.32 -26.17 0.98
CA GLU C 414 -37.79 -27.14 2.02
C GLU C 414 -38.82 -26.44 2.90
N GLY C 415 -39.60 -27.20 3.67
CA GLY C 415 -40.66 -26.65 4.55
C GLY C 415 -40.14 -25.57 5.47
N THR C 416 -40.75 -24.39 5.50
CA THR C 416 -40.34 -23.26 6.38
C THR C 416 -38.99 -22.69 5.90
N GLY C 417 -38.28 -23.41 5.02
CA GLY C 417 -36.99 -22.99 4.47
C GLY C 417 -37.09 -21.67 3.71
N LEU C 418 -38.16 -21.48 2.94
CA LEU C 418 -38.33 -20.28 2.08
C LEU C 418 -38.20 -19.00 2.91
N ALA C 419 -38.83 -18.95 4.08
CA ALA C 419 -38.88 -17.71 4.90
C ALA C 419 -37.59 -17.57 5.72
N PHE C 420 -37.10 -18.65 6.34
CA PHE C 420 -35.94 -18.57 7.27
C PHE C 420 -34.62 -18.87 6.56
N ILE C 421 -34.63 -19.21 5.26
CA ILE C 421 -33.38 -19.47 4.49
C ILE C 421 -33.37 -18.60 3.23
N VAL C 422 -34.33 -18.78 2.33
CA VAL C 422 -34.34 -18.03 1.03
C VAL C 422 -34.42 -16.52 1.29
N PHE C 423 -35.45 -16.08 1.99
CA PHE C 423 -35.67 -14.63 2.23
C PHE C 423 -34.53 -14.06 3.08
N THR C 424 -34.15 -14.79 4.13
CA THR C 424 -33.07 -14.34 5.06
C THR C 424 -31.80 -14.13 4.24
N GLU C 425 -31.47 -15.07 3.35
CA GLU C 425 -30.24 -14.99 2.52
C GLU C 425 -30.33 -13.76 1.60
N ALA C 426 -31.48 -13.56 0.96
CA ALA C 426 -31.67 -12.41 0.04
C ALA C 426 -31.49 -11.10 0.81
N ILE C 427 -32.01 -11.02 2.03
CA ILE C 427 -31.93 -9.78 2.88
C ILE C 427 -30.45 -9.45 3.08
N THR C 428 -29.62 -10.46 3.38
CA THR C 428 -28.17 -10.27 3.63
C THR C 428 -27.56 -9.58 2.39
N LYS C 429 -27.99 -9.98 1.21
CA LYS C 429 -27.53 -9.37 -0.07
C LYS C 429 -28.04 -7.92 -0.12
N MET C 430 -29.26 -7.68 0.36
CA MET C 430 -29.86 -6.31 0.35
C MET C 430 -29.00 -5.35 1.18
N PRO C 431 -28.91 -4.06 0.81
CA PRO C 431 -28.17 -3.07 1.60
C PRO C 431 -28.91 -2.78 2.92
N LEU C 432 -28.20 -2.26 3.91
CA LEU C 432 -28.77 -2.04 5.27
C LEU C 432 -29.55 -3.30 5.67
N SER C 433 -28.93 -4.47 5.57
CA SER C 433 -29.59 -5.78 5.85
C SER C 433 -30.47 -5.69 7.10
N PRO C 434 -30.01 -5.14 8.26
CA PRO C 434 -30.86 -5.13 9.46
C PRO C 434 -32.22 -4.44 9.33
N LEU C 435 -32.34 -3.34 8.56
CA LEU C 435 -33.63 -2.61 8.38
C LEU C 435 -34.67 -3.58 7.82
N TRP C 436 -34.36 -4.19 6.66
CA TRP C 436 -35.30 -5.07 5.89
C TRP C 436 -35.66 -6.27 6.76
N SER C 437 -34.65 -7.03 7.20
CA SER C 437 -34.81 -8.21 8.08
C SER C 437 -35.88 -7.90 9.15
N VAL C 438 -35.64 -6.85 9.94
CA VAL C 438 -36.53 -6.38 11.05
C VAL C 438 -37.94 -6.23 10.45
N LEU C 439 -38.07 -5.42 9.39
CA LEU C 439 -39.37 -5.15 8.73
C LEU C 439 -40.02 -6.47 8.28
N PHE C 440 -39.24 -7.38 7.70
CA PHE C 440 -39.77 -8.65 7.14
C PHE C 440 -40.38 -9.48 8.26
N PHE C 441 -39.73 -9.55 9.40
CA PHE C 441 -40.23 -10.34 10.55
C PHE C 441 -41.37 -9.62 11.26
N ILE C 442 -41.43 -8.30 11.22
CA ILE C 442 -42.48 -7.53 11.95
C ILE C 442 -43.79 -7.68 11.16
N MET C 443 -43.69 -7.81 9.84
CA MET C 443 -44.84 -8.09 8.96
C MET C 443 -45.38 -9.49 9.22
N LEU C 444 -44.49 -10.47 9.36
CA LEU C 444 -44.90 -11.88 9.54
C LEU C 444 -45.42 -12.11 10.95
N PHE C 445 -44.93 -11.33 11.90
CA PHE C 445 -45.34 -11.39 13.33
C PHE C 445 -46.77 -10.82 13.44
N CYS C 446 -47.00 -9.67 12.80
CA CYS C 446 -48.29 -8.94 12.84
C CYS C 446 -49.35 -9.76 12.14
N LEU C 447 -49.09 -10.23 10.91
CA LEU C 447 -50.15 -11.03 10.21
C LEU C 447 -50.28 -12.42 10.87
N GLY C 448 -49.31 -12.89 11.67
CA GLY C 448 -49.52 -14.06 12.55
C GLY C 448 -50.40 -13.78 13.72
N LEU C 449 -50.19 -12.64 14.37
CA LEU C 449 -50.89 -12.26 15.62
C LEU C 449 -52.38 -12.06 15.29
N SER C 450 -52.61 -11.38 14.18
CA SER C 450 -53.94 -11.17 13.55
C SER C 450 -54.68 -12.49 13.36
N SER C 451 -54.01 -13.45 12.72
CA SER C 451 -54.54 -14.81 12.47
C SER C 451 -54.87 -15.48 13.82
N MET C 452 -54.00 -15.33 14.80
CA MET C 452 -54.17 -15.97 16.14
C MET C 452 -55.39 -15.39 16.87
N PHE C 453 -55.75 -14.13 16.60
CA PHE C 453 -56.95 -13.54 17.24
C PHE C 453 -58.19 -14.35 16.92
N GLY C 454 -58.40 -14.65 15.64
CA GLY C 454 -59.50 -15.54 15.24
C GLY C 454 -59.34 -16.95 15.78
N ASN C 455 -58.11 -17.48 15.79
CA ASN C 455 -57.88 -18.88 16.23
C ASN C 455 -58.27 -19.01 17.70
N MET C 456 -58.02 -17.96 18.48
CA MET C 456 -58.28 -17.96 19.94
C MET C 456 -59.75 -17.68 20.21
N GLU C 457 -60.35 -16.80 19.40
CA GLU C 457 -61.81 -16.57 19.40
C GLU C 457 -62.57 -17.89 19.27
N GLY C 458 -62.10 -18.76 18.38
CA GLY C 458 -62.79 -20.03 18.09
C GLY C 458 -62.50 -21.11 19.11
N VAL C 459 -61.75 -20.86 20.18
CA VAL C 459 -61.59 -21.84 21.29
C VAL C 459 -62.07 -21.26 22.62
N VAL C 460 -62.05 -19.93 22.83
CA VAL C 460 -62.54 -19.30 24.09
C VAL C 460 -64.06 -19.45 24.16
N VAL C 461 -64.75 -18.99 23.12
CA VAL C 461 -66.24 -18.88 23.04
C VAL C 461 -66.89 -20.27 23.20
N PRO C 462 -66.51 -21.33 22.42
CA PRO C 462 -67.08 -22.67 22.62
C PRO C 462 -66.92 -23.05 24.10
N LEU C 463 -65.71 -22.93 24.64
CA LEU C 463 -65.43 -23.13 26.09
C LEU C 463 -66.25 -22.26 27.04
N GLN C 464 -66.69 -21.06 26.67
CA GLN C 464 -67.66 -20.32 27.52
C GLN C 464 -69.01 -21.05 27.46
N ASP C 465 -69.46 -21.37 26.25
CA ASP C 465 -70.81 -21.92 25.95
C ASP C 465 -70.96 -23.38 26.37
N LEU C 466 -69.89 -24.06 26.80
CA LEU C 466 -69.99 -25.37 27.48
C LEU C 466 -70.27 -25.15 28.97
N ARG C 467 -70.03 -23.93 29.46
CA ARG C 467 -70.26 -23.47 30.86
C ARG C 467 -69.33 -24.29 31.79
N VAL C 468 -68.12 -24.57 31.31
CA VAL C 468 -67.18 -25.56 31.92
C VAL C 468 -66.60 -24.90 33.20
N ILE C 469 -66.20 -23.63 33.15
CA ILE C 469 -65.69 -22.97 34.39
C ILE C 469 -66.84 -22.19 35.06
N PRO C 470 -66.86 -22.16 36.42
CA PRO C 470 -67.87 -21.44 37.19
C PRO C 470 -68.04 -20.01 36.69
N PRO C 471 -69.25 -19.53 36.30
CA PRO C 471 -69.35 -18.25 35.57
C PRO C 471 -69.07 -16.98 36.40
N LYS C 472 -68.89 -17.10 37.73
CA LYS C 472 -68.37 -16.03 38.64
C LYS C 472 -66.98 -15.57 38.20
N TRP C 473 -66.12 -16.50 37.76
CA TRP C 473 -64.73 -16.16 37.32
C TRP C 473 -64.82 -15.24 36.11
N PRO C 474 -63.95 -14.22 35.99
CA PRO C 474 -63.98 -13.30 34.84
C PRO C 474 -63.49 -13.97 33.55
N LYS C 475 -63.75 -13.35 32.39
CA LYS C 475 -63.27 -13.84 31.06
C LYS C 475 -61.75 -14.01 31.06
N GLU C 476 -61.00 -13.14 31.75
CA GLU C 476 -59.52 -13.12 31.68
C GLU C 476 -58.95 -14.42 32.27
N VAL C 477 -59.62 -14.99 33.27
CA VAL C 477 -59.18 -16.25 33.94
C VAL C 477 -59.20 -17.37 32.90
N LEU C 478 -60.31 -17.54 32.19
CA LEU C 478 -60.45 -18.63 31.18
C LEU C 478 -59.46 -18.41 30.04
N THR C 479 -59.20 -17.16 29.60
CA THR C 479 -58.31 -16.92 28.43
C THR C 479 -56.86 -17.28 28.81
N GLY C 480 -56.43 -17.10 30.05
CA GLY C 480 -55.07 -17.44 30.52
C GLY C 480 -54.86 -18.92 30.68
N LEU C 481 -55.89 -19.65 31.12
CA LEU C 481 -55.84 -21.12 31.32
C LEU C 481 -55.56 -21.77 29.96
N ILE C 482 -56.25 -21.37 28.89
CA ILE C 482 -56.00 -21.93 27.52
C ILE C 482 -54.64 -21.45 26.99
N CYS C 483 -54.21 -20.20 27.27
CA CYS C 483 -52.87 -19.71 26.83
C CYS C 483 -51.78 -20.60 27.44
N LEU C 484 -51.80 -20.79 28.77
CA LEU C 484 -50.85 -21.69 29.50
C LEU C 484 -51.00 -23.15 29.02
N GLY C 485 -52.22 -23.61 28.80
CA GLY C 485 -52.51 -24.99 28.35
C GLY C 485 -51.79 -25.27 27.03
N THR C 486 -52.03 -24.40 26.06
CA THR C 486 -51.47 -24.56 24.68
C THR C 486 -49.97 -24.28 24.74
N PHE C 487 -49.54 -23.34 25.56
CA PHE C 487 -48.11 -23.11 25.88
C PHE C 487 -47.42 -24.40 26.35
N LEU C 488 -48.01 -25.11 27.31
CA LEU C 488 -47.47 -26.40 27.85
C LEU C 488 -47.48 -27.45 26.75
N ILE C 489 -48.52 -27.50 25.91
CA ILE C 489 -48.62 -28.52 24.83
C ILE C 489 -47.50 -28.21 23.81
N GLY C 490 -47.16 -26.93 23.62
CA GLY C 490 -46.14 -26.50 22.65
C GLY C 490 -44.71 -26.82 23.05
N PHE C 491 -44.43 -27.48 24.18
CA PHE C 491 -43.05 -27.92 24.53
C PHE C 491 -42.54 -29.00 23.57
N ILE C 492 -43.41 -29.83 22.99
CA ILE C 492 -43.03 -30.86 21.98
C ILE C 492 -42.34 -30.22 20.76
N PHE C 493 -42.75 -29.02 20.34
CA PHE C 493 -42.17 -28.31 19.17
C PHE C 493 -40.90 -27.53 19.59
N THR C 494 -40.44 -27.69 20.82
CA THR C 494 -39.22 -27.03 21.37
C THR C 494 -38.12 -28.10 21.53
N LEU C 495 -38.33 -29.38 21.24
CA LEU C 495 -37.24 -30.40 21.39
C LEU C 495 -36.32 -30.31 20.17
N ASN C 496 -35.26 -31.13 20.16
CA ASN C 496 -34.46 -31.26 18.92
C ASN C 496 -35.33 -31.77 17.77
N SER C 497 -36.21 -32.73 18.00
CA SER C 497 -37.02 -33.27 16.88
C SER C 497 -38.26 -32.41 16.60
N GLY C 498 -38.46 -31.28 17.31
CA GLY C 498 -39.69 -30.47 17.28
C GLY C 498 -40.11 -30.11 15.87
N GLN C 499 -39.14 -29.74 15.03
CA GLN C 499 -39.41 -29.34 13.62
C GLN C 499 -40.08 -30.51 12.90
N TYR C 500 -39.58 -31.73 13.06
CA TYR C 500 -40.19 -32.94 12.45
C TYR C 500 -41.63 -33.08 12.94
N TRP C 501 -41.80 -32.88 14.25
CA TRP C 501 -43.10 -32.91 14.96
C TRP C 501 -44.04 -31.89 14.33
N LEU C 502 -43.52 -30.70 14.08
CA LEU C 502 -44.34 -29.61 13.46
C LEU C 502 -44.65 -29.93 12.01
N SER C 503 -43.78 -30.64 11.32
CA SER C 503 -44.01 -30.94 9.89
C SER C 503 -45.04 -32.06 9.74
N LEU C 504 -45.44 -32.75 10.82
CA LEU C 504 -46.53 -33.76 10.75
C LEU C 504 -47.87 -33.06 10.54
N LEU C 505 -48.03 -31.88 11.10
CA LEU C 505 -49.29 -31.10 11.00
C LEU C 505 -49.39 -30.42 9.62
N ASP C 506 -48.31 -30.42 8.83
CA ASP C 506 -48.33 -30.02 7.40
C ASP C 506 -48.71 -31.20 6.50
N SER C 507 -48.99 -32.39 7.07
CA SER C 507 -49.46 -33.56 6.29
C SER C 507 -50.96 -33.45 6.05
N TYR C 508 -51.54 -34.44 5.37
CA TYR C 508 -53.01 -34.48 5.10
C TYR C 508 -53.80 -34.48 6.41
N ALA C 509 -53.20 -35.01 7.49
CA ALA C 509 -53.86 -35.10 8.82
C ALA C 509 -54.54 -33.77 9.17
N GLY C 510 -53.82 -32.65 9.00
CA GLY C 510 -54.34 -31.31 9.31
C GLY C 510 -55.60 -30.97 8.52
N SER C 511 -55.64 -31.35 7.24
CA SER C 511 -56.77 -31.02 6.33
C SER C 511 -57.88 -32.07 6.46
N ILE C 512 -57.59 -33.24 7.03
CA ILE C 512 -58.60 -34.34 7.13
C ILE C 512 -59.88 -33.82 7.76
N PRO C 513 -59.85 -33.20 8.97
CA PRO C 513 -61.06 -32.75 9.64
C PRO C 513 -61.70 -31.52 8.98
N LEU C 514 -60.87 -30.55 8.56
CA LEU C 514 -61.39 -29.30 7.94
C LEU C 514 -62.41 -29.61 6.84
N LEU C 515 -62.06 -30.52 5.95
CA LEU C 515 -62.96 -30.90 4.81
C LEU C 515 -64.28 -31.44 5.36
N ILE C 516 -64.22 -32.28 6.37
CA ILE C 516 -65.43 -32.92 6.98
C ILE C 516 -66.32 -31.82 7.57
N ILE C 517 -65.74 -30.89 8.33
CA ILE C 517 -66.51 -29.84 9.03
C ILE C 517 -67.16 -28.96 7.97
N ALA C 518 -66.38 -28.45 7.02
CA ALA C 518 -66.87 -27.49 6.00
C ALA C 518 -68.09 -28.11 5.29
N PHE C 519 -67.96 -29.37 4.87
CA PHE C 519 -69.08 -30.11 4.23
C PHE C 519 -70.27 -30.19 5.19
N CYS C 520 -70.04 -30.52 6.46
CA CYS C 520 -71.14 -30.68 7.45
C CYS C 520 -71.82 -29.34 7.70
N GLU C 521 -71.05 -28.25 7.77
CA GLU C 521 -71.57 -26.87 7.96
C GLU C 521 -72.51 -26.51 6.80
N MET C 522 -72.17 -26.89 5.57
CA MET C 522 -72.97 -26.60 4.35
C MET C 522 -74.24 -27.46 4.35
N PHE C 523 -74.08 -28.75 4.61
CA PHE C 523 -75.17 -29.76 4.61
C PHE C 523 -76.21 -29.42 5.68
N SER C 524 -75.76 -28.97 6.85
CA SER C 524 -76.66 -28.68 8.00
C SER C 524 -77.49 -27.42 7.73
N VAL C 525 -76.88 -26.40 7.13
CA VAL C 525 -77.56 -25.09 6.87
C VAL C 525 -78.45 -25.22 5.63
N VAL C 526 -78.34 -26.28 4.84
CA VAL C 526 -79.11 -26.43 3.57
C VAL C 526 -80.14 -27.55 3.69
N TYR C 527 -79.75 -28.74 4.13
CA TYR C 527 -80.67 -29.91 4.19
C TYR C 527 -81.08 -30.18 5.65
N VAL C 528 -80.87 -29.28 6.62
CA VAL C 528 -81.38 -29.50 8.01
C VAL C 528 -82.13 -28.26 8.49
N TYR C 529 -81.46 -27.13 8.65
CA TYR C 529 -82.10 -25.80 8.92
C TYR C 529 -83.04 -25.37 7.79
N GLY C 530 -82.79 -25.82 6.56
CA GLY C 530 -83.62 -25.47 5.39
C GLY C 530 -83.10 -24.24 4.67
N VAL C 531 -82.76 -24.39 3.39
CA VAL C 531 -82.26 -23.30 2.51
C VAL C 531 -83.39 -22.28 2.29
N ASP C 532 -84.65 -22.73 2.26
CA ASP C 532 -85.83 -21.85 2.08
C ASP C 532 -85.94 -20.87 3.26
N ARG C 533 -85.88 -21.41 4.49
CA ARG C 533 -85.83 -20.61 5.74
C ARG C 533 -84.66 -19.61 5.64
N PHE C 534 -83.47 -20.13 5.31
CA PHE C 534 -82.23 -19.32 5.14
C PHE C 534 -82.45 -18.19 4.13
N ASN C 535 -83.03 -18.51 2.97
CA ASN C 535 -83.30 -17.48 1.93
C ASN C 535 -84.21 -16.39 2.48
N LYS C 536 -85.26 -16.76 3.23
CA LYS C 536 -86.19 -15.78 3.86
C LYS C 536 -85.41 -14.97 4.90
N ASP C 537 -84.82 -15.65 5.88
CA ASP C 537 -84.11 -14.95 6.98
C ASP C 537 -82.99 -14.07 6.41
N ILE C 538 -82.31 -14.50 5.34
CA ILE C 538 -81.30 -13.59 4.69
C ILE C 538 -82.04 -12.36 4.13
N GLU C 539 -83.13 -12.57 3.41
CA GLU C 539 -83.95 -11.46 2.82
C GLU C 539 -84.35 -10.45 3.89
N PHE C 540 -84.74 -10.93 5.08
CA PHE C 540 -85.11 -10.09 6.25
C PHE C 540 -83.96 -9.16 6.69
N MET C 541 -82.69 -9.54 6.53
CA MET C 541 -81.53 -8.77 7.05
C MET C 541 -81.05 -7.82 5.94
N ILE C 542 -80.50 -8.35 4.84
CA ILE C 542 -79.81 -7.51 3.82
C ILE C 542 -80.89 -6.77 3.01
N GLY C 543 -82.02 -7.42 2.72
CA GLY C 543 -83.18 -6.82 2.02
C GLY C 543 -83.66 -7.68 0.88
N HIS C 544 -82.75 -8.18 0.04
CA HIS C 544 -83.05 -9.05 -1.13
C HIS C 544 -82.81 -10.51 -0.76
N LYS C 545 -83.45 -11.43 -1.49
CA LYS C 545 -83.23 -12.90 -1.33
C LYS C 545 -82.07 -13.30 -2.25
N PRO C 546 -81.03 -14.05 -1.78
CA PRO C 546 -79.82 -14.34 -2.57
C PRO C 546 -80.03 -14.80 -4.03
N ASN C 547 -79.14 -14.37 -4.95
CA ASN C 547 -79.15 -14.68 -6.41
C ASN C 547 -79.04 -16.18 -6.72
N ILE C 548 -79.33 -16.50 -7.98
CA ILE C 548 -79.15 -17.85 -8.61
C ILE C 548 -77.73 -18.39 -8.38
N PHE C 549 -76.68 -17.57 -8.50
CA PHE C 549 -75.27 -18.00 -8.23
C PHE C 549 -75.16 -18.64 -6.84
N TRP C 550 -75.75 -18.01 -5.84
CA TRP C 550 -75.72 -18.50 -4.43
C TRP C 550 -76.59 -19.75 -4.30
N GLN C 551 -77.68 -19.81 -5.07
CA GLN C 551 -78.59 -20.97 -5.06
C GLN C 551 -77.89 -22.18 -5.69
N VAL C 552 -77.26 -22.02 -6.86
CA VAL C 552 -76.65 -23.14 -7.63
C VAL C 552 -75.46 -23.73 -6.86
N THR C 553 -74.71 -22.91 -6.10
CA THR C 553 -73.53 -23.37 -5.32
C THR C 553 -74.03 -24.09 -4.06
N TRP C 554 -74.71 -23.40 -3.15
CA TRP C 554 -75.18 -23.98 -1.85
C TRP C 554 -75.93 -25.29 -2.06
N ARG C 555 -76.83 -25.37 -3.04
CA ARG C 555 -77.73 -26.54 -3.22
C ARG C 555 -76.92 -27.75 -3.74
N VAL C 556 -76.13 -27.62 -4.82
CA VAL C 556 -75.46 -28.80 -5.47
C VAL C 556 -73.95 -28.56 -5.65
N VAL C 557 -73.55 -27.49 -6.34
CA VAL C 557 -72.16 -27.31 -6.84
C VAL C 557 -71.17 -27.34 -5.66
N SER C 558 -71.41 -26.53 -4.63
CA SER C 558 -70.49 -26.41 -3.46
C SER C 558 -70.38 -27.79 -2.79
N PRO C 559 -71.47 -28.39 -2.22
CA PRO C 559 -71.39 -29.71 -1.57
C PRO C 559 -70.68 -30.78 -2.40
N LEU C 560 -70.97 -30.86 -3.70
CA LEU C 560 -70.40 -31.89 -4.61
C LEU C 560 -68.86 -31.77 -4.64
N LEU C 561 -68.37 -30.57 -4.99
CA LEU C 561 -66.91 -30.27 -5.05
C LEU C 561 -66.29 -30.67 -3.72
N MET C 562 -66.79 -30.12 -2.62
CA MET C 562 -66.20 -30.39 -1.28
C MET C 562 -66.16 -31.91 -1.07
N LEU C 563 -67.31 -32.57 -1.20
CA LEU C 563 -67.43 -34.03 -0.97
C LEU C 563 -66.51 -34.78 -1.93
N ILE C 564 -66.52 -34.43 -3.23
CA ILE C 564 -65.72 -35.20 -4.23
C ILE C 564 -64.24 -35.07 -3.86
N ILE C 565 -63.81 -33.87 -3.43
CA ILE C 565 -62.38 -33.58 -3.13
C ILE C 565 -61.94 -34.31 -1.87
N PHE C 566 -62.81 -34.47 -0.86
CA PHE C 566 -62.44 -35.26 0.35
C PHE C 566 -62.26 -36.73 -0.07
N LEU C 567 -63.11 -37.20 -1.01
CA LEU C 567 -62.98 -38.56 -1.56
C LEU C 567 -61.61 -38.68 -2.24
N PHE C 568 -61.20 -37.65 -2.96
CA PHE C 568 -59.88 -37.62 -3.63
C PHE C 568 -58.77 -37.69 -2.60
N PHE C 569 -58.89 -36.91 -1.54
CA PHE C 569 -57.92 -36.93 -0.40
C PHE C 569 -57.76 -38.37 0.03
N PHE C 570 -58.90 -39.03 0.34
CA PHE C 570 -58.90 -40.46 0.71
C PHE C 570 -58.12 -41.26 -0.35
N VAL C 571 -58.20 -40.86 -1.62
CA VAL C 571 -57.57 -41.67 -2.70
C VAL C 571 -56.10 -41.30 -2.94
N VAL C 572 -55.72 -40.02 -2.82
CA VAL C 572 -54.32 -39.67 -3.16
C VAL C 572 -53.55 -39.35 -1.87
N GLU C 573 -53.74 -38.15 -1.33
CA GLU C 573 -53.00 -37.68 -0.13
C GLU C 573 -53.02 -38.80 0.91
N VAL C 574 -54.21 -39.24 1.32
CA VAL C 574 -54.36 -40.26 2.41
C VAL C 574 -53.58 -41.51 1.99
N SER C 575 -53.73 -41.95 0.74
CA SER C 575 -53.07 -43.20 0.26
C SER C 575 -51.60 -42.91 -0.10
N GLN C 576 -50.83 -42.30 0.81
CA GLN C 576 -49.39 -42.01 0.58
C GLN C 576 -48.60 -42.37 1.84
N GLU C 577 -47.41 -42.96 1.68
CA GLU C 577 -46.53 -43.29 2.82
C GLU C 577 -46.08 -42.01 3.51
N LEU C 578 -46.13 -41.95 4.85
CA LEU C 578 -45.66 -40.77 5.61
C LEU C 578 -44.12 -40.73 5.56
N THR C 579 -43.56 -39.67 4.98
CA THR C 579 -42.08 -39.48 4.91
C THR C 579 -41.73 -38.04 5.30
N TYR C 580 -40.49 -37.78 5.70
CA TYR C 580 -40.07 -36.44 6.19
C TYR C 580 -38.60 -36.20 5.86
N SER C 581 -38.25 -35.00 5.42
CA SER C 581 -36.85 -34.60 5.12
C SER C 581 -36.12 -34.42 6.44
N ILE C 582 -35.01 -35.12 6.63
CA ILE C 582 -34.16 -35.07 7.87
C ILE C 582 -32.89 -34.32 7.53
N TRP C 583 -32.35 -33.57 8.49
CA TRP C 583 -31.11 -32.77 8.31
C TRP C 583 -29.93 -33.52 8.93
N ASP C 584 -29.35 -34.47 8.19
CA ASP C 584 -28.23 -35.30 8.73
C ASP C 584 -26.91 -34.69 8.27
N PRO C 585 -26.14 -34.01 9.17
CA PRO C 585 -24.80 -33.53 8.85
C PRO C 585 -23.90 -34.69 8.40
N GLY C 586 -23.94 -35.79 9.14
CA GLY C 586 -23.19 -37.02 8.82
C GLY C 586 -23.97 -37.87 7.84
N TYR C 587 -24.22 -37.38 6.62
CA TYR C 587 -25.02 -38.13 5.61
C TYR C 587 -24.47 -37.83 4.23
N GLU C 588 -24.27 -38.87 3.40
CA GLU C 588 -23.86 -38.69 1.98
C GLU C 588 -24.72 -37.59 1.37
N GLU C 589 -24.12 -36.60 0.72
CA GLU C 589 -24.85 -35.39 0.23
C GLU C 589 -25.51 -34.72 1.44
N PHE C 590 -24.72 -34.42 2.46
CA PHE C 590 -25.19 -33.72 3.69
C PHE C 590 -26.03 -32.50 3.29
N PRO C 591 -25.54 -31.58 2.42
CA PRO C 591 -26.36 -30.44 1.98
C PRO C 591 -27.43 -30.89 0.96
N LYS C 592 -28.19 -31.94 1.30
CA LYS C 592 -29.29 -32.46 0.46
C LYS C 592 -30.35 -33.08 1.36
N SER C 593 -31.63 -32.83 1.07
CA SER C 593 -32.76 -33.37 1.88
C SER C 593 -32.70 -34.90 1.87
N GLN C 594 -32.76 -35.53 3.04
CA GLN C 594 -32.78 -37.01 3.16
C GLN C 594 -34.23 -37.44 3.43
N LYS C 595 -34.95 -37.85 2.40
CA LYS C 595 -36.38 -38.25 2.53
C LYS C 595 -36.47 -39.68 3.07
N ILE C 596 -36.96 -39.84 4.30
CA ILE C 596 -37.14 -41.19 4.92
C ILE C 596 -38.58 -41.33 5.38
N SER C 597 -39.03 -42.58 5.50
CA SER C 597 -40.38 -42.93 5.99
C SER C 597 -40.47 -42.74 7.50
N TYR C 598 -41.61 -42.25 7.98
CA TYR C 598 -41.89 -42.13 9.43
C TYR C 598 -41.90 -43.49 10.11
N PRO C 599 -41.44 -43.60 11.39
CA PRO C 599 -41.60 -44.85 12.14
C PRO C 599 -43.08 -45.14 12.43
N ASN C 600 -43.48 -46.42 12.40
CA ASN C 600 -44.92 -46.85 12.39
C ASN C 600 -45.73 -46.16 13.51
N TRP C 601 -45.17 -46.03 14.71
CA TRP C 601 -45.86 -45.42 15.88
C TRP C 601 -46.39 -44.01 15.57
N VAL C 602 -45.82 -43.22 14.66
CA VAL C 602 -46.35 -41.86 14.33
C VAL C 602 -47.68 -41.99 13.54
N TYR C 603 -48.07 -43.15 13.01
CA TYR C 603 -49.44 -43.32 12.44
C TYR C 603 -50.48 -43.14 13.57
N VAL C 604 -50.21 -43.68 14.75
CA VAL C 604 -51.04 -43.44 15.98
C VAL C 604 -51.29 -41.93 16.14
N VAL C 605 -50.21 -41.14 16.10
CA VAL C 605 -50.34 -39.65 16.30
C VAL C 605 -51.19 -39.05 15.17
N VAL C 606 -51.11 -39.51 13.91
CA VAL C 606 -51.93 -38.92 12.80
C VAL C 606 -53.36 -39.46 12.91
N VAL C 607 -53.59 -40.62 13.51
CA VAL C 607 -54.96 -41.20 13.64
C VAL C 607 -55.78 -40.33 14.59
N ILE C 608 -55.18 -39.84 15.69
CA ILE C 608 -55.90 -39.04 16.71
C ILE C 608 -56.24 -37.66 16.10
N VAL C 609 -55.27 -36.91 15.59
CA VAL C 609 -55.38 -35.47 15.24
C VAL C 609 -56.05 -35.30 13.87
N ALA C 610 -56.16 -36.35 13.08
CA ALA C 610 -57.00 -36.39 11.86
C ALA C 610 -58.38 -36.96 12.20
N GLY C 611 -58.48 -37.81 13.23
CA GLY C 611 -59.65 -38.63 13.57
C GLY C 611 -60.38 -38.18 14.81
N VAL C 612 -59.84 -37.30 15.66
CA VAL C 612 -60.57 -36.91 16.91
C VAL C 612 -61.69 -35.96 16.49
N PRO C 613 -61.40 -34.77 15.89
CA PRO C 613 -62.45 -33.86 15.43
C PRO C 613 -63.31 -34.51 14.33
N SER C 614 -62.68 -35.20 13.37
CA SER C 614 -63.43 -35.75 12.22
C SER C 614 -64.49 -36.76 12.73
N LEU C 615 -64.15 -37.64 13.68
CA LEU C 615 -65.15 -38.60 14.26
C LEU C 615 -65.97 -37.92 15.38
N THR C 616 -65.67 -36.69 15.81
CA THR C 616 -66.49 -35.99 16.84
C THR C 616 -67.89 -35.70 16.30
N ILE C 617 -68.02 -35.27 15.05
CA ILE C 617 -69.33 -34.89 14.44
C ILE C 617 -70.24 -36.12 14.46
N PRO C 618 -69.87 -37.28 13.88
CA PRO C 618 -70.69 -38.49 13.99
C PRO C 618 -70.92 -38.93 15.45
N GLY C 619 -69.85 -39.01 16.22
CA GLY C 619 -69.78 -39.68 17.53
C GLY C 619 -70.42 -38.94 18.69
N TYR C 620 -70.64 -37.63 18.61
CA TYR C 620 -71.53 -36.93 19.57
C TYR C 620 -72.98 -37.11 19.13
N ALA C 621 -73.26 -37.19 17.83
CA ALA C 621 -74.64 -37.36 17.32
C ALA C 621 -75.15 -38.67 17.91
N ILE C 622 -74.46 -39.79 17.61
CA ILE C 622 -74.82 -41.16 18.07
C ILE C 622 -75.04 -41.13 19.61
N TYR C 623 -74.22 -40.39 20.36
CA TYR C 623 -74.39 -40.19 21.83
C TYR C 623 -75.76 -39.57 22.12
N LYS C 624 -76.17 -38.57 21.35
CA LYS C 624 -77.46 -37.88 21.57
C LYS C 624 -78.62 -38.73 21.06
N LEU C 625 -78.39 -39.68 20.15
CA LEU C 625 -79.47 -40.56 19.61
C LEU C 625 -79.57 -41.88 20.38
N ILE C 626 -78.71 -42.14 21.38
CA ILE C 626 -78.80 -43.33 22.27
C ILE C 626 -79.06 -42.93 23.71
N ARG C 627 -79.14 -41.64 24.04
CA ARG C 627 -79.44 -41.16 25.41
C ARG C 627 -80.90 -40.73 25.47
N ASN C 628 -81.34 -39.95 24.48
CA ASN C 628 -82.75 -39.58 24.21
C ASN C 628 -83.65 -40.82 24.13
N HIS C 629 -83.27 -41.84 23.34
CA HIS C 629 -84.03 -43.12 23.21
C HIS C 629 -83.45 -44.14 24.20
CA THR D 21 32.27 -12.70 -75.73
C THR D 21 32.37 -12.12 -74.31
N ILE D 22 31.27 -11.71 -73.73
CA ILE D 22 31.20 -11.31 -72.30
C ILE D 22 31.80 -12.40 -71.40
N GLU D 23 31.36 -13.65 -71.61
CA GLU D 23 31.85 -14.81 -70.82
C GLU D 23 33.37 -14.93 -70.99
N GLU D 24 33.87 -14.78 -72.21
CA GLU D 24 35.32 -14.91 -72.52
C GLU D 24 36.10 -13.78 -71.81
N GLN D 25 35.56 -12.56 -71.80
CA GLN D 25 36.21 -11.41 -71.11
C GLN D 25 36.24 -11.71 -69.60
N ALA D 26 35.15 -12.28 -69.07
CA ALA D 26 35.10 -12.67 -67.65
C ALA D 26 36.21 -13.70 -67.38
N LYS D 27 36.36 -14.67 -68.28
CA LYS D 27 37.42 -15.70 -68.18
C LYS D 27 38.80 -15.02 -68.11
N THR D 28 39.03 -14.07 -69.03
CA THR D 28 40.32 -13.33 -69.07
C THR D 28 40.55 -12.64 -67.72
N PHE D 29 39.52 -11.95 -67.22
CA PHE D 29 39.60 -11.26 -65.90
C PHE D 29 40.01 -12.24 -64.80
N LEU D 30 39.30 -13.37 -64.72
CA LEU D 30 39.58 -14.41 -63.68
C LEU D 30 41.02 -14.90 -63.82
N ASP D 31 41.49 -15.12 -65.04
CA ASP D 31 42.87 -15.61 -65.28
C ASP D 31 43.88 -14.59 -64.77
N LYS D 32 43.81 -13.36 -65.25
CA LYS D 32 44.72 -12.27 -64.79
C LYS D 32 44.54 -12.19 -63.28
N PHE D 33 43.27 -12.07 -62.86
CA PHE D 33 42.94 -12.11 -61.42
C PHE D 33 43.66 -13.34 -60.87
N ASN D 34 43.45 -14.53 -61.46
CA ASN D 34 44.02 -15.78 -60.90
C ASN D 34 45.49 -15.54 -60.52
N HIS D 35 46.34 -15.22 -61.50
CA HIS D 35 47.80 -15.09 -61.29
C HIS D 35 48.09 -14.04 -60.19
N GLU D 36 47.56 -12.84 -60.35
CA GLU D 36 47.91 -11.74 -59.41
C GLU D 36 47.50 -12.18 -57.99
N ALA D 37 46.32 -12.77 -57.87
CA ALA D 37 45.76 -13.22 -56.56
C ALA D 37 46.68 -14.27 -55.95
N GLU D 38 47.01 -15.32 -56.70
CA GLU D 38 47.95 -16.36 -56.21
C GLU D 38 49.19 -15.66 -55.63
N ASP D 39 49.84 -14.81 -56.42
CA ASP D 39 51.09 -14.11 -56.00
C ASP D 39 50.88 -13.33 -54.69
N LEU D 40 49.93 -12.40 -54.68
CA LEU D 40 49.68 -11.55 -53.50
C LEU D 40 49.24 -12.42 -52.33
N PHE D 41 48.35 -13.39 -52.59
CA PHE D 41 47.89 -14.33 -51.55
C PHE D 41 49.11 -15.01 -50.92
N TYR D 42 49.98 -15.56 -51.78
CA TYR D 42 51.19 -16.27 -51.30
C TYR D 42 52.00 -15.35 -50.41
N GLN D 43 52.23 -14.11 -50.87
CA GLN D 43 53.05 -13.13 -50.12
C GLN D 43 52.44 -12.95 -48.73
N SER D 44 51.15 -12.68 -48.66
CA SER D 44 50.46 -12.44 -47.36
C SER D 44 50.58 -13.69 -46.47
N SER D 45 50.35 -14.87 -47.04
CA SER D 45 50.41 -16.13 -46.28
C SER D 45 51.83 -16.38 -45.78
N LEU D 46 52.84 -16.12 -46.62
CA LEU D 46 54.27 -16.30 -46.24
C LEU D 46 54.56 -15.44 -45.02
N ALA D 47 54.23 -14.15 -45.10
CA ALA D 47 54.49 -13.21 -43.97
C ALA D 47 53.71 -13.67 -42.74
N SER D 48 52.48 -14.16 -42.91
CA SER D 48 51.65 -14.67 -41.79
C SER D 48 52.41 -15.81 -41.09
N TRP D 49 52.88 -16.79 -41.87
CA TRP D 49 53.64 -17.94 -41.28
C TRP D 49 54.89 -17.40 -40.58
N ASN D 50 55.58 -16.43 -41.19
CA ASN D 50 56.80 -15.82 -40.60
C ASN D 50 56.47 -15.33 -39.18
N TYR D 51 55.45 -14.49 -39.04
CA TYR D 51 55.06 -13.95 -37.71
C TYR D 51 54.63 -15.10 -36.79
N ASN D 52 53.87 -16.05 -37.31
CA ASN D 52 53.35 -17.18 -36.48
C ASN D 52 54.53 -17.96 -35.88
N THR D 53 55.61 -18.12 -36.64
CA THR D 53 56.80 -18.90 -36.19
C THR D 53 57.80 -17.99 -35.48
N ASN D 54 57.67 -16.67 -35.58
CA ASN D 54 58.63 -15.71 -34.98
C ASN D 54 57.99 -14.92 -33.84
N ILE D 55 56.74 -14.47 -34.00
CA ILE D 55 56.03 -13.66 -32.97
C ILE D 55 56.88 -12.40 -32.68
N THR D 56 57.20 -11.65 -33.72
CA THR D 56 58.00 -10.39 -33.60
C THR D 56 57.19 -9.21 -34.14
N GLU D 57 57.29 -8.05 -33.49
CA GLU D 57 56.57 -6.83 -33.92
C GLU D 57 56.88 -6.54 -35.39
N GLU D 58 58.15 -6.66 -35.78
CA GLU D 58 58.56 -6.48 -37.19
C GLU D 58 57.72 -7.41 -38.07
N ASN D 59 57.61 -8.69 -37.67
CA ASN D 59 56.76 -9.66 -38.39
C ASN D 59 55.30 -9.19 -38.38
N VAL D 60 54.84 -8.66 -37.24
CA VAL D 60 53.46 -8.09 -37.14
C VAL D 60 53.30 -7.09 -38.29
N GLN D 61 54.17 -6.09 -38.35
CA GLN D 61 54.08 -5.01 -39.37
C GLN D 61 54.08 -5.63 -40.77
N ASN D 62 55.03 -6.52 -41.02
CA ASN D 62 55.20 -7.16 -42.36
C ASN D 62 53.91 -7.92 -42.69
N MET D 63 53.52 -8.88 -41.84
CA MET D 63 52.32 -9.72 -42.10
C MET D 63 51.09 -8.83 -42.29
N ASN D 64 50.94 -7.81 -41.45
CA ASN D 64 49.75 -6.92 -41.50
C ASN D 64 49.71 -6.23 -42.86
N ASN D 65 50.82 -5.61 -43.26
CA ASN D 65 50.89 -4.90 -44.56
C ASN D 65 50.57 -5.88 -45.71
N ALA D 66 51.17 -7.06 -45.67
CA ALA D 66 50.97 -8.09 -46.74
C ALA D 66 49.48 -8.43 -46.83
N GLY D 67 48.84 -8.70 -45.69
CA GLY D 67 47.40 -9.03 -45.65
C GLY D 67 46.56 -7.90 -46.19
N ASP D 68 46.87 -6.66 -45.81
CA ASP D 68 46.11 -5.47 -46.26
C ASP D 68 46.17 -5.37 -47.78
N LYS D 69 47.36 -5.49 -48.35
CA LYS D 69 47.56 -5.35 -49.82
C LYS D 69 46.70 -6.39 -50.54
N TRP D 70 46.78 -7.65 -50.10
CA TRP D 70 46.01 -8.76 -50.73
C TRP D 70 44.51 -8.44 -50.65
N SER D 71 44.04 -8.02 -49.48
CA SER D 71 42.59 -7.70 -49.28
C SER D 71 42.16 -6.61 -50.27
N ALA D 72 42.95 -5.54 -50.37
CA ALA D 72 42.66 -4.41 -51.28
C ALA D 72 42.57 -4.92 -52.72
N PHE D 73 43.57 -5.72 -53.13
CA PHE D 73 43.57 -6.34 -54.48
C PHE D 73 42.26 -7.09 -54.69
N LEU D 74 41.89 -7.90 -53.69
CA LEU D 74 40.67 -8.74 -53.77
C LEU D 74 39.43 -7.87 -53.98
N LYS D 75 39.33 -6.74 -53.28
CA LYS D 75 38.17 -5.81 -53.40
C LYS D 75 38.07 -5.29 -54.84
N GLU D 76 39.20 -4.86 -55.39
CA GLU D 76 39.25 -4.35 -56.79
C GLU D 76 38.79 -5.47 -57.73
N GLN D 77 39.24 -6.69 -57.49
CA GLN D 77 38.88 -7.86 -58.36
C GLN D 77 37.37 -8.06 -58.27
N SER D 78 36.79 -7.88 -57.07
CA SER D 78 35.32 -8.05 -56.88
C SER D 78 34.53 -7.20 -57.88
N THR D 79 34.90 -5.93 -58.04
CA THR D 79 34.17 -4.96 -58.91
C THR D 79 34.21 -5.43 -60.37
N LEU D 80 35.38 -5.79 -60.86
CA LEU D 80 35.56 -6.27 -62.27
C LEU D 80 34.65 -7.48 -62.48
N ALA D 81 34.59 -8.36 -61.48
CA ALA D 81 33.70 -9.55 -61.51
C ALA D 81 32.26 -9.09 -61.72
N GLN D 82 31.82 -8.09 -60.98
CA GLN D 82 30.44 -7.53 -61.07
C GLN D 82 30.15 -7.17 -62.52
N MET D 83 31.13 -6.58 -63.21
CA MET D 83 30.97 -6.14 -64.62
C MET D 83 30.48 -7.32 -65.47
N TYR D 84 31.02 -8.50 -65.24
CA TYR D 84 30.68 -9.72 -66.04
C TYR D 84 29.61 -10.52 -65.30
N PRO D 85 28.34 -10.58 -65.77
CA PRO D 85 27.29 -11.37 -65.11
C PRO D 85 27.66 -12.87 -65.04
N LEU D 86 27.53 -13.47 -63.86
CA LEU D 86 27.75 -14.93 -63.65
C LEU D 86 26.76 -15.74 -64.50
N GLN D 87 25.57 -15.20 -64.70
CA GLN D 87 24.46 -15.87 -65.44
C GLN D 87 24.92 -16.16 -66.86
N GLU D 88 25.56 -15.20 -67.52
CA GLU D 88 26.01 -15.34 -68.92
C GLU D 88 27.13 -16.37 -69.02
N ILE D 89 27.73 -16.76 -67.88
CA ILE D 89 28.85 -17.74 -67.85
C ILE D 89 28.30 -19.15 -67.99
N GLN D 90 28.40 -19.79 -69.11
CA GLN D 90 27.99 -21.21 -69.30
C GLN D 90 28.99 -22.15 -68.64
N ASN D 91 30.29 -21.88 -68.81
CA ASN D 91 31.36 -22.70 -68.18
C ASN D 91 31.22 -22.58 -66.65
N LEU D 92 30.97 -23.70 -65.96
CA LEU D 92 30.75 -23.70 -64.48
C LEU D 92 31.98 -23.13 -63.77
N THR D 93 33.18 -23.56 -64.14
CA THR D 93 34.43 -23.14 -63.47
C THR D 93 34.48 -21.61 -63.43
N VAL D 94 34.34 -20.96 -64.58
CA VAL D 94 34.42 -19.47 -64.69
C VAL D 94 33.29 -18.89 -63.84
N LYS D 95 32.08 -19.44 -63.97
CA LYS D 95 30.90 -18.93 -63.21
C LYS D 95 31.21 -18.99 -61.70
N LEU D 96 31.73 -20.13 -61.23
CA LEU D 96 32.04 -20.32 -59.78
C LEU D 96 33.06 -19.26 -59.33
N GLN D 97 34.15 -19.11 -60.07
CA GLN D 97 35.21 -18.13 -59.70
C GLN D 97 34.60 -16.71 -59.78
N LEU D 98 33.84 -16.42 -60.83
CA LEU D 98 33.15 -15.11 -60.94
C LEU D 98 32.27 -14.85 -59.71
N GLN D 99 31.44 -15.82 -59.37
CA GLN D 99 30.54 -15.72 -58.18
C GLN D 99 31.39 -15.49 -56.92
N ALA D 100 32.51 -16.19 -56.80
CA ALA D 100 33.43 -16.06 -55.65
C ALA D 100 33.91 -14.60 -55.50
N LEU D 101 34.10 -13.89 -56.61
CA LEU D 101 34.57 -12.49 -56.59
C LEU D 101 33.40 -11.52 -56.57
N GLN D 102 32.33 -11.81 -57.33
CA GLN D 102 31.19 -10.84 -57.45
C GLN D 102 30.54 -10.59 -56.07
N GLN D 103 30.67 -11.52 -55.12
CA GLN D 103 30.12 -11.36 -53.75
C GLN D 103 30.53 -9.98 -53.21
N ASN D 104 29.57 -9.19 -52.74
CA ASN D 104 29.82 -7.82 -52.22
C ASN D 104 29.95 -7.89 -50.71
N GLY D 105 29.04 -8.59 -50.02
CA GLY D 105 29.10 -8.75 -48.56
C GLY D 105 28.72 -7.49 -47.83
N SER D 106 29.37 -7.20 -46.71
CA SER D 106 29.07 -5.99 -45.90
C SER D 106 29.28 -4.71 -46.70
N SER D 107 30.08 -4.77 -47.77
CA SER D 107 30.30 -3.60 -48.66
C SER D 107 28.95 -3.01 -49.11
N VAL D 108 27.94 -3.85 -49.32
CA VAL D 108 26.58 -3.38 -49.69
C VAL D 108 26.04 -2.39 -48.64
N LEU D 109 26.47 -2.51 -47.39
CA LEU D 109 26.01 -1.60 -46.31
C LEU D 109 26.61 -0.21 -46.49
N SER D 110 25.92 0.83 -46.02
CA SER D 110 26.42 2.23 -46.05
C SER D 110 27.65 2.35 -45.14
N GLU D 111 28.45 3.40 -45.34
CA GLU D 111 29.69 3.64 -44.55
C GLU D 111 29.34 3.61 -43.05
N ASP D 112 28.35 4.38 -42.65
CA ASP D 112 27.91 4.46 -41.23
C ASP D 112 27.52 3.06 -40.75
N LYS D 113 26.67 2.37 -41.50
CA LYS D 113 26.19 1.02 -41.11
C LYS D 113 27.40 0.08 -41.01
N SER D 114 28.27 0.09 -42.02
CA SER D 114 29.46 -0.80 -42.05
C SER D 114 30.32 -0.54 -40.81
N LYS D 115 30.62 0.73 -40.56
CA LYS D 115 31.50 1.12 -39.41
C LYS D 115 30.82 0.68 -38.11
N ARG D 116 29.52 0.94 -37.98
CA ARG D 116 28.76 0.56 -36.75
C ARG D 116 28.84 -0.95 -36.53
N LEU D 117 28.56 -1.73 -37.59
CA LEU D 117 28.59 -3.21 -37.52
C LEU D 117 29.97 -3.66 -37.05
N ASN D 118 31.02 -3.12 -37.68
CA ASN D 118 32.42 -3.48 -37.32
C ASN D 118 32.65 -3.18 -35.84
N THR D 119 32.20 -2.04 -35.38
CA THR D 119 32.37 -1.62 -33.96
C THR D 119 31.65 -2.63 -33.05
N ILE D 120 30.43 -3.02 -33.41
CA ILE D 120 29.63 -4.00 -32.63
C ILE D 120 30.45 -5.31 -32.56
N LEU D 121 30.93 -5.77 -33.69
CA LEU D 121 31.71 -7.03 -33.76
C LEU D 121 32.94 -6.91 -32.84
N ASN D 122 33.69 -5.82 -32.93
CA ASN D 122 34.92 -5.64 -32.11
C ASN D 122 34.55 -5.62 -30.62
N THR D 123 33.51 -4.88 -30.26
CA THR D 123 33.07 -4.78 -28.86
C THR D 123 32.71 -6.18 -28.33
N MET D 124 31.89 -6.90 -29.09
CA MET D 124 31.40 -8.23 -28.66
C MET D 124 32.61 -9.14 -28.43
N SER D 125 33.51 -9.23 -29.40
CA SER D 125 34.75 -10.08 -29.28
C SER D 125 35.58 -9.66 -28.06
N THR D 126 35.75 -8.36 -27.88
CA THR D 126 36.57 -7.83 -26.75
C THR D 126 35.92 -8.23 -25.41
N ILE D 127 34.61 -8.05 -25.28
CA ILE D 127 33.89 -8.37 -24.02
C ILE D 127 34.11 -9.86 -23.71
N TYR D 128 33.95 -10.71 -24.74
CA TYR D 128 34.07 -12.16 -24.56
C TYR D 128 35.49 -12.50 -24.12
N SER D 129 36.49 -11.90 -24.75
CA SER D 129 37.93 -12.21 -24.47
C SER D 129 38.39 -11.54 -23.16
N THR D 130 37.85 -10.37 -22.82
CA THR D 130 38.35 -9.62 -21.62
C THR D 130 37.32 -9.65 -20.49
N GLY D 131 36.20 -10.36 -20.68
CA GLY D 131 35.19 -10.47 -19.61
C GLY D 131 35.77 -11.14 -18.37
N LYS D 132 35.40 -10.67 -17.17
CA LYS D 132 36.00 -11.22 -15.93
C LYS D 132 34.92 -11.47 -14.88
N VAL D 133 35.04 -12.57 -14.13
CA VAL D 133 34.08 -12.92 -13.05
C VAL D 133 34.85 -12.85 -11.73
N CYS D 134 34.56 -11.87 -10.90
CA CYS D 134 35.19 -11.73 -9.55
C CYS D 134 34.50 -12.67 -8.54
N ASN D 135 35.28 -13.33 -7.69
CA ASN D 135 34.76 -14.25 -6.66
C ASN D 135 33.88 -13.47 -5.70
N PRO D 136 32.67 -13.97 -5.35
CA PRO D 136 31.76 -13.24 -4.45
C PRO D 136 32.41 -12.94 -3.09
N ASP D 137 33.14 -13.92 -2.55
CA ASP D 137 33.83 -13.76 -1.24
C ASP D 137 34.84 -12.61 -1.35
N ASN D 138 35.89 -12.76 -2.16
CA ASN D 138 36.92 -11.71 -2.35
C ASN D 138 36.70 -11.08 -3.73
N PRO D 139 36.23 -9.81 -3.80
CA PRO D 139 36.03 -9.13 -5.09
C PRO D 139 37.34 -8.87 -5.83
N GLN D 140 38.45 -8.86 -5.11
CA GLN D 140 39.79 -8.61 -5.71
C GLN D 140 40.17 -9.78 -6.63
N GLU D 141 39.78 -10.99 -6.29
CA GLU D 141 40.08 -12.22 -7.09
C GLU D 141 39.01 -12.34 -8.19
N CYS D 142 39.40 -12.07 -9.45
CA CYS D 142 38.47 -12.12 -10.62
C CYS D 142 39.02 -13.12 -11.63
N LEU D 143 38.18 -14.00 -12.17
CA LEU D 143 38.59 -15.05 -13.13
C LEU D 143 38.06 -14.71 -14.53
N LEU D 144 38.91 -14.84 -15.54
CA LEU D 144 38.50 -14.80 -16.97
C LEU D 144 37.97 -16.19 -17.38
N LEU D 145 37.25 -16.24 -18.48
CA LEU D 145 36.61 -17.47 -18.97
C LEU D 145 37.65 -18.57 -19.17
N GLU D 146 38.58 -18.36 -20.05
CA GLU D 146 39.58 -19.41 -20.42
C GLU D 146 40.50 -19.71 -19.24
N PRO D 147 41.17 -18.70 -18.63
CA PRO D 147 42.12 -18.98 -17.54
C PRO D 147 41.50 -19.72 -16.33
N GLY D 148 40.31 -19.34 -15.85
CA GLY D 148 39.75 -19.83 -14.59
C GLY D 148 38.40 -20.47 -14.74
N LEU D 149 37.45 -19.76 -15.35
CA LEU D 149 36.07 -20.28 -15.47
C LEU D 149 36.11 -21.66 -16.18
N ASN D 150 36.87 -21.77 -17.26
CA ASN D 150 36.94 -23.05 -18.03
C ASN D 150 37.47 -24.17 -17.13
N GLU D 151 38.52 -23.90 -16.37
CA GLU D 151 39.11 -24.91 -15.45
C GLU D 151 38.04 -25.41 -14.47
N ILE D 152 37.26 -24.49 -13.91
CA ILE D 152 36.20 -24.85 -12.93
C ILE D 152 35.17 -25.72 -13.68
N MET D 153 34.66 -25.22 -14.80
CA MET D 153 33.55 -25.92 -15.55
C MET D 153 34.06 -27.26 -16.05
N ALA D 154 35.36 -27.42 -16.21
CA ALA D 154 35.95 -28.69 -16.73
C ALA D 154 36.36 -29.62 -15.59
N ASN D 155 36.89 -29.09 -14.50
CA ASN D 155 37.48 -29.95 -13.42
C ASN D 155 36.58 -29.93 -12.18
N SER D 156 36.10 -28.77 -11.74
CA SER D 156 35.33 -28.67 -10.46
C SER D 156 34.15 -29.64 -10.45
N LEU D 157 33.95 -30.33 -9.34
CA LEU D 157 32.79 -31.22 -9.11
C LEU D 157 31.91 -30.68 -8.00
N ASP D 158 32.13 -29.45 -7.56
CA ASP D 158 31.26 -28.80 -6.56
C ASP D 158 30.04 -28.19 -7.29
N TYR D 159 28.83 -28.61 -6.90
CA TYR D 159 27.57 -28.06 -7.44
C TYR D 159 27.62 -26.54 -7.33
N ASN D 160 27.90 -26.00 -6.14
CA ASN D 160 27.83 -24.55 -5.88
C ASN D 160 28.86 -23.83 -6.74
N GLU D 161 30.09 -24.32 -6.76
CA GLU D 161 31.18 -23.65 -7.55
C GLU D 161 30.80 -23.62 -9.04
N ARG D 162 30.37 -24.77 -9.57
CA ARG D 162 29.97 -24.88 -10.99
C ARG D 162 28.79 -23.92 -11.26
N LEU D 163 27.82 -23.89 -10.37
CA LEU D 163 26.66 -22.99 -10.51
C LEU D 163 27.13 -21.52 -10.55
N TRP D 164 28.01 -21.15 -9.64
CA TRP D 164 28.55 -19.78 -9.58
C TRP D 164 29.15 -19.37 -10.94
N ALA D 165 30.14 -20.12 -11.41
CA ALA D 165 30.84 -19.80 -12.67
C ALA D 165 29.83 -19.70 -13.83
N TRP D 166 28.96 -20.73 -13.95
CA TRP D 166 27.95 -20.77 -15.04
C TRP D 166 27.10 -19.49 -15.00
N GLU D 167 26.43 -19.23 -13.87
CA GLU D 167 25.51 -18.06 -13.80
C GLU D 167 26.31 -16.76 -13.94
N SER D 168 27.45 -16.65 -13.23
CA SER D 168 28.23 -15.38 -13.24
C SER D 168 28.67 -15.05 -14.67
N TRP D 169 29.11 -16.05 -15.44
CA TRP D 169 29.53 -15.82 -16.85
C TRP D 169 28.36 -15.21 -17.63
N ARG D 170 27.13 -15.68 -17.40
CA ARG D 170 25.97 -15.19 -18.19
C ARG D 170 25.38 -13.93 -17.55
N SER D 171 25.61 -13.73 -16.25
CA SER D 171 25.07 -12.54 -15.53
C SER D 171 25.95 -11.32 -15.76
N GLU D 172 27.10 -11.43 -16.43
CA GLU D 172 28.05 -10.29 -16.61
C GLU D 172 28.31 -10.10 -18.12
N VAL D 173 29.14 -10.94 -18.72
CA VAL D 173 29.48 -10.82 -20.16
C VAL D 173 28.19 -10.94 -20.97
N GLY D 174 27.35 -11.91 -20.64
CA GLY D 174 26.13 -12.16 -21.44
C GLY D 174 25.21 -10.94 -21.47
N LYS D 175 25.04 -10.30 -20.32
CA LYS D 175 24.18 -9.09 -20.22
C LYS D 175 24.77 -7.97 -21.11
N GLN D 176 26.08 -7.84 -21.14
CA GLN D 176 26.75 -6.81 -21.97
C GLN D 176 26.53 -7.09 -23.46
N LEU D 177 26.52 -8.37 -23.86
CA LEU D 177 26.39 -8.74 -25.29
C LEU D 177 24.95 -8.59 -25.75
N ARG D 178 23.96 -8.70 -24.85
CA ARG D 178 22.53 -8.69 -25.25
C ARG D 178 22.26 -7.53 -26.21
N PRO D 179 22.48 -6.25 -25.83
CA PRO D 179 22.18 -5.12 -26.70
C PRO D 179 22.99 -5.13 -28.01
N LEU D 180 24.28 -5.47 -27.93
CA LEU D 180 25.17 -5.52 -29.11
C LEU D 180 24.61 -6.56 -30.09
N TYR D 181 24.24 -7.74 -29.58
CA TYR D 181 23.76 -8.84 -30.45
C TYR D 181 22.48 -8.40 -31.18
N GLU D 182 21.61 -7.72 -30.46
CA GLU D 182 20.34 -7.19 -31.04
C GLU D 182 20.63 -6.28 -32.26
N GLU D 183 21.57 -5.33 -32.11
CA GLU D 183 21.95 -4.48 -33.27
C GLU D 183 22.60 -5.36 -34.34
N TYR D 184 23.57 -6.20 -33.94
CA TYR D 184 24.28 -7.09 -34.89
C TYR D 184 23.27 -7.78 -35.81
N VAL D 185 22.28 -8.43 -35.20
CA VAL D 185 21.29 -9.25 -35.95
C VAL D 185 20.61 -8.34 -37.02
N VAL D 186 20.32 -7.10 -36.63
CA VAL D 186 19.65 -6.11 -37.53
C VAL D 186 20.56 -5.81 -38.73
N LEU D 187 21.75 -5.30 -38.47
CA LEU D 187 22.71 -4.93 -39.54
C LEU D 187 23.01 -6.16 -40.40
N LYS D 188 23.24 -7.32 -39.78
CA LYS D 188 23.55 -8.55 -40.55
C LYS D 188 22.39 -8.88 -41.49
N ASN D 189 21.16 -8.83 -40.99
CA ASN D 189 19.96 -9.11 -41.83
C ASN D 189 19.92 -8.12 -42.98
N GLU D 190 20.16 -6.85 -42.68
CA GLU D 190 20.17 -5.76 -43.72
C GLU D 190 21.16 -6.15 -44.83
N MET D 191 22.40 -6.43 -44.46
CA MET D 191 23.47 -6.74 -45.46
C MET D 191 23.02 -7.94 -46.32
N ALA D 192 22.56 -9.01 -45.69
CA ALA D 192 22.17 -10.26 -46.42
C ALA D 192 21.04 -9.93 -47.40
N ARG D 193 20.01 -9.25 -46.90
CA ARG D 193 18.82 -8.90 -47.75
C ARG D 193 19.29 -7.97 -48.87
N ALA D 194 20.18 -7.03 -48.56
CA ALA D 194 20.78 -6.16 -49.59
C ALA D 194 21.59 -7.00 -50.59
N ASN D 195 22.17 -8.11 -50.13
CA ASN D 195 22.90 -9.05 -51.02
C ASN D 195 21.92 -10.10 -51.56
N HIS D 196 20.62 -9.81 -51.64
CA HIS D 196 19.60 -10.76 -52.20
C HIS D 196 19.55 -12.02 -51.33
N TYR D 197 19.07 -11.90 -50.10
CA TYR D 197 18.93 -13.06 -49.18
C TYR D 197 17.71 -12.87 -48.28
N GLU D 198 17.07 -13.98 -47.91
CA GLU D 198 15.88 -13.93 -47.02
C GLU D 198 16.29 -13.26 -45.68
N ASP D 199 17.42 -13.70 -45.11
CA ASP D 199 17.93 -13.20 -43.81
C ASP D 199 19.42 -13.55 -43.73
N TYR D 200 20.05 -13.16 -42.61
CA TYR D 200 21.50 -13.45 -42.41
C TYR D 200 21.71 -14.99 -42.37
N GLY D 201 20.79 -15.71 -41.73
CA GLY D 201 20.86 -17.18 -41.67
C GLY D 201 20.77 -17.81 -43.04
N ASP D 202 19.89 -17.26 -43.89
CA ASP D 202 19.77 -17.73 -45.30
C ASP D 202 21.11 -17.51 -46.01
N TYR D 203 21.75 -16.35 -45.80
CA TYR D 203 23.09 -16.08 -46.38
C TYR D 203 24.07 -17.17 -45.95
N TRP D 204 24.07 -17.53 -44.64
CA TRP D 204 24.94 -18.61 -44.10
C TRP D 204 24.64 -19.95 -44.76
N ARG D 205 23.37 -20.28 -44.94
CA ARG D 205 22.96 -21.59 -45.54
C ARG D 205 23.33 -21.64 -47.02
N GLY D 206 23.67 -20.50 -47.63
CA GLY D 206 24.15 -20.46 -49.02
C GLY D 206 25.37 -21.30 -49.25
N ASP D 207 26.19 -21.52 -48.22
CA ASP D 207 27.40 -22.38 -48.31
C ASP D 207 27.12 -23.72 -49.04
N TYR D 208 26.08 -24.43 -48.65
CA TYR D 208 25.74 -25.76 -49.19
C TYR D 208 24.90 -25.60 -50.47
N GLU D 209 24.34 -24.42 -50.72
CA GLU D 209 23.46 -24.17 -51.89
C GLU D 209 24.19 -24.59 -53.16
N VAL D 210 23.55 -25.41 -54.00
CA VAL D 210 24.13 -25.80 -55.33
C VAL D 210 23.09 -25.47 -56.41
N ASN D 211 23.50 -24.83 -57.50
CA ASN D 211 22.57 -24.43 -58.60
C ASN D 211 23.26 -24.57 -59.96
N GLY D 212 22.48 -24.88 -60.99
CA GLY D 212 22.97 -25.09 -62.37
C GLY D 212 23.61 -26.45 -62.61
N VAL D 213 23.80 -27.31 -61.61
CA VAL D 213 24.35 -28.69 -61.79
C VAL D 213 23.18 -29.68 -61.61
N ASP D 214 22.60 -30.12 -62.72
CA ASP D 214 21.43 -31.05 -62.69
C ASP D 214 21.83 -32.35 -61.96
N GLY D 215 20.97 -32.82 -61.05
CA GLY D 215 21.20 -34.03 -60.24
C GLY D 215 22.12 -33.76 -59.06
N TYR D 216 22.66 -32.54 -58.92
CA TYR D 216 23.49 -32.13 -57.77
C TYR D 216 22.94 -30.84 -57.17
N ASP D 217 21.84 -30.31 -57.70
CA ASP D 217 21.31 -28.98 -57.25
C ASP D 217 20.94 -29.10 -55.76
N TYR D 218 21.31 -28.11 -54.96
CA TYR D 218 21.00 -28.09 -53.50
C TYR D 218 20.42 -26.73 -53.13
N SER D 219 19.52 -26.71 -52.17
CA SER D 219 18.84 -25.44 -51.74
C SER D 219 19.20 -25.12 -50.29
N ARG D 220 19.19 -23.84 -49.93
CA ARG D 220 19.51 -23.40 -48.56
C ARG D 220 18.43 -23.96 -47.62
N GLY D 221 17.16 -23.84 -48.01
CA GLY D 221 16.02 -24.45 -47.28
C GLY D 221 16.16 -25.96 -47.14
N GLN D 222 16.65 -26.59 -48.22
CA GLN D 222 16.92 -28.06 -48.21
C GLN D 222 17.87 -28.41 -47.06
N LEU D 223 18.90 -27.60 -46.85
CA LEU D 223 19.88 -27.83 -45.76
C LEU D 223 19.12 -27.93 -44.43
N ILE D 224 18.21 -26.99 -44.18
CA ILE D 224 17.42 -26.98 -42.91
C ILE D 224 16.66 -28.31 -42.78
N GLU D 225 15.98 -28.70 -43.84
CA GLU D 225 15.15 -29.95 -43.87
C GLU D 225 16.05 -31.15 -43.60
N ASP D 226 17.19 -31.23 -44.29
CA ASP D 226 18.13 -32.38 -44.16
C ASP D 226 18.59 -32.53 -42.71
N VAL D 227 19.02 -31.43 -42.09
CA VAL D 227 19.58 -31.49 -40.71
C VAL D 227 18.48 -32.01 -39.78
N GLU D 228 17.26 -31.52 -39.96
CA GLU D 228 16.12 -31.88 -39.06
C GLU D 228 15.87 -33.38 -39.18
N HIS D 229 15.81 -33.90 -40.41
CA HIS D 229 15.56 -35.35 -40.64
C HIS D 229 16.65 -36.20 -39.99
N THR D 230 17.91 -35.82 -40.24
CA THR D 230 19.06 -36.58 -39.68
C THR D 230 19.00 -36.52 -38.15
N PHE D 231 18.65 -35.36 -37.60
CA PHE D 231 18.57 -35.20 -36.12
C PHE D 231 17.56 -36.20 -35.54
N GLU D 232 16.44 -36.38 -36.23
CA GLU D 232 15.38 -37.35 -35.81
C GLU D 232 15.99 -38.76 -35.68
N GLU D 233 16.86 -39.15 -36.62
CA GLU D 233 17.46 -40.50 -36.60
C GLU D 233 18.38 -40.66 -35.39
N ILE D 234 19.14 -39.61 -35.03
CA ILE D 234 20.13 -39.72 -33.91
C ILE D 234 19.41 -39.53 -32.57
N LYS D 235 18.18 -39.07 -32.60
CA LYS D 235 17.41 -38.79 -31.34
C LYS D 235 17.44 -39.99 -30.39
N PRO D 236 17.04 -41.21 -30.83
CA PRO D 236 17.04 -42.40 -29.98
C PRO D 236 18.37 -42.66 -29.27
N LEU D 237 19.46 -42.68 -30.04
CA LEU D 237 20.83 -42.93 -29.45
C LEU D 237 21.12 -41.83 -28.39
N TYR D 238 20.86 -40.56 -28.70
CA TYR D 238 21.10 -39.46 -27.76
C TYR D 238 20.28 -39.68 -26.48
N GLU D 239 19.03 -40.14 -26.64
CA GLU D 239 18.12 -40.38 -25.48
C GLU D 239 18.77 -41.36 -24.49
N HIS D 240 19.28 -42.45 -25.01
CA HIS D 240 19.98 -43.47 -24.18
C HIS D 240 21.24 -42.88 -23.56
N LEU D 241 22.04 -42.16 -24.35
CA LEU D 241 23.26 -41.50 -23.79
C LEU D 241 22.84 -40.56 -22.67
N HIS D 242 21.82 -39.73 -22.90
CA HIS D 242 21.35 -38.76 -21.87
C HIS D 242 20.91 -39.54 -20.62
N ALA D 243 20.15 -40.63 -20.81
CA ALA D 243 19.65 -41.42 -19.66
C ALA D 243 20.82 -41.99 -18.87
N TYR D 244 21.80 -42.58 -19.56
CA TYR D 244 22.99 -43.16 -18.87
C TYR D 244 23.74 -42.05 -18.12
N VAL D 245 24.02 -40.95 -18.81
CA VAL D 245 24.78 -39.82 -18.19
C VAL D 245 23.96 -39.28 -17.01
N ARG D 246 22.64 -39.17 -17.18
CA ARG D 246 21.72 -38.68 -16.12
C ARG D 246 21.96 -39.48 -14.83
N ALA D 247 21.93 -40.80 -14.96
CA ALA D 247 22.18 -41.71 -13.80
C ALA D 247 23.54 -41.41 -13.16
N LYS D 248 24.58 -41.37 -13.96
CA LYS D 248 25.96 -41.10 -13.45
C LYS D 248 26.00 -39.69 -12.81
N LEU D 249 25.49 -38.67 -13.51
CA LEU D 249 25.42 -37.31 -12.94
C LEU D 249 24.69 -37.38 -11.60
N MET D 250 23.66 -38.22 -11.50
CA MET D 250 22.85 -38.32 -10.26
C MET D 250 23.72 -38.78 -9.09
N ASN D 251 24.52 -39.82 -9.34
CA ASN D 251 25.45 -40.35 -8.31
C ASN D 251 26.48 -39.27 -7.93
N ALA D 252 27.06 -38.61 -8.92
CA ALA D 252 28.07 -37.54 -8.68
C ALA D 252 27.40 -36.34 -7.97
N TYR D 253 26.16 -36.02 -8.32
CA TYR D 253 25.44 -34.84 -7.76
C TYR D 253 24.12 -35.31 -7.18
N PRO D 254 24.11 -35.98 -6.00
CA PRO D 254 22.86 -36.46 -5.38
C PRO D 254 21.99 -35.28 -4.90
N SER D 255 20.69 -35.49 -4.85
CA SER D 255 19.69 -34.44 -4.51
C SER D 255 19.76 -33.26 -5.50
N TYR D 256 20.12 -33.50 -6.76
CA TYR D 256 20.18 -32.43 -7.80
C TYR D 256 19.48 -32.92 -9.06
N ILE D 257 20.04 -33.90 -9.76
CA ILE D 257 19.51 -34.34 -11.08
C ILE D 257 18.31 -35.26 -10.78
N SER D 258 17.15 -34.97 -11.37
CA SER D 258 15.97 -35.85 -11.27
C SER D 258 16.11 -37.01 -12.26
N PRO D 259 15.61 -38.23 -11.95
CA PRO D 259 15.73 -39.38 -12.84
C PRO D 259 14.83 -39.28 -14.09
N ILE D 260 13.84 -38.41 -14.07
CA ILE D 260 12.90 -38.23 -15.21
C ILE D 260 13.02 -36.84 -15.81
N GLY D 261 13.84 -35.96 -15.23
CA GLY D 261 13.94 -34.57 -15.69
C GLY D 261 15.11 -34.37 -16.62
N CYS D 262 15.36 -33.13 -17.02
CA CYS D 262 16.49 -32.74 -17.88
C CYS D 262 17.79 -32.76 -17.07
N LEU D 263 18.89 -32.21 -17.60
CA LEU D 263 20.19 -32.16 -16.89
C LEU D 263 20.55 -30.69 -16.63
N PRO D 264 20.88 -30.31 -15.37
CA PRO D 264 21.34 -28.95 -15.07
C PRO D 264 22.48 -28.55 -16.04
N ALA D 265 22.42 -27.34 -16.60
CA ALA D 265 23.42 -26.91 -17.62
C ALA D 265 24.80 -26.70 -17.00
N HIS D 266 24.89 -26.43 -15.70
CA HIS D 266 26.19 -26.12 -15.06
C HIS D 266 26.92 -27.42 -14.69
N LEU D 267 26.37 -28.57 -15.10
CA LEU D 267 26.98 -29.88 -14.73
C LEU D 267 27.26 -30.70 -15.99
N LEU D 268 27.37 -30.05 -17.16
CA LEU D 268 27.55 -30.80 -18.43
C LEU D 268 29.04 -31.00 -18.78
N GLY D 269 29.96 -30.60 -17.89
CA GLY D 269 31.40 -30.78 -18.07
C GLY D 269 32.10 -29.58 -18.75
N ASP D 270 31.39 -28.57 -19.20
CA ASP D 270 31.99 -27.31 -19.72
C ASP D 270 31.04 -26.14 -19.49
N MET D 271 31.48 -24.93 -19.86
CA MET D 271 30.72 -23.70 -19.62
C MET D 271 29.36 -23.74 -20.32
N TRP D 272 29.30 -24.18 -21.56
CA TRP D 272 28.06 -24.18 -22.38
C TRP D 272 27.51 -25.60 -22.52
N GLY D 273 28.13 -26.61 -21.92
CA GLY D 273 27.70 -28.01 -22.16
C GLY D 273 27.81 -28.48 -23.62
N ARG D 274 28.68 -27.87 -24.44
CA ARG D 274 28.82 -28.25 -25.86
C ARG D 274 29.27 -29.72 -25.96
N PHE D 275 30.31 -30.09 -25.22
CA PHE D 275 30.81 -31.52 -25.22
C PHE D 275 30.58 -32.15 -23.84
N TRP D 276 30.36 -33.46 -23.78
CA TRP D 276 30.23 -34.18 -22.47
C TRP D 276 31.53 -34.91 -22.17
N THR D 277 32.62 -34.54 -22.83
CA THR D 277 33.93 -35.23 -22.74
C THR D 277 34.40 -35.28 -21.26
N ASN D 278 34.27 -34.19 -20.55
CA ASN D 278 34.69 -34.11 -19.12
C ASN D 278 33.82 -34.98 -18.21
N LEU D 279 32.60 -35.29 -18.63
CA LEU D 279 31.70 -36.22 -17.86
C LEU D 279 32.21 -37.66 -17.91
N TYR D 280 33.15 -37.96 -18.82
CA TYR D 280 33.68 -39.32 -18.97
C TYR D 280 34.15 -39.92 -17.62
N SER D 281 34.83 -39.11 -16.83
CA SER D 281 35.39 -39.54 -15.51
C SER D 281 34.27 -40.12 -14.63
N LEU D 282 33.09 -39.52 -14.64
CA LEU D 282 31.96 -39.96 -13.78
C LEU D 282 31.03 -40.88 -14.58
N THR D 283 31.17 -40.91 -15.92
CA THR D 283 30.26 -41.73 -16.76
C THR D 283 31.03 -42.89 -17.40
N VAL D 284 32.23 -43.19 -16.92
CA VAL D 284 33.09 -44.25 -17.51
C VAL D 284 32.29 -45.57 -17.55
N PRO D 285 32.14 -46.23 -18.72
CA PRO D 285 31.40 -47.49 -18.82
C PRO D 285 32.06 -48.56 -17.92
N PHE D 286 33.39 -48.61 -17.92
CA PHE D 286 34.16 -49.65 -17.16
C PHE D 286 35.40 -49.02 -16.57
N GLY D 287 35.29 -48.43 -15.38
CA GLY D 287 36.41 -47.75 -14.69
C GLY D 287 37.68 -48.60 -14.69
N GLN D 288 37.55 -49.88 -14.36
CA GLN D 288 38.68 -50.84 -14.36
C GLN D 288 39.38 -50.87 -15.72
N LYS D 289 38.62 -50.74 -16.83
CA LYS D 289 39.20 -50.75 -18.19
C LYS D 289 39.72 -49.36 -18.55
N PRO D 290 41.06 -49.17 -18.73
CA PRO D 290 41.62 -47.89 -19.17
C PRO D 290 41.58 -47.76 -20.69
N ASN D 291 42.20 -46.70 -21.22
CA ASN D 291 42.27 -46.43 -22.68
C ASN D 291 43.71 -46.56 -23.13
N ILE D 292 43.92 -47.04 -24.37
CA ILE D 292 45.28 -47.29 -24.93
C ILE D 292 46.07 -45.96 -24.85
N ASP D 293 47.22 -45.97 -24.18
CA ASP D 293 48.12 -44.78 -24.10
C ASP D 293 49.49 -45.18 -24.65
N VAL D 294 49.62 -45.25 -25.97
CA VAL D 294 50.90 -45.63 -26.64
C VAL D 294 51.97 -44.53 -26.45
N THR D 295 51.61 -43.40 -25.83
CA THR D 295 52.55 -42.30 -25.52
C THR D 295 53.77 -42.81 -24.76
N ASP D 296 53.56 -43.67 -23.76
CA ASP D 296 54.67 -44.25 -22.95
C ASP D 296 55.56 -45.07 -23.88
N ALA D 297 54.97 -45.95 -24.68
CA ALA D 297 55.74 -46.77 -25.64
C ALA D 297 56.50 -45.86 -26.61
N MET D 298 55.87 -44.75 -27.04
CA MET D 298 56.51 -43.76 -27.94
C MET D 298 57.85 -43.33 -27.31
N VAL D 299 57.80 -42.84 -26.07
CA VAL D 299 59.02 -42.38 -25.35
C VAL D 299 59.97 -43.57 -25.20
N ASP D 300 59.44 -44.77 -24.89
CA ASP D 300 60.25 -46.00 -24.77
C ASP D 300 60.99 -46.28 -26.08
N GLN D 301 60.34 -46.01 -27.22
CA GLN D 301 60.98 -46.17 -28.55
C GLN D 301 61.66 -44.86 -28.94
N ALA D 302 61.82 -43.91 -27.99
CA ALA D 302 62.47 -42.61 -28.26
C ALA D 302 61.80 -41.93 -29.46
N TRP D 303 60.47 -41.99 -29.55
CA TRP D 303 59.71 -41.33 -30.65
C TRP D 303 59.97 -39.81 -30.60
N ASP D 304 59.98 -39.17 -31.76
CA ASP D 304 60.20 -37.72 -31.90
C ASP D 304 59.05 -37.11 -32.69
N ALA D 305 58.82 -35.80 -32.53
CA ALA D 305 57.79 -35.08 -33.31
C ALA D 305 57.98 -35.37 -34.81
N GLN D 306 59.21 -35.24 -35.31
CA GLN D 306 59.54 -35.62 -36.72
C GLN D 306 59.20 -37.10 -36.94
N ARG D 307 59.58 -37.96 -35.98
CA ARG D 307 59.28 -39.42 -36.06
C ARG D 307 57.76 -39.63 -36.27
N ILE D 308 56.95 -39.02 -35.43
CA ILE D 308 55.45 -39.21 -35.47
C ILE D 308 54.98 -38.68 -36.84
N PHE D 309 55.55 -37.57 -37.31
CA PHE D 309 55.16 -36.97 -38.61
C PHE D 309 55.50 -37.93 -39.75
N LYS D 310 56.66 -38.56 -39.68
CA LYS D 310 57.08 -39.57 -40.69
C LYS D 310 56.06 -40.72 -40.67
N GLU D 311 55.65 -41.13 -39.48
CA GLU D 311 54.64 -42.21 -39.33
C GLU D 311 53.33 -41.79 -40.02
N ALA D 312 52.89 -40.56 -39.77
CA ALA D 312 51.67 -40.02 -40.43
C ALA D 312 51.88 -40.13 -41.95
N GLU D 313 53.03 -39.67 -42.46
CA GLU D 313 53.35 -39.71 -43.91
C GLU D 313 53.22 -41.15 -44.42
N LYS D 314 53.77 -42.11 -43.68
CA LYS D 314 53.71 -43.54 -44.05
C LYS D 314 52.24 -44.00 -44.10
N PHE D 315 51.43 -43.57 -43.13
CA PHE D 315 49.98 -43.88 -43.13
C PHE D 315 49.35 -43.47 -44.47
N PHE D 316 49.61 -42.24 -44.89
CA PHE D 316 49.03 -41.69 -46.15
C PHE D 316 49.56 -42.48 -47.34
N VAL D 317 50.87 -42.72 -47.39
CA VAL D 317 51.48 -43.44 -48.56
C VAL D 317 50.90 -44.85 -48.62
N SER D 318 50.63 -45.46 -47.46
CA SER D 318 50.03 -46.83 -47.39
C SER D 318 48.66 -46.83 -48.06
N VAL D 319 47.88 -45.75 -47.90
CA VAL D 319 46.51 -45.66 -48.51
C VAL D 319 46.63 -45.06 -49.92
N GLY D 320 47.85 -44.88 -50.44
CA GLY D 320 48.09 -44.38 -51.80
C GLY D 320 48.30 -42.88 -51.85
N LEU D 321 48.05 -42.15 -50.75
CA LEU D 321 48.26 -40.69 -50.71
C LEU D 321 49.74 -40.37 -50.92
N PRO D 322 50.09 -39.25 -51.60
CA PRO D 322 51.48 -38.89 -51.86
C PRO D 322 52.20 -38.51 -50.54
N ASN D 323 53.52 -38.66 -50.51
CA ASN D 323 54.33 -38.31 -49.31
C ASN D 323 54.36 -36.79 -49.15
N MET D 324 54.63 -36.31 -47.94
CA MET D 324 54.71 -34.86 -47.64
C MET D 324 55.79 -34.24 -48.52
N THR D 325 55.53 -33.04 -49.05
CA THR D 325 56.48 -32.28 -49.91
C THR D 325 57.82 -32.15 -49.15
N GLN D 326 58.92 -32.41 -49.82
CA GLN D 326 60.27 -32.24 -49.22
C GLN D 326 60.41 -30.79 -48.72
N GLY D 327 59.96 -29.83 -49.54
CA GLY D 327 59.93 -28.41 -49.13
C GLY D 327 59.15 -28.22 -47.85
N PHE D 328 58.03 -28.93 -47.70
CA PHE D 328 57.20 -28.90 -46.46
C PHE D 328 58.11 -29.28 -45.28
N TRP D 329 58.84 -30.39 -45.40
CA TRP D 329 59.78 -30.86 -44.36
C TRP D 329 60.80 -29.75 -44.06
N GLU D 330 61.28 -29.09 -45.10
CA GLU D 330 62.28 -28.00 -44.97
C GLU D 330 61.66 -26.82 -44.20
N ASN D 331 60.41 -26.47 -44.46
CA ASN D 331 59.77 -25.28 -43.84
C ASN D 331 58.49 -25.69 -43.10
N SER D 332 58.59 -26.36 -41.96
CA SER D 332 57.41 -26.73 -41.14
C SER D 332 57.76 -26.71 -39.65
N MET D 333 57.09 -25.90 -38.84
CA MET D 333 57.30 -25.89 -37.37
C MET D 333 56.69 -27.17 -36.80
N LEU D 334 57.50 -28.20 -36.64
CA LEU D 334 57.03 -29.53 -36.15
C LEU D 334 57.46 -29.75 -34.72
N THR D 335 57.53 -28.71 -33.90
CA THR D 335 57.92 -28.80 -32.46
C THR D 335 57.94 -27.40 -31.83
N ASP D 336 58.16 -27.32 -30.52
CA ASP D 336 58.24 -26.03 -29.80
C ASP D 336 59.55 -25.33 -30.16
N PRO D 337 59.54 -24.02 -30.50
CA PRO D 337 60.78 -23.27 -30.75
C PRO D 337 61.67 -23.29 -29.50
N GLY D 338 61.08 -23.06 -28.33
CA GLY D 338 61.80 -23.07 -27.03
C GLY D 338 63.18 -22.43 -27.12
N ASN D 339 63.24 -21.23 -27.68
CA ASN D 339 64.50 -20.43 -27.83
C ASN D 339 64.22 -18.97 -27.49
N VAL D 340 65.17 -18.09 -27.79
CA VAL D 340 65.00 -16.61 -27.63
C VAL D 340 63.68 -16.18 -28.28
N GLN D 341 63.34 -16.80 -29.41
CA GLN D 341 62.08 -16.51 -30.15
C GLN D 341 61.01 -17.54 -29.78
N LYS D 342 59.74 -17.16 -29.85
CA LYS D 342 58.58 -18.06 -29.58
C LYS D 342 57.77 -18.18 -30.87
N ALA D 343 56.89 -19.17 -30.94
CA ALA D 343 56.01 -19.41 -32.10
C ALA D 343 54.67 -19.95 -31.62
N VAL D 344 53.59 -19.66 -32.37
CA VAL D 344 52.23 -20.21 -32.05
C VAL D 344 52.33 -21.75 -32.09
N CYS D 345 51.80 -22.43 -31.08
CA CYS D 345 51.91 -23.91 -30.95
C CYS D 345 50.67 -24.57 -31.53
N HIS D 346 49.60 -23.81 -31.79
CA HIS D 346 48.33 -24.36 -32.31
C HIS D 346 48.61 -25.15 -33.60
N PRO D 347 48.24 -26.46 -33.67
CA PRO D 347 48.38 -27.24 -34.90
C PRO D 347 47.74 -26.51 -36.07
N THR D 348 48.49 -26.29 -37.15
CA THR D 348 48.01 -25.58 -38.36
C THR D 348 48.63 -26.17 -39.61
N ALA D 349 47.81 -26.65 -40.54
CA ALA D 349 48.28 -27.15 -41.86
C ALA D 349 48.39 -25.95 -42.80
N TRP D 350 49.50 -25.22 -42.75
CA TRP D 350 49.68 -24.02 -43.61
C TRP D 350 49.73 -24.37 -45.10
N ASP D 351 49.08 -23.56 -45.95
CA ASP D 351 49.16 -23.66 -47.43
C ASP D 351 49.50 -22.28 -47.97
N LEU D 352 50.77 -21.91 -47.96
CA LEU D 352 51.21 -20.56 -48.44
C LEU D 352 50.85 -20.37 -49.91
N GLY D 353 50.58 -21.45 -50.65
CA GLY D 353 50.15 -21.37 -52.04
C GLY D 353 51.34 -21.37 -52.98
N LYS D 354 51.11 -21.27 -54.29
CA LYS D 354 52.21 -21.36 -55.31
C LYS D 354 53.08 -22.59 -55.01
N GLY D 355 52.44 -23.73 -54.75
CA GLY D 355 53.09 -25.01 -54.41
C GLY D 355 53.80 -24.99 -53.07
N ASP D 356 53.34 -24.22 -52.09
CA ASP D 356 53.99 -24.12 -50.76
C ASP D 356 53.04 -24.68 -49.70
N PHE D 357 53.46 -25.77 -49.04
CA PHE D 357 52.68 -26.46 -47.97
C PHE D 357 53.52 -26.55 -46.71
N ARG D 358 52.98 -26.18 -45.55
CA ARG D 358 53.74 -26.15 -44.28
C ARG D 358 52.84 -26.54 -43.12
N ILE D 359 53.41 -26.88 -41.96
CA ILE D 359 52.62 -27.20 -40.74
C ILE D 359 53.29 -26.53 -39.55
N LEU D 360 52.55 -25.69 -38.81
CA LEU D 360 53.09 -24.99 -37.62
C LEU D 360 52.44 -25.59 -36.38
N MET D 361 53.24 -26.15 -35.46
CA MET D 361 52.73 -26.64 -34.15
C MET D 361 53.88 -27.06 -33.24
N CYS D 362 53.75 -26.84 -31.93
CA CYS D 362 54.76 -27.29 -30.93
C CYS D 362 54.43 -28.73 -30.52
N THR D 363 54.49 -29.68 -31.43
CA THR D 363 54.12 -31.10 -31.14
C THR D 363 55.13 -31.75 -30.18
N LYS D 364 54.74 -32.80 -29.49
CA LYS D 364 55.57 -33.51 -28.49
C LYS D 364 55.49 -35.02 -28.75
N VAL D 365 56.20 -35.82 -27.96
CA VAL D 365 56.17 -37.31 -28.05
C VAL D 365 54.97 -37.79 -27.22
N THR D 366 53.75 -37.57 -27.72
CA THR D 366 52.51 -38.01 -27.02
C THR D 366 51.57 -38.68 -28.02
N MET D 367 50.78 -39.64 -27.58
CA MET D 367 49.81 -40.36 -28.44
C MET D 367 48.88 -39.32 -29.11
N ASP D 368 48.41 -38.36 -28.33
CA ASP D 368 47.56 -37.25 -28.85
C ASP D 368 48.30 -36.50 -29.96
N ASP D 369 49.57 -36.16 -29.74
CA ASP D 369 50.39 -35.46 -30.77
C ASP D 369 50.47 -36.34 -32.02
N PHE D 370 50.68 -37.65 -31.83
CA PHE D 370 50.73 -38.64 -32.94
C PHE D 370 49.43 -38.53 -33.77
N LEU D 371 48.30 -38.57 -33.09
CA LEU D 371 46.96 -38.48 -33.77
C LEU D 371 46.79 -37.12 -34.41
N THR D 372 47.20 -36.06 -33.71
CA THR D 372 47.14 -34.68 -34.27
C THR D 372 47.96 -34.60 -35.57
N ALA D 373 49.10 -35.26 -35.61
CA ALA D 373 49.97 -35.26 -36.81
C ALA D 373 49.19 -35.81 -38.00
N HIS D 374 48.53 -36.96 -37.84
CA HIS D 374 47.76 -37.59 -38.96
C HIS D 374 46.64 -36.63 -39.38
N HIS D 375 45.98 -36.00 -38.40
CA HIS D 375 44.87 -35.04 -38.67
C HIS D 375 45.39 -33.85 -39.47
N GLU D 376 46.45 -33.21 -38.99
CA GLU D 376 47.02 -32.00 -39.62
C GLU D 376 47.52 -32.38 -41.03
N MET D 377 48.26 -33.47 -41.14
CA MET D 377 48.82 -33.89 -42.45
C MET D 377 47.66 -34.29 -43.39
N GLY D 378 46.58 -34.85 -42.85
CA GLY D 378 45.38 -35.15 -43.64
C GLY D 378 44.87 -33.90 -44.34
N HIS D 379 44.83 -32.76 -43.61
CA HIS D 379 44.43 -31.45 -44.19
C HIS D 379 45.39 -31.09 -45.34
N ILE D 380 46.69 -31.24 -45.10
CA ILE D 380 47.73 -30.96 -46.14
C ILE D 380 47.46 -31.82 -47.38
N GLN D 381 47.18 -33.09 -47.19
CA GLN D 381 46.85 -34.02 -48.31
C GLN D 381 45.71 -33.44 -49.14
N TYR D 382 44.66 -32.95 -48.47
CA TYR D 382 43.51 -32.32 -49.15
C TYR D 382 44.02 -31.06 -49.90
N ASP D 383 44.79 -30.22 -49.20
CA ASP D 383 45.34 -28.98 -49.80
C ASP D 383 46.17 -29.33 -51.04
N MET D 384 47.06 -30.32 -50.90
CA MET D 384 47.93 -30.76 -52.02
C MET D 384 47.06 -31.32 -53.16
N ALA D 385 46.01 -32.05 -52.85
CA ALA D 385 45.15 -32.72 -53.87
C ALA D 385 44.49 -31.67 -54.76
N TYR D 386 43.91 -30.62 -54.18
CA TYR D 386 43.19 -29.58 -54.98
C TYR D 386 44.14 -28.43 -55.30
N ALA D 387 45.44 -28.58 -55.06
CA ALA D 387 46.45 -27.55 -55.37
C ALA D 387 46.47 -27.24 -56.87
N ALA D 388 46.02 -28.17 -57.72
CA ALA D 388 45.93 -27.94 -59.18
C ALA D 388 44.64 -27.22 -59.58
N GLN D 389 43.66 -27.10 -58.68
CA GLN D 389 42.36 -26.44 -59.00
C GLN D 389 42.62 -24.95 -59.21
N PRO D 390 41.71 -24.19 -59.87
CA PRO D 390 41.84 -22.73 -59.98
C PRO D 390 41.97 -22.10 -58.59
N PHE D 391 42.76 -21.03 -58.46
CA PHE D 391 42.97 -20.33 -57.16
C PHE D 391 41.65 -20.24 -56.34
N LEU D 392 40.54 -19.84 -56.95
CA LEU D 392 39.24 -19.68 -56.26
C LEU D 392 38.54 -21.03 -56.07
N LEU D 393 39.01 -22.09 -56.70
CA LEU D 393 38.42 -23.46 -56.56
C LEU D 393 39.33 -24.34 -55.73
N ARG D 394 40.35 -23.77 -55.08
CA ARG D 394 41.27 -24.55 -54.21
C ARG D 394 40.76 -24.52 -52.76
N ASN D 395 39.76 -25.34 -52.45
CA ASN D 395 39.17 -25.41 -51.09
C ASN D 395 38.28 -26.66 -50.97
N GLY D 396 37.95 -27.06 -49.74
CA GLY D 396 37.07 -28.21 -49.52
C GLY D 396 35.70 -28.01 -50.18
N ALA D 397 35.10 -29.08 -50.69
CA ALA D 397 33.80 -28.99 -51.40
C ALA D 397 32.83 -28.09 -50.63
N ASN D 398 32.66 -28.33 -49.34
CA ASN D 398 31.85 -27.42 -48.46
C ASN D 398 32.64 -27.16 -47.18
N GLU D 399 32.07 -26.32 -46.30
CA GLU D 399 32.74 -25.99 -45.00
C GLU D 399 32.99 -27.23 -44.12
N GLY D 400 32.17 -28.29 -44.23
CA GLY D 400 32.30 -29.51 -43.39
C GLY D 400 33.08 -30.60 -44.06
N PHE D 401 33.71 -30.35 -45.21
CA PHE D 401 34.42 -31.42 -45.98
C PHE D 401 35.87 -31.49 -45.46
N HIS D 402 36.58 -30.38 -45.42
CA HIS D 402 38.05 -30.37 -45.10
C HIS D 402 38.28 -30.93 -43.68
N GLU D 403 37.55 -30.43 -42.70
CA GLU D 403 37.74 -30.89 -41.28
C GLU D 403 37.42 -32.38 -41.15
N ALA D 404 36.40 -32.86 -41.85
CA ALA D 404 35.98 -34.28 -41.81
C ALA D 404 37.16 -35.18 -42.24
N VAL D 405 37.89 -34.78 -43.28
CA VAL D 405 39.03 -35.60 -43.81
C VAL D 405 40.07 -35.76 -42.68
N GLY D 406 40.43 -34.66 -42.01
CA GLY D 406 41.37 -34.69 -40.87
C GLY D 406 40.90 -35.67 -39.79
N GLU D 407 39.61 -35.62 -39.47
CA GLU D 407 39.00 -36.49 -38.43
C GLU D 407 39.19 -37.98 -38.80
N ILE D 408 38.75 -38.40 -39.97
CA ILE D 408 38.82 -39.83 -40.39
C ILE D 408 40.28 -40.31 -40.32
N MET D 409 41.23 -39.43 -40.70
CA MET D 409 42.67 -39.77 -40.66
C MET D 409 43.03 -40.20 -39.22
N SER D 410 42.72 -39.35 -38.24
CA SER D 410 43.05 -39.61 -36.82
C SER D 410 42.37 -40.90 -36.35
N LEU D 411 41.11 -41.11 -36.71
CA LEU D 411 40.36 -42.34 -36.34
C LEU D 411 41.11 -43.58 -36.79
N SER D 412 41.51 -43.62 -38.06
CA SER D 412 42.25 -44.76 -38.66
C SER D 412 43.54 -45.00 -37.85
N ALA D 413 44.29 -43.94 -37.54
CA ALA D 413 45.57 -44.05 -36.81
C ALA D 413 45.32 -44.50 -35.37
N ALA D 414 44.25 -44.00 -34.75
CA ALA D 414 43.94 -44.30 -33.32
C ALA D 414 43.60 -45.79 -33.16
N THR D 415 43.14 -46.46 -34.23
CA THR D 415 42.76 -47.88 -34.20
C THR D 415 43.90 -48.69 -33.55
N PRO D 416 43.62 -49.62 -32.62
CA PRO D 416 44.67 -50.38 -31.93
C PRO D 416 45.50 -51.21 -32.93
N LYS D 417 44.88 -51.74 -33.97
CA LYS D 417 45.60 -52.45 -35.07
C LYS D 417 46.73 -51.55 -35.60
N HIS D 418 46.42 -50.30 -35.93
CA HIS D 418 47.42 -49.33 -36.43
C HIS D 418 48.54 -49.19 -35.38
N LEU D 419 48.16 -48.96 -34.12
CA LEU D 419 49.14 -48.75 -33.02
C LEU D 419 49.98 -50.01 -32.86
N LYS D 420 49.34 -51.18 -32.92
CA LYS D 420 50.03 -52.48 -32.77
C LYS D 420 50.97 -52.70 -33.97
N SER D 421 50.50 -52.43 -35.18
CA SER D 421 51.31 -52.60 -36.41
C SER D 421 52.51 -51.64 -36.41
N ILE D 422 52.28 -50.40 -35.96
CA ILE D 422 53.36 -49.38 -35.90
C ILE D 422 54.30 -49.72 -34.73
N GLY D 423 53.91 -50.65 -33.85
CA GLY D 423 54.74 -51.11 -32.72
C GLY D 423 54.47 -50.28 -31.47
N LEU D 424 53.74 -49.17 -31.58
CA LEU D 424 53.36 -48.34 -30.40
C LEU D 424 52.51 -49.15 -29.43
N LEU D 425 51.74 -50.12 -29.92
CA LEU D 425 50.88 -50.99 -29.08
C LEU D 425 51.48 -52.41 -29.09
N SER D 426 51.45 -53.09 -27.95
CA SER D 426 52.00 -54.46 -27.83
C SER D 426 51.33 -55.36 -28.87
N PRO D 427 52.07 -56.19 -29.63
CA PRO D 427 51.48 -57.18 -30.54
C PRO D 427 50.52 -58.15 -29.82
N ASP D 428 50.79 -58.41 -28.53
CA ASP D 428 49.98 -59.34 -27.70
C ASP D 428 48.79 -58.58 -27.10
N PHE D 429 48.58 -57.31 -27.45
CA PHE D 429 47.48 -56.50 -26.86
C PHE D 429 46.13 -57.19 -27.11
N GLN D 430 45.23 -57.19 -26.13
CA GLN D 430 43.87 -57.79 -26.27
C GLN D 430 42.84 -56.71 -25.97
N GLU D 431 42.11 -56.26 -26.98
CA GLU D 431 41.11 -55.17 -26.85
C GLU D 431 39.83 -55.78 -26.26
N ASP D 432 39.65 -55.70 -24.94
CA ASP D 432 38.43 -56.21 -24.27
C ASP D 432 37.21 -55.42 -24.77
N ASN D 433 36.09 -56.11 -24.96
CA ASN D 433 34.83 -55.43 -25.36
C ASN D 433 34.49 -54.31 -24.36
N GLU D 434 34.77 -54.52 -23.08
CA GLU D 434 34.58 -53.48 -22.03
C GLU D 434 35.45 -52.26 -22.33
N THR D 435 36.70 -52.47 -22.69
CA THR D 435 37.62 -51.35 -23.08
C THR D 435 37.04 -50.68 -24.35
N GLU D 436 36.50 -51.48 -25.26
CA GLU D 436 35.89 -50.97 -26.53
C GLU D 436 34.67 -50.09 -26.18
N ILE D 437 33.83 -50.55 -25.26
CA ILE D 437 32.67 -49.76 -24.80
C ILE D 437 33.18 -48.47 -24.16
N ASN D 438 34.23 -48.55 -23.38
CA ASN D 438 34.85 -47.34 -22.74
C ASN D 438 35.25 -46.32 -23.81
N PHE D 439 35.85 -46.80 -24.90
CA PHE D 439 36.28 -45.97 -26.04
C PHE D 439 35.04 -45.36 -26.73
N LEU D 440 34.08 -46.22 -27.05
CA LEU D 440 32.87 -45.77 -27.78
C LEU D 440 32.11 -44.72 -26.96
N LEU D 441 31.94 -44.94 -25.68
CA LEU D 441 31.22 -43.98 -24.81
C LEU D 441 31.99 -42.64 -24.75
N LYS D 442 33.30 -42.71 -24.64
CA LYS D 442 34.16 -41.50 -24.62
C LYS D 442 33.93 -40.70 -25.92
N GLN D 443 33.92 -41.40 -27.04
CA GLN D 443 33.64 -40.78 -28.36
C GLN D 443 32.22 -40.19 -28.40
N ALA D 444 31.25 -40.91 -27.85
CA ALA D 444 29.84 -40.46 -27.85
C ALA D 444 29.75 -39.13 -27.10
N LEU D 445 30.48 -39.00 -26.00
CA LEU D 445 30.45 -37.77 -25.18
C LEU D 445 30.98 -36.59 -26.00
N THR D 446 31.92 -36.84 -26.89
CA THR D 446 32.52 -35.79 -27.74
C THR D 446 31.79 -35.68 -29.08
N ILE D 447 30.99 -36.65 -29.49
CA ILE D 447 30.36 -36.64 -30.84
C ILE D 447 28.83 -36.52 -30.71
N VAL D 448 28.20 -37.56 -30.14
CA VAL D 448 26.72 -37.61 -30.07
C VAL D 448 26.27 -36.47 -29.18
N GLY D 449 27.03 -36.15 -28.11
CA GLY D 449 26.70 -35.09 -27.14
C GLY D 449 26.52 -33.73 -27.81
N THR D 450 27.42 -33.38 -28.72
CA THR D 450 27.42 -32.04 -29.37
C THR D 450 26.27 -31.95 -30.39
N LEU D 451 25.92 -33.02 -31.05
CA LEU D 451 24.88 -32.98 -32.14
C LEU D 451 23.66 -32.13 -31.72
N PRO D 452 22.95 -32.44 -30.61
CA PRO D 452 21.80 -31.62 -30.19
C PRO D 452 22.20 -30.16 -29.90
N PHE D 453 23.30 -29.93 -29.18
CA PHE D 453 23.81 -28.57 -28.91
C PHE D 453 23.91 -27.81 -30.24
N THR D 454 24.68 -28.34 -31.18
CA THR D 454 24.97 -27.65 -32.46
C THR D 454 23.65 -27.41 -33.19
N TYR D 455 22.83 -28.44 -33.31
CA TYR D 455 21.51 -28.36 -34.01
C TYR D 455 20.66 -27.27 -33.34
N MET D 456 20.48 -27.33 -32.06
CA MET D 456 19.58 -26.39 -31.35
C MET D 456 20.12 -24.97 -31.53
N LEU D 457 21.40 -24.75 -31.33
CA LEU D 457 22.01 -23.39 -31.45
C LEU D 457 21.75 -22.82 -32.87
N GLU D 458 22.09 -23.58 -33.91
CA GLU D 458 21.88 -23.10 -35.30
C GLU D 458 20.40 -22.77 -35.51
N LYS D 459 19.51 -23.69 -35.10
CA LYS D 459 18.06 -23.49 -35.29
C LYS D 459 17.64 -22.17 -34.64
N TRP D 460 18.06 -21.95 -33.40
CA TRP D 460 17.70 -20.72 -32.67
C TRP D 460 18.22 -19.51 -33.45
N ARG D 461 19.49 -19.52 -33.85
CA ARG D 461 20.08 -18.35 -34.57
C ARG D 461 19.27 -18.14 -35.86
N TRP D 462 19.09 -19.21 -36.64
CA TRP D 462 18.35 -19.14 -37.93
C TRP D 462 16.98 -18.48 -37.72
N MET D 463 16.24 -18.97 -36.74
CA MET D 463 14.89 -18.41 -36.41
C MET D 463 14.98 -16.93 -35.99
N VAL D 464 15.99 -16.59 -35.20
CA VAL D 464 16.24 -15.19 -34.76
C VAL D 464 16.51 -14.34 -36.01
N PHE D 465 17.37 -14.79 -36.90
CA PHE D 465 17.73 -14.01 -38.13
C PHE D 465 16.51 -13.87 -39.03
N LYS D 466 15.68 -14.90 -39.12
CA LYS D 466 14.47 -14.88 -40.00
C LYS D 466 13.31 -14.23 -39.23
N GLY D 467 13.52 -13.74 -38.02
CA GLY D 467 12.46 -13.08 -37.23
C GLY D 467 11.40 -14.05 -36.69
N GLU D 468 11.56 -15.36 -36.87
CA GLU D 468 10.67 -16.37 -36.22
C GLU D 468 10.62 -16.09 -34.71
N ILE D 469 11.74 -15.82 -34.06
CA ILE D 469 11.80 -15.57 -32.59
C ILE D 469 11.85 -14.06 -32.38
N PRO D 470 10.78 -13.43 -31.82
CA PRO D 470 10.81 -12.00 -31.43
C PRO D 470 11.86 -11.75 -30.33
N LYS D 471 12.47 -10.57 -30.31
CA LYS D 471 13.51 -10.22 -29.30
C LYS D 471 12.99 -10.42 -27.87
N ASP D 472 11.72 -10.13 -27.62
CA ASP D 472 11.10 -10.32 -26.29
C ASP D 472 10.97 -11.82 -25.96
N GLN D 473 11.22 -12.72 -26.90
CA GLN D 473 11.13 -14.17 -26.65
C GLN D 473 12.45 -14.88 -26.93
N TRP D 474 13.54 -14.14 -27.17
CA TRP D 474 14.85 -14.75 -27.53
C TRP D 474 15.27 -15.78 -26.45
N MET D 475 15.45 -15.31 -25.21
CA MET D 475 15.86 -16.18 -24.10
C MET D 475 14.79 -17.20 -23.77
N LYS D 476 13.54 -16.80 -23.88
CA LYS D 476 12.39 -17.70 -23.63
C LYS D 476 12.50 -18.93 -24.53
N LYS D 477 12.54 -18.70 -25.83
CA LYS D 477 12.57 -19.83 -26.80
C LYS D 477 13.92 -20.55 -26.69
N TRP D 478 14.99 -19.81 -26.33
CA TRP D 478 16.33 -20.41 -26.14
C TRP D 478 16.21 -21.60 -25.15
N TRP D 479 15.70 -21.34 -23.96
CA TRP D 479 15.63 -22.38 -22.92
C TRP D 479 14.51 -23.40 -23.20
N GLU D 480 13.45 -22.98 -23.87
CA GLU D 480 12.40 -23.93 -24.32
C GLU D 480 13.05 -24.97 -25.25
N MET D 481 13.85 -24.50 -26.20
CA MET D 481 14.55 -25.39 -27.16
C MET D 481 15.57 -26.30 -26.41
N LYS D 482 16.26 -25.72 -25.45
CA LYS D 482 17.29 -26.45 -24.70
C LYS D 482 16.67 -27.59 -23.91
N ARG D 483 15.58 -27.27 -23.21
CA ARG D 483 14.89 -28.32 -22.38
C ARG D 483 14.35 -29.43 -23.29
N GLU D 484 13.93 -29.10 -24.52
CA GLU D 484 13.29 -30.09 -25.44
C GLU D 484 14.34 -30.80 -26.30
N ILE D 485 15.03 -30.08 -27.18
CA ILE D 485 15.97 -30.69 -28.15
C ILE D 485 17.13 -31.35 -27.38
N VAL D 486 17.77 -30.61 -26.48
CA VAL D 486 19.04 -31.10 -25.84
C VAL D 486 18.69 -31.78 -24.51
N GLY D 487 17.46 -31.61 -24.01
CA GLY D 487 17.16 -32.18 -22.68
C GLY D 487 18.02 -31.58 -21.59
N VAL D 488 18.26 -30.26 -21.64
CA VAL D 488 19.15 -29.60 -20.62
C VAL D 488 18.33 -28.46 -19.99
N VAL D 489 18.36 -28.35 -18.68
CA VAL D 489 17.53 -27.33 -17.96
C VAL D 489 18.50 -26.29 -17.34
N GLU D 490 18.14 -25.02 -17.37
CA GLU D 490 18.95 -23.93 -16.76
C GLU D 490 18.90 -24.09 -15.24
N PRO D 491 20.04 -24.01 -14.50
CA PRO D 491 20.00 -24.08 -13.05
C PRO D 491 19.25 -22.88 -12.45
N VAL D 492 19.10 -21.80 -13.20
CA VAL D 492 18.40 -20.57 -12.71
C VAL D 492 17.68 -19.93 -13.91
N PRO D 493 16.49 -19.32 -13.70
CA PRO D 493 15.71 -18.72 -14.78
C PRO D 493 16.38 -17.41 -15.33
N HIS D 494 16.36 -17.21 -16.64
CA HIS D 494 17.02 -16.06 -17.33
C HIS D 494 15.98 -15.31 -18.15
N ASP D 495 15.93 -13.99 -18.03
CA ASP D 495 15.01 -13.12 -18.84
C ASP D 495 15.72 -12.63 -20.11
N GLU D 496 15.06 -11.78 -20.87
CA GLU D 496 15.62 -11.19 -22.11
C GLU D 496 16.81 -10.26 -21.79
N THR D 497 16.99 -9.84 -20.56
CA THR D 497 18.23 -9.11 -20.17
C THR D 497 19.47 -10.00 -20.41
N TYR D 498 19.31 -11.32 -20.21
CA TYR D 498 20.39 -12.29 -20.51
C TYR D 498 20.54 -12.52 -22.01
N CYS D 499 21.73 -13.01 -22.44
CA CYS D 499 21.98 -13.42 -23.85
C CYS D 499 22.87 -14.68 -23.86
N ASP D 500 22.38 -15.76 -23.28
CA ASP D 500 23.16 -17.02 -23.13
C ASP D 500 23.81 -17.45 -24.44
N PRO D 501 23.06 -17.54 -25.58
CA PRO D 501 23.67 -17.85 -26.88
C PRO D 501 24.92 -16.98 -27.14
N ALA D 502 24.80 -15.64 -26.99
CA ALA D 502 25.92 -14.70 -27.24
C ALA D 502 27.10 -15.01 -26.31
N SER D 503 26.81 -15.53 -25.11
CA SER D 503 27.89 -15.96 -24.16
C SER D 503 28.78 -17.01 -24.82
N LEU D 504 28.31 -17.69 -25.87
CA LEU D 504 29.18 -18.63 -26.63
C LEU D 504 30.11 -17.87 -27.58
N PHE D 505 31.31 -18.39 -27.82
CA PHE D 505 32.34 -17.73 -28.67
C PHE D 505 31.86 -17.51 -30.12
N HIS D 506 31.35 -18.53 -30.78
CA HIS D 506 31.00 -18.48 -32.24
C HIS D 506 29.90 -17.43 -32.43
N VAL D 507 28.92 -17.43 -31.52
CA VAL D 507 27.79 -16.48 -31.56
C VAL D 507 28.35 -15.07 -31.34
N SER D 508 29.19 -14.88 -30.33
CA SER D 508 29.75 -13.54 -29.99
C SER D 508 30.75 -13.11 -31.07
N ASN D 509 31.34 -14.07 -31.80
CA ASN D 509 32.36 -13.76 -32.84
C ASN D 509 31.84 -14.00 -34.24
N ASP D 510 30.51 -14.04 -34.43
CA ASP D 510 29.92 -14.16 -35.78
C ASP D 510 30.53 -15.35 -36.54
N TYR D 511 30.20 -16.57 -36.17
CA TYR D 511 30.65 -17.79 -36.89
C TYR D 511 29.47 -18.72 -37.07
N SER D 512 29.39 -19.43 -38.19
CA SER D 512 28.33 -20.43 -38.42
C SER D 512 28.67 -21.68 -37.56
N PHE D 513 27.65 -22.46 -37.20
CA PHE D 513 27.83 -23.69 -36.40
C PHE D 513 27.41 -24.94 -37.16
N ILE D 514 26.55 -24.79 -38.17
CA ILE D 514 26.04 -25.97 -38.91
C ILE D 514 27.20 -26.83 -39.45
N ARG D 515 28.34 -26.19 -39.70
CA ARG D 515 29.57 -26.88 -40.18
C ARG D 515 29.89 -28.09 -39.27
N TYR D 516 29.82 -27.92 -37.96
CA TYR D 516 30.18 -28.98 -36.96
C TYR D 516 29.22 -30.17 -37.13
N TYR D 517 27.93 -29.88 -37.23
CA TYR D 517 26.90 -30.94 -37.45
C TYR D 517 27.21 -31.67 -38.75
N THR D 518 27.34 -30.94 -39.83
CA THR D 518 27.53 -31.52 -41.20
C THR D 518 28.84 -32.29 -41.23
N ARG D 519 29.90 -31.71 -40.69
CA ARG D 519 31.22 -32.39 -40.67
C ARG D 519 31.10 -33.77 -39.99
N THR D 520 30.43 -33.85 -38.85
CA THR D 520 30.27 -35.11 -38.10
C THR D 520 29.62 -36.18 -39.00
N LEU D 521 28.53 -35.83 -39.67
CA LEU D 521 27.88 -36.77 -40.60
C LEU D 521 28.85 -37.20 -41.72
N TYR D 522 29.46 -36.21 -42.37
CA TYR D 522 30.41 -36.48 -43.49
C TYR D 522 31.51 -37.43 -42.97
N GLN D 523 32.05 -37.14 -41.81
CA GLN D 523 33.21 -37.90 -41.26
C GLN D 523 32.86 -39.39 -41.25
N PHE D 524 31.77 -39.74 -40.60
CA PHE D 524 31.38 -41.17 -40.46
C PHE D 524 31.01 -41.76 -41.83
N GLN D 525 30.32 -40.99 -42.67
CA GLN D 525 30.00 -41.43 -44.04
C GLN D 525 31.32 -41.75 -44.77
N PHE D 526 32.27 -40.81 -44.76
CA PHE D 526 33.57 -40.98 -45.45
C PHE D 526 34.26 -42.24 -44.90
N GLN D 527 34.36 -42.32 -43.57
CA GLN D 527 35.07 -43.47 -42.93
C GLN D 527 34.43 -44.78 -43.39
N GLU D 528 33.12 -44.89 -43.26
CA GLU D 528 32.38 -46.12 -43.64
C GLU D 528 32.66 -46.45 -45.12
N ALA D 529 32.53 -45.46 -46.00
CA ALA D 529 32.79 -45.66 -47.45
C ALA D 529 34.22 -46.17 -47.65
N LEU D 530 35.19 -45.48 -47.06
CA LEU D 530 36.62 -45.90 -47.14
C LEU D 530 36.77 -47.28 -46.53
N CYS D 531 36.10 -47.53 -45.41
CA CYS D 531 36.10 -48.87 -44.75
C CYS D 531 35.60 -49.92 -45.75
N GLN D 532 34.54 -49.59 -46.48
CA GLN D 532 33.96 -50.51 -47.50
C GLN D 532 35.07 -50.86 -48.50
N ALA D 533 35.79 -49.86 -49.01
CA ALA D 533 36.91 -50.06 -49.96
C ALA D 533 38.02 -50.86 -49.28
N ALA D 534 38.30 -50.56 -48.01
CA ALA D 534 39.32 -51.28 -47.22
C ALA D 534 38.85 -52.71 -46.94
N LYS D 535 37.55 -53.02 -47.19
CA LYS D 535 36.98 -54.37 -46.96
C LYS D 535 37.11 -54.72 -45.48
N HIS D 536 36.95 -53.74 -44.58
CA HIS D 536 36.94 -53.98 -43.11
C HIS D 536 35.76 -54.93 -42.78
N GLU D 537 36.03 -55.96 -41.99
CA GLU D 537 35.02 -56.99 -41.64
C GLU D 537 34.52 -56.80 -40.22
N GLY D 538 35.33 -56.23 -39.32
CA GLY D 538 34.94 -56.01 -37.91
C GLY D 538 33.99 -54.82 -37.78
N PRO D 539 33.56 -54.45 -36.54
CA PRO D 539 32.75 -53.25 -36.30
C PRO D 539 33.41 -51.99 -36.90
N LEU D 540 32.63 -51.11 -37.50
CA LEU D 540 33.13 -49.82 -38.06
C LEU D 540 33.98 -49.08 -37.03
N HIS D 541 33.62 -49.15 -35.72
CA HIS D 541 34.33 -48.39 -34.66
C HIS D 541 35.83 -48.76 -34.69
N LYS D 542 36.13 -50.00 -35.09
CA LYS D 542 37.53 -50.53 -35.13
C LYS D 542 37.98 -50.67 -36.58
N CYS D 543 37.48 -49.85 -37.48
CA CYS D 543 37.87 -49.88 -38.91
C CYS D 543 39.15 -49.04 -39.09
N ASP D 544 40.23 -49.65 -39.55
CA ASP D 544 41.49 -48.92 -39.87
C ASP D 544 41.70 -48.99 -41.38
N ILE D 545 41.56 -47.85 -42.07
CA ILE D 545 41.68 -47.79 -43.56
C ILE D 545 43.15 -47.79 -43.96
N SER D 546 44.10 -47.88 -43.02
CA SER D 546 45.55 -48.00 -43.34
C SER D 546 45.79 -49.14 -44.34
N ASN D 547 46.64 -48.92 -45.34
CA ASN D 547 46.95 -49.92 -46.40
C ASN D 547 45.73 -50.18 -47.29
N SER D 548 44.85 -49.20 -47.50
CA SER D 548 43.70 -49.35 -48.42
C SER D 548 43.87 -48.36 -49.58
N THR D 549 44.63 -48.75 -50.61
CA THR D 549 44.83 -47.92 -51.83
C THR D 549 43.46 -47.55 -52.43
N GLU D 550 42.55 -48.51 -52.43
CA GLU D 550 41.17 -48.35 -52.96
C GLU D 550 40.50 -47.19 -52.22
N ALA D 551 40.53 -47.23 -50.89
CA ALA D 551 39.93 -46.16 -50.06
C ALA D 551 40.63 -44.84 -50.38
N GLY D 552 41.97 -44.86 -50.49
CA GLY D 552 42.74 -43.65 -50.85
C GLY D 552 42.29 -43.05 -52.16
N GLN D 553 42.02 -43.89 -53.16
CA GLN D 553 41.54 -43.42 -54.49
C GLN D 553 40.22 -42.65 -54.30
N LYS D 554 39.26 -43.28 -53.61
CA LYS D 554 37.92 -42.66 -53.38
C LYS D 554 38.14 -41.30 -52.72
N LEU D 555 38.91 -41.28 -51.63
CA LEU D 555 39.19 -40.04 -50.87
C LEU D 555 39.79 -39.03 -51.84
N PHE D 556 40.84 -39.44 -52.56
CA PHE D 556 41.55 -38.54 -53.52
C PHE D 556 40.55 -37.97 -54.55
N ASN D 557 39.60 -38.78 -54.99
CA ASN D 557 38.59 -38.35 -55.99
C ASN D 557 37.95 -37.04 -55.54
N MET D 558 37.48 -36.97 -54.30
CA MET D 558 36.92 -35.69 -53.78
C MET D 558 38.07 -34.74 -53.45
N LEU D 559 39.18 -35.26 -52.91
CA LEU D 559 40.31 -34.40 -52.51
C LEU D 559 40.77 -33.54 -53.70
N ARG D 560 40.96 -34.17 -54.85
CA ARG D 560 41.44 -33.48 -56.08
C ARG D 560 40.36 -32.51 -56.60
N LEU D 561 39.10 -32.80 -56.31
CA LEU D 561 37.99 -31.95 -56.81
C LEU D 561 38.12 -30.52 -56.34
N GLY D 562 38.43 -30.30 -55.07
CA GLY D 562 38.46 -28.95 -54.48
C GLY D 562 37.05 -28.37 -54.44
N LYS D 563 36.85 -27.13 -54.88
CA LYS D 563 35.51 -26.51 -54.96
C LYS D 563 35.06 -26.44 -56.43
N SER D 564 35.78 -27.08 -57.35
CA SER D 564 35.43 -27.04 -58.78
C SER D 564 34.05 -27.64 -59.02
N GLU D 565 33.66 -28.67 -58.28
CA GLU D 565 32.35 -29.37 -58.50
C GLU D 565 31.48 -29.24 -57.26
N PRO D 566 30.15 -29.54 -57.35
CA PRO D 566 29.25 -29.46 -56.19
C PRO D 566 29.65 -30.41 -55.05
N TRP D 567 29.41 -30.00 -53.81
CA TRP D 567 29.77 -30.85 -52.63
C TRP D 567 29.00 -32.17 -52.74
N THR D 568 27.76 -32.13 -53.23
CA THR D 568 26.93 -33.35 -53.42
C THR D 568 27.67 -34.32 -54.36
N LEU D 569 28.20 -33.79 -55.46
CA LEU D 569 28.99 -34.61 -56.41
C LEU D 569 30.28 -35.13 -55.73
N ALA D 570 30.95 -34.27 -54.96
CA ALA D 570 32.16 -34.68 -54.20
C ALA D 570 31.80 -35.79 -53.21
N LEU D 571 30.63 -35.70 -52.55
CA LEU D 571 30.15 -36.77 -51.66
C LEU D 571 30.04 -38.09 -52.45
N GLU D 572 29.49 -38.03 -53.65
CA GLU D 572 29.40 -39.23 -54.53
C GLU D 572 30.81 -39.68 -54.93
N ASN D 573 31.76 -38.75 -55.06
CA ASN D 573 33.17 -39.11 -55.35
C ASN D 573 33.73 -40.08 -54.28
N VAL D 574 33.07 -40.17 -53.11
CA VAL D 574 33.57 -41.04 -52.00
C VAL D 574 32.43 -41.89 -51.46
N VAL D 575 31.50 -41.30 -50.73
CA VAL D 575 30.39 -42.01 -50.02
C VAL D 575 29.53 -42.72 -51.06
N GLY D 576 29.35 -42.13 -52.24
CA GLY D 576 28.44 -42.71 -53.27
C GLY D 576 27.01 -42.21 -53.10
N ALA D 577 26.79 -41.19 -52.28
CA ALA D 577 25.46 -40.55 -52.11
C ALA D 577 25.60 -39.05 -52.37
N LYS D 578 24.47 -38.32 -52.48
CA LYS D 578 24.48 -36.87 -52.76
C LYS D 578 24.33 -36.09 -51.45
N ASN D 579 23.38 -36.46 -50.60
CA ASN D 579 23.12 -35.71 -49.33
C ASN D 579 23.76 -36.46 -48.16
N MET D 580 23.99 -35.74 -47.06
CA MET D 580 24.60 -36.30 -45.81
C MET D 580 23.65 -37.33 -45.20
N ASN D 581 24.15 -38.41 -44.64
CA ASN D 581 23.36 -39.47 -43.97
C ASN D 581 23.96 -39.73 -42.59
N VAL D 582 23.10 -40.03 -41.61
CA VAL D 582 23.55 -40.28 -40.23
C VAL D 582 23.60 -41.77 -39.91
N ARG D 583 23.13 -42.60 -40.81
CA ARG D 583 23.18 -44.08 -40.64
C ARG D 583 24.60 -44.59 -40.32
N PRO D 584 25.65 -44.19 -41.08
CA PRO D 584 27.01 -44.58 -40.73
C PRO D 584 27.41 -44.22 -39.29
N LEU D 585 27.05 -43.01 -38.83
CA LEU D 585 27.31 -42.57 -37.44
C LEU D 585 26.63 -43.55 -36.49
N LEU D 586 25.36 -43.87 -36.74
CA LEU D 586 24.59 -44.85 -35.91
C LEU D 586 25.27 -46.21 -35.91
N ASN D 587 25.76 -46.63 -37.06
CA ASN D 587 26.50 -47.92 -37.20
C ASN D 587 27.76 -47.88 -36.34
N TYR D 588 28.49 -46.77 -36.34
CA TYR D 588 29.78 -46.64 -35.61
C TYR D 588 29.49 -46.81 -34.11
N PHE D 589 28.46 -46.15 -33.59
CA PHE D 589 28.11 -46.19 -32.15
C PHE D 589 27.10 -47.32 -31.87
N GLU D 590 26.80 -48.15 -32.89
CA GLU D 590 25.81 -49.24 -32.74
C GLU D 590 26.14 -50.17 -31.55
N PRO D 591 27.39 -50.70 -31.43
CA PRO D 591 27.76 -51.51 -30.25
C PRO D 591 27.41 -50.80 -28.94
N LEU D 592 27.86 -49.55 -28.78
CA LEU D 592 27.58 -48.77 -27.54
C LEU D 592 26.06 -48.64 -27.37
N PHE D 593 25.34 -48.42 -28.46
CA PHE D 593 23.87 -48.25 -28.39
C PHE D 593 23.23 -49.44 -27.69
N THR D 594 23.58 -50.64 -28.15
CA THR D 594 23.03 -51.90 -27.56
C THR D 594 23.37 -51.90 -26.06
N TRP D 595 24.63 -51.67 -25.71
CA TRP D 595 25.08 -51.62 -24.29
C TRP D 595 24.27 -50.55 -23.54
N LEU D 596 24.17 -49.35 -24.10
CA LEU D 596 23.45 -48.23 -23.46
C LEU D 596 22.00 -48.64 -23.19
N LYS D 597 21.34 -49.21 -24.19
CA LYS D 597 19.90 -49.61 -24.04
C LYS D 597 19.81 -50.65 -22.91
N ASP D 598 20.78 -51.58 -22.83
CA ASP D 598 20.83 -52.59 -21.72
C ASP D 598 20.93 -51.90 -20.35
N GLN D 599 21.80 -50.90 -20.23
CA GLN D 599 22.01 -50.19 -18.95
C GLN D 599 20.76 -49.37 -18.61
N ASN D 600 20.01 -48.92 -19.62
CA ASN D 600 18.83 -48.05 -19.38
C ASN D 600 17.54 -48.89 -19.38
N LYS D 601 17.66 -50.23 -19.27
CA LYS D 601 16.48 -51.12 -19.20
C LYS D 601 15.61 -50.75 -17.99
N ASN D 602 16.22 -50.63 -16.83
CA ASN D 602 15.53 -50.27 -15.56
C ASN D 602 15.34 -48.76 -15.48
N SER D 603 16.28 -47.97 -15.98
CA SER D 603 16.23 -46.48 -15.89
C SER D 603 15.20 -45.94 -16.88
N PHE D 604 14.72 -44.72 -16.65
CA PHE D 604 13.83 -43.97 -17.56
C PHE D 604 14.68 -43.36 -18.68
N VAL D 605 14.27 -43.55 -19.93
CA VAL D 605 14.97 -42.98 -21.11
C VAL D 605 14.06 -41.86 -21.61
N GLY D 606 14.52 -40.60 -21.52
CA GLY D 606 13.74 -39.43 -21.90
C GLY D 606 14.01 -38.30 -20.94
N TRP D 607 13.11 -37.33 -20.86
CA TRP D 607 13.27 -36.22 -19.87
C TRP D 607 11.98 -35.43 -19.82
N SER D 608 11.73 -34.78 -18.68
CA SER D 608 10.54 -33.89 -18.54
C SER D 608 11.01 -32.45 -18.72
N THR D 609 10.47 -31.78 -19.74
CA THR D 609 10.76 -30.35 -19.97
C THR D 609 10.08 -29.52 -18.89
N ASP D 610 9.45 -30.17 -17.90
CA ASP D 610 8.74 -29.46 -16.82
C ASP D 610 9.64 -29.36 -15.59
N TRP D 611 10.37 -30.43 -15.26
CA TRP D 611 11.23 -30.43 -14.03
C TRP D 611 12.20 -29.24 -14.08
N SER D 612 12.42 -28.59 -12.95
CA SER D 612 13.40 -27.48 -12.84
C SER D 612 14.17 -27.60 -11.54
N PRO D 613 15.48 -27.33 -11.53
CA PRO D 613 16.27 -27.39 -10.29
C PRO D 613 15.80 -26.41 -9.19
N TYR D 614 15.04 -25.38 -9.56
CA TYR D 614 14.57 -24.36 -8.59
C TYR D 614 13.05 -24.44 -8.39
N ALA D 615 12.37 -25.29 -9.16
CA ALA D 615 10.89 -25.40 -9.09
C ALA D 615 10.41 -25.76 -7.68
N ASP D 616 11.15 -26.61 -6.97
CA ASP D 616 10.81 -27.07 -5.60
C ASP D 616 10.58 -25.87 -4.67
N GLN D 617 11.46 -24.88 -4.66
CA GLN D 617 11.31 -23.72 -3.73
C GLN D 617 10.60 -22.56 -4.45
N SER D 618 10.06 -22.79 -5.63
CA SER D 618 9.37 -21.75 -6.42
C SER D 618 7.94 -21.58 -5.85
N ILE D 619 7.55 -20.35 -5.50
CA ILE D 619 6.17 -20.06 -5.00
C ILE D 619 5.39 -19.38 -6.14
N LYS D 620 4.26 -19.99 -6.52
CA LYS D 620 3.36 -19.43 -7.58
C LYS D 620 2.51 -18.31 -6.97
N VAL D 621 2.36 -17.21 -7.72
CA VAL D 621 1.60 -16.02 -7.27
C VAL D 621 0.66 -15.58 -8.39
N ARG D 622 -0.65 -15.62 -8.14
CA ARG D 622 -1.64 -15.11 -9.13
C ARG D 622 -2.15 -13.75 -8.64
N ILE D 623 -2.13 -12.73 -9.51
CA ILE D 623 -2.58 -11.36 -9.16
C ILE D 623 -3.91 -11.14 -9.87
N SER D 624 -4.95 -10.73 -9.14
CA SER D 624 -6.31 -10.54 -9.74
C SER D 624 -6.72 -9.05 -9.67
N LEU D 625 -6.18 -8.24 -10.58
CA LEU D 625 -6.45 -6.78 -10.59
C LEU D 625 -7.92 -6.49 -10.82
N LYS D 626 -8.51 -7.10 -11.85
CA LYS D 626 -9.95 -6.86 -12.18
C LYS D 626 -10.84 -7.37 -11.02
N SER D 627 -10.50 -8.49 -10.41
CA SER D 627 -11.25 -9.04 -9.26
C SER D 627 -11.29 -8.02 -8.11
N ALA D 628 -10.19 -7.31 -7.88
CA ALA D 628 -10.07 -6.34 -6.76
C ALA D 628 -10.39 -4.94 -7.26
N LEU D 629 -9.45 -4.30 -7.94
CA LEU D 629 -9.61 -2.90 -8.39
C LEU D 629 -10.74 -2.81 -9.41
N GLY D 630 -10.90 -3.81 -10.27
CA GLY D 630 -11.93 -3.75 -11.34
C GLY D 630 -11.75 -2.53 -12.23
N ASP D 631 -12.71 -1.62 -12.19
CA ASP D 631 -12.59 -0.33 -12.92
C ASP D 631 -11.46 0.49 -12.27
N LYS D 632 -10.71 1.24 -13.06
CA LYS D 632 -9.54 2.03 -12.61
C LYS D 632 -8.42 1.10 -12.13
N ALA D 633 -8.45 -0.19 -12.48
CA ALA D 633 -7.33 -1.12 -12.18
C ALA D 633 -6.10 -0.68 -12.97
N TYR D 634 -4.93 -0.59 -12.31
CA TYR D 634 -3.63 -0.26 -12.96
C TYR D 634 -3.20 -1.41 -13.87
N GLU D 635 -2.34 -1.13 -14.84
CA GLU D 635 -1.76 -2.16 -15.76
C GLU D 635 -0.49 -2.74 -15.13
N TRP D 636 -0.40 -4.07 -14.97
CA TRP D 636 0.83 -4.72 -14.44
C TRP D 636 1.92 -4.64 -15.51
N ASN D 637 3.02 -3.95 -15.24
CA ASN D 637 4.16 -3.76 -16.17
C ASN D 637 5.44 -4.27 -15.47
N ASP D 638 6.60 -4.07 -16.11
CA ASP D 638 7.93 -4.38 -15.52
C ASP D 638 8.11 -3.63 -14.19
N ASN D 639 7.64 -2.39 -14.14
CA ASN D 639 7.79 -1.57 -12.91
C ASN D 639 6.97 -2.22 -11.79
N GLU D 640 5.78 -2.72 -12.11
CA GLU D 640 4.94 -3.43 -11.12
C GLU D 640 5.66 -4.70 -10.63
N MET D 641 6.24 -5.42 -11.57
CA MET D 641 7.04 -6.62 -11.22
C MET D 641 8.29 -6.24 -10.38
N TYR D 642 8.93 -5.13 -10.72
CA TYR D 642 10.08 -4.61 -9.94
C TYR D 642 9.63 -4.31 -8.51
N LEU D 643 8.47 -3.65 -8.37
CA LEU D 643 7.91 -3.34 -7.03
C LEU D 643 7.64 -4.64 -6.26
N PHE D 644 7.13 -5.64 -6.97
CA PHE D 644 6.80 -6.92 -6.34
C PHE D 644 8.06 -7.54 -5.76
N ARG D 645 9.13 -7.64 -6.57
CA ARG D 645 10.42 -8.28 -6.12
C ARG D 645 10.97 -7.47 -4.95
N SER D 646 10.95 -6.15 -5.07
CA SER D 646 11.37 -5.23 -3.97
C SER D 646 10.56 -5.50 -2.71
N SER D 647 9.24 -5.63 -2.84
CA SER D 647 8.32 -5.92 -1.70
C SER D 647 8.69 -7.27 -1.05
N VAL D 648 8.97 -8.27 -1.88
CA VAL D 648 9.37 -9.60 -1.36
C VAL D 648 10.69 -9.46 -0.59
N ALA D 649 11.65 -8.75 -1.17
CA ALA D 649 12.97 -8.50 -0.52
C ALA D 649 12.74 -7.85 0.85
N TYR D 650 11.86 -6.85 0.87
CA TYR D 650 11.46 -6.17 2.14
C TYR D 650 10.98 -7.21 3.17
N ALA D 651 9.98 -8.00 2.77
CA ALA D 651 9.40 -9.04 3.63
C ALA D 651 10.49 -10.00 4.17
N MET D 652 11.38 -10.43 3.28
CA MET D 652 12.45 -11.39 3.66
C MET D 652 13.34 -10.73 4.74
N ARG D 653 13.73 -9.47 4.49
CA ARG D 653 14.56 -8.72 5.45
C ARG D 653 13.86 -8.68 6.82
N GLN D 654 12.60 -8.27 6.84
CA GLN D 654 11.83 -8.14 8.11
C GLN D 654 11.79 -9.48 8.84
N TYR D 655 11.45 -10.55 8.10
CA TYR D 655 11.34 -11.89 8.70
C TYR D 655 12.65 -12.27 9.38
N PHE D 656 13.75 -12.18 8.66
CA PHE D 656 15.09 -12.60 9.18
C PHE D 656 15.49 -11.67 10.33
N LEU D 657 15.27 -10.36 10.17
CA LEU D 657 15.66 -9.37 11.20
C LEU D 657 14.87 -9.61 12.50
N LYS D 658 13.62 -10.04 12.41
CA LYS D 658 12.73 -10.17 13.61
C LYS D 658 12.83 -11.62 14.11
N VAL D 659 12.30 -12.57 13.34
CA VAL D 659 12.19 -13.99 13.78
C VAL D 659 13.61 -14.54 13.97
N LYS D 660 14.50 -14.31 13.01
CA LYS D 660 15.87 -14.91 13.06
C LYS D 660 16.85 -13.93 13.69
N ASN D 661 16.42 -12.68 13.92
CA ASN D 661 17.30 -11.65 14.54
C ASN D 661 18.55 -11.49 13.67
N GLN D 662 18.45 -11.67 12.37
CA GLN D 662 19.62 -11.63 11.43
C GLN D 662 19.39 -10.50 10.42
N MET D 663 20.43 -9.72 10.14
CA MET D 663 20.39 -8.64 9.13
C MET D 663 20.89 -9.20 7.78
N ILE D 664 19.99 -9.58 6.90
CA ILE D 664 20.30 -10.09 5.53
C ILE D 664 19.76 -9.07 4.53
N LEU D 665 20.61 -8.48 3.71
CA LEU D 665 20.19 -7.39 2.77
C LEU D 665 19.64 -8.02 1.50
N PHE D 666 18.43 -8.60 1.59
CA PHE D 666 17.74 -9.20 0.42
C PHE D 666 17.35 -8.07 -0.55
N GLY D 667 17.76 -8.16 -1.81
CA GLY D 667 17.39 -7.19 -2.86
C GLY D 667 16.44 -7.79 -3.86
N GLU D 668 15.82 -6.95 -4.70
CA GLU D 668 14.87 -7.41 -5.75
C GLU D 668 15.57 -8.45 -6.66
N GLU D 669 16.88 -8.33 -6.84
CA GLU D 669 17.69 -9.28 -7.64
C GLU D 669 17.65 -10.69 -7.04
N ASP D 670 17.63 -10.79 -5.71
CA ASP D 670 17.61 -12.11 -5.02
C ASP D 670 16.25 -12.80 -5.26
N VAL D 671 15.21 -12.01 -5.59
CA VAL D 671 13.88 -12.55 -5.91
C VAL D 671 13.91 -13.03 -7.36
N ARG D 672 13.95 -14.34 -7.58
CA ARG D 672 14.04 -14.93 -8.93
C ARG D 672 12.64 -15.30 -9.43
N VAL D 673 12.11 -14.54 -10.38
CA VAL D 673 10.74 -14.73 -10.95
C VAL D 673 10.83 -15.56 -12.24
N ALA D 674 9.85 -16.41 -12.51
CA ALA D 674 9.79 -17.27 -13.71
C ALA D 674 8.34 -17.62 -14.09
N ASN D 675 8.14 -18.07 -15.32
CA ASN D 675 6.82 -18.52 -15.84
C ASN D 675 5.78 -17.40 -15.71
N LEU D 676 6.15 -16.18 -16.08
CA LEU D 676 5.23 -15.03 -16.04
C LEU D 676 4.11 -15.24 -17.07
N LYS D 677 2.85 -14.95 -16.68
CA LYS D 677 1.69 -15.24 -17.58
C LYS D 677 0.80 -14.02 -17.66
N PRO D 678 -0.06 -13.90 -18.71
CA PRO D 678 -0.98 -12.76 -18.83
C PRO D 678 -2.01 -12.67 -17.68
N ARG D 679 -2.21 -13.78 -16.96
CA ARG D 679 -3.08 -13.76 -15.75
C ARG D 679 -2.26 -13.22 -14.58
N ILE D 680 -1.08 -12.66 -14.86
CA ILE D 680 -0.17 -12.14 -13.83
C ILE D 680 0.09 -13.29 -12.85
N SER D 681 0.34 -14.52 -13.36
CA SER D 681 0.79 -15.62 -12.49
C SER D 681 2.31 -15.85 -12.74
N PHE D 682 3.07 -16.17 -11.68
CA PHE D 682 4.51 -16.47 -11.85
C PHE D 682 5.00 -17.25 -10.64
N ASN D 683 6.06 -18.05 -10.86
CA ASN D 683 6.73 -18.78 -9.75
C ASN D 683 7.95 -17.94 -9.37
N PHE D 684 8.13 -17.63 -8.10
CA PHE D 684 9.34 -16.88 -7.64
C PHE D 684 9.99 -17.67 -6.51
N PHE D 685 11.33 -17.63 -6.43
CA PHE D 685 12.10 -18.22 -5.30
C PHE D 685 13.13 -17.17 -4.84
N VAL D 686 13.27 -17.02 -3.54
CA VAL D 686 14.22 -16.07 -2.90
C VAL D 686 15.57 -16.79 -2.77
N THR D 687 16.64 -16.05 -2.97
CA THR D 687 18.04 -16.59 -2.87
C THR D 687 18.86 -15.68 -1.98
N ALA D 688 19.98 -16.16 -1.47
CA ALA D 688 20.92 -15.36 -0.62
C ALA D 688 21.35 -14.09 -1.36
N PRO D 689 21.60 -12.97 -0.65
CA PRO D 689 21.96 -11.69 -1.26
C PRO D 689 23.06 -11.79 -2.32
N LYS D 690 24.11 -12.58 -2.05
CA LYS D 690 25.23 -12.71 -3.04
C LYS D 690 25.59 -14.18 -3.28
N ASN D 691 24.67 -15.12 -3.11
CA ASN D 691 24.94 -16.57 -3.27
C ASN D 691 23.80 -17.20 -4.06
N VAL D 692 23.97 -17.35 -5.37
CA VAL D 692 22.96 -17.99 -6.27
C VAL D 692 22.68 -19.41 -5.75
N SER D 693 23.69 -20.11 -5.29
CA SER D 693 23.56 -21.50 -4.78
C SER D 693 22.65 -21.55 -3.55
N ASP D 694 22.65 -20.50 -2.71
CA ASP D 694 21.86 -20.51 -1.46
C ASP D 694 20.41 -20.05 -1.77
N ILE D 695 19.49 -20.97 -2.02
CA ILE D 695 18.05 -20.65 -2.28
C ILE D 695 17.30 -20.75 -0.94
N ILE D 696 16.64 -19.67 -0.53
CA ILE D 696 15.90 -19.64 0.77
C ILE D 696 14.78 -20.69 0.71
N PRO D 697 14.65 -21.63 1.68
CA PRO D 697 13.59 -22.65 1.65
C PRO D 697 12.19 -22.04 1.52
N ARG D 698 11.32 -22.68 0.75
CA ARG D 698 9.92 -22.21 0.52
C ARG D 698 9.23 -21.96 1.88
N THR D 699 9.44 -22.86 2.85
CA THR D 699 8.86 -22.73 4.21
C THR D 699 9.19 -21.36 4.81
N GLU D 700 10.46 -21.01 4.84
CA GLU D 700 10.93 -19.72 5.42
C GLU D 700 10.29 -18.57 4.63
N VAL D 701 10.26 -18.68 3.31
CA VAL D 701 9.74 -17.60 2.42
C VAL D 701 8.24 -17.46 2.72
N GLU D 702 7.53 -18.58 2.84
CA GLU D 702 6.07 -18.56 3.14
C GLU D 702 5.83 -17.83 4.48
N LYS D 703 6.66 -18.14 5.49
CA LYS D 703 6.59 -17.44 6.79
C LYS D 703 6.75 -15.93 6.60
N ALA D 704 7.77 -15.51 5.88
CA ALA D 704 8.03 -14.09 5.59
C ALA D 704 6.80 -13.50 4.88
N ILE D 705 6.26 -14.19 3.89
CA ILE D 705 5.10 -13.70 3.10
C ILE D 705 3.94 -13.47 4.07
N ARG D 706 3.64 -14.48 4.89
CA ARG D 706 2.52 -14.41 5.88
C ARG D 706 2.73 -13.20 6.81
N MET D 707 3.96 -12.98 7.24
CA MET D 707 4.26 -11.89 8.18
C MET D 707 3.96 -10.53 7.54
N SER D 708 4.34 -10.31 6.30
CA SER D 708 4.19 -9.00 5.62
C SER D 708 3.08 -9.03 4.56
N ARG D 709 2.19 -10.03 4.58
CA ARG D 709 1.15 -10.14 3.52
C ARG D 709 0.38 -8.82 3.42
N SER D 710 -0.09 -8.29 4.55
CA SER D 710 -0.90 -7.05 4.57
C SER D 710 -0.16 -5.92 3.83
N ARG D 711 1.10 -5.69 4.20
CA ARG D 711 1.92 -4.59 3.60
C ARG D 711 2.06 -4.81 2.09
N ILE D 712 2.31 -6.06 1.67
CA ILE D 712 2.44 -6.42 0.24
C ILE D 712 1.11 -6.08 -0.45
N ASN D 713 -0.01 -6.50 0.15
CA ASN D 713 -1.37 -6.22 -0.41
C ASN D 713 -1.55 -4.71 -0.55
N ASP D 714 -1.16 -3.97 0.51
CA ASP D 714 -1.28 -2.48 0.51
C ASP D 714 -0.46 -1.92 -0.66
N ALA D 715 0.75 -2.41 -0.87
CA ALA D 715 1.67 -1.91 -1.92
C ALA D 715 0.98 -1.98 -3.28
N PHE D 716 0.26 -3.07 -3.57
CA PHE D 716 -0.42 -3.26 -4.88
C PHE D 716 -1.91 -2.93 -4.79
N ARG D 717 -2.37 -2.37 -3.67
CA ARG D 717 -3.80 -2.09 -3.46
C ARG D 717 -4.66 -3.34 -3.72
N LEU D 718 -4.18 -4.50 -3.30
CA LEU D 718 -4.87 -5.80 -3.54
C LEU D 718 -5.26 -6.40 -2.20
N ASN D 719 -5.78 -7.63 -2.23
CA ASN D 719 -6.25 -8.36 -1.02
C ASN D 719 -5.83 -9.81 -1.15
N ASP D 720 -5.92 -10.59 -0.06
CA ASP D 720 -5.47 -12.00 -0.11
C ASP D 720 -6.20 -12.73 -1.24
N ASN D 721 -7.48 -12.41 -1.45
CA ASN D 721 -8.27 -13.02 -2.56
C ASN D 721 -7.66 -12.64 -3.92
N SER D 722 -7.39 -11.36 -4.16
CA SER D 722 -6.83 -10.89 -5.46
C SER D 722 -5.34 -11.33 -5.56
N LEU D 723 -4.55 -11.07 -4.51
CA LEU D 723 -3.15 -11.48 -4.45
C LEU D 723 -3.08 -12.91 -3.91
N GLU D 724 -3.03 -13.91 -4.81
CA GLU D 724 -3.06 -15.34 -4.38
C GLU D 724 -1.61 -15.84 -4.31
N PHE D 725 -1.07 -16.04 -3.13
CA PHE D 725 0.24 -16.73 -2.93
C PHE D 725 -0.06 -18.21 -2.78
N LEU D 726 -0.18 -18.92 -3.90
CA LEU D 726 -0.56 -20.36 -3.89
C LEU D 726 0.27 -21.07 -2.81
N GLY D 727 -0.37 -21.84 -1.92
CA GLY D 727 0.30 -22.50 -0.79
C GLY D 727 0.27 -21.65 0.47
N ILE D 728 0.47 -20.34 0.36
CA ILE D 728 0.38 -19.43 1.54
C ILE D 728 -1.11 -19.19 1.75
N GLN D 729 -1.71 -19.78 2.76
CA GLN D 729 -3.18 -19.73 2.99
C GLN D 729 -3.50 -18.59 3.95
N PRO D 730 -4.35 -17.61 3.53
CA PRO D 730 -4.76 -16.52 4.41
C PRO D 730 -5.69 -17.04 5.52
N THR D 731 -5.57 -16.50 6.73
CA THR D 731 -6.36 -16.91 7.92
C THR D 731 -6.98 -15.67 8.57
N SER D 741 -25.49 -10.76 25.08
CA SER D 741 -26.18 -11.10 23.81
C SER D 741 -27.20 -9.99 23.44
N ILE D 742 -26.98 -9.33 22.34
CA ILE D 742 -27.90 -8.29 21.77
C ILE D 742 -29.29 -8.89 21.57
N TRP D 743 -29.39 -10.03 20.89
CA TRP D 743 -30.70 -10.72 20.70
C TRP D 743 -31.33 -10.94 22.07
N LEU D 744 -30.55 -11.45 23.02
CA LEU D 744 -31.08 -11.78 24.38
C LEU D 744 -31.63 -10.51 25.06
N ILE D 745 -30.90 -9.40 24.98
CA ILE D 745 -31.35 -8.14 25.65
C ILE D 745 -32.62 -7.66 24.96
N VAL D 746 -32.69 -7.76 23.63
CA VAL D 746 -33.93 -7.37 22.87
C VAL D 746 -35.09 -8.20 23.43
N PHE D 747 -34.88 -9.51 23.51
CA PHE D 747 -35.92 -10.44 24.03
C PHE D 747 -36.38 -9.94 25.40
N GLY D 748 -35.42 -9.70 26.31
CA GLY D 748 -35.71 -9.26 27.69
C GLY D 748 -36.62 -8.04 27.66
N VAL D 749 -36.20 -7.01 26.94
CA VAL D 749 -36.94 -5.71 26.90
C VAL D 749 -38.37 -6.02 26.43
N VAL D 750 -38.49 -6.75 25.32
CA VAL D 750 -39.83 -7.04 24.71
C VAL D 750 -40.72 -7.73 25.77
N MET D 751 -40.22 -8.81 26.37
CA MET D 751 -41.02 -9.58 27.36
C MET D 751 -41.43 -8.68 28.53
N GLY D 752 -40.50 -7.88 29.05
CA GLY D 752 -40.79 -6.93 30.14
C GLY D 752 -41.96 -6.04 29.75
N VAL D 753 -41.86 -5.38 28.59
CA VAL D 753 -42.92 -4.40 28.18
C VAL D 753 -44.24 -5.18 28.06
N ILE D 754 -44.19 -6.38 27.48
CA ILE D 754 -45.42 -7.18 27.23
C ILE D 754 -46.10 -7.51 28.56
N VAL D 755 -45.32 -7.94 29.55
CA VAL D 755 -45.89 -8.32 30.89
C VAL D 755 -46.42 -7.06 31.58
N VAL D 756 -45.73 -5.94 31.43
CA VAL D 756 -46.20 -4.64 31.97
C VAL D 756 -47.60 -4.36 31.39
N GLY D 757 -47.73 -4.49 30.06
CA GLY D 757 -49.02 -4.28 29.37
C GLY D 757 -50.08 -5.23 29.88
N ILE D 758 -49.72 -6.50 30.08
CA ILE D 758 -50.66 -7.56 30.58
C ILE D 758 -51.19 -7.09 31.94
N VAL D 759 -50.29 -6.65 32.81
CA VAL D 759 -50.66 -6.20 34.18
C VAL D 759 -51.60 -5.00 34.06
N ILE D 760 -51.25 -4.04 33.20
CA ILE D 760 -52.06 -2.79 33.02
C ILE D 760 -53.48 -3.23 32.61
N LEU D 761 -53.59 -4.19 31.70
CA LEU D 761 -54.90 -4.62 31.17
C LEU D 761 -55.68 -5.37 32.23
N ILE D 762 -55.03 -6.24 33.01
CA ILE D 762 -55.74 -6.94 34.13
C ILE D 762 -56.28 -5.86 35.09
N PHE D 763 -55.51 -4.80 35.29
CA PHE D 763 -55.96 -3.66 36.13
C PHE D 763 -57.12 -2.97 35.46
N THR D 764 -57.00 -2.68 34.18
CA THR D 764 -58.13 -2.07 33.42
C THR D 764 -59.39 -2.92 33.64
N GLY D 765 -59.24 -4.25 33.57
CA GLY D 765 -60.36 -5.18 33.86
C GLY D 765 -60.88 -5.01 35.27
N ILE D 766 -59.98 -4.87 36.23
CA ILE D 766 -60.36 -4.66 37.66
C ILE D 766 -61.16 -3.35 37.75
N ARG D 767 -60.73 -2.31 37.06
CA ARG D 767 -61.42 -1.00 37.05
C ARG D 767 -62.82 -1.21 36.47
N ASP D 768 -62.93 -1.96 35.37
CA ASP D 768 -64.24 -2.26 34.72
C ASP D 768 -65.15 -3.00 35.70
N ARG D 769 -64.63 -3.96 36.46
CA ARG D 769 -65.43 -4.79 37.42
C ARG D 769 -66.77 -4.14 37.79
C1 NAG E . 73.65 5.62 33.21
C2 NAG E . 74.93 6.34 33.65
C3 NAG E . 75.68 6.84 32.43
C4 NAG E . 75.96 5.68 31.47
C5 NAG E . 74.64 4.99 31.11
C6 NAG E . 74.84 3.76 30.26
C7 NAG E . 74.94 7.37 35.87
C8 NAG E . 74.58 8.58 36.66
N2 NAG E . 74.64 7.42 34.56
O3 NAG E . 76.90 7.45 32.83
O4 NAG E . 76.57 6.17 30.29
O5 NAG E . 73.95 4.57 32.30
O6 NAG E . 75.68 2.81 30.91
O7 NAG E . 75.48 6.39 36.36
C1 NAG E . 77.93 5.74 30.30
C2 NAG E . 78.34 5.36 28.87
C3 NAG E . 79.79 4.92 28.87
C4 NAG E . 80.68 6.00 29.47
C5 NAG E . 80.19 6.35 30.87
C6 NAG E . 80.93 7.52 31.48
C7 NAG E . 76.59 4.54 27.38
C8 NAG E . 75.91 3.32 26.83
N2 NAG E . 77.49 4.32 28.34
O3 NAG E . 80.18 4.61 27.53
O4 NAG E . 82.02 5.52 29.55
O5 NAG E . 78.79 6.74 30.83
O6 NAG E . 80.79 8.70 30.70
O7 NAG E . 76.33 5.66 26.96
C1 NAG F . 55.68 43.97 -5.12
C2 NAG F . 54.16 43.86 -5.03
C3 NAG F . 53.53 44.84 -6.01
C4 NAG F . 54.03 46.26 -5.72
C5 NAG F . 55.56 46.27 -5.76
C6 NAG F . 56.13 47.61 -5.38
C7 NAG F . 53.24 41.70 -4.36
C8 NAG F . 53.11 40.26 -4.72
N2 NAG F . 53.72 42.51 -5.31
O3 NAG F . 52.11 44.78 -5.91
O4 NAG F . 53.52 47.15 -6.69
O5 NAG F . 56.10 45.30 -4.86
O6 NAG F . 55.74 47.99 -4.06
O7 NAG F . 52.93 42.13 -3.25
C1 NAG F . 52.71 48.12 -6.01
C2 NAG F . 52.83 49.47 -6.72
C3 NAG F . 52.00 50.51 -5.99
C4 NAG F . 50.55 50.03 -5.85
C5 NAG F . 50.53 48.66 -5.17
C6 NAG F . 49.15 48.07 -5.11
C7 NAG F . 54.86 49.93 -8.00
C8 NAG F . 56.28 50.40 -7.93
N2 NAG F . 54.21 49.90 -6.83
O3 NAG F . 52.06 51.75 -6.67
O4 NAG F . 49.82 50.96 -5.06
O5 NAG F . 51.35 47.72 -5.89
O6 NAG F . 48.61 47.87 -6.41
O7 NAG F . 54.32 49.59 -9.05
C1 NAG G . 54.12 -7.20 29.97
C2 NAG G . 53.21 -6.43 30.93
C3 NAG G . 53.66 -6.69 32.36
C4 NAG G . 53.68 -8.19 32.65
C5 NAG G . 54.57 -8.89 31.63
C6 NAG G . 54.55 -10.39 31.76
C7 NAG G . 52.14 -4.37 30.18
C8 NAG G . 52.30 -2.89 30.00
N2 NAG G . 53.21 -5.01 30.66
O3 NAG G . 52.78 -6.02 33.25
O4 NAG G . 54.20 -8.41 33.95
O5 NAG G . 54.13 -8.58 30.29
O6 NAG G . 53.23 -10.90 31.61
O7 NAG G . 51.09 -4.95 29.91
C1 NAG G . 53.19 -9.05 34.73
C2 NAG G . 53.85 -10.01 35.70
C3 NAG G . 52.78 -10.70 36.55
C4 NAG G . 51.93 -9.64 37.26
C5 NAG G . 51.35 -8.69 36.22
C6 NAG G . 50.58 -7.54 36.86
C7 NAG G . 55.97 -11.01 35.04
C8 NAG G . 56.65 -12.12 34.28
N2 NAG G . 54.65 -11.00 35.01
O3 NAG G . 53.40 -11.57 37.50
O4 NAG G . 50.88 -10.28 37.96
O5 NAG G . 52.39 -8.09 35.43
O6 NAG G . 51.44 -6.75 37.69
O7 NAG G . 56.61 -10.17 35.65
C1 NAG H . 78.80 30.16 1.72
C2 NAG H . 78.56 31.27 0.70
C3 NAG H . 78.74 30.71 -0.70
C4 NAG H . 80.10 30.04 -0.85
C5 NAG H . 80.27 28.97 0.23
C6 NAG H . 81.64 28.36 0.23
C7 NAG H . 77.08 33.11 1.30
C8 NAG H . 75.68 33.61 1.30
N2 NAG H . 77.25 31.86 0.85
O3 NAG H . 78.59 31.77 -1.63
O4 NAG H . 80.17 29.40 -2.12
O5 NAG H . 80.07 29.54 1.54
O6 NAG H . 82.65 29.36 0.43
O7 NAG H . 78.03 33.80 1.70
C1 NAG H . 80.63 30.33 -3.11
C2 NAG H . 81.79 29.72 -3.90
C3 NAG H . 82.28 30.72 -4.93
C4 NAG H . 81.13 31.16 -5.83
C5 NAG H . 80.00 31.71 -4.96
C6 NAG H . 78.77 32.06 -5.77
C7 NAG H . 83.19 28.03 -2.82
C8 NAG H . 84.41 27.78 -1.98
N2 NAG H . 82.88 29.31 -3.04
O3 NAG H . 83.33 30.14 -5.70
O4 NAG H . 81.58 32.17 -6.72
O5 NAG H . 79.59 30.75 -3.98
O6 NAG H . 78.26 30.92 -6.45
O7 NAG H . 82.53 27.11 -3.29
C1 NAG I . 26.78 11.77 -15.97
C2 NAG I . 27.11 11.90 -17.47
C3 NAG I . 27.92 13.18 -17.69
C4 NAG I . 27.16 14.38 -17.13
C5 NAG I . 26.84 14.15 -15.66
C6 NAG I . 25.98 15.24 -15.07
C7 NAG I . 27.30 9.86 -18.79
C8 NAG I . 28.17 8.69 -19.14
N2 NAG I . 27.84 10.75 -17.95
O3 NAG I . 28.18 13.33 -19.07
O4 NAG I . 27.98 15.53 -17.24
O5 NAG I . 26.10 12.92 -15.50
O6 NAG I . 24.73 15.33 -15.75
O7 NAG I . 26.17 10.00 -19.23
C1 NAG I . 27.44 16.36 -18.28
C2 NAG I . 27.53 17.82 -17.82
C3 NAG I . 26.96 18.74 -18.91
C4 NAG I . 27.69 18.47 -20.22
C5 NAG I . 27.59 17.00 -20.58
C6 NAG I . 28.38 16.64 -21.82
C7 NAG I . 27.47 18.28 -15.43
C8 NAG I . 26.60 18.58 -14.24
N2 NAG I . 26.83 18.03 -16.57
O3 NAG I . 27.10 20.09 -18.51
O4 NAG I . 27.07 19.25 -21.26
O5 NAG I . 28.11 16.18 -19.52
O6 NAG I . 29.77 16.93 -21.64
O7 NAG I . 28.69 18.24 -15.35
C1 NAG J . 35.99 -24.19 -69.13
C2 NAG J . 36.09 -25.17 -70.33
C3 NAG J . 37.28 -26.07 -70.11
C4 NAG J . 38.54 -25.25 -69.92
C5 NAG J . 38.36 -24.24 -68.77
C6 NAG J . 39.52 -23.30 -68.61
C7 NAG J . 33.75 -25.38 -70.96
C8 NAG J . 32.48 -25.96 -70.44
N2 NAG J . 34.85 -25.94 -70.42
O3 NAG J . 37.40 -26.92 -71.26
O4 NAG J . 39.64 -26.11 -69.64
O5 NAG J . 37.18 -23.44 -68.99
O6 NAG J . 40.23 -23.11 -69.82
O7 NAG J . 33.67 -24.38 -71.69
C1 NAG J . 40.45 -26.22 -70.79
C2 NAG J . 41.92 -26.22 -70.46
C3 NAG J . 42.77 -26.17 -71.74
C4 NAG J . 42.30 -27.21 -72.74
C5 NAG J . 40.81 -26.97 -73.04
C6 NAG J . 40.24 -27.99 -74.01
C7 NAG J . 42.27 -25.19 -68.26
C8 NAG J . 43.16 -24.22 -67.51
N2 NAG J . 42.35 -25.16 -69.57
O3 NAG J . 44.13 -26.40 -71.37
O4 NAG J . 43.06 -27.13 -73.92
O5 NAG J . 40.05 -27.03 -71.86
O6 NAG J . 40.49 -29.34 -73.59
O7 NAG J . 41.55 -25.97 -67.66
C1 NAG K . 26.97 -7.02 -56.01
C2 NAG K . 25.54 -7.47 -56.24
C3 NAG K . 25.26 -7.61 -57.72
C4 NAG K . 25.54 -6.27 -58.40
C5 NAG K . 26.96 -5.81 -58.08
C6 NAG K . 27.27 -4.44 -58.63
C7 NAG K . 24.57 -8.88 -54.46
C8 NAG K . 24.54 -10.25 -53.89
N2 NAG K . 25.31 -8.75 -55.56
O3 NAG K . 23.90 -7.99 -57.92
O4 NAG K . 25.38 -6.42 -59.82
O5 NAG K . 27.21 -5.77 -56.68
O6 NAG K . 26.36 -3.48 -58.08
O7 NAG K . 23.95 -7.96 -53.96
C1 NAG K . 24.32 -5.60 -60.23
C2 NAG K . 24.55 -4.95 -61.59
C3 NAG K . 23.48 -3.94 -61.92
C4 NAG K . 22.09 -4.53 -61.72
C5 NAG K . 21.96 -5.06 -60.29
C6 NAG K . 20.64 -5.78 -60.06
C7 NAG K . 26.89 -4.79 -62.35
C8 NAG K . 28.16 -4.00 -62.31
N2 NAG K . 25.86 -4.30 -61.66
O3 NAG K . 23.66 -3.54 -63.28
O4 NAG K . 21.10 -3.54 -61.96
O5 NAG K . 22.98 -5.99 -59.97
O6 NAG K . 20.49 -6.93 -60.91
O7 NAG K . 26.82 -5.83 -62.97
C1 NAG L . 32.10 -58.09 -22.56
C2 NAG L . 30.88 -57.57 -21.76
C3 NAG L . 30.58 -58.53 -20.61
C4 NAG L . 30.38 -59.92 -21.15
C5 NAG L . 31.59 -60.35 -21.99
C6 NAG L . 31.41 -61.70 -22.61
C7 NAG L . 30.44 -55.18 -21.76
C8 NAG L . 31.16 -54.36 -22.77
N2 NAG L . 31.15 -56.21 -21.26
O3 NAG L . 29.43 -58.05 -19.92
O4 NAG L . 30.22 -60.83 -20.04
O5 NAG L . 31.83 -59.41 -23.04
O6 NAG L . 30.26 -61.72 -23.45
O7 NAG L . 29.27 -54.95 -21.57
C1 NAG L . 28.84 -61.18 -19.96
C2 NAG L . 28.60 -62.65 -19.72
C3 NAG L . 27.14 -63.01 -19.86
C4 NAG L . 26.26 -62.06 -19.04
C5 NAG L . 26.56 -60.61 -19.46
C6 NAG L . 25.79 -59.60 -18.60
C7 NAG L . 30.44 -64.20 -20.25
C8 NAG L . 31.03 -65.09 -21.30
N2 NAG L . 29.36 -63.50 -20.62
O3 NAG L . 26.95 -64.35 -19.41
O4 NAG L . 24.89 -62.36 -19.27
O5 NAG L . 27.92 -60.31 -19.32
O6 NAG L . 26.15 -59.69 -17.22
O7 NAG L . 30.91 -64.14 -19.14
C1 NAG M . 50.36 -51.47 -43.39
C2 NAG M . 50.37 -52.12 -42.01
C3 NAG M . 51.78 -52.07 -41.43
C4 NAG M . 52.77 -52.73 -42.38
C5 NAG M . 52.64 -52.12 -43.78
C6 NAG M . 53.48 -52.81 -44.81
C7 NAG M . 48.34 -52.08 -40.66
C8 NAG M . 47.52 -51.40 -39.59
N2 NAG M . 49.46 -51.49 -41.06
O3 NAG M . 51.82 -52.76 -40.19
O4 NAG M . 54.12 -52.56 -41.91
O5 NAG M . 51.29 -52.22 -44.23
O6 NAG M . 53.16 -54.21 -44.87
O7 NAG M . 47.97 -53.17 -41.08
C1 NAG M . 54.51 -53.75 -41.25
C2 NAG M . 55.88 -54.26 -41.65
C3 NAG M . 56.15 -55.65 -41.10
C4 NAG M . 55.88 -55.70 -39.60
C5 NAG M . 54.45 -55.23 -39.33
C6 NAG M . 54.14 -55.11 -37.84
C7 NAG M . 56.81 -53.42 -43.78
C8 NAG M . 56.97 -53.70 -45.24
N2 NAG M . 56.06 -54.30 -43.10
O3 NAG M . 57.53 -55.97 -41.35
O4 NAG M . 56.05 -57.02 -39.13
O5 NAG M . 54.19 -53.97 -39.89
O6 NAG M . 55.04 -54.21 -37.18
O7 NAG M . 57.33 -52.47 -43.26
C1 NAG N . 26.05 -20.83 -0.99
C2 NAG N . 27.11 -21.26 -0.01
C3 NAG N . 27.46 -22.73 -0.24
C4 NAG N . 26.19 -23.56 -0.16
C5 NAG N . 25.12 -23.03 -1.10
C6 NAG N . 23.80 -23.75 -0.94
C7 NAG N . 28.74 -19.54 0.66
C8 NAG N . 29.92 -18.74 0.23
N2 NAG N . 28.30 -20.44 -0.19
O3 NAG N . 28.40 -23.13 0.75
O4 NAG N . 26.50 -24.91 -0.51
O5 NAG N . 24.88 -21.66 -0.87
O6 NAG N . 23.29 -23.59 0.37
O7 NAG N . 28.19 -19.34 1.72
C1 NAG N . 26.25 -25.79 0.57
C2 NAG N . 25.93 -27.20 0.07
C3 NAG N . 25.63 -28.10 1.24
C4 NAG N . 26.78 -28.06 2.25
C5 NAG N . 27.02 -26.61 2.69
C6 NAG N . 28.24 -26.46 3.59
C7 NAG N . 24.99 -27.45 -2.18
C8 NAG N . 23.77 -27.24 -3.04
N2 NAG N . 24.84 -27.19 -0.88
O3 NAG N . 25.46 -29.43 0.75
O4 NAG N . 26.47 -28.87 3.37
O5 NAG N . 27.25 -25.78 1.56
O6 NAG N . 29.44 -26.86 2.92
O7 NAG N . 26.06 -27.81 -2.66
C1 NAG O . -24.52 38.17 -4.27
C2 NAG O . -24.97 37.50 -5.55
C3 NAG O . -24.14 37.99 -6.74
C4 NAG O . -24.09 39.52 -6.76
C5 NAG O . -23.59 40.08 -5.42
C6 NAG O . -23.77 41.59 -5.37
C7 NAG O . -23.97 35.28 -4.87
C8 NAG O . -22.69 35.83 -4.29
N2 NAG O . -24.93 36.05 -5.45
O3 NAG O . -24.76 37.51 -7.93
O4 NAG O . -23.21 39.94 -7.81
O5 NAG O . -24.29 39.51 -4.32
O6 NAG O . -23.79 42.07 -4.02
O7 NAG O . -24.15 34.09 -4.82
N2 A1L6V P . -29.97 37.57 19.09
C2 A1L6V P . -29.27 30.47 19.70
N1 A1L6V P . -30.01 33.92 19.38
C5 A1L6V P . -29.57 35.15 18.78
C6 A1L6V P . -30.32 36.32 19.40
C7 A1L6V P . -30.59 38.74 19.74
C8 A1L6V P . -28.97 37.97 18.10
C11 A1L6V P . -30.30 26.74 21.42
C14 A1L6V P . -30.68 25.43 22.01
C13 A1L6V P . -30.69 29.09 21.23
C12 A1L6V P . -31.03 27.86 21.77
C4 A1L6V P . -29.39 32.80 19.10
C1 A1L6V P . -29.64 29.20 20.30
C3 A1L6V P . -29.88 31.59 19.77
O1 A1L6V P . -31.23 36.08 20.19
O2 A1L6V P . -28.45 32.80 18.31
C9 A1L6V P . -28.91 28.06 19.97
C10 A1L6V P . -29.24 26.84 20.52
F1 A1L6V P . -30.37 25.37 23.28
F2 A1L6V P . -31.99 25.23 21.93
F3 A1L6V P . -30.13 24.38 21.42
C1 NAG Q . -27.86 -29.27 21.06
C2 NAG Q . -27.27 -28.62 22.29
C3 NAG Q . -26.11 -29.45 22.85
C4 NAG Q . -26.51 -30.92 22.98
C5 NAG Q . -27.06 -31.46 21.66
C6 NAG Q . -27.69 -32.85 21.86
C7 NAG Q . -26.23 -26.75 20.96
C8 NAG Q . -25.74 -27.58 19.81
N2 NAG Q . -26.87 -27.24 22.04
O3 NAG Q . -25.77 -28.91 24.12
O4 NAG Q . -25.38 -31.67 23.38
O5 NAG Q . -28.05 -30.62 21.10
O6 NAG Q . -28.61 -33.15 20.81
O7 NAG Q . -26.04 -25.55 20.90
N2 A1L6V R . -45.11 -24.80 4.99
C2 A1L6V R . -42.78 -18.21 3.39
N1 A1L6V R . -44.20 -21.29 4.43
C5 A1L6V R . -43.90 -22.66 4.78
C6 A1L6V R . -45.18 -23.48 4.81
C7 A1L6V R . -46.30 -25.66 4.92
C8 A1L6V R . -43.89 -25.55 5.27
C11 A1L6V R . -43.43 -14.20 2.23
C14 A1L6V R . -43.66 -12.79 1.83
C13 A1L6V R . -44.32 -16.33 2.83
C12 A1L6V R . -44.52 -15.01 2.46
C4 A1L6V R . -43.23 -20.44 4.18
C1 A1L6V R . -43.03 -16.84 2.99
C3 A1L6V R . -43.63 -19.08 3.79
O1 A1L6V R . -46.25 -22.90 4.66
O2 A1L6V R . -42.07 -20.79 4.28
C9 A1L6V R . -41.93 -16.00 2.74
C10 A1L6V R . -42.14 -14.70 2.37
F1 A1L6V R . -44.12 -12.71 0.61
F2 A1L6V R . -44.56 -12.21 2.62
F3 A1L6V R . -42.60 -12.00 1.89
#